data_2N80
#
_entry.id   2N80
#
loop_
_entity.id
_entity.type
_entity.pdbx_description
1 polymer 'Tumor necrosis factor receptor superfamily member 16'
2 polymer 'Rho GDP-dissociation inhibitor 1'
#
loop_
_entity_poly.entity_id
_entity_poly.type
_entity_poly.pdbx_seq_one_letter_code
_entity_poly.pdbx_strand_id
1 'polypeptide(L)'
;GLYSSLPPAKREEVEKLLNGSAGDTWRHLAGELGYQPEHIDSFTHEACPVRALLASWATQDSATLDALLAALRRIQRADL
VESLCSESTATSPV
;
A
2 'polypeptide(L)'
;AQKSIQEIQELDKDDESLRKYKEALLGRVAVSADPNVPNVVVTGLTLVCSSAPGPLELDLTGDLESFKKQSFVLKEGVEY
RIKISFRVNREIVSGMKYIQHTYRKGVKIDKTDYMVGSYGPRAEEYEFLTPVEEAPKGMLARGSYSIKSRFTDDDKTDHL
SWEWNLTIKKDWKD
;
B
#
# COMPACT_ATOMS: atom_id res chain seq x y z
N GLY A 1 15.40 11.49 -14.59
CA GLY A 1 14.31 10.51 -14.73
C GLY A 1 12.94 11.16 -14.52
N LEU A 2 11.90 10.61 -15.17
CA LEU A 2 10.51 11.08 -15.05
C LEU A 2 9.72 10.21 -14.06
N TYR A 3 8.72 10.79 -13.39
CA TYR A 3 7.79 10.03 -12.53
C TYR A 3 7.02 8.93 -13.28
N SER A 4 6.74 9.16 -14.57
CA SER A 4 6.21 8.16 -15.52
C SER A 4 7.10 6.91 -15.69
N SER A 5 8.41 7.01 -15.42
CA SER A 5 9.37 5.90 -15.52
C SER A 5 9.22 4.84 -14.40
N LEU A 6 8.60 5.19 -13.27
CA LEU A 6 8.33 4.27 -12.15
C LEU A 6 7.27 3.20 -12.49
N PRO A 7 7.30 2.03 -11.82
CA PRO A 7 6.29 0.99 -12.00
C PRO A 7 4.91 1.41 -11.46
N PRO A 8 3.80 0.76 -11.89
CA PRO A 8 2.44 1.12 -11.47
C PRO A 8 2.25 1.01 -9.95
N ALA A 9 2.83 -0.02 -9.34
CA ALA A 9 2.79 -0.27 -7.90
C ALA A 9 3.49 0.81 -7.06
N LYS A 10 4.59 1.42 -7.57
CA LYS A 10 5.18 2.61 -6.94
C LYS A 10 4.16 3.75 -6.91
N ARG A 11 3.53 4.07 -8.04
CA ARG A 11 2.58 5.21 -8.11
C ARG A 11 1.41 5.04 -7.14
N GLU A 12 0.92 3.81 -6.99
CA GLU A 12 -0.07 3.46 -5.96
C GLU A 12 0.48 3.57 -4.52
N GLU A 13 1.69 3.09 -4.25
CA GLU A 13 2.32 3.20 -2.93
C GLU A 13 2.61 4.65 -2.51
N VAL A 14 3.02 5.54 -3.42
CA VAL A 14 3.18 6.99 -3.12
C VAL A 14 1.89 7.57 -2.57
N GLU A 15 0.73 7.17 -3.09
CA GLU A 15 -0.57 7.57 -2.54
C GLU A 15 -0.88 6.89 -1.20
N LYS A 16 -0.78 5.55 -1.15
CA LYS A 16 -1.17 4.73 0.00
C LYS A 16 -0.33 5.00 1.26
N LEU A 17 0.97 5.29 1.12
CA LEU A 17 1.81 5.69 2.26
C LEU A 17 1.57 7.14 2.70
N LEU A 18 1.26 8.06 1.77
CA LEU A 18 0.93 9.45 2.08
C LEU A 18 -0.40 9.60 2.84
N ASN A 19 -1.35 8.66 2.71
CA ASN A 19 -2.56 8.64 3.54
C ASN A 19 -2.29 8.44 5.05
N GLY A 20 -1.14 7.86 5.40
CA GLY A 20 -0.67 7.76 6.79
C GLY A 20 0.12 8.98 7.25
N SER A 21 0.87 9.63 6.35
CA SER A 21 1.48 10.94 6.58
C SER A 21 0.44 12.03 6.89
N ALA A 22 0.89 13.20 7.34
CA ALA A 22 0.01 14.29 7.77
C ALA A 22 -1.01 14.67 6.68
N GLY A 23 -2.24 14.98 7.10
CA GLY A 23 -3.34 15.38 6.21
C GLY A 23 -3.04 16.62 5.34
N ASP A 24 -1.96 17.35 5.68
CA ASP A 24 -1.44 18.53 4.98
C ASP A 24 0.04 18.37 4.54
N THR A 25 0.64 17.16 4.55
CA THR A 25 1.96 16.90 3.92
C THR A 25 1.98 17.34 2.44
N TRP A 26 0.93 17.00 1.69
CA TRP A 26 0.78 17.42 0.29
C TRP A 26 0.75 18.95 0.13
N ARG A 27 0.21 19.66 1.15
CA ARG A 27 0.04 21.11 1.22
C ARG A 27 1.39 21.83 1.25
N HIS A 28 2.34 21.27 2.01
CA HIS A 28 3.74 21.68 2.01
C HIS A 28 4.39 21.48 0.63
N LEU A 29 4.23 20.29 0.02
CA LEU A 29 4.75 19.99 -1.32
C LEU A 29 4.24 20.99 -2.38
N ALA A 30 2.92 21.24 -2.41
CA ALA A 30 2.28 22.14 -3.37
C ALA A 30 2.83 23.59 -3.29
N GLY A 31 3.02 24.11 -2.08
CA GLY A 31 3.65 25.42 -1.85
C GLY A 31 5.06 25.53 -2.44
N GLU A 32 5.89 24.49 -2.29
CA GLU A 32 7.25 24.45 -2.84
C GLU A 32 7.32 24.12 -4.35
N LEU A 33 6.32 23.42 -4.91
CA LEU A 33 6.11 23.27 -6.35
C LEU A 33 5.71 24.58 -7.07
N GLY A 34 5.34 25.62 -6.32
CA GLY A 34 4.89 26.90 -6.87
C GLY A 34 3.41 26.93 -7.27
N TYR A 35 2.58 26.00 -6.78
CA TYR A 35 1.13 26.05 -6.97
C TYR A 35 0.50 27.27 -6.25
N GLN A 36 -0.53 27.85 -6.88
CA GLN A 36 -1.23 29.04 -6.40
C GLN A 36 -2.08 28.75 -5.14
N PRO A 37 -2.19 29.70 -4.19
CA PRO A 37 -2.83 29.49 -2.88
C PRO A 37 -4.33 29.15 -2.98
N GLU A 38 -5.03 29.67 -3.99
CA GLU A 38 -6.43 29.33 -4.28
C GLU A 38 -6.63 27.84 -4.67
N HIS A 39 -5.64 27.23 -5.32
CA HIS A 39 -5.69 25.81 -5.70
C HIS A 39 -5.54 24.90 -4.48
N ILE A 40 -4.76 25.35 -3.48
CA ILE A 40 -4.59 24.68 -2.18
C ILE A 40 -5.91 24.65 -1.39
N ASP A 41 -6.67 25.75 -1.37
CA ASP A 41 -7.99 25.80 -0.74
C ASP A 41 -9.02 24.88 -1.45
N SER A 42 -8.94 24.74 -2.77
CA SER A 42 -9.74 23.74 -3.51
C SER A 42 -9.32 22.30 -3.21
N PHE A 43 -8.02 22.00 -3.09
CA PHE A 43 -7.54 20.65 -2.76
C PHE A 43 -7.85 20.23 -1.31
N THR A 44 -7.62 21.07 -0.29
CA THR A 44 -7.90 20.68 1.12
C THR A 44 -9.37 20.31 1.38
N HIS A 45 -10.29 20.79 0.54
CA HIS A 45 -11.73 20.46 0.58
C HIS A 45 -12.05 19.02 0.09
N GLU A 46 -11.22 18.41 -0.75
CA GLU A 46 -11.34 17.01 -1.20
C GLU A 46 -10.93 16.01 -0.08
N ALA A 47 -11.44 14.77 -0.15
CA ALA A 47 -11.16 13.70 0.83
C ALA A 47 -9.73 13.11 0.74
N CYS A 48 -9.19 13.00 -0.49
CA CYS A 48 -7.91 12.37 -0.81
C CYS A 48 -7.10 13.20 -1.85
N PRO A 49 -6.89 14.51 -1.63
CA PRO A 49 -6.32 15.42 -2.64
C PRO A 49 -4.90 15.04 -3.07
N VAL A 50 -4.14 14.41 -2.18
CA VAL A 50 -2.80 13.88 -2.44
C VAL A 50 -2.72 12.95 -3.67
N ARG A 51 -3.79 12.18 -3.93
CA ARG A 51 -3.89 11.29 -5.10
C ARG A 51 -4.07 12.09 -6.40
N ALA A 52 -5.01 13.03 -6.37
CA ALA A 52 -5.25 13.96 -7.48
C ALA A 52 -4.05 14.89 -7.76
N LEU A 53 -3.28 15.28 -6.74
CA LEU A 53 -2.09 16.12 -6.89
C LEU A 53 -1.04 15.44 -7.78
N LEU A 54 -0.72 14.15 -7.55
CA LEU A 54 0.21 13.39 -8.39
C LEU A 54 -0.26 13.32 -9.85
N ALA A 55 -1.55 13.05 -10.08
CA ALA A 55 -2.13 13.02 -11.42
C ALA A 55 -2.10 14.39 -12.13
N SER A 56 -2.47 15.46 -11.43
CA SER A 56 -2.40 16.84 -11.92
C SER A 56 -0.96 17.32 -12.16
N TRP A 57 0.00 16.90 -11.33
CA TRP A 57 1.42 17.20 -11.53
C TRP A 57 1.98 16.44 -12.74
N ALA A 58 1.68 15.15 -12.87
CA ALA A 58 2.06 14.31 -14.01
C ALA A 58 1.49 14.76 -15.39
N THR A 59 0.59 15.76 -15.41
CA THR A 59 0.11 16.41 -16.65
C THR A 59 1.20 17.19 -17.40
N GLN A 60 2.33 17.49 -16.74
CA GLN A 60 3.42 18.34 -17.26
C GLN A 60 4.80 17.69 -17.09
N ASP A 61 5.73 18.03 -18.00
CA ASP A 61 7.12 17.57 -18.00
C ASP A 61 7.89 17.90 -16.70
N SER A 62 7.48 18.94 -15.98
CA SER A 62 8.00 19.30 -14.66
C SER A 62 7.89 18.17 -13.62
N ALA A 63 7.04 17.17 -13.85
CA ALA A 63 6.88 15.96 -13.04
C ALA A 63 8.08 14.98 -13.10
N THR A 64 9.31 15.49 -13.07
CA THR A 64 10.52 14.67 -13.00
C THR A 64 10.73 14.15 -11.58
N LEU A 65 11.38 13.00 -11.43
CA LEU A 65 11.75 12.50 -10.10
C LEU A 65 12.69 13.49 -9.40
N ASP A 66 13.70 13.98 -10.12
CA ASP A 66 14.70 14.93 -9.61
C ASP A 66 14.06 16.20 -9.02
N ALA A 67 12.99 16.72 -9.65
CA ALA A 67 12.20 17.85 -9.17
C ALA A 67 11.34 17.50 -7.94
N LEU A 68 10.71 16.31 -7.91
CA LEU A 68 9.88 15.86 -6.78
C LEU A 68 10.74 15.70 -5.51
N LEU A 69 11.90 15.03 -5.66
CA LEU A 69 12.90 14.83 -4.62
C LEU A 69 13.43 16.16 -4.09
N ALA A 70 13.82 17.08 -4.98
CA ALA A 70 14.27 18.42 -4.62
C ALA A 70 13.22 19.18 -3.78
N ALA A 71 11.95 19.16 -4.18
CA ALA A 71 10.86 19.80 -3.44
C ALA A 71 10.61 19.14 -2.06
N LEU A 72 10.64 17.81 -1.96
CA LEU A 72 10.55 17.07 -0.69
C LEU A 72 11.69 17.43 0.30
N ARG A 73 12.90 17.77 -0.20
CA ARG A 73 14.02 18.21 0.65
C ARG A 73 13.76 19.57 1.31
N ARG A 74 13.10 20.50 0.61
CA ARG A 74 12.75 21.84 1.13
C ARG A 74 11.76 21.79 2.30
N ILE A 75 10.86 20.81 2.30
CA ILE A 75 9.81 20.60 3.31
C ILE A 75 10.22 19.62 4.42
N GLN A 76 11.53 19.30 4.52
CA GLN A 76 12.10 18.37 5.51
C GLN A 76 11.41 16.99 5.52
N ARG A 77 11.21 16.40 4.32
CA ARG A 77 10.71 15.03 4.10
C ARG A 77 11.76 14.10 3.50
N ALA A 78 13.05 14.42 3.65
CA ALA A 78 14.18 13.58 3.24
C ALA A 78 14.13 12.15 3.83
N ASP A 79 13.52 11.99 5.00
CA ASP A 79 13.12 10.69 5.59
C ASP A 79 12.27 9.83 4.63
N LEU A 80 11.08 10.31 4.25
CA LEU A 80 10.18 9.63 3.31
C LEU A 80 10.80 9.46 1.91
N VAL A 81 11.57 10.45 1.45
CA VAL A 81 12.31 10.40 0.18
C VAL A 81 13.19 9.15 0.11
N GLU A 82 14.09 8.96 1.09
CA GLU A 82 15.04 7.85 1.08
C GLU A 82 14.36 6.47 0.97
N SER A 83 13.21 6.29 1.64
CA SER A 83 12.46 5.03 1.61
C SER A 83 11.75 4.77 0.26
N LEU A 84 11.19 5.81 -0.39
CA LEU A 84 10.62 5.69 -1.73
C LEU A 84 11.71 5.57 -2.82
N CYS A 85 12.88 6.17 -2.61
CA CYS A 85 14.07 6.02 -3.44
C CYS A 85 14.64 4.60 -3.50
N SER A 86 14.21 3.69 -2.61
CA SER A 86 14.58 2.26 -2.67
C SER A 86 14.21 1.61 -4.01
N GLU A 87 13.04 1.94 -4.59
CA GLU A 87 12.69 1.54 -5.97
C GLU A 87 13.17 2.56 -7.01
N SER A 88 13.15 3.86 -6.66
CA SER A 88 13.42 5.00 -7.57
C SER A 88 14.91 5.19 -7.94
N THR A 89 15.69 4.11 -7.94
CA THR A 89 17.13 4.03 -8.19
C THR A 89 17.45 2.75 -9.00
N ALA A 90 18.57 2.73 -9.72
CA ALA A 90 19.06 1.56 -10.46
C ALA A 90 19.48 0.38 -9.55
N THR A 91 18.54 -0.55 -9.27
CA THR A 91 18.76 -1.74 -8.43
C THR A 91 17.88 -2.93 -8.87
N SER A 92 18.52 -4.05 -9.25
CA SER A 92 17.84 -5.29 -9.70
C SER A 92 18.78 -6.52 -9.66
N PRO A 93 19.19 -7.00 -8.47
CA PRO A 93 20.15 -8.10 -8.33
C PRO A 93 19.62 -9.50 -8.72
N VAL A 94 18.28 -9.70 -8.67
CA VAL A 94 17.55 -10.97 -8.93
C VAL A 94 18.23 -12.23 -8.37
N ALA B 1 -49.36 -16.44 -41.62
CA ALA B 1 -48.69 -15.80 -42.78
C ALA B 1 -47.17 -15.63 -42.52
N GLN B 2 -46.43 -15.09 -43.50
CA GLN B 2 -45.00 -14.76 -43.38
C GLN B 2 -44.72 -13.25 -43.22
N LYS B 3 -45.68 -12.36 -43.56
CA LYS B 3 -45.48 -10.89 -43.57
C LYS B 3 -46.75 -10.09 -43.19
N SER B 4 -47.40 -10.52 -42.11
CA SER B 4 -48.54 -9.82 -41.48
C SER B 4 -48.47 -9.82 -39.94
N ILE B 5 -48.04 -10.90 -39.30
CA ILE B 5 -47.99 -11.02 -37.82
C ILE B 5 -46.76 -10.32 -37.20
N GLN B 6 -45.71 -10.04 -38.00
CA GLN B 6 -44.54 -9.27 -37.55
C GLN B 6 -44.87 -7.85 -37.05
N GLU B 7 -46.06 -7.31 -37.38
CA GLU B 7 -46.55 -6.01 -36.86
C GLU B 7 -46.73 -5.96 -35.32
N ILE B 8 -46.84 -7.13 -34.67
CA ILE B 8 -46.94 -7.26 -33.19
C ILE B 8 -45.77 -8.06 -32.59
N GLN B 9 -45.15 -8.95 -33.36
CA GLN B 9 -43.95 -9.70 -32.95
C GLN B 9 -42.65 -8.84 -32.98
N GLU B 10 -42.76 -7.51 -33.09
CA GLU B 10 -41.62 -6.59 -33.08
C GLU B 10 -40.87 -6.53 -31.73
N LEU B 11 -41.52 -6.84 -30.60
CA LEU B 11 -40.90 -6.82 -29.26
C LEU B 11 -39.66 -7.73 -29.18
N ASP B 12 -39.64 -8.82 -29.96
CA ASP B 12 -38.49 -9.70 -30.14
C ASP B 12 -37.22 -8.96 -30.57
N LYS B 13 -37.30 -7.92 -31.43
CA LYS B 13 -36.11 -7.15 -31.85
C LYS B 13 -35.50 -6.31 -30.72
N ASP B 14 -36.32 -5.86 -29.76
CA ASP B 14 -35.89 -5.09 -28.58
C ASP B 14 -35.16 -5.96 -27.54
N ASP B 15 -35.42 -7.27 -27.48
CA ASP B 15 -34.70 -8.21 -26.60
C ASP B 15 -33.63 -9.06 -27.32
N GLU B 16 -33.72 -9.24 -28.64
CA GLU B 16 -32.69 -9.89 -29.47
C GLU B 16 -31.41 -9.04 -29.58
N SER B 17 -31.51 -7.70 -29.59
CA SER B 17 -30.34 -6.82 -29.51
C SER B 17 -29.48 -7.03 -28.27
N LEU B 18 -30.06 -7.54 -27.17
CA LEU B 18 -29.37 -7.83 -25.90
C LEU B 18 -28.60 -9.16 -25.94
N ARG B 19 -28.84 -10.03 -26.93
CA ARG B 19 -28.11 -11.31 -27.12
C ARG B 19 -26.61 -11.09 -27.35
N LYS B 20 -26.23 -9.97 -27.95
CA LYS B 20 -24.83 -9.56 -28.15
C LYS B 20 -24.07 -9.33 -26.84
N TYR B 21 -24.75 -8.84 -25.78
CA TYR B 21 -24.17 -8.73 -24.43
C TYR B 21 -23.97 -10.10 -23.77
N LYS B 22 -24.86 -11.08 -24.02
CA LYS B 22 -24.66 -12.48 -23.58
C LYS B 22 -23.46 -13.15 -24.27
N GLU B 23 -23.15 -12.77 -25.51
CA GLU B 23 -21.99 -13.31 -26.25
C GLU B 23 -20.64 -13.00 -25.57
N ALA B 24 -20.52 -11.86 -24.89
CA ALA B 24 -19.32 -11.48 -24.12
C ALA B 24 -19.00 -12.44 -22.95
N LEU B 25 -20.00 -13.11 -22.38
CA LEU B 25 -19.85 -14.10 -21.31
C LEU B 25 -18.99 -15.31 -21.77
N LEU B 26 -19.12 -15.70 -23.04
CA LEU B 26 -18.31 -16.76 -23.69
C LEU B 26 -16.82 -16.41 -23.79
N GLY B 27 -16.46 -15.12 -23.71
CA GLY B 27 -15.08 -14.65 -23.73
C GLY B 27 -14.32 -14.82 -22.41
N ARG B 28 -15.01 -15.20 -21.32
CA ARG B 28 -14.47 -15.26 -19.95
C ARG B 28 -15.09 -16.37 -19.08
N VAL B 29 -15.21 -17.58 -19.63
CA VAL B 29 -15.72 -18.81 -19.00
C VAL B 29 -14.90 -19.35 -17.80
N ALA B 30 -13.92 -18.60 -17.29
CA ALA B 30 -13.08 -18.96 -16.14
C ALA B 30 -13.87 -19.11 -14.81
N VAL B 31 -14.83 -18.21 -14.54
CA VAL B 31 -15.66 -18.14 -13.31
C VAL B 31 -14.83 -18.10 -12.00
N SER B 32 -13.53 -17.78 -12.08
CA SER B 32 -12.55 -17.89 -10.98
C SER B 32 -12.55 -19.28 -10.28
N ALA B 33 -12.89 -20.35 -11.01
CA ALA B 33 -13.11 -21.70 -10.48
C ALA B 33 -12.22 -22.77 -11.13
N ASP B 34 -11.44 -22.38 -12.14
CA ASP B 34 -10.39 -23.13 -12.80
C ASP B 34 -9.15 -23.40 -11.90
N PRO B 35 -8.38 -24.48 -12.12
CA PRO B 35 -7.21 -24.81 -11.30
C PRO B 35 -6.01 -23.86 -11.50
N ASN B 36 -6.07 -22.93 -12.46
CA ASN B 36 -5.05 -21.89 -12.67
C ASN B 36 -5.09 -20.79 -11.58
N VAL B 37 -6.13 -20.71 -10.74
CA VAL B 37 -6.23 -19.78 -9.59
C VAL B 37 -6.19 -20.49 -8.22
N PRO B 38 -5.57 -19.87 -7.20
CA PRO B 38 -5.46 -20.40 -5.82
C PRO B 38 -6.79 -20.42 -5.04
N ASN B 39 -6.78 -21.08 -3.88
CA ASN B 39 -7.97 -21.22 -3.02
C ASN B 39 -8.30 -20.00 -2.16
N VAL B 40 -7.27 -19.39 -1.58
CA VAL B 40 -7.34 -18.28 -0.62
C VAL B 40 -6.16 -17.37 -0.88
N VAL B 41 -6.43 -16.07 -0.98
CA VAL B 41 -5.42 -15.03 -1.13
C VAL B 41 -5.85 -13.78 -0.39
N VAL B 42 -4.91 -13.17 0.30
CA VAL B 42 -5.01 -11.82 0.85
C VAL B 42 -5.25 -10.79 -0.25
N THR B 43 -6.45 -10.22 -0.31
CA THR B 43 -6.85 -9.20 -1.31
C THR B 43 -6.11 -7.88 -1.09
N GLY B 44 -5.78 -7.60 0.17
CA GLY B 44 -4.99 -6.46 0.62
C GLY B 44 -4.73 -6.54 2.12
N LEU B 45 -3.84 -5.65 2.57
CA LEU B 45 -3.57 -5.38 3.99
C LEU B 45 -4.01 -3.93 4.26
N THR B 46 -4.48 -3.65 5.47
CA THR B 46 -4.87 -2.31 5.91
C THR B 46 -4.27 -2.02 7.28
N LEU B 47 -3.87 -0.77 7.52
CA LEU B 47 -3.29 -0.31 8.77
C LEU B 47 -4.25 0.72 9.37
N VAL B 48 -5.03 0.22 10.33
CA VAL B 48 -5.95 1.01 11.16
C VAL B 48 -5.14 1.62 12.31
N CYS B 49 -5.15 2.95 12.39
CA CYS B 49 -4.32 3.72 13.32
C CYS B 49 -5.13 4.89 13.88
N SER B 50 -5.81 4.70 15.03
CA SER B 50 -6.63 5.76 15.67
C SER B 50 -5.86 7.07 15.97
N SER B 51 -4.53 7.00 16.15
CA SER B 51 -3.66 8.18 16.28
C SER B 51 -3.37 8.92 14.95
N ALA B 52 -3.42 8.23 13.80
CA ALA B 52 -3.16 8.80 12.48
C ALA B 52 -4.28 9.77 12.01
N PRO B 53 -4.05 10.61 10.97
CA PRO B 53 -5.08 11.47 10.39
C PRO B 53 -6.07 10.70 9.49
N GLY B 54 -5.62 9.61 8.88
CA GLY B 54 -6.38 8.79 7.94
C GLY B 54 -5.93 7.32 7.96
N PRO B 55 -6.76 6.39 7.45
CA PRO B 55 -6.40 4.98 7.35
C PRO B 55 -5.34 4.77 6.26
N LEU B 56 -4.59 3.67 6.39
CA LEU B 56 -3.62 3.21 5.40
C LEU B 56 -4.06 1.85 4.83
N GLU B 57 -3.66 1.54 3.60
CA GLU B 57 -3.87 0.22 2.99
C GLU B 57 -2.81 -0.10 1.93
N LEU B 58 -2.73 -1.36 1.51
CA LEU B 58 -1.93 -1.82 0.38
C LEU B 58 -2.63 -2.97 -0.36
N ASP B 59 -2.66 -2.88 -1.69
CA ASP B 59 -3.13 -3.95 -2.56
C ASP B 59 -2.20 -5.18 -2.53
N LEU B 60 -2.75 -6.36 -2.78
CA LEU B 60 -2.02 -7.63 -2.84
C LEU B 60 -2.48 -8.46 -4.05
N THR B 61 -2.16 -9.76 -4.09
CA THR B 61 -2.42 -10.71 -5.21
C THR B 61 -1.62 -10.46 -6.50
N GLY B 62 -0.72 -9.46 -6.50
CA GLY B 62 0.06 -8.99 -7.65
C GLY B 62 1.58 -9.08 -7.44
N ASP B 63 2.31 -8.06 -7.90
CA ASP B 63 3.77 -7.94 -7.90
C ASP B 63 4.41 -7.77 -6.51
N LEU B 64 4.33 -8.81 -5.67
CA LEU B 64 4.92 -8.85 -4.33
C LEU B 64 6.41 -8.51 -4.27
N GLU B 65 7.17 -8.68 -5.37
CA GLU B 65 8.59 -8.27 -5.45
C GLU B 65 8.81 -6.75 -5.33
N SER B 66 7.81 -5.95 -5.71
CA SER B 66 7.85 -4.48 -5.63
C SER B 66 7.81 -4.00 -4.18
N PHE B 67 7.01 -4.66 -3.34
CA PHE B 67 6.84 -4.33 -1.92
C PHE B 67 8.14 -4.43 -1.08
N LYS B 68 9.15 -5.17 -1.54
CA LYS B 68 10.52 -5.21 -0.95
C LYS B 68 11.23 -3.86 -0.95
N LYS B 69 10.75 -2.89 -1.75
CA LYS B 69 11.31 -1.53 -1.89
C LYS B 69 10.37 -0.48 -1.30
N GLN B 70 9.12 -0.42 -1.74
CA GLN B 70 8.16 0.55 -1.21
C GLN B 70 7.88 0.33 0.28
N SER B 71 7.59 1.42 0.98
CA SER B 71 7.42 1.44 2.44
C SER B 71 6.10 2.08 2.88
N PHE B 72 5.78 1.99 4.17
CA PHE B 72 4.66 2.69 4.80
C PHE B 72 5.07 3.94 5.58
N VAL B 73 4.09 4.66 6.18
CA VAL B 73 4.32 5.81 7.07
C VAL B 73 3.66 5.57 8.42
N LEU B 74 4.50 5.53 9.45
CA LEU B 74 4.15 5.46 10.87
C LEU B 74 4.81 6.63 11.61
N LYS B 75 4.53 6.77 12.91
CA LYS B 75 5.13 7.76 13.81
C LYS B 75 5.99 7.06 14.88
N GLU B 76 7.12 7.67 15.24
CA GLU B 76 7.97 7.23 16.36
C GLU B 76 7.16 7.02 17.66
N GLY B 77 7.30 5.84 18.28
CA GLY B 77 6.63 5.50 19.54
C GLY B 77 5.08 5.43 19.50
N VAL B 78 4.45 5.47 18.32
CA VAL B 78 2.99 5.45 18.17
C VAL B 78 2.40 4.04 18.32
N GLU B 79 1.10 3.96 18.57
CA GLU B 79 0.32 2.71 18.52
C GLU B 79 -0.38 2.55 17.16
N TYR B 80 -0.38 1.32 16.65
CA TYR B 80 -1.03 0.93 15.39
C TYR B 80 -1.67 -0.47 15.49
N ARG B 81 -2.47 -0.82 14.48
CA ARG B 81 -3.02 -2.16 14.27
C ARG B 81 -2.89 -2.57 12.79
N ILE B 82 -2.85 -3.88 12.56
CA ILE B 82 -2.72 -4.51 11.24
C ILE B 82 -3.99 -5.31 10.99
N LYS B 83 -4.69 -4.99 9.90
CA LYS B 83 -5.88 -5.70 9.41
C LYS B 83 -5.51 -6.42 8.12
N ILE B 84 -5.75 -7.73 8.04
CA ILE B 84 -5.48 -8.52 6.85
C ILE B 84 -6.81 -9.00 6.27
N SER B 85 -7.04 -8.74 4.98
CA SER B 85 -8.27 -9.09 4.27
C SER B 85 -7.99 -10.18 3.24
N PHE B 86 -8.77 -11.27 3.24
CA PHE B 86 -8.59 -12.41 2.33
C PHE B 86 -9.92 -13.01 1.84
N ARG B 87 -9.93 -13.41 0.58
CA ARG B 87 -11.09 -14.06 -0.09
C ARG B 87 -10.92 -15.58 -0.11
N VAL B 88 -12.03 -16.31 -0.13
CA VAL B 88 -12.07 -17.79 0.01
C VAL B 88 -13.06 -18.34 -1.01
N ASN B 89 -12.64 -18.67 -2.24
CA ASN B 89 -13.56 -18.98 -3.34
C ASN B 89 -13.37 -20.42 -3.89
N ARG B 90 -13.11 -21.40 -3.00
CA ARG B 90 -12.70 -22.77 -3.36
C ARG B 90 -13.24 -23.87 -2.44
N GLU B 91 -12.82 -23.88 -1.17
CA GLU B 91 -13.17 -24.88 -0.15
C GLU B 91 -12.92 -24.34 1.27
N ILE B 92 -13.45 -25.02 2.29
CA ILE B 92 -13.22 -24.68 3.70
C ILE B 92 -11.75 -24.99 4.08
N VAL B 93 -11.12 -24.08 4.83
CA VAL B 93 -9.77 -24.25 5.38
C VAL B 93 -9.71 -23.88 6.86
N SER B 94 -8.94 -24.65 7.63
CA SER B 94 -8.89 -24.63 9.09
C SER B 94 -7.46 -24.66 9.64
N GLY B 95 -7.29 -24.23 10.89
CA GLY B 95 -5.97 -23.96 11.48
C GLY B 95 -5.19 -22.87 10.76
N MET B 96 -5.87 -21.96 10.06
CA MET B 96 -5.23 -20.84 9.35
C MET B 96 -4.46 -19.94 10.34
N LYS B 97 -3.22 -19.59 10.00
CA LYS B 97 -2.33 -18.75 10.81
C LYS B 97 -1.66 -17.67 9.95
N TYR B 98 -1.70 -16.44 10.44
CA TYR B 98 -0.97 -15.29 9.91
C TYR B 98 0.31 -15.08 10.74
N ILE B 99 1.47 -15.13 10.09
CA ILE B 99 2.78 -14.91 10.70
C ILE B 99 3.28 -13.51 10.31
N GLN B 100 3.82 -12.75 11.27
CA GLN B 100 4.37 -11.41 11.05
C GLN B 100 5.72 -11.24 11.76
N HIS B 101 6.77 -11.06 10.96
CA HIS B 101 8.14 -10.81 11.43
C HIS B 101 8.48 -9.32 11.37
N THR B 102 9.50 -8.89 12.12
CA THR B 102 10.00 -7.51 12.10
C THR B 102 11.53 -7.51 11.99
N TYR B 103 12.03 -6.88 10.93
CA TYR B 103 13.46 -6.74 10.62
C TYR B 103 13.84 -5.26 10.68
N ARG B 104 14.85 -4.95 11.49
CA ARG B 104 15.42 -3.61 11.69
C ARG B 104 16.80 -3.55 11.03
N LYS B 105 17.01 -2.60 10.13
CA LYS B 105 18.25 -2.43 9.33
C LYS B 105 18.77 -3.72 8.65
N GLY B 106 17.86 -4.60 8.23
CA GLY B 106 18.17 -5.89 7.59
C GLY B 106 18.41 -7.06 8.55
N VAL B 107 18.05 -6.91 9.83
CA VAL B 107 18.26 -7.89 10.93
C VAL B 107 16.92 -8.15 11.62
N LYS B 108 16.37 -9.37 11.52
CA LYS B 108 15.23 -9.79 12.35
C LYS B 108 15.55 -9.66 13.85
N ILE B 109 14.63 -9.09 14.61
CA ILE B 109 14.72 -9.03 16.09
C ILE B 109 13.75 -10.00 16.76
N ASP B 110 12.55 -10.16 16.22
CA ASP B 110 11.51 -11.09 16.71
C ASP B 110 10.42 -11.31 15.63
N LYS B 111 9.47 -12.21 15.90
CA LYS B 111 8.24 -12.38 15.12
C LYS B 111 7.09 -12.83 16.02
N THR B 112 5.86 -12.55 15.58
CA THR B 112 4.61 -12.93 16.26
C THR B 112 3.67 -13.55 15.23
N ASP B 113 2.95 -14.59 15.65
CA ASP B 113 1.92 -15.24 14.84
C ASP B 113 0.56 -15.15 15.53
N TYR B 114 -0.46 -14.87 14.72
CA TYR B 114 -1.82 -14.60 15.14
C TYR B 114 -2.76 -15.57 14.44
N MET B 115 -3.46 -16.38 15.24
CA MET B 115 -4.42 -17.38 14.75
C MET B 115 -5.68 -16.67 14.24
N VAL B 116 -6.07 -16.94 12.99
CA VAL B 116 -7.31 -16.41 12.42
C VAL B 116 -8.48 -17.39 12.54
N GLY B 117 -8.22 -18.71 12.62
CA GLY B 117 -9.24 -19.75 12.87
C GLY B 117 -9.52 -20.63 11.65
N SER B 118 -10.79 -20.76 11.28
CA SER B 118 -11.26 -21.48 10.08
C SER B 118 -12.35 -20.70 9.33
N TYR B 119 -12.36 -20.84 8.00
CA TYR B 119 -13.19 -20.06 7.08
C TYR B 119 -13.65 -20.91 5.88
N GLY B 120 -14.89 -20.67 5.41
CA GLY B 120 -15.52 -21.43 4.32
C GLY B 120 -15.57 -20.66 2.99
N PRO B 121 -15.98 -21.31 1.88
CA PRO B 121 -15.84 -20.80 0.50
C PRO B 121 -16.83 -19.69 0.11
N ARG B 122 -16.96 -18.66 0.96
CA ARG B 122 -17.75 -17.43 0.78
C ARG B 122 -17.28 -16.64 -0.45
N ALA B 123 -18.22 -16.20 -1.30
CA ALA B 123 -17.92 -15.36 -2.48
C ALA B 123 -17.26 -14.00 -2.12
N GLU B 124 -17.34 -13.59 -0.85
CA GLU B 124 -16.78 -12.36 -0.28
C GLU B 124 -15.44 -12.61 0.45
N GLU B 125 -14.96 -11.62 1.20
CA GLU B 125 -13.65 -11.62 1.87
C GLU B 125 -13.79 -11.34 3.37
N TYR B 126 -13.00 -12.06 4.17
CA TYR B 126 -12.96 -11.96 5.64
C TYR B 126 -11.77 -11.11 6.08
N GLU B 127 -11.88 -10.46 7.23
CA GLU B 127 -10.87 -9.55 7.76
C GLU B 127 -10.46 -9.94 9.21
N PHE B 128 -9.17 -9.84 9.52
CA PHE B 128 -8.63 -10.09 10.86
C PHE B 128 -7.78 -8.91 11.34
N LEU B 129 -8.07 -8.39 12.53
CA LEU B 129 -7.40 -7.26 13.18
C LEU B 129 -6.53 -7.73 14.36
N THR B 130 -5.25 -7.35 14.38
CA THR B 130 -4.32 -7.59 15.52
C THR B 130 -4.60 -6.69 16.74
N PRO B 131 -4.08 -7.03 17.94
CA PRO B 131 -4.06 -6.12 19.10
C PRO B 131 -3.16 -4.89 18.87
N VAL B 132 -3.16 -3.96 19.84
CA VAL B 132 -2.26 -2.80 19.91
C VAL B 132 -0.79 -3.22 19.76
N GLU B 133 -0.06 -2.57 18.86
CA GLU B 133 1.40 -2.71 18.70
C GLU B 133 2.08 -1.34 18.74
N GLU B 134 3.14 -1.23 19.54
CA GLU B 134 3.98 -0.01 19.64
C GLU B 134 5.02 0.08 18.49
N ALA B 135 5.53 1.29 18.26
CA ALA B 135 6.57 1.57 17.27
C ALA B 135 7.92 1.94 17.94
N PRO B 136 9.06 1.76 17.25
CA PRO B 136 10.39 2.19 17.72
C PRO B 136 10.54 3.74 17.69
N LYS B 137 11.66 4.25 18.22
CA LYS B 137 11.94 5.69 18.39
C LYS B 137 13.44 6.06 18.30
N GLY B 138 13.71 7.32 17.97
CA GLY B 138 15.04 7.92 17.77
C GLY B 138 15.32 8.13 16.28
N MET B 139 16.04 9.21 15.92
CA MET B 139 16.23 9.58 14.49
C MET B 139 16.94 8.49 13.66
N LEU B 140 17.83 7.71 14.31
CA LEU B 140 18.52 6.55 13.71
C LEU B 140 17.58 5.37 13.43
N ALA B 141 16.52 5.24 14.24
CA ALA B 141 15.46 4.24 14.10
C ALA B 141 14.29 4.70 13.21
N ARG B 142 14.41 5.85 12.52
CA ARG B 142 13.46 6.30 11.47
C ARG B 142 13.64 5.61 10.11
N GLY B 143 14.60 4.68 9.99
CA GLY B 143 14.83 3.86 8.79
C GLY B 143 13.67 2.91 8.43
N SER B 144 13.76 2.27 7.27
CA SER B 144 12.75 1.36 6.73
C SER B 144 12.82 -0.03 7.39
N TYR B 145 11.78 -0.44 8.13
CA TYR B 145 11.68 -1.79 8.69
C TYR B 145 11.06 -2.75 7.67
N SER B 146 11.75 -3.83 7.31
CA SER B 146 11.12 -4.94 6.59
C SER B 146 10.17 -5.71 7.52
N ILE B 147 8.92 -5.87 7.13
CA ILE B 147 7.99 -6.84 7.71
C ILE B 147 7.82 -7.97 6.69
N LYS B 148 8.00 -9.22 7.14
CA LYS B 148 7.63 -10.42 6.38
C LYS B 148 6.28 -10.92 6.89
N SER B 149 5.35 -11.17 5.97
CA SER B 149 4.00 -11.68 6.25
C SER B 149 3.81 -13.03 5.57
N ARG B 150 3.31 -14.04 6.31
CA ARG B 150 3.07 -15.39 5.76
C ARG B 150 1.68 -15.89 6.16
N PHE B 151 1.02 -16.64 5.28
CA PHE B 151 -0.23 -17.32 5.58
C PHE B 151 -0.14 -18.81 5.29
N THR B 152 -0.45 -19.62 6.30
CA THR B 152 -0.43 -21.09 6.26
C THR B 152 -1.65 -21.66 7.00
N ASP B 153 -1.83 -22.98 6.98
CA ASP B 153 -2.95 -23.71 7.59
C ASP B 153 -2.51 -25.03 8.26
N ASP B 154 -3.43 -25.76 8.91
CA ASP B 154 -3.10 -27.06 9.54
C ASP B 154 -2.67 -28.14 8.52
N ASP B 155 -3.03 -27.99 7.24
CA ASP B 155 -2.61 -28.86 6.14
C ASP B 155 -1.19 -28.54 5.59
N LYS B 156 -0.45 -27.61 6.23
CA LYS B 156 0.89 -27.10 5.84
C LYS B 156 0.93 -26.39 4.46
N THR B 157 -0.21 -26.00 3.90
CA THR B 157 -0.33 -25.32 2.61
C THR B 157 -0.17 -23.81 2.76
N ASP B 158 0.96 -23.27 2.28
CA ASP B 158 1.19 -21.82 2.16
C ASP B 158 0.21 -21.20 1.11
N HIS B 159 -0.64 -20.27 1.55
CA HIS B 159 -1.65 -19.62 0.69
C HIS B 159 -1.06 -18.48 -0.14
N LEU B 160 -0.40 -17.55 0.55
CA LEU B 160 0.45 -16.49 0.03
C LEU B 160 1.45 -16.11 1.13
N SER B 161 2.58 -15.55 0.72
CA SER B 161 3.50 -14.84 1.61
C SER B 161 4.15 -13.68 0.86
N TRP B 162 4.33 -12.56 1.55
CA TRP B 162 4.88 -11.33 1.00
C TRP B 162 5.76 -10.62 2.04
N GLU B 163 6.35 -9.49 1.66
CA GLU B 163 7.11 -8.65 2.59
C GLU B 163 7.16 -7.20 2.10
N TRP B 164 7.10 -6.26 3.03
CA TRP B 164 6.86 -4.83 2.81
C TRP B 164 7.66 -3.98 3.79
N ASN B 165 8.04 -2.77 3.38
CA ASN B 165 8.86 -1.90 4.23
C ASN B 165 8.00 -0.91 5.04
N LEU B 166 8.59 -0.25 6.04
CA LEU B 166 7.87 0.63 6.97
C LEU B 166 8.77 1.80 7.40
N THR B 167 8.53 3.00 6.86
CA THR B 167 9.16 4.25 7.33
C THR B 167 8.53 4.66 8.65
N ILE B 168 9.34 4.67 9.71
CA ILE B 168 9.00 5.29 10.99
C ILE B 168 9.34 6.79 10.88
N LYS B 169 8.38 7.66 10.60
CA LYS B 169 8.60 9.12 10.49
C LYS B 169 8.47 9.80 11.87
N LYS B 170 8.97 11.03 12.01
CA LYS B 170 8.90 11.80 13.29
C LYS B 170 7.51 12.38 13.56
N ASP B 171 6.80 12.69 12.50
CA ASP B 171 5.44 13.25 12.47
C ASP B 171 4.60 12.50 11.43
N TRP B 172 3.28 12.58 11.58
CA TRP B 172 2.34 12.04 10.60
C TRP B 172 0.94 12.66 10.69
N LYS B 173 0.77 13.78 11.42
CA LYS B 173 -0.54 14.35 11.77
C LYS B 173 -0.53 15.83 12.19
N ASP B 174 0.56 16.26 12.84
CA ASP B 174 0.72 17.56 13.56
C ASP B 174 -0.53 17.95 14.39
N GLY A 1 14.88 10.64 -15.45
CA GLY A 1 14.08 10.09 -14.36
C GLY A 1 12.69 10.74 -14.22
N LEU A 2 11.87 10.72 -15.28
CA LEU A 2 10.46 11.16 -15.20
C LEU A 2 9.63 10.18 -14.36
N TYR A 3 8.56 10.64 -13.71
CA TYR A 3 7.63 9.78 -12.95
C TYR A 3 6.97 8.67 -13.80
N SER A 4 6.83 8.88 -15.11
CA SER A 4 6.44 7.86 -16.10
C SER A 4 7.35 6.62 -16.11
N SER A 5 8.63 6.76 -15.71
CA SER A 5 9.61 5.66 -15.63
C SER A 5 9.35 4.69 -14.47
N LEU A 6 8.58 5.09 -13.44
CA LEU A 6 8.21 4.22 -12.30
C LEU A 6 7.13 3.17 -12.68
N PRO A 7 7.09 2.02 -11.98
CA PRO A 7 6.08 0.97 -12.21
C PRO A 7 4.67 1.41 -11.75
N PRO A 8 3.60 0.74 -12.22
CA PRO A 8 2.22 1.09 -11.85
C PRO A 8 1.93 0.86 -10.36
N ALA A 9 2.56 -0.16 -9.75
CA ALA A 9 2.47 -0.42 -8.32
C ALA A 9 3.00 0.77 -7.49
N LYS A 10 4.15 1.36 -7.87
CA LYS A 10 4.70 2.56 -7.20
C LYS A 10 3.69 3.70 -7.18
N ARG A 11 3.01 4.01 -8.29
CA ARG A 11 2.07 5.15 -8.36
C ARG A 11 0.94 5.06 -7.32
N GLU A 12 0.34 3.88 -7.17
CA GLU A 12 -0.61 3.63 -6.07
C GLU A 12 0.07 3.69 -4.70
N GLU A 13 1.26 3.11 -4.56
CA GLU A 13 2.00 3.07 -3.30
C GLU A 13 2.34 4.47 -2.77
N VAL A 14 2.85 5.38 -3.61
CA VAL A 14 3.15 6.77 -3.24
C VAL A 14 1.91 7.47 -2.65
N GLU A 15 0.73 7.21 -3.20
CA GLU A 15 -0.53 7.78 -2.69
C GLU A 15 -1.00 7.08 -1.41
N LYS A 16 -0.86 5.75 -1.33
CA LYS A 16 -1.25 4.92 -0.17
C LYS A 16 -0.39 5.14 1.06
N LEU A 17 0.95 5.20 0.94
CA LEU A 17 1.83 5.45 2.09
C LEU A 17 1.69 6.90 2.59
N LEU A 18 1.44 7.86 1.69
CA LEU A 18 1.13 9.24 2.05
C LEU A 18 -0.17 9.40 2.86
N ASN A 19 -1.11 8.44 2.78
CA ASN A 19 -2.32 8.48 3.62
C ASN A 19 -2.04 8.27 5.12
N GLY A 20 -0.88 7.71 5.48
CA GLY A 20 -0.39 7.65 6.85
C GLY A 20 0.39 8.91 7.27
N SER A 21 1.10 9.56 6.33
CA SER A 21 1.68 10.89 6.54
C SER A 21 0.60 11.95 6.86
N ALA A 22 1.01 13.12 7.38
CA ALA A 22 0.08 14.15 7.87
C ALA A 22 -0.99 14.53 6.82
N GLY A 23 -2.20 14.83 7.31
CA GLY A 23 -3.35 15.22 6.48
C GLY A 23 -3.14 16.48 5.62
N ASP A 24 -2.06 17.24 5.90
CA ASP A 24 -1.60 18.43 5.18
C ASP A 24 -0.13 18.31 4.70
N THR A 25 0.48 17.11 4.70
CA THR A 25 1.81 16.88 4.10
C THR A 25 1.87 17.30 2.62
N TRP A 26 0.80 17.02 1.87
CA TRP A 26 0.63 17.45 0.48
C TRP A 26 0.57 18.98 0.35
N ARG A 27 0.03 19.67 1.37
CA ARG A 27 -0.17 21.12 1.44
C ARG A 27 1.16 21.86 1.49
N HIS A 28 2.12 21.32 2.25
CA HIS A 28 3.52 21.74 2.24
C HIS A 28 4.15 21.52 0.84
N LEU A 29 3.96 20.33 0.25
CA LEU A 29 4.54 19.98 -1.07
C LEU A 29 4.11 20.97 -2.16
N ALA A 30 2.82 21.30 -2.22
CA ALA A 30 2.26 22.29 -3.14
C ALA A 30 2.95 23.67 -3.02
N GLY A 31 3.11 24.17 -1.79
CA GLY A 31 3.78 25.45 -1.51
C GLY A 31 5.21 25.54 -2.08
N GLU A 32 5.99 24.46 -1.99
CA GLU A 32 7.38 24.42 -2.49
C GLU A 32 7.52 24.01 -3.96
N LEU A 33 6.52 23.33 -4.55
CA LEU A 33 6.35 23.17 -6.01
C LEU A 33 5.96 24.47 -6.72
N GLY A 34 5.56 25.51 -5.98
CA GLY A 34 5.05 26.76 -6.54
C GLY A 34 3.60 26.66 -7.06
N TYR A 35 2.82 25.67 -6.62
CA TYR A 35 1.38 25.59 -6.89
C TYR A 35 0.65 26.82 -6.32
N GLN A 36 -0.37 27.31 -7.04
CA GLN A 36 -1.17 28.47 -6.63
C GLN A 36 -2.00 28.21 -5.37
N PRO A 37 -2.31 29.26 -4.57
CA PRO A 37 -3.07 29.11 -3.33
C PRO A 37 -4.53 28.67 -3.56
N GLU A 38 -5.13 28.99 -4.72
CA GLU A 38 -6.48 28.55 -5.06
C GLU A 38 -6.60 27.03 -5.27
N HIS A 39 -5.55 26.37 -5.76
CA HIS A 39 -5.50 24.90 -5.87
C HIS A 39 -5.51 24.26 -4.48
N ILE A 40 -4.72 24.80 -3.54
CA ILE A 40 -4.71 24.38 -2.14
C ILE A 40 -6.13 24.48 -1.54
N ASP A 41 -6.84 25.59 -1.76
CA ASP A 41 -8.21 25.76 -1.25
C ASP A 41 -9.23 24.75 -1.85
N SER A 42 -9.04 24.34 -3.11
CA SER A 42 -9.83 23.26 -3.72
C SER A 42 -9.50 21.88 -3.13
N PHE A 43 -8.23 21.63 -2.81
CA PHE A 43 -7.75 20.36 -2.26
C PHE A 43 -8.01 20.19 -0.75
N THR A 44 -7.98 21.24 0.09
CA THR A 44 -8.33 21.14 1.52
C THR A 44 -9.79 20.73 1.78
N HIS A 45 -10.67 20.85 0.77
CA HIS A 45 -12.08 20.46 0.84
C HIS A 45 -12.36 19.03 0.32
N GLU A 46 -11.31 18.26 0.00
CA GLU A 46 -11.36 16.86 -0.48
C GLU A 46 -10.84 15.89 0.61
N ALA A 47 -11.30 14.63 0.58
CA ALA A 47 -10.91 13.59 1.53
C ALA A 47 -9.54 12.95 1.21
N CYS A 48 -9.21 12.80 -0.08
CA CYS A 48 -7.93 12.23 -0.57
C CYS A 48 -7.23 13.16 -1.59
N PRO A 49 -6.93 14.43 -1.24
CA PRO A 49 -6.35 15.40 -2.18
C PRO A 49 -4.95 15.06 -2.66
N VAL A 50 -4.16 14.36 -1.83
CA VAL A 50 -2.80 13.92 -2.14
C VAL A 50 -2.71 13.10 -3.44
N ARG A 51 -3.72 12.27 -3.71
CA ARG A 51 -3.91 11.51 -4.95
C ARG A 51 -4.19 12.41 -6.15
N ALA A 52 -5.09 13.38 -6.00
CA ALA A 52 -5.38 14.37 -7.04
C ALA A 52 -4.18 15.30 -7.35
N LEU A 53 -3.39 15.66 -6.33
CA LEU A 53 -2.17 16.47 -6.48
C LEU A 53 -1.13 15.72 -7.33
N LEU A 54 -0.80 14.47 -6.98
CA LEU A 54 0.13 13.65 -7.78
C LEU A 54 -0.41 13.35 -9.19
N ALA A 55 -1.71 13.18 -9.37
CA ALA A 55 -2.33 13.09 -10.70
C ALA A 55 -2.09 14.37 -11.53
N SER A 56 -2.42 15.55 -11.00
CA SER A 56 -2.22 16.85 -11.65
C SER A 56 -0.75 17.23 -11.85
N TRP A 57 0.16 16.74 -11.01
CA TRP A 57 1.60 16.93 -11.18
C TRP A 57 2.16 16.01 -12.28
N ALA A 58 1.77 14.74 -12.32
CA ALA A 58 2.22 13.78 -13.32
C ALA A 58 1.76 14.09 -14.77
N THR A 59 0.74 14.95 -14.98
CA THR A 59 0.30 15.42 -16.32
C THR A 59 1.28 16.37 -17.02
N GLN A 60 2.41 16.72 -16.41
CA GLN A 60 3.43 17.64 -16.97
C GLN A 60 4.85 17.12 -16.79
N ASP A 61 5.76 17.55 -17.68
CA ASP A 61 7.20 17.23 -17.65
C ASP A 61 7.91 17.70 -16.37
N SER A 62 7.32 18.62 -15.60
CA SER A 62 7.82 19.04 -14.28
C SER A 62 7.86 17.89 -13.25
N ALA A 63 7.14 16.78 -13.49
CA ALA A 63 7.14 15.56 -12.68
C ALA A 63 8.45 14.74 -12.70
N THR A 64 9.60 15.40 -12.72
CA THR A 64 10.91 14.75 -12.67
C THR A 64 11.26 14.31 -11.26
N LEU A 65 11.99 13.20 -11.13
CA LEU A 65 12.54 12.76 -9.84
C LEU A 65 13.47 13.82 -9.26
N ASP A 66 14.42 14.36 -10.03
CA ASP A 66 15.30 15.43 -9.54
C ASP A 66 14.53 16.62 -8.91
N ALA A 67 13.41 17.04 -9.51
CA ALA A 67 12.54 18.07 -8.96
C ALA A 67 11.76 17.61 -7.71
N LEU A 68 11.24 16.36 -7.70
CA LEU A 68 10.54 15.79 -6.53
C LEU A 68 11.47 15.68 -5.31
N LEU A 69 12.64 15.06 -5.52
CA LEU A 69 13.67 14.82 -4.52
C LEU A 69 14.16 16.16 -3.92
N ALA A 70 14.36 17.18 -4.77
CA ALA A 70 14.69 18.54 -4.34
C ALA A 70 13.56 19.23 -3.56
N ALA A 71 12.32 19.22 -4.07
CA ALA A 71 11.16 19.84 -3.41
C ALA A 71 10.91 19.28 -2.00
N LEU A 72 11.06 17.97 -1.83
CA LEU A 72 10.95 17.25 -0.55
C LEU A 72 11.98 17.70 0.51
N ARG A 73 13.15 18.21 0.08
CA ARG A 73 14.13 18.82 0.98
C ARG A 73 13.65 20.18 1.50
N ARG A 74 13.00 20.98 0.64
CA ARG A 74 12.51 22.33 0.97
C ARG A 74 11.46 22.33 2.08
N ILE A 75 10.54 21.36 2.03
CA ILE A 75 9.50 21.09 3.05
C ILE A 75 10.03 20.32 4.28
N GLN A 76 11.34 20.08 4.40
CA GLN A 76 11.97 19.36 5.51
C GLN A 76 11.41 17.93 5.74
N ARG A 77 11.06 17.19 4.67
CA ARG A 77 10.60 15.78 4.74
C ARG A 77 11.16 14.84 3.66
N ALA A 78 12.43 15.04 3.29
CA ALA A 78 13.15 14.12 2.41
C ALA A 78 13.39 12.71 3.03
N ASP A 79 12.99 12.47 4.28
CA ASP A 79 12.83 11.14 4.88
C ASP A 79 12.01 10.17 3.99
N LEU A 80 10.83 10.61 3.53
CA LEU A 80 9.95 9.87 2.62
C LEU A 80 10.59 9.58 1.25
N VAL A 81 11.46 10.47 0.79
CA VAL A 81 12.17 10.34 -0.49
C VAL A 81 13.12 9.15 -0.53
N GLU A 82 13.91 8.93 0.52
CA GLU A 82 14.81 7.77 0.60
C GLU A 82 14.06 6.44 0.46
N SER A 83 12.87 6.36 1.06
CA SER A 83 11.96 5.21 1.02
C SER A 83 11.47 4.88 -0.38
N LEU A 84 11.04 5.89 -1.14
CA LEU A 84 10.53 5.73 -2.51
C LEU A 84 11.66 5.58 -3.54
N CYS A 85 12.81 6.19 -3.28
CA CYS A 85 14.04 6.05 -4.06
C CYS A 85 14.54 4.59 -4.12
N SER A 86 14.17 3.73 -3.16
CA SER A 86 14.47 2.29 -3.19
C SER A 86 14.02 1.60 -4.48
N GLU A 87 12.82 1.89 -5.01
CA GLU A 87 12.37 1.35 -6.32
C GLU A 87 12.76 2.31 -7.47
N SER A 88 12.80 3.61 -7.18
CA SER A 88 13.12 4.64 -8.17
C SER A 88 14.54 4.52 -8.75
N THR A 89 15.48 4.05 -7.92
CA THR A 89 16.93 3.96 -8.20
C THR A 89 17.50 5.28 -8.75
N ALA A 90 16.94 6.41 -8.30
CA ALA A 90 17.32 7.77 -8.72
C ALA A 90 18.72 8.18 -8.25
N THR A 91 19.28 7.44 -7.29
CA THR A 91 20.63 7.55 -6.72
C THR A 91 21.22 6.13 -6.61
N SER A 92 22.54 6.03 -6.54
CA SER A 92 23.30 4.77 -6.47
C SER A 92 24.15 4.69 -5.19
N PRO A 93 23.53 4.61 -3.99
CA PRO A 93 24.23 4.65 -2.70
C PRO A 93 25.01 3.35 -2.39
N VAL A 94 24.71 2.26 -3.10
CA VAL A 94 25.28 0.91 -2.93
C VAL A 94 25.60 0.25 -4.29
N ALA B 1 -35.57 -37.02 -34.72
CA ALA B 1 -36.04 -38.03 -33.76
C ALA B 1 -35.80 -39.46 -34.27
N GLN B 2 -34.62 -39.71 -34.85
CA GLN B 2 -34.22 -40.98 -35.50
C GLN B 2 -32.84 -41.48 -35.01
N LYS B 3 -32.39 -42.60 -35.57
CA LYS B 3 -31.11 -43.29 -35.26
C LYS B 3 -30.09 -43.09 -36.39
N SER B 4 -28.81 -43.25 -36.08
CA SER B 4 -27.67 -43.03 -36.99
C SER B 4 -26.54 -44.05 -36.73
N ILE B 5 -25.45 -43.98 -37.52
CA ILE B 5 -24.22 -44.79 -37.36
C ILE B 5 -23.39 -44.31 -36.15
N GLN B 6 -24.04 -44.15 -34.98
CA GLN B 6 -23.42 -43.75 -33.72
C GLN B 6 -23.17 -44.94 -32.78
N GLU B 7 -23.90 -46.05 -32.92
CA GLU B 7 -23.74 -47.26 -32.09
C GLU B 7 -22.34 -47.93 -32.19
N ILE B 8 -21.55 -47.55 -33.20
CA ILE B 8 -20.18 -48.02 -33.48
C ILE B 8 -19.13 -46.88 -33.51
N GLN B 9 -19.56 -45.62 -33.50
CA GLN B 9 -18.68 -44.44 -33.53
C GLN B 9 -18.85 -43.54 -32.28
N GLU B 10 -19.59 -44.00 -31.26
CA GLU B 10 -19.76 -43.32 -29.96
C GLU B 10 -18.49 -43.27 -29.10
N LEU B 11 -17.51 -44.15 -29.33
CA LEU B 11 -16.24 -44.14 -28.59
C LEU B 11 -15.51 -42.79 -28.70
N ASP B 12 -15.66 -42.12 -29.84
CA ASP B 12 -15.15 -40.76 -30.06
C ASP B 12 -15.76 -39.75 -29.07
N LYS B 13 -17.00 -39.93 -28.60
CA LYS B 13 -17.64 -39.06 -27.60
C LYS B 13 -17.00 -39.18 -26.22
N ASP B 14 -16.52 -40.38 -25.85
CA ASP B 14 -15.83 -40.63 -24.59
C ASP B 14 -14.44 -39.94 -24.52
N ASP B 15 -13.75 -39.76 -25.65
CA ASP B 15 -12.47 -39.02 -25.71
C ASP B 15 -12.61 -37.54 -26.12
N GLU B 16 -13.60 -37.16 -26.93
CA GLU B 16 -13.90 -35.76 -27.28
C GLU B 16 -14.19 -34.90 -26.05
N SER B 17 -14.69 -35.49 -24.96
CA SER B 17 -14.85 -34.82 -23.66
C SER B 17 -13.55 -34.22 -23.10
N LEU B 18 -12.35 -34.65 -23.56
CA LEU B 18 -11.07 -34.03 -23.19
C LEU B 18 -10.94 -32.56 -23.63
N ARG B 19 -11.71 -32.12 -24.66
CA ARG B 19 -11.69 -30.71 -25.14
C ARG B 19 -12.07 -29.70 -24.03
N LYS B 20 -12.82 -30.13 -23.00
CA LYS B 20 -13.13 -29.35 -21.79
C LYS B 20 -11.86 -28.98 -20.98
N TYR B 21 -10.91 -29.91 -20.84
CA TYR B 21 -9.61 -29.67 -20.19
C TYR B 21 -8.74 -28.70 -20.99
N LYS B 22 -8.75 -28.79 -22.33
CA LYS B 22 -8.09 -27.81 -23.22
C LYS B 22 -8.65 -26.40 -23.09
N GLU B 23 -9.95 -26.23 -22.84
CA GLU B 23 -10.54 -24.92 -22.59
C GLU B 23 -10.07 -24.31 -21.25
N ALA B 24 -10.01 -25.12 -20.18
CA ALA B 24 -9.57 -24.69 -18.85
C ALA B 24 -8.14 -24.13 -18.80
N LEU B 25 -7.28 -24.50 -19.76
CA LEU B 25 -5.92 -23.97 -19.95
C LEU B 25 -5.88 -22.45 -20.20
N LEU B 26 -6.97 -21.85 -20.70
CA LEU B 26 -7.12 -20.42 -20.99
C LEU B 26 -8.43 -19.83 -20.44
N GLY B 27 -9.21 -20.62 -19.69
CA GLY B 27 -10.57 -20.35 -19.25
C GLY B 27 -10.72 -20.13 -17.74
N ARG B 28 -9.60 -20.00 -16.99
CA ARG B 28 -9.58 -19.82 -15.52
C ARG B 28 -10.40 -18.62 -15.00
N VAL B 29 -10.74 -17.67 -15.87
CA VAL B 29 -11.67 -16.56 -15.60
C VAL B 29 -13.08 -17.04 -15.20
N ALA B 30 -13.44 -18.28 -15.56
CA ALA B 30 -14.72 -18.92 -15.22
C ALA B 30 -14.51 -20.40 -14.81
N VAL B 31 -14.75 -20.71 -13.53
CA VAL B 31 -14.67 -22.06 -12.93
C VAL B 31 -13.27 -22.68 -13.01
N SER B 32 -12.26 -22.00 -12.45
CA SER B 32 -10.88 -22.49 -12.29
C SER B 32 -10.71 -23.54 -11.15
N ALA B 33 -11.54 -24.59 -11.12
CA ALA B 33 -11.45 -25.66 -10.13
C ALA B 33 -10.19 -26.57 -10.27
N ASP B 34 -9.43 -26.44 -11.36
CA ASP B 34 -8.18 -27.18 -11.62
C ASP B 34 -7.03 -26.87 -10.64
N PRO B 35 -5.98 -27.72 -10.56
CA PRO B 35 -4.81 -27.50 -9.71
C PRO B 35 -3.85 -26.40 -10.22
N ASN B 36 -4.13 -25.80 -11.38
CA ASN B 36 -3.33 -24.73 -12.00
C ASN B 36 -3.41 -23.39 -11.24
N VAL B 37 -4.41 -23.20 -10.36
CA VAL B 37 -4.55 -22.02 -9.45
C VAL B 37 -4.09 -22.34 -8.02
N PRO B 38 -3.70 -21.33 -7.21
CA PRO B 38 -3.40 -21.50 -5.78
C PRO B 38 -4.66 -21.81 -4.95
N ASN B 39 -4.46 -22.11 -3.66
CA ASN B 39 -5.55 -22.44 -2.72
C ASN B 39 -5.83 -21.35 -1.67
N VAL B 40 -4.83 -20.52 -1.34
CA VAL B 40 -4.86 -19.39 -0.39
C VAL B 40 -3.86 -18.35 -0.89
N VAL B 41 -4.29 -17.10 -1.00
CA VAL B 41 -3.43 -15.96 -1.40
C VAL B 41 -3.81 -14.72 -0.59
N VAL B 42 -2.80 -14.10 0.01
CA VAL B 42 -2.89 -12.75 0.59
C VAL B 42 -3.32 -11.73 -0.47
N THR B 43 -4.46 -11.08 -0.28
CA THR B 43 -4.96 -10.02 -1.18
C THR B 43 -4.16 -8.73 -0.99
N GLY B 44 -3.74 -8.46 0.26
CA GLY B 44 -2.90 -7.36 0.66
C GLY B 44 -2.60 -7.36 2.16
N LEU B 45 -1.65 -6.50 2.56
CA LEU B 45 -1.42 -6.14 3.96
C LEU B 45 -1.96 -4.72 4.16
N THR B 46 -2.71 -4.54 5.24
CA THR B 46 -3.39 -3.28 5.61
C THR B 46 -2.92 -2.86 7.00
N LEU B 47 -2.26 -1.72 7.10
CA LEU B 47 -1.93 -1.13 8.40
C LEU B 47 -3.10 -0.28 8.91
N VAL B 48 -3.50 -0.56 10.15
CA VAL B 48 -4.58 0.13 10.88
C VAL B 48 -4.00 0.73 12.16
N CYS B 49 -4.26 2.00 12.37
CA CYS B 49 -3.66 2.80 13.43
C CYS B 49 -4.54 4.04 13.71
N SER B 50 -5.36 3.99 14.77
CA SER B 50 -6.16 5.15 15.24
C SER B 50 -5.31 6.38 15.59
N SER B 51 -4.02 6.17 15.89
CA SER B 51 -2.95 7.17 16.02
C SER B 51 -2.57 7.91 14.72
N ALA B 52 -3.04 7.47 13.56
CA ALA B 52 -2.77 8.05 12.23
C ALA B 52 -3.97 8.84 11.67
N PRO B 53 -3.77 9.74 10.69
CA PRO B 53 -4.85 10.45 10.02
C PRO B 53 -5.63 9.58 9.02
N GLY B 54 -5.08 8.45 8.57
CA GLY B 54 -5.76 7.50 7.68
C GLY B 54 -5.04 6.13 7.58
N PRO B 55 -5.78 5.06 7.20
CA PRO B 55 -5.24 3.71 7.08
C PRO B 55 -4.43 3.53 5.79
N LEU B 56 -3.59 2.49 5.74
CA LEU B 56 -2.66 2.24 4.63
C LEU B 56 -2.79 0.78 4.15
N GLU B 57 -2.56 0.49 2.86
CA GLU B 57 -2.48 -0.90 2.37
C GLU B 57 -1.52 -1.09 1.18
N LEU B 58 -1.12 -2.35 0.98
CA LEU B 58 -0.22 -2.84 -0.06
C LEU B 58 -0.85 -4.09 -0.68
N ASP B 59 -1.15 -4.02 -1.98
CA ASP B 59 -1.58 -5.17 -2.80
C ASP B 59 -0.54 -6.31 -2.82
N LEU B 60 -0.97 -7.55 -3.06
CA LEU B 60 -0.13 -8.76 -2.99
C LEU B 60 -0.42 -9.79 -4.11
N THR B 61 -0.86 -9.32 -5.27
CA THR B 61 -1.33 -10.13 -6.42
C THR B 61 -0.56 -9.83 -7.73
N GLY B 62 0.64 -9.26 -7.62
CA GLY B 62 1.49 -8.83 -8.74
C GLY B 62 2.99 -9.00 -8.43
N ASP B 63 3.83 -8.13 -8.99
CA ASP B 63 5.30 -8.13 -8.83
C ASP B 63 5.75 -7.99 -7.37
N LEU B 64 6.03 -9.13 -6.71
CA LEU B 64 6.52 -9.15 -5.33
C LEU B 64 7.87 -8.41 -5.16
N GLU B 65 8.66 -8.24 -6.22
CA GLU B 65 9.93 -7.48 -6.20
C GLU B 65 9.74 -5.98 -5.90
N SER B 66 8.60 -5.39 -6.26
CA SER B 66 8.30 -3.96 -5.99
C SER B 66 8.14 -3.71 -4.49
N PHE B 67 7.45 -4.61 -3.78
CA PHE B 67 7.20 -4.49 -2.35
C PHE B 67 8.50 -4.51 -1.52
N LYS B 68 9.56 -5.18 -2.02
CA LYS B 68 10.93 -5.18 -1.44
C LYS B 68 11.57 -3.79 -1.34
N LYS B 69 10.96 -2.78 -1.98
CA LYS B 69 11.49 -1.42 -2.13
C LYS B 69 10.56 -0.40 -1.46
N GLN B 70 9.26 -0.44 -1.79
CA GLN B 70 8.23 0.42 -1.20
C GLN B 70 8.03 0.16 0.31
N SER B 71 7.40 1.11 1.01
CA SER B 71 7.22 1.06 2.46
C SER B 71 5.90 1.68 2.95
N PHE B 72 5.73 1.80 4.27
CA PHE B 72 4.65 2.60 4.87
C PHE B 72 5.21 3.73 5.74
N VAL B 73 4.45 4.84 5.85
CA VAL B 73 4.80 5.99 6.69
C VAL B 73 4.19 5.80 8.07
N LEU B 74 5.07 5.73 9.07
CA LEU B 74 4.80 5.65 10.51
C LEU B 74 5.42 6.88 11.21
N LYS B 75 5.24 6.98 12.54
CA LYS B 75 5.79 8.06 13.39
C LYS B 75 6.82 7.50 14.39
N GLU B 76 7.89 8.25 14.65
CA GLU B 76 8.86 7.94 15.71
C GLU B 76 8.17 7.70 17.06
N GLY B 77 8.41 6.54 17.68
CA GLY B 77 7.79 6.17 18.96
C GLY B 77 6.25 6.20 18.95
N VAL B 78 5.62 5.71 17.88
CA VAL B 78 4.15 5.55 17.78
C VAL B 78 3.74 4.08 17.83
N GLU B 79 2.58 3.81 18.43
CA GLU B 79 1.96 2.49 18.36
C GLU B 79 1.10 2.32 17.10
N TYR B 80 1.08 1.11 16.53
CA TYR B 80 0.28 0.75 15.35
C TYR B 80 -0.11 -0.73 15.38
N ARG B 81 -0.84 -1.18 14.35
CA ARG B 81 -1.42 -2.52 14.22
C ARG B 81 -1.32 -3.01 12.77
N ILE B 82 -1.20 -4.32 12.59
CA ILE B 82 -0.92 -4.96 11.29
C ILE B 82 -2.04 -5.94 10.98
N LYS B 83 -2.75 -5.71 9.87
CA LYS B 83 -3.87 -6.53 9.42
C LYS B 83 -3.50 -7.23 8.12
N ILE B 84 -3.64 -8.56 8.10
CA ILE B 84 -3.30 -9.40 6.96
C ILE B 84 -4.59 -9.91 6.34
N SER B 85 -4.88 -9.50 5.11
CA SER B 85 -6.09 -9.89 4.37
C SER B 85 -5.76 -10.97 3.37
N PHE B 86 -6.51 -12.08 3.38
CA PHE B 86 -6.25 -13.24 2.52
C PHE B 86 -7.55 -13.92 2.07
N ARG B 87 -7.62 -14.24 0.78
CA ARG B 87 -8.77 -14.89 0.15
C ARG B 87 -8.47 -16.36 -0.08
N VAL B 88 -9.37 -17.21 0.37
CA VAL B 88 -9.32 -18.65 0.08
C VAL B 88 -9.83 -18.87 -1.35
N ASN B 89 -9.20 -19.78 -2.08
CA ASN B 89 -9.64 -20.18 -3.42
C ASN B 89 -10.62 -21.36 -3.34
N ARG B 90 -10.19 -22.53 -2.81
CA ARG B 90 -10.98 -23.79 -2.80
C ARG B 90 -10.35 -24.99 -2.06
N GLU B 91 -9.74 -24.78 -0.89
CA GLU B 91 -9.21 -25.87 -0.07
C GLU B 91 -9.29 -25.57 1.45
N ILE B 92 -9.32 -26.61 2.29
CA ILE B 92 -9.19 -26.48 3.76
C ILE B 92 -7.71 -26.46 4.14
N VAL B 93 -7.37 -25.62 5.12
CA VAL B 93 -6.02 -25.41 5.66
C VAL B 93 -6.09 -25.24 7.18
N SER B 94 -5.16 -25.88 7.89
CA SER B 94 -5.15 -25.97 9.36
C SER B 94 -3.76 -25.75 9.95
N GLY B 95 -3.70 -25.31 11.21
CA GLY B 95 -2.47 -24.83 11.85
C GLY B 95 -1.76 -23.73 11.06
N MET B 96 -2.51 -22.90 10.32
CA MET B 96 -1.96 -21.76 9.58
C MET B 96 -1.24 -20.80 10.54
N LYS B 97 -0.04 -20.37 10.14
CA LYS B 97 0.83 -19.48 10.92
C LYS B 97 1.42 -18.40 10.01
N TYR B 98 1.35 -17.16 10.48
CA TYR B 98 1.93 -15.97 9.84
C TYR B 98 3.23 -15.62 10.58
N ILE B 99 4.36 -15.66 9.88
CA ILE B 99 5.68 -15.32 10.41
C ILE B 99 6.02 -13.87 10.02
N GLN B 100 6.55 -13.09 10.95
CA GLN B 100 6.98 -11.71 10.72
C GLN B 100 8.35 -11.43 11.37
N HIS B 101 9.33 -11.10 10.53
CA HIS B 101 10.68 -10.72 10.96
C HIS B 101 10.87 -9.19 10.90
N THR B 102 11.86 -8.67 11.61
CA THR B 102 12.19 -7.23 11.61
C THR B 102 13.70 -7.05 11.48
N TYR B 103 14.09 -6.12 10.60
CA TYR B 103 15.48 -5.81 10.25
C TYR B 103 15.69 -4.29 10.32
N ARG B 104 16.70 -3.85 11.09
CA ARG B 104 17.11 -2.46 11.26
C ARG B 104 18.39 -2.19 10.48
N LYS B 105 18.40 -1.20 9.58
CA LYS B 105 19.56 -0.85 8.73
C LYS B 105 20.20 -2.07 8.01
N GLY B 106 19.38 -3.05 7.62
CA GLY B 106 19.83 -4.28 6.96
C GLY B 106 20.32 -5.39 7.91
N VAL B 107 19.99 -5.34 9.20
CA VAL B 107 20.44 -6.27 10.25
C VAL B 107 19.22 -6.82 11.00
N LYS B 108 19.04 -8.14 10.98
CA LYS B 108 17.99 -8.85 11.73
C LYS B 108 18.09 -8.54 13.23
N ILE B 109 16.98 -8.13 13.84
CA ILE B 109 16.92 -7.82 15.29
C ILE B 109 16.07 -8.83 16.07
N ASP B 110 14.94 -9.27 15.51
CA ASP B 110 14.11 -10.34 16.06
C ASP B 110 13.08 -10.81 15.01
N LYS B 111 12.32 -11.85 15.36
CA LYS B 111 11.07 -12.23 14.65
C LYS B 111 10.03 -12.82 15.61
N THR B 112 8.77 -12.67 15.21
CA THR B 112 7.58 -13.14 15.94
C THR B 112 6.65 -13.81 14.95
N ASP B 113 5.94 -14.84 15.40
CA ASP B 113 4.97 -15.57 14.61
C ASP B 113 3.62 -15.61 15.34
N TYR B 114 2.55 -15.42 14.57
CA TYR B 114 1.18 -15.30 15.06
C TYR B 114 0.33 -16.38 14.40
N MET B 115 -0.25 -17.24 15.23
CA MET B 115 -1.24 -18.23 14.81
C MET B 115 -2.50 -17.52 14.30
N VAL B 116 -3.02 -17.98 13.17
CA VAL B 116 -4.31 -17.51 12.61
C VAL B 116 -5.41 -18.57 12.73
N GLY B 117 -5.06 -19.86 12.85
CA GLY B 117 -6.00 -20.95 13.14
C GLY B 117 -6.18 -21.92 11.97
N SER B 118 -7.44 -22.24 11.65
CA SER B 118 -7.83 -23.06 10.49
C SER B 118 -9.01 -22.42 9.75
N TYR B 119 -9.04 -22.61 8.42
CA TYR B 119 -9.99 -21.99 7.50
C TYR B 119 -10.35 -22.95 6.36
N GLY B 120 -11.55 -22.79 5.79
CA GLY B 120 -12.10 -23.66 4.75
C GLY B 120 -12.46 -22.91 3.45
N PRO B 121 -12.87 -23.64 2.39
CA PRO B 121 -13.18 -23.07 1.09
C PRO B 121 -14.39 -22.13 1.17
N ARG B 122 -14.12 -20.82 1.05
CA ARG B 122 -15.09 -19.73 1.10
C ARG B 122 -14.84 -18.77 -0.07
N ALA B 123 -15.91 -18.27 -0.69
CA ALA B 123 -15.83 -17.23 -1.73
C ALA B 123 -15.34 -15.87 -1.19
N GLU B 124 -15.54 -15.62 0.11
CA GLU B 124 -15.07 -14.42 0.83
C GLU B 124 -13.56 -14.48 1.16
N GLU B 125 -13.04 -13.42 1.78
CA GLU B 125 -11.72 -13.37 2.40
C GLU B 125 -11.83 -13.35 3.93
N TYR B 126 -10.78 -13.84 4.58
CA TYR B 126 -10.58 -13.74 6.03
C TYR B 126 -9.44 -12.75 6.30
N GLU B 127 -9.35 -12.29 7.54
CA GLU B 127 -8.31 -11.36 7.98
C GLU B 127 -7.87 -11.63 9.42
N PHE B 128 -6.67 -11.17 9.77
CA PHE B 128 -6.11 -11.30 11.11
C PHE B 128 -5.44 -9.99 11.54
N LEU B 129 -5.64 -9.59 12.80
CA LEU B 129 -5.11 -8.37 13.41
C LEU B 129 -4.15 -8.74 14.55
N THR B 130 -2.93 -8.22 14.52
CA THR B 130 -1.94 -8.34 15.61
C THR B 130 -2.31 -7.52 16.86
N PRO B 131 -1.65 -7.77 18.02
CA PRO B 131 -1.69 -6.86 19.16
C PRO B 131 -1.00 -5.51 18.84
N VAL B 132 -1.08 -4.57 19.78
CA VAL B 132 -0.32 -3.31 19.75
C VAL B 132 1.20 -3.54 19.58
N GLU B 133 1.84 -2.77 18.71
CA GLU B 133 3.30 -2.71 18.57
C GLU B 133 3.77 -1.25 18.49
N GLU B 134 4.73 -0.89 19.34
CA GLU B 134 5.45 0.38 19.30
C GLU B 134 6.51 0.43 18.17
N ALA B 135 6.91 1.64 17.80
CA ALA B 135 7.92 1.94 16.77
C ALA B 135 9.22 2.49 17.39
N PRO B 136 10.37 2.38 16.68
CA PRO B 136 11.64 2.92 17.13
C PRO B 136 11.67 4.47 17.06
N LYS B 137 12.75 5.08 17.56
CA LYS B 137 12.91 6.54 17.69
C LYS B 137 14.38 7.00 17.57
N GLY B 138 14.56 8.27 17.19
CA GLY B 138 15.84 8.92 16.87
C GLY B 138 15.97 9.17 15.36
N MET B 139 16.64 10.25 14.94
CA MET B 139 16.73 10.60 13.50
C MET B 139 17.46 9.52 12.68
N LEU B 140 18.45 8.84 13.28
CA LEU B 140 19.18 7.69 12.72
C LEU B 140 18.28 6.45 12.50
N ALA B 141 17.16 6.37 13.24
CA ALA B 141 16.15 5.32 13.15
C ALA B 141 14.93 5.74 12.31
N ARG B 142 14.95 6.88 11.60
CA ARG B 142 13.90 7.26 10.63
C ARG B 142 14.00 6.55 9.28
N GLY B 143 15.05 5.74 9.06
CA GLY B 143 15.22 4.90 7.87
C GLY B 143 14.16 3.81 7.71
N SER B 144 14.28 3.03 6.64
CA SER B 144 13.31 2.02 6.22
C SER B 144 13.68 0.63 6.75
N TYR B 145 12.96 0.13 7.74
CA TYR B 145 13.13 -1.21 8.31
C TYR B 145 12.64 -2.26 7.31
N SER B 146 13.44 -3.29 7.01
CA SER B 146 12.94 -4.44 6.25
C SER B 146 12.11 -5.35 7.16
N ILE B 147 11.05 -5.94 6.61
CA ILE B 147 10.20 -6.94 7.24
C ILE B 147 9.99 -8.09 6.26
N LYS B 148 10.27 -9.32 6.71
CA LYS B 148 9.94 -10.55 5.98
C LYS B 148 8.61 -11.09 6.50
N SER B 149 7.69 -11.44 5.59
CA SER B 149 6.42 -12.10 5.86
C SER B 149 6.41 -13.51 5.24
N ARG B 150 5.95 -14.51 5.98
CA ARG B 150 5.79 -15.88 5.45
C ARG B 150 4.46 -16.46 5.92
N PHE B 151 3.76 -17.15 5.03
CA PHE B 151 2.52 -17.88 5.34
C PHE B 151 2.72 -19.37 5.13
N THR B 152 2.54 -20.15 6.19
CA THR B 152 2.68 -21.62 6.22
C THR B 152 1.54 -22.25 7.01
N ASP B 153 1.49 -23.58 7.07
CA ASP B 153 0.46 -24.39 7.73
C ASP B 153 1.08 -25.56 8.52
N ASP B 154 0.25 -26.34 9.23
CA ASP B 154 0.74 -27.50 10.02
C ASP B 154 1.35 -28.62 9.13
N ASP B 155 1.06 -28.60 7.83
CA ASP B 155 1.60 -29.52 6.82
C ASP B 155 2.97 -29.06 6.27
N LYS B 156 3.51 -27.92 6.75
CA LYS B 156 4.78 -27.28 6.32
C LYS B 156 4.72 -26.66 4.91
N THR B 157 3.52 -26.51 4.33
CA THR B 157 3.30 -25.99 2.96
C THR B 157 3.20 -24.47 2.98
N ASP B 158 4.23 -23.80 2.45
CA ASP B 158 4.22 -22.34 2.30
C ASP B 158 3.25 -21.93 1.16
N HIS B 159 2.19 -21.17 1.47
CA HIS B 159 1.23 -20.70 0.45
C HIS B 159 1.81 -19.56 -0.38
N LEU B 160 2.39 -18.57 0.29
CA LEU B 160 3.12 -17.46 -0.29
C LEU B 160 4.05 -16.85 0.77
N SER B 161 5.07 -16.12 0.33
CA SER B 161 5.93 -15.30 1.17
C SER B 161 6.38 -14.07 0.40
N TRP B 162 6.52 -12.95 1.11
CA TRP B 162 6.90 -11.66 0.55
C TRP B 162 7.64 -10.85 1.60
N GLU B 163 8.16 -9.69 1.23
CA GLU B 163 8.89 -8.81 2.14
C GLU B 163 8.55 -7.36 1.77
N TRP B 164 8.63 -6.47 2.74
CA TRP B 164 8.24 -5.06 2.60
C TRP B 164 9.02 -4.20 3.59
N ASN B 165 9.04 -2.89 3.35
CA ASN B 165 9.82 -1.97 4.17
C ASN B 165 8.89 -1.08 5.02
N LEU B 166 9.42 -0.43 6.05
CA LEU B 166 8.65 0.39 6.99
C LEU B 166 9.44 1.64 7.39
N THR B 167 8.95 2.80 6.97
CA THR B 167 9.62 4.10 7.15
C THR B 167 9.03 4.83 8.35
N ILE B 168 9.87 5.14 9.32
CA ILE B 168 9.50 5.81 10.57
C ILE B 168 9.75 7.32 10.43
N LYS B 169 8.81 8.06 9.83
CA LYS B 169 8.90 9.53 9.73
C LYS B 169 8.85 10.18 11.15
N LYS B 170 9.34 11.42 11.29
CA LYS B 170 9.30 12.19 12.56
C LYS B 170 7.87 12.50 13.02
N ASP B 171 7.01 12.84 12.06
CA ASP B 171 5.63 13.25 12.25
C ASP B 171 4.74 12.63 11.17
N TRP B 172 3.46 12.51 11.46
CA TRP B 172 2.49 11.95 10.50
C TRP B 172 1.07 12.48 10.70
N LYS B 173 0.89 13.56 11.50
CA LYS B 173 -0.42 14.05 11.98
C LYS B 173 -0.34 15.47 12.58
N ASP B 174 0.18 16.44 11.82
CA ASP B 174 0.10 17.87 12.19
C ASP B 174 -1.34 18.43 12.18
N GLY A 1 15.30 11.54 -14.69
CA GLY A 1 14.20 10.57 -14.60
C GLY A 1 12.85 11.28 -14.50
N LEU A 2 11.83 10.77 -15.20
CA LEU A 2 10.45 11.27 -15.09
C LEU A 2 9.65 10.43 -14.09
N TYR A 3 8.70 11.06 -13.38
CA TYR A 3 7.79 10.37 -12.45
C TYR A 3 6.92 9.32 -13.17
N SER A 4 6.59 9.54 -14.45
CA SER A 4 5.94 8.58 -15.34
C SER A 4 6.77 7.32 -15.65
N SER A 5 8.09 7.32 -15.36
CA SER A 5 8.97 6.14 -15.50
C SER A 5 8.72 5.08 -14.40
N LEU A 6 8.17 5.48 -13.23
CA LEU A 6 7.85 4.56 -12.14
C LEU A 6 6.68 3.60 -12.48
N PRO A 7 6.64 2.39 -11.88
CA PRO A 7 5.56 1.43 -12.07
C PRO A 7 4.23 1.89 -11.44
N PRO A 8 3.08 1.32 -11.85
CA PRO A 8 1.77 1.73 -11.34
C PRO A 8 1.59 1.45 -9.84
N ALA A 9 2.17 0.35 -9.33
CA ALA A 9 2.19 0.02 -7.91
C ALA A 9 2.85 1.14 -7.09
N LYS A 10 4.02 1.65 -7.53
CA LYS A 10 4.74 2.77 -6.88
C LYS A 10 3.89 4.02 -6.76
N ARG A 11 3.19 4.45 -7.82
CA ARG A 11 2.44 5.72 -7.80
C ARG A 11 1.28 5.69 -6.80
N GLU A 12 0.53 4.58 -6.77
CA GLU A 12 -0.45 4.29 -5.71
C GLU A 12 0.22 4.30 -4.32
N GLU A 13 1.41 3.70 -4.20
CA GLU A 13 2.17 3.63 -2.95
C GLU A 13 2.57 5.01 -2.40
N VAL A 14 3.07 5.92 -3.26
CA VAL A 14 3.38 7.32 -2.88
C VAL A 14 2.18 7.98 -2.21
N GLU A 15 0.96 7.69 -2.65
CA GLU A 15 -0.27 8.29 -2.13
C GLU A 15 -0.80 7.57 -0.88
N LYS A 16 -0.74 6.24 -0.86
CA LYS A 16 -1.17 5.41 0.28
C LYS A 16 -0.30 5.61 1.52
N LEU A 17 1.04 5.61 1.35
CA LEU A 17 1.95 5.86 2.47
C LEU A 17 1.92 7.33 2.94
N LEU A 18 1.58 8.28 2.05
CA LEU A 18 1.34 9.68 2.41
C LEU A 18 0.10 9.84 3.30
N ASN A 19 -1.03 9.19 2.99
CA ASN A 19 -2.22 9.26 3.85
C ASN A 19 -2.00 8.70 5.27
N GLY A 20 -1.18 7.65 5.41
CA GLY A 20 -0.71 7.17 6.73
C GLY A 20 0.22 8.17 7.43
N SER A 21 1.03 8.89 6.66
CA SER A 21 2.02 9.87 7.10
C SER A 21 1.43 11.23 7.55
N ALA A 22 0.32 11.69 6.96
CA ALA A 22 -0.47 12.90 7.29
C ALA A 22 -1.53 13.22 6.21
N GLY A 23 -2.56 14.00 6.58
CA GLY A 23 -3.61 14.45 5.67
C GLY A 23 -3.29 15.73 4.90
N ASP A 24 -2.14 16.36 5.18
CA ASP A 24 -1.72 17.67 4.67
C ASP A 24 -0.26 17.75 4.19
N THR A 25 0.48 16.63 4.11
CA THR A 25 1.86 16.60 3.57
C THR A 25 1.95 17.16 2.15
N TRP A 26 0.95 16.85 1.32
CA TRP A 26 0.81 17.36 -0.05
C TRP A 26 0.74 18.91 -0.09
N ARG A 27 0.17 19.52 0.96
CA ARG A 27 -0.04 20.97 1.11
C ARG A 27 1.30 21.70 1.22
N HIS A 28 2.24 21.11 1.97
CA HIS A 28 3.62 21.57 2.06
C HIS A 28 4.33 21.42 0.70
N LEU A 29 4.15 20.27 0.02
CA LEU A 29 4.72 19.98 -1.30
C LEU A 29 4.28 21.00 -2.36
N ALA A 30 2.98 21.33 -2.40
CA ALA A 30 2.41 22.34 -3.30
C ALA A 30 3.04 23.73 -3.12
N GLY A 31 3.19 24.19 -1.88
CA GLY A 31 3.85 25.46 -1.55
C GLY A 31 5.28 25.57 -2.10
N GLU A 32 6.05 24.48 -2.05
CA GLU A 32 7.43 24.41 -2.55
C GLU A 32 7.55 24.18 -4.08
N LEU A 33 6.54 23.54 -4.70
CA LEU A 33 6.38 23.46 -6.16
C LEU A 33 6.00 24.81 -6.81
N GLY A 34 5.63 25.82 -6.01
CA GLY A 34 5.09 27.10 -6.50
C GLY A 34 3.65 27.02 -7.01
N TYR A 35 2.89 25.98 -6.62
CA TYR A 35 1.47 25.82 -6.93
C TYR A 35 0.64 26.98 -6.33
N GLN A 36 -0.34 27.49 -7.08
CA GLN A 36 -1.21 28.61 -6.65
C GLN A 36 -2.04 28.29 -5.39
N PRO A 37 -2.41 29.31 -4.58
CA PRO A 37 -3.19 29.11 -3.36
C PRO A 37 -4.62 28.61 -3.62
N GLU A 38 -5.22 28.97 -4.76
CA GLU A 38 -6.56 28.50 -5.13
C GLU A 38 -6.63 26.98 -5.36
N HIS A 39 -5.56 26.37 -5.90
CA HIS A 39 -5.46 24.91 -6.04
C HIS A 39 -5.43 24.24 -4.67
N ILE A 40 -4.69 24.80 -3.71
CA ILE A 40 -4.67 24.32 -2.32
C ILE A 40 -6.09 24.36 -1.73
N ASP A 41 -6.81 25.49 -1.85
CA ASP A 41 -8.19 25.62 -1.33
C ASP A 41 -9.19 24.64 -1.98
N SER A 42 -9.03 24.32 -3.26
CA SER A 42 -9.77 23.23 -3.91
C SER A 42 -9.41 21.86 -3.30
N PHE A 43 -8.12 21.53 -3.25
CA PHE A 43 -7.63 20.24 -2.73
C PHE A 43 -7.94 20.00 -1.25
N THR A 44 -7.89 21.01 -0.36
CA THR A 44 -8.29 20.83 1.06
C THR A 44 -9.76 20.45 1.27
N HIS A 45 -10.62 20.60 0.26
CA HIS A 45 -12.03 20.20 0.28
C HIS A 45 -12.28 18.75 -0.22
N GLU A 46 -11.23 18.00 -0.57
CA GLU A 46 -11.29 16.60 -1.02
C GLU A 46 -10.79 15.61 0.06
N ALA A 47 -11.24 14.35 0.00
CA ALA A 47 -10.84 13.27 0.92
C ALA A 47 -9.43 12.67 0.65
N CYS A 48 -9.04 12.60 -0.63
CA CYS A 48 -7.76 12.03 -1.12
C CYS A 48 -7.00 12.97 -2.07
N PRO A 49 -6.79 14.27 -1.73
CA PRO A 49 -6.24 15.28 -2.63
C PRO A 49 -4.80 15.00 -3.09
N VAL A 50 -4.01 14.32 -2.27
CA VAL A 50 -2.67 13.84 -2.61
C VAL A 50 -2.64 13.05 -3.93
N ARG A 51 -3.68 12.25 -4.21
CA ARG A 51 -3.82 11.47 -5.46
C ARG A 51 -4.03 12.39 -6.66
N ALA A 52 -4.97 13.33 -6.53
CA ALA A 52 -5.26 14.31 -7.56
C ALA A 52 -4.07 15.27 -7.82
N LEU A 53 -3.29 15.63 -6.80
CA LEU A 53 -2.08 16.44 -6.96
C LEU A 53 -1.05 15.72 -7.85
N LEU A 54 -0.68 14.48 -7.54
CA LEU A 54 0.28 13.71 -8.35
C LEU A 54 -0.25 13.47 -9.77
N ALA A 55 -1.55 13.19 -9.93
CA ALA A 55 -2.19 13.04 -11.25
C ALA A 55 -2.13 14.35 -12.07
N SER A 56 -2.52 15.49 -11.50
CA SER A 56 -2.49 16.82 -12.12
C SER A 56 -1.06 17.35 -12.34
N TRP A 57 -0.09 16.92 -11.53
CA TRP A 57 1.32 17.24 -11.75
C TRP A 57 1.92 16.42 -12.90
N ALA A 58 1.57 15.13 -13.01
CA ALA A 58 2.00 14.24 -14.09
C ALA A 58 1.52 14.65 -15.51
N THR A 59 0.59 15.61 -15.65
CA THR A 59 0.16 16.15 -16.95
C THR A 59 1.21 17.03 -17.65
N GLN A 60 2.28 17.42 -16.95
CA GLN A 60 3.36 18.29 -17.44
C GLN A 60 4.74 17.65 -17.24
N ASP A 61 5.69 18.01 -18.12
CA ASP A 61 7.08 17.53 -18.06
C ASP A 61 7.84 17.96 -16.78
N SER A 62 7.31 18.94 -16.03
CA SER A 62 7.79 19.33 -14.70
C SER A 62 7.74 18.19 -13.67
N ALA A 63 6.93 17.14 -13.91
CA ALA A 63 6.89 15.90 -13.14
C ALA A 63 8.14 15.02 -13.29
N THR A 64 9.34 15.60 -13.05
CA THR A 64 10.60 14.86 -12.97
C THR A 64 10.83 14.36 -11.54
N LEU A 65 11.52 13.23 -11.39
CA LEU A 65 12.01 12.79 -10.09
C LEU A 65 12.97 13.81 -9.48
N ASP A 66 13.85 14.41 -10.29
CA ASP A 66 14.82 15.39 -9.81
C ASP A 66 14.15 16.60 -9.13
N ALA A 67 13.02 17.07 -9.67
CA ALA A 67 12.20 18.13 -9.08
C ALA A 67 11.39 17.64 -7.86
N LEU A 68 10.82 16.44 -7.89
CA LEU A 68 10.07 15.83 -6.78
C LEU A 68 10.96 15.66 -5.53
N LEU A 69 12.11 15.02 -5.69
CA LEU A 69 13.08 14.77 -4.63
C LEU A 69 13.61 16.08 -4.02
N ALA A 70 13.92 17.08 -4.87
CA ALA A 70 14.32 18.41 -4.44
C ALA A 70 13.23 19.11 -3.61
N ALA A 71 11.96 19.07 -4.05
CA ALA A 71 10.84 19.68 -3.34
C ALA A 71 10.54 18.99 -1.98
N LEU A 72 10.59 17.65 -1.92
CA LEU A 72 10.50 16.90 -0.66
C LEU A 72 11.63 17.25 0.33
N ARG A 73 12.84 17.53 -0.16
CA ARG A 73 13.96 18.02 0.67
C ARG A 73 13.63 19.32 1.41
N ARG A 74 12.94 20.26 0.74
CA ARG A 74 12.55 21.58 1.30
C ARG A 74 11.55 21.49 2.46
N ILE A 75 10.67 20.48 2.41
CA ILE A 75 9.63 20.22 3.42
C ILE A 75 10.09 19.24 4.52
N GLN A 76 11.41 19.02 4.65
CA GLN A 76 12.02 18.09 5.62
C GLN A 76 11.44 16.65 5.53
N ARG A 77 11.44 16.10 4.31
CA ARG A 77 10.98 14.71 4.00
C ARG A 77 12.07 13.83 3.36
N ALA A 78 13.35 14.17 3.56
CA ALA A 78 14.49 13.37 3.11
C ALA A 78 14.43 11.89 3.56
N ASP A 79 13.86 11.61 4.73
CA ASP A 79 13.58 10.24 5.20
C ASP A 79 12.60 9.49 4.29
N LEU A 80 11.45 10.08 3.96
CA LEU A 80 10.46 9.49 3.05
C LEU A 80 11.02 9.33 1.62
N VAL A 81 11.78 10.34 1.17
CA VAL A 81 12.47 10.34 -0.12
C VAL A 81 13.34 9.11 -0.32
N GLU A 82 14.17 8.75 0.67
CA GLU A 82 15.00 7.55 0.58
C GLU A 82 14.18 6.26 0.39
N SER A 83 13.02 6.13 1.05
CA SER A 83 12.13 4.97 0.86
C SER A 83 11.54 4.88 -0.55
N LEU A 84 11.19 6.01 -1.15
CA LEU A 84 10.60 6.06 -2.51
C LEU A 84 11.67 5.95 -3.60
N CYS A 85 12.86 6.52 -3.38
CA CYS A 85 14.00 6.42 -4.30
C CYS A 85 14.57 4.99 -4.40
N SER A 86 14.28 4.11 -3.43
CA SER A 86 14.61 2.67 -3.47
C SER A 86 14.15 1.98 -4.75
N GLU A 87 12.96 2.31 -5.28
CA GLU A 87 12.50 1.83 -6.59
C GLU A 87 12.85 2.83 -7.71
N SER A 88 12.83 4.13 -7.37
CA SER A 88 13.15 5.24 -8.28
C SER A 88 14.66 5.46 -8.48
N THR A 89 15.38 4.37 -8.79
CA THR A 89 16.83 4.31 -9.00
C THR A 89 17.20 3.47 -10.23
N ALA A 90 18.49 3.38 -10.55
CA ALA A 90 19.04 2.60 -11.67
C ALA A 90 18.99 1.08 -11.39
N THR A 91 17.91 0.43 -11.82
CA THR A 91 17.62 -1.02 -11.66
C THR A 91 16.73 -1.55 -12.79
N SER A 92 16.53 -2.86 -12.84
CA SER A 92 15.74 -3.59 -13.84
C SER A 92 14.95 -4.76 -13.21
N PRO A 93 13.84 -5.22 -13.83
CA PRO A 93 13.05 -6.33 -13.32
C PRO A 93 13.82 -7.66 -13.41
N VAL A 94 13.74 -8.49 -12.36
CA VAL A 94 14.47 -9.77 -12.23
C VAL A 94 13.69 -10.83 -11.43
N ALA B 1 -11.58 17.54 -7.21
CA ALA B 1 -11.32 17.87 -5.80
C ALA B 1 -12.52 18.46 -5.03
N GLN B 2 -13.70 17.86 -5.17
CA GLN B 2 -14.96 18.29 -4.53
C GLN B 2 -16.00 17.14 -4.49
N LYS B 3 -17.13 17.37 -3.83
CA LYS B 3 -18.31 16.47 -3.74
C LYS B 3 -19.09 16.36 -5.07
N SER B 4 -18.40 15.92 -6.13
CA SER B 4 -18.96 15.66 -7.46
C SER B 4 -19.73 14.34 -7.52
N ILE B 5 -20.68 14.23 -8.47
CA ILE B 5 -21.35 12.95 -8.81
C ILE B 5 -20.37 11.84 -9.22
N GLN B 6 -19.17 12.19 -9.70
CA GLN B 6 -18.12 11.23 -10.07
C GLN B 6 -17.50 10.49 -8.85
N GLU B 7 -17.86 10.84 -7.61
CA GLU B 7 -17.46 10.11 -6.41
C GLU B 7 -18.46 8.99 -6.02
N ILE B 8 -19.50 8.75 -6.84
CA ILE B 8 -20.53 7.71 -6.61
C ILE B 8 -21.14 7.12 -7.90
N GLN B 9 -21.36 7.94 -8.94
CA GLN B 9 -21.89 7.49 -10.24
C GLN B 9 -20.81 6.93 -11.19
N GLU B 10 -19.56 6.85 -10.75
CA GLU B 10 -18.44 6.22 -11.48
C GLU B 10 -18.59 4.68 -11.63
N LEU B 11 -19.68 4.10 -11.16
CA LEU B 11 -20.02 2.69 -11.40
C LEU B 11 -20.51 2.41 -12.82
N ASP B 12 -21.08 3.40 -13.54
CA ASP B 12 -21.57 3.23 -14.91
C ASP B 12 -20.46 3.27 -15.98
N LYS B 13 -19.31 3.88 -15.69
CA LYS B 13 -18.12 3.88 -16.60
C LYS B 13 -17.32 2.57 -16.53
N ASP B 14 -17.51 1.78 -15.48
CA ASP B 14 -16.72 0.60 -15.13
C ASP B 14 -17.59 -0.62 -14.74
N ASP B 15 -18.87 -0.60 -15.14
CA ASP B 15 -19.83 -1.68 -14.92
C ASP B 15 -19.34 -3.04 -15.49
N GLU B 16 -18.52 -3.00 -16.54
CA GLU B 16 -17.85 -4.17 -17.11
C GLU B 16 -16.84 -4.82 -16.15
N SER B 17 -16.20 -4.04 -15.26
CA SER B 17 -15.27 -4.58 -14.25
C SER B 17 -15.97 -5.51 -13.24
N LEU B 18 -17.28 -5.33 -13.02
CA LEU B 18 -18.10 -6.18 -12.15
C LEU B 18 -18.44 -7.54 -12.77
N ARG B 19 -18.32 -7.70 -14.10
CA ARG B 19 -18.61 -8.96 -14.81
C ARG B 19 -17.72 -10.12 -14.33
N LYS B 20 -16.50 -9.83 -13.88
CA LYS B 20 -15.60 -10.77 -13.20
C LYS B 20 -16.20 -11.36 -11.92
N TYR B 21 -16.96 -10.57 -11.15
CA TYR B 21 -17.68 -11.05 -9.96
C TYR B 21 -18.85 -11.97 -10.31
N LYS B 22 -19.54 -11.72 -11.44
CA LYS B 22 -20.55 -12.63 -12.02
C LYS B 22 -19.94 -13.96 -12.48
N GLU B 23 -18.69 -13.97 -12.94
CA GLU B 23 -18.02 -15.21 -13.41
C GLU B 23 -17.87 -16.26 -12.29
N ALA B 24 -17.66 -15.81 -11.04
CA ALA B 24 -17.61 -16.68 -9.85
C ALA B 24 -18.92 -17.47 -9.59
N LEU B 25 -20.07 -16.93 -10.02
CA LEU B 25 -21.38 -17.60 -9.95
C LEU B 25 -21.45 -18.91 -10.76
N LEU B 26 -20.55 -19.04 -11.74
CA LEU B 26 -20.38 -20.15 -12.68
C LEU B 26 -18.97 -20.79 -12.53
N GLY B 27 -18.25 -20.50 -11.44
CA GLY B 27 -16.90 -21.01 -11.17
C GLY B 27 -16.88 -22.46 -10.66
N ARG B 28 -18.00 -22.95 -10.11
CA ARG B 28 -18.20 -24.34 -9.62
C ARG B 28 -17.99 -25.41 -10.71
N VAL B 29 -18.29 -25.09 -11.97
CA VAL B 29 -18.03 -25.99 -13.12
C VAL B 29 -16.63 -25.85 -13.71
N ALA B 30 -16.00 -24.68 -13.56
CA ALA B 30 -14.63 -24.37 -13.98
C ALA B 30 -13.62 -24.67 -12.86
N VAL B 31 -13.61 -25.91 -12.35
CA VAL B 31 -12.66 -26.39 -11.33
C VAL B 31 -11.21 -26.28 -11.84
N SER B 32 -10.43 -25.38 -11.24
CA SER B 32 -9.04 -25.08 -11.61
C SER B 32 -8.08 -25.43 -10.48
N ALA B 33 -8.19 -26.67 -9.96
CA ALA B 33 -7.32 -27.23 -8.92
C ALA B 33 -5.97 -27.77 -9.46
N ASP B 34 -5.69 -27.58 -10.75
CA ASP B 34 -4.43 -27.94 -11.42
C ASP B 34 -3.19 -27.20 -10.86
N PRO B 35 -1.97 -27.78 -10.96
CA PRO B 35 -0.73 -27.16 -10.46
C PRO B 35 -0.27 -25.93 -11.26
N ASN B 36 -0.89 -25.62 -12.39
CA ASN B 36 -0.62 -24.44 -13.21
C ASN B 36 -1.06 -23.12 -12.54
N VAL B 37 -1.84 -23.18 -11.45
CA VAL B 37 -2.34 -22.01 -10.67
C VAL B 37 -2.12 -22.20 -9.16
N PRO B 38 -1.93 -21.10 -8.39
CA PRO B 38 -1.69 -21.19 -6.94
C PRO B 38 -2.94 -21.61 -6.15
N ASN B 39 -2.74 -22.10 -4.92
CA ASN B 39 -3.83 -22.49 -4.01
C ASN B 39 -4.29 -21.34 -3.08
N VAL B 40 -3.32 -20.56 -2.59
CA VAL B 40 -3.47 -19.46 -1.63
C VAL B 40 -2.48 -18.37 -2.00
N VAL B 41 -2.96 -17.12 -2.04
CA VAL B 41 -2.16 -15.91 -2.29
C VAL B 41 -2.73 -14.79 -1.42
N VAL B 42 -1.85 -14.12 -0.67
CA VAL B 42 -2.19 -12.85 -0.01
C VAL B 42 -2.61 -11.82 -1.05
N THR B 43 -3.85 -11.36 -0.98
CA THR B 43 -4.38 -10.31 -1.88
C THR B 43 -3.78 -8.95 -1.56
N GLY B 44 -3.45 -8.74 -0.29
CA GLY B 44 -2.78 -7.55 0.23
C GLY B 44 -2.52 -7.64 1.74
N LEU B 45 -1.87 -6.59 2.25
CA LEU B 45 -1.60 -6.36 3.67
C LEU B 45 -2.10 -4.94 4.00
N THR B 46 -2.99 -4.85 4.98
CA THR B 46 -3.64 -3.60 5.44
C THR B 46 -3.16 -3.29 6.86
N LEU B 47 -2.23 -2.34 7.02
CA LEU B 47 -1.87 -1.86 8.36
C LEU B 47 -2.99 -0.98 8.92
N VAL B 48 -3.42 -1.27 10.13
CA VAL B 48 -4.40 -0.49 10.89
C VAL B 48 -3.69 0.20 12.04
N CYS B 49 -3.90 1.50 12.16
CA CYS B 49 -3.23 2.36 13.12
C CYS B 49 -4.23 3.39 13.69
N SER B 50 -4.86 3.09 14.82
CA SER B 50 -5.77 4.03 15.50
C SER B 50 -5.10 5.36 15.89
N SER B 51 -3.77 5.35 16.08
CA SER B 51 -2.94 6.53 16.35
C SER B 51 -2.56 7.34 15.09
N ALA B 52 -3.01 6.92 13.89
CA ALA B 52 -2.70 7.55 12.60
C ALA B 52 -3.88 8.38 12.05
N PRO B 53 -3.61 9.34 11.14
CA PRO B 53 -4.63 10.17 10.49
C PRO B 53 -5.47 9.42 9.43
N GLY B 54 -4.93 8.36 8.83
CA GLY B 54 -5.60 7.53 7.82
C GLY B 54 -5.08 6.09 7.76
N PRO B 55 -5.84 5.15 7.17
CA PRO B 55 -5.47 3.74 7.08
C PRO B 55 -4.38 3.49 6.02
N LEU B 56 -3.72 2.34 6.07
CA LEU B 56 -2.53 2.00 5.27
C LEU B 56 -2.75 0.62 4.61
N GLU B 57 -2.46 0.45 3.31
CA GLU B 57 -2.57 -0.85 2.61
C GLU B 57 -1.62 -1.01 1.40
N LEU B 58 -1.09 -2.22 1.23
CA LEU B 58 -0.20 -2.66 0.14
C LEU B 58 -0.83 -3.88 -0.56
N ASP B 59 -1.17 -3.71 -1.83
CA ASP B 59 -1.62 -4.79 -2.74
C ASP B 59 -0.53 -5.88 -2.89
N LEU B 60 -0.85 -7.12 -3.26
CA LEU B 60 0.13 -8.23 -3.34
C LEU B 60 -0.11 -9.20 -4.53
N THR B 61 -0.54 -8.67 -5.67
CA THR B 61 -0.87 -9.42 -6.90
C THR B 61 -0.18 -8.87 -8.16
N GLY B 62 0.95 -8.17 -7.99
CA GLY B 62 1.74 -7.55 -9.06
C GLY B 62 3.24 -7.86 -8.96
N ASP B 63 4.08 -6.95 -9.51
CA ASP B 63 5.55 -7.02 -9.50
C ASP B 63 6.14 -7.01 -8.08
N LEU B 64 6.23 -8.19 -7.44
CA LEU B 64 6.82 -8.39 -6.11
C LEU B 64 8.26 -7.83 -5.97
N GLU B 65 8.97 -7.60 -7.07
CA GLU B 65 10.29 -6.95 -7.13
C GLU B 65 10.25 -5.47 -6.73
N SER B 66 9.18 -4.75 -7.09
CA SER B 66 8.97 -3.34 -6.72
C SER B 66 8.52 -3.19 -5.26
N PHE B 67 7.74 -4.16 -4.77
CA PHE B 67 7.35 -4.25 -3.36
C PHE B 67 8.55 -4.33 -2.40
N LYS B 68 9.68 -4.90 -2.84
CA LYS B 68 10.95 -4.94 -2.07
C LYS B 68 11.52 -3.55 -1.72
N LYS B 69 11.05 -2.51 -2.42
CA LYS B 69 11.55 -1.13 -2.34
C LYS B 69 10.58 -0.21 -1.60
N GLN B 70 9.29 -0.32 -1.97
CA GLN B 70 8.12 0.32 -1.35
C GLN B 70 8.08 0.12 0.17
N SER B 71 7.46 1.05 0.91
CA SER B 71 7.41 1.03 2.38
C SER B 71 6.12 1.61 2.99
N PHE B 72 6.11 1.82 4.31
CA PHE B 72 5.10 2.64 4.99
C PHE B 72 5.74 3.62 5.96
N VAL B 73 4.99 4.68 6.32
CA VAL B 73 5.39 5.62 7.37
C VAL B 73 4.72 5.25 8.69
N LEU B 74 5.50 5.33 9.77
CA LEU B 74 5.11 5.21 11.17
C LEU B 74 5.76 6.33 11.98
N LYS B 75 5.44 6.41 13.28
CA LYS B 75 6.07 7.31 14.26
C LYS B 75 7.10 6.55 15.11
N GLU B 76 8.17 7.23 15.51
CA GLU B 76 9.16 6.76 16.50
C GLU B 76 8.48 6.23 17.77
N GLY B 77 8.68 4.95 18.10
CA GLY B 77 8.14 4.36 19.34
C GLY B 77 6.61 4.34 19.43
N VAL B 78 5.92 4.28 18.29
CA VAL B 78 4.45 4.15 18.24
C VAL B 78 4.02 2.68 18.19
N GLU B 79 2.77 2.41 18.58
CA GLU B 79 2.13 1.11 18.46
C GLU B 79 1.27 1.04 17.19
N TYR B 80 1.34 -0.08 16.49
CA TYR B 80 0.62 -0.33 15.23
C TYR B 80 0.16 -1.80 15.12
N ARG B 81 -0.65 -2.09 14.09
CA ARG B 81 -1.24 -3.40 13.80
C ARG B 81 -1.12 -3.73 12.32
N ILE B 82 -0.93 -5.02 12.02
CA ILE B 82 -0.79 -5.57 10.67
C ILE B 82 -1.95 -6.53 10.42
N LYS B 83 -2.71 -6.29 9.34
CA LYS B 83 -3.80 -7.15 8.91
C LYS B 83 -3.44 -7.82 7.59
N ILE B 84 -3.36 -9.14 7.59
CA ILE B 84 -2.99 -9.95 6.43
C ILE B 84 -4.27 -10.49 5.80
N SER B 85 -4.43 -10.38 4.48
CA SER B 85 -5.63 -10.81 3.75
C SER B 85 -5.26 -11.77 2.62
N PHE B 86 -5.87 -12.95 2.56
CA PHE B 86 -5.53 -14.01 1.60
C PHE B 86 -6.76 -14.78 1.11
N ARG B 87 -6.85 -14.96 -0.22
CA ARG B 87 -7.84 -15.84 -0.88
C ARG B 87 -7.40 -17.30 -0.84
N VAL B 88 -8.39 -18.20 -0.95
CA VAL B 88 -8.24 -19.66 -0.88
C VAL B 88 -9.18 -20.31 -1.91
N ASN B 89 -8.77 -20.49 -3.16
CA ASN B 89 -9.68 -20.94 -4.25
C ASN B 89 -9.29 -22.31 -4.82
N ARG B 90 -8.92 -23.26 -3.96
CA ARG B 90 -8.40 -24.59 -4.36
C ARG B 90 -8.75 -25.74 -3.40
N GLU B 91 -8.18 -25.77 -2.19
CA GLU B 91 -8.42 -26.84 -1.18
C GLU B 91 -8.19 -26.35 0.26
N ILE B 92 -8.60 -27.15 1.25
CA ILE B 92 -8.44 -26.87 2.68
C ILE B 92 -6.96 -27.04 3.09
N VAL B 93 -6.39 -26.03 3.72
CA VAL B 93 -5.00 -26.01 4.22
C VAL B 93 -5.00 -25.77 5.73
N SER B 94 -4.18 -26.53 6.46
CA SER B 94 -4.19 -26.63 7.92
C SER B 94 -2.78 -26.70 8.50
N GLY B 95 -2.51 -25.82 9.47
CA GLY B 95 -1.16 -25.55 10.00
C GLY B 95 -0.48 -24.35 9.35
N MET B 96 -1.26 -23.47 8.71
CA MET B 96 -0.75 -22.25 8.06
C MET B 96 -0.10 -21.32 9.09
N LYS B 97 1.13 -20.89 8.80
CA LYS B 97 1.95 -19.98 9.61
C LYS B 97 2.51 -18.85 8.74
N TYR B 98 2.40 -17.64 9.26
CA TYR B 98 2.94 -16.42 8.69
C TYR B 98 4.15 -16.00 9.56
N ILE B 99 5.33 -15.97 8.95
CA ILE B 99 6.57 -15.55 9.61
C ILE B 99 6.95 -14.17 9.05
N GLN B 100 7.34 -13.25 9.94
CA GLN B 100 7.75 -11.89 9.60
C GLN B 100 9.11 -11.58 10.25
N HIS B 101 10.15 -11.43 9.43
CA HIS B 101 11.51 -11.07 9.88
C HIS B 101 11.69 -9.55 9.89
N THR B 102 12.65 -9.05 10.67
CA THR B 102 12.96 -7.61 10.75
C THR B 102 14.47 -7.39 10.60
N TYR B 103 14.84 -6.47 9.71
CA TYR B 103 16.22 -6.11 9.38
C TYR B 103 16.39 -4.58 9.52
N ARG B 104 17.41 -4.15 10.26
CA ARG B 104 17.77 -2.75 10.51
C ARG B 104 19.08 -2.44 9.79
N LYS B 105 19.08 -1.44 8.89
CA LYS B 105 20.26 -1.04 8.08
C LYS B 105 20.95 -2.22 7.36
N GLY B 106 20.16 -3.22 6.93
CA GLY B 106 20.65 -4.44 6.26
C GLY B 106 21.14 -5.56 7.20
N VAL B 107 20.73 -5.55 8.47
CA VAL B 107 21.14 -6.53 9.51
C VAL B 107 19.90 -7.09 10.21
N LYS B 108 19.66 -8.41 10.07
CA LYS B 108 18.54 -9.10 10.74
C LYS B 108 18.73 -9.06 12.25
N ILE B 109 17.71 -8.59 12.99
CA ILE B 109 17.73 -8.53 14.47
C ILE B 109 16.90 -9.65 15.10
N ASP B 110 15.70 -9.91 14.57
CA ASP B 110 14.80 -10.97 15.03
C ASP B 110 13.69 -11.23 13.98
N LYS B 111 12.81 -12.18 14.27
CA LYS B 111 11.61 -12.50 13.50
C LYS B 111 10.49 -12.94 14.45
N THR B 112 9.25 -12.69 14.05
CA THR B 112 8.05 -12.99 14.84
C THR B 112 7.14 -13.89 14.01
N ASP B 113 6.68 -14.96 14.63
CA ASP B 113 5.91 -16.02 13.97
C ASP B 113 4.48 -15.98 14.50
N TYR B 114 3.51 -15.80 13.59
CA TYR B 114 2.10 -15.68 13.92
C TYR B 114 1.32 -16.74 13.14
N MET B 115 0.95 -17.83 13.82
CA MET B 115 0.09 -18.85 13.22
C MET B 115 -1.29 -18.25 12.90
N VAL B 116 -1.82 -18.59 11.72
CA VAL B 116 -3.19 -18.20 11.32
C VAL B 116 -4.19 -19.34 11.59
N GLY B 117 -3.78 -20.61 11.40
CA GLY B 117 -4.56 -21.79 11.77
C GLY B 117 -4.85 -22.72 10.58
N SER B 118 -6.13 -22.92 10.29
CA SER B 118 -6.62 -23.68 9.12
C SER B 118 -7.81 -22.99 8.45
N TYR B 119 -7.88 -23.11 7.12
CA TYR B 119 -8.86 -22.42 6.27
C TYR B 119 -9.24 -23.26 5.05
N GLY B 120 -10.52 -23.20 4.66
CA GLY B 120 -11.07 -23.94 3.52
C GLY B 120 -11.14 -23.11 2.24
N PRO B 121 -11.49 -23.72 1.09
CA PRO B 121 -11.49 -23.11 -0.24
C PRO B 121 -12.64 -22.10 -0.47
N ARG B 122 -12.75 -21.10 0.41
CA ARG B 122 -13.70 -19.97 0.32
C ARG B 122 -13.43 -19.15 -0.94
N ALA B 123 -14.47 -18.83 -1.72
CA ALA B 123 -14.37 -17.92 -2.86
C ALA B 123 -13.97 -16.46 -2.47
N GLU B 124 -13.96 -16.14 -1.17
CA GLU B 124 -13.54 -14.86 -0.58
C GLU B 124 -12.11 -14.95 0.03
N GLU B 125 -11.72 -13.94 0.80
CA GLU B 125 -10.43 -13.82 1.47
C GLU B 125 -10.60 -13.72 2.99
N TYR B 126 -9.76 -14.45 3.73
CA TYR B 126 -9.70 -14.41 5.19
C TYR B 126 -8.74 -13.31 5.65
N GLU B 127 -9.11 -12.61 6.73
CA GLU B 127 -8.29 -11.58 7.37
C GLU B 127 -7.75 -12.06 8.72
N PHE B 128 -6.51 -11.68 9.03
CA PHE B 128 -5.81 -12.00 10.28
C PHE B 128 -5.10 -10.76 10.84
N LEU B 129 -5.39 -10.41 12.10
CA LEU B 129 -4.83 -9.25 12.81
C LEU B 129 -3.77 -9.72 13.82
N THR B 130 -2.58 -9.11 13.79
CA THR B 130 -1.49 -9.32 14.77
C THR B 130 -1.72 -8.61 16.12
N PRO B 131 -0.97 -8.97 17.17
CA PRO B 131 -0.92 -8.20 18.43
C PRO B 131 -0.26 -6.82 18.24
N VAL B 132 -0.18 -6.05 19.33
CA VAL B 132 0.55 -4.77 19.42
C VAL B 132 2.01 -4.95 18.98
N GLU B 133 2.46 -4.12 18.05
CA GLU B 133 3.86 -4.04 17.60
C GLU B 133 4.42 -2.63 17.86
N GLU B 134 5.57 -2.54 18.53
CA GLU B 134 6.30 -1.28 18.74
C GLU B 134 7.21 -0.93 17.56
N ALA B 135 7.59 0.35 17.45
CA ALA B 135 8.51 0.88 16.45
C ALA B 135 9.84 1.38 17.09
N PRO B 136 10.94 1.47 16.33
CA PRO B 136 12.24 1.98 16.80
C PRO B 136 12.24 3.51 16.99
N LYS B 137 13.35 4.08 17.50
CA LYS B 137 13.51 5.52 17.83
C LYS B 137 14.94 6.03 17.57
N GLY B 138 15.05 7.29 17.14
CA GLY B 138 16.28 8.05 16.91
C GLY B 138 16.41 8.44 15.42
N MET B 139 16.97 9.62 15.10
CA MET B 139 17.06 10.11 13.71
C MET B 139 17.86 9.20 12.76
N LEU B 140 18.80 8.41 13.29
CA LEU B 140 19.51 7.35 12.57
C LEU B 140 18.66 6.09 12.33
N ALA B 141 17.85 5.72 13.33
CA ALA B 141 16.90 4.60 13.29
C ALA B 141 15.57 4.95 12.59
N ARG B 142 15.42 6.19 12.10
CA ARG B 142 14.37 6.67 11.19
C ARG B 142 14.62 6.33 9.70
N GLY B 143 15.61 5.49 9.41
CA GLY B 143 15.80 4.90 8.08
C GLY B 143 14.72 3.87 7.72
N SER B 144 14.96 3.14 6.63
CA SER B 144 14.10 2.05 6.12
C SER B 144 14.58 0.69 6.61
N TYR B 145 13.69 -0.04 7.29
CA TYR B 145 13.87 -1.43 7.72
C TYR B 145 13.44 -2.35 6.59
N SER B 146 14.17 -3.43 6.33
CA SER B 146 13.68 -4.52 5.48
C SER B 146 12.86 -5.49 6.33
N ILE B 147 11.71 -5.92 5.78
CA ILE B 147 10.83 -6.93 6.37
C ILE B 147 10.61 -8.01 5.32
N LYS B 148 10.88 -9.27 5.69
CA LYS B 148 10.58 -10.47 4.89
C LYS B 148 9.36 -11.15 5.49
N SER B 149 8.36 -11.46 4.67
CA SER B 149 7.11 -12.13 5.08
C SER B 149 6.86 -13.38 4.24
N ARG B 150 6.55 -14.50 4.90
CA ARG B 150 6.46 -15.82 4.26
C ARG B 150 5.31 -16.65 4.83
N PHE B 151 4.52 -17.22 3.92
CA PHE B 151 3.42 -18.13 4.23
C PHE B 151 3.80 -19.57 3.91
N THR B 152 3.70 -20.42 4.91
CA THR B 152 3.94 -21.87 4.82
C THR B 152 2.85 -22.64 5.57
N ASP B 153 2.79 -23.96 5.38
CA ASP B 153 1.80 -24.87 5.94
C ASP B 153 2.48 -25.95 6.82
N ASP B 154 1.71 -26.78 7.55
CA ASP B 154 2.30 -27.88 8.33
C ASP B 154 3.08 -28.89 7.46
N ASP B 155 2.70 -29.02 6.18
CA ASP B 155 3.36 -29.84 5.16
C ASP B 155 4.60 -29.16 4.53
N LYS B 156 5.04 -28.00 5.06
CA LYS B 156 6.15 -27.14 4.58
C LYS B 156 5.85 -26.45 3.23
N THR B 157 4.60 -26.46 2.77
CA THR B 157 4.17 -25.90 1.47
C THR B 157 4.17 -24.37 1.48
N ASP B 158 5.18 -23.75 0.87
CA ASP B 158 5.23 -22.29 0.65
C ASP B 158 4.15 -21.82 -0.34
N HIS B 159 3.14 -21.08 0.14
CA HIS B 159 2.04 -20.56 -0.69
C HIS B 159 2.46 -19.31 -1.48
N LEU B 160 3.05 -18.34 -0.77
CA LEU B 160 3.68 -17.14 -1.30
C LEU B 160 4.69 -16.64 -0.25
N SER B 161 5.72 -15.92 -0.71
CA SER B 161 6.57 -15.08 0.15
C SER B 161 6.93 -13.80 -0.59
N TRP B 162 7.03 -12.72 0.17
CA TRP B 162 7.36 -11.39 -0.33
C TRP B 162 8.15 -10.62 0.74
N GLU B 163 8.61 -9.42 0.39
CA GLU B 163 9.38 -8.56 1.31
C GLU B 163 9.05 -7.10 0.98
N TRP B 164 9.14 -6.24 1.97
CA TRP B 164 8.74 -4.83 1.92
C TRP B 164 9.56 -4.03 2.91
N ASN B 165 9.78 -2.75 2.63
CA ASN B 165 10.49 -1.87 3.56
C ASN B 165 9.50 -1.22 4.57
N LEU B 166 10.02 -0.62 5.64
CA LEU B 166 9.23 0.14 6.61
C LEU B 166 10.03 1.36 7.08
N THR B 167 9.46 2.54 6.89
CA THR B 167 10.08 3.84 7.17
C THR B 167 9.50 4.41 8.45
N ILE B 168 10.36 4.77 9.38
CA ILE B 168 9.94 5.32 10.67
C ILE B 168 10.27 6.82 10.64
N LYS B 169 9.30 7.68 10.95
CA LYS B 169 9.44 9.13 10.99
C LYS B 169 9.26 9.63 12.42
N LYS B 170 9.78 10.82 12.73
CA LYS B 170 9.66 11.47 14.06
C LYS B 170 8.22 11.83 14.43
N ASP B 171 7.39 12.14 13.44
CA ASP B 171 5.99 12.50 13.55
C ASP B 171 5.17 11.93 12.38
N TRP B 172 3.84 11.94 12.50
CA TRP B 172 2.90 11.51 11.45
C TRP B 172 1.46 12.04 11.64
N LYS B 173 1.28 13.00 12.55
CA LYS B 173 -0.02 13.50 13.04
C LYS B 173 0.12 14.77 13.89
N ASP B 174 1.14 14.82 14.74
CA ASP B 174 1.46 15.96 15.64
C ASP B 174 2.01 17.19 14.88
N GLY A 1 14.75 10.59 -15.14
CA GLY A 1 14.34 11.40 -13.99
C GLY A 1 12.88 11.84 -14.04
N LEU A 2 11.93 10.99 -14.45
CA LEU A 2 10.50 11.35 -14.57
C LEU A 2 9.58 10.45 -13.73
N TYR A 3 8.60 11.06 -13.07
CA TYR A 3 7.58 10.36 -12.27
C TYR A 3 6.68 9.46 -13.12
N SER A 4 6.43 9.81 -14.38
CA SER A 4 5.76 8.97 -15.37
C SER A 4 6.50 7.64 -15.66
N SER A 5 7.82 7.60 -15.44
CA SER A 5 8.65 6.38 -15.63
C SER A 5 8.48 5.32 -14.53
N LEU A 6 7.96 5.69 -13.34
CA LEU A 6 7.67 4.74 -12.26
C LEU A 6 6.50 3.78 -12.60
N PRO A 7 6.49 2.57 -12.01
CA PRO A 7 5.41 1.60 -12.22
C PRO A 7 4.08 2.04 -11.59
N PRO A 8 2.94 1.45 -12.02
CA PRO A 8 1.62 1.85 -11.53
C PRO A 8 1.43 1.59 -10.04
N ALA A 9 2.01 0.49 -9.53
CA ALA A 9 2.03 0.16 -8.11
C ALA A 9 2.73 1.23 -7.26
N LYS A 10 3.85 1.81 -7.75
CA LYS A 10 4.56 2.88 -7.04
C LYS A 10 3.73 4.15 -6.89
N ARG A 11 2.99 4.55 -7.93
CA ARG A 11 2.16 5.76 -7.86
C ARG A 11 1.05 5.64 -6.81
N GLU A 12 0.40 4.47 -6.72
CA GLU A 12 -0.52 4.17 -5.61
C GLU A 12 0.17 4.12 -4.25
N GLU A 13 1.37 3.54 -4.14
CA GLU A 13 2.11 3.54 -2.88
C GLU A 13 2.48 4.94 -2.38
N VAL A 14 2.89 5.88 -3.25
CA VAL A 14 3.12 7.28 -2.86
C VAL A 14 1.88 7.91 -2.21
N GLU A 15 0.67 7.55 -2.66
CA GLU A 15 -0.57 8.03 -2.06
C GLU A 15 -0.90 7.29 -0.74
N LYS A 16 -0.87 5.97 -0.77
CA LYS A 16 -1.28 5.11 0.34
C LYS A 16 -0.39 5.24 1.57
N LEU A 17 0.92 5.45 1.39
CA LEU A 17 1.83 5.75 2.50
C LEU A 17 1.72 7.21 3.00
N LEU A 18 1.37 8.16 2.13
CA LEU A 18 1.14 9.56 2.52
C LEU A 18 -0.12 9.74 3.39
N ASN A 19 -1.11 8.84 3.29
CA ASN A 19 -2.27 8.83 4.20
C ASN A 19 -1.88 8.59 5.69
N GLY A 20 -0.70 8.01 5.95
CA GLY A 20 -0.16 7.87 7.30
C GLY A 20 0.87 8.92 7.67
N SER A 21 1.49 9.60 6.70
CA SER A 21 2.21 10.85 6.97
C SER A 21 1.25 11.93 7.49
N ALA A 22 1.76 13.14 7.74
CA ALA A 22 0.99 14.28 8.25
C ALA A 22 -0.31 14.58 7.48
N GLY A 23 -0.45 14.09 6.24
CA GLY A 23 -1.71 14.05 5.48
C GLY A 23 -1.95 15.33 4.67
N ASP A 24 -1.32 16.42 5.11
CA ASP A 24 -1.14 17.67 4.39
C ASP A 24 0.30 17.84 3.87
N THR A 25 1.13 16.79 3.86
CA THR A 25 2.50 16.86 3.30
C THR A 25 2.50 17.34 1.84
N TRP A 26 1.51 16.90 1.04
CA TRP A 26 1.30 17.36 -0.33
C TRP A 26 1.05 18.88 -0.44
N ARG A 27 0.48 19.47 0.61
CA ARG A 27 0.12 20.90 0.69
C ARG A 27 1.37 21.77 0.84
N HIS A 28 2.37 21.27 1.59
CA HIS A 28 3.69 21.88 1.67
C HIS A 28 4.46 21.74 0.35
N LEU A 29 4.35 20.58 -0.33
CA LEU A 29 4.92 20.40 -1.68
C LEU A 29 4.37 21.40 -2.70
N ALA A 30 3.05 21.61 -2.76
CA ALA A 30 2.44 22.57 -3.68
C ALA A 30 3.05 23.98 -3.57
N GLY A 31 3.24 24.48 -2.33
CA GLY A 31 3.91 25.76 -2.07
C GLY A 31 5.34 25.84 -2.62
N GLU A 32 6.14 24.80 -2.43
CA GLU A 32 7.52 24.75 -2.92
C GLU A 32 7.65 24.46 -4.43
N LEU A 33 6.67 23.78 -5.03
CA LEU A 33 6.54 23.60 -6.49
C LEU A 33 6.10 24.89 -7.22
N GLY A 34 5.70 25.93 -6.49
CA GLY A 34 5.19 27.18 -7.06
C GLY A 34 3.73 27.12 -7.54
N TYR A 35 2.94 26.14 -7.10
CA TYR A 35 1.50 26.07 -7.39
C TYR A 35 0.75 27.28 -6.82
N GLN A 36 -0.35 27.65 -7.50
CA GLN A 36 -1.22 28.75 -7.05
C GLN A 36 -1.96 28.44 -5.74
N PRO A 37 -2.33 29.46 -4.95
CA PRO A 37 -3.05 29.27 -3.69
C PRO A 37 -4.47 28.72 -3.89
N GLU A 38 -5.12 29.06 -5.02
CA GLU A 38 -6.46 28.56 -5.34
C GLU A 38 -6.51 27.04 -5.57
N HIS A 39 -5.41 26.45 -6.08
CA HIS A 39 -5.30 25.00 -6.21
C HIS A 39 -5.28 24.31 -4.85
N ILE A 40 -4.56 24.88 -3.88
CA ILE A 40 -4.51 24.40 -2.49
C ILE A 40 -5.91 24.41 -1.87
N ASP A 41 -6.66 25.51 -1.99
CA ASP A 41 -8.04 25.60 -1.50
C ASP A 41 -9.03 24.64 -2.21
N SER A 42 -8.84 24.34 -3.50
CA SER A 42 -9.61 23.30 -4.18
C SER A 42 -9.30 21.89 -3.64
N PHE A 43 -8.04 21.62 -3.27
CA PHE A 43 -7.60 20.33 -2.74
C PHE A 43 -7.96 20.13 -1.25
N THR A 44 -7.89 21.15 -0.39
CA THR A 44 -8.27 21.03 1.04
C THR A 44 -9.74 20.67 1.25
N HIS A 45 -10.60 20.88 0.24
CA HIS A 45 -12.01 20.50 0.26
C HIS A 45 -12.27 19.03 -0.17
N GLU A 46 -11.23 18.24 -0.45
CA GLU A 46 -11.30 16.82 -0.86
C GLU A 46 -10.79 15.90 0.26
N ALA A 47 -11.28 14.66 0.29
CA ALA A 47 -10.87 13.65 1.27
C ALA A 47 -9.50 13.03 0.97
N CYS A 48 -9.15 12.85 -0.31
CA CYS A 48 -7.89 12.25 -0.75
C CYS A 48 -7.16 13.10 -1.82
N PRO A 49 -6.87 14.40 -1.55
CA PRO A 49 -6.30 15.34 -2.52
C PRO A 49 -4.89 14.99 -2.97
N VAL A 50 -4.11 14.30 -2.13
CA VAL A 50 -2.78 13.78 -2.48
C VAL A 50 -2.79 12.99 -3.79
N ARG A 51 -3.84 12.20 -4.03
CA ARG A 51 -4.02 11.38 -5.24
C ARG A 51 -4.25 12.24 -6.47
N ALA A 52 -5.11 13.26 -6.34
CA ALA A 52 -5.39 14.23 -7.39
C ALA A 52 -4.18 15.13 -7.71
N LEU A 53 -3.36 15.51 -6.71
CA LEU A 53 -2.15 16.29 -6.94
C LEU A 53 -1.15 15.50 -7.80
N LEU A 54 -0.84 14.25 -7.45
CA LEU A 54 0.05 13.42 -8.26
C LEU A 54 -0.49 13.20 -9.69
N ALA A 55 -1.80 13.07 -9.87
CA ALA A 55 -2.42 13.03 -11.21
C ALA A 55 -2.20 14.34 -12.00
N SER A 56 -2.55 15.49 -11.43
CA SER A 56 -2.39 16.80 -12.06
C SER A 56 -0.92 17.21 -12.27
N TRP A 57 0.00 16.67 -11.46
CA TRP A 57 1.43 16.89 -11.63
C TRP A 57 2.02 16.01 -12.74
N ALA A 58 1.67 14.72 -12.78
CA ALA A 58 2.11 13.79 -13.82
C ALA A 58 1.66 14.17 -15.25
N THR A 59 0.65 15.04 -15.43
CA THR A 59 0.24 15.55 -16.75
C THR A 59 1.22 16.52 -17.43
N GLN A 60 2.36 16.85 -16.79
CA GLN A 60 3.38 17.75 -17.32
C GLN A 60 4.82 17.24 -17.11
N ASP A 61 5.76 17.68 -17.96
CA ASP A 61 7.19 17.34 -17.84
C ASP A 61 7.86 17.88 -16.57
N SER A 62 7.24 18.85 -15.88
CA SER A 62 7.67 19.34 -14.55
C SER A 62 7.65 18.25 -13.47
N ALA A 63 6.97 17.11 -13.72
CA ALA A 63 6.95 15.93 -12.87
C ALA A 63 8.29 15.16 -12.82
N THR A 64 9.44 15.85 -12.81
CA THR A 64 10.75 15.19 -12.69
C THR A 64 11.00 14.70 -11.27
N LEU A 65 11.60 13.51 -11.14
CA LEU A 65 11.98 12.97 -9.83
C LEU A 65 12.90 13.95 -9.12
N ASP A 66 13.89 14.50 -9.83
CA ASP A 66 14.81 15.51 -9.30
C ASP A 66 14.08 16.73 -8.70
N ALA A 67 13.01 17.23 -9.33
CA ALA A 67 12.18 18.29 -8.75
C ALA A 67 11.36 17.84 -7.53
N LEU A 68 10.75 16.64 -7.56
CA LEU A 68 9.96 16.12 -6.43
C LEU A 68 10.86 15.91 -5.19
N LEU A 69 12.00 15.27 -5.40
CA LEU A 69 13.00 14.98 -4.37
C LEU A 69 13.58 16.28 -3.78
N ALA A 70 13.93 17.26 -4.62
CA ALA A 70 14.38 18.58 -4.17
C ALA A 70 13.33 19.31 -3.32
N ALA A 71 12.06 19.32 -3.75
CA ALA A 71 10.97 19.93 -2.99
C ALA A 71 10.68 19.20 -1.66
N LEU A 72 10.71 17.86 -1.63
CA LEU A 72 10.59 17.06 -0.40
C LEU A 72 11.69 17.41 0.63
N ARG A 73 12.92 17.73 0.19
CA ARG A 73 14.01 18.15 1.09
C ARG A 73 13.70 19.47 1.81
N ARG A 74 13.08 20.43 1.12
CA ARG A 74 12.72 21.75 1.67
C ARG A 74 11.68 21.67 2.80
N ILE A 75 10.84 20.63 2.77
CA ILE A 75 9.74 20.41 3.72
C ILE A 75 10.08 19.36 4.79
N GLN A 76 11.38 19.07 4.98
CA GLN A 76 11.92 18.10 5.94
C GLN A 76 11.30 16.69 5.78
N ARG A 77 11.38 16.15 4.55
CA ARG A 77 10.92 14.80 4.18
C ARG A 77 12.00 13.92 3.55
N ALA A 78 13.28 14.22 3.78
CA ALA A 78 14.42 13.38 3.35
C ALA A 78 14.32 11.90 3.80
N ASP A 79 13.67 11.63 4.93
CA ASP A 79 13.29 10.30 5.38
C ASP A 79 12.33 9.55 4.43
N LEU A 80 11.19 10.16 4.07
CA LEU A 80 10.24 9.57 3.13
C LEU A 80 10.85 9.45 1.72
N VAL A 81 11.65 10.44 1.32
CA VAL A 81 12.38 10.45 0.04
C VAL A 81 13.20 9.19 -0.14
N GLU A 82 14.06 8.84 0.81
CA GLU A 82 14.94 7.66 0.69
C GLU A 82 14.15 6.36 0.46
N SER A 83 13.01 6.23 1.13
CA SER A 83 12.09 5.08 1.03
C SER A 83 11.44 4.91 -0.34
N LEU A 84 10.95 6.00 -0.94
CA LEU A 84 10.34 5.97 -2.26
C LEU A 84 11.41 5.93 -3.37
N CYS A 85 12.56 6.56 -3.12
CA CYS A 85 13.73 6.51 -3.98
C CYS A 85 14.30 5.09 -4.14
N SER A 86 14.03 4.16 -3.22
CA SER A 86 14.41 2.74 -3.34
C SER A 86 13.96 2.08 -4.65
N GLU A 87 12.78 2.43 -5.18
CA GLU A 87 12.34 2.03 -6.53
C GLU A 87 12.68 3.11 -7.56
N SER A 88 12.62 4.39 -7.17
CA SER A 88 12.91 5.55 -8.01
C SER A 88 14.42 5.81 -8.26
N THR A 89 15.25 4.76 -8.30
CA THR A 89 16.70 4.79 -8.55
C THR A 89 17.09 5.15 -10.00
N ALA A 90 16.70 6.36 -10.44
CA ALA A 90 17.09 6.94 -11.74
C ALA A 90 18.50 7.57 -11.72
N THR A 91 19.03 7.92 -10.54
CA THR A 91 20.31 8.61 -10.34
C THR A 91 21.43 7.64 -9.94
N SER A 92 22.12 7.02 -10.92
CA SER A 92 23.18 6.03 -10.68
C SER A 92 24.20 5.89 -11.82
N PRO A 93 25.39 5.30 -11.57
CA PRO A 93 26.43 5.09 -12.58
C PRO A 93 26.07 3.92 -13.53
N VAL A 94 26.01 4.21 -14.84
CA VAL A 94 25.63 3.28 -15.93
C VAL A 94 26.33 1.91 -15.91
N ALA B 1 -45.60 31.25 4.04
CA ALA B 1 -44.31 30.62 3.74
C ALA B 1 -43.51 30.13 4.98
N GLN B 2 -43.94 28.99 5.56
CA GLN B 2 -43.30 28.37 6.72
C GLN B 2 -43.40 26.83 6.77
N LYS B 3 -44.36 26.22 6.07
CA LYS B 3 -44.52 24.74 6.00
C LYS B 3 -44.43 24.26 4.54
N SER B 4 -43.86 23.08 4.33
CA SER B 4 -43.62 22.51 2.98
C SER B 4 -43.70 20.98 3.01
N ILE B 5 -44.25 20.37 1.95
CA ILE B 5 -44.37 18.90 1.82
C ILE B 5 -43.40 18.35 0.75
N GLN B 6 -42.86 19.21 -0.13
CA GLN B 6 -41.78 18.83 -1.05
C GLN B 6 -40.51 18.32 -0.33
N GLU B 7 -40.28 18.66 0.93
CA GLU B 7 -39.17 18.15 1.74
C GLU B 7 -39.14 16.60 1.85
N ILE B 8 -40.29 15.93 1.68
CA ILE B 8 -40.38 14.46 1.58
C ILE B 8 -40.74 13.99 0.16
N GLN B 9 -41.46 14.79 -0.64
CA GLN B 9 -41.83 14.43 -2.01
C GLN B 9 -40.69 14.65 -3.05
N GLU B 10 -39.55 15.24 -2.65
CA GLU B 10 -38.34 15.40 -3.48
C GLU B 10 -37.69 14.09 -3.96
N LEU B 11 -38.24 12.92 -3.64
CA LEU B 11 -37.75 11.65 -4.19
C LEU B 11 -37.91 11.55 -5.72
N ASP B 12 -38.92 12.21 -6.31
CA ASP B 12 -39.17 12.19 -7.76
C ASP B 12 -38.19 13.03 -8.61
N LYS B 13 -37.47 13.99 -8.00
CA LYS B 13 -36.40 14.78 -8.68
C LYS B 13 -35.05 14.07 -8.74
N ASP B 14 -34.90 12.99 -7.97
CA ASP B 14 -33.62 12.31 -7.75
C ASP B 14 -33.80 10.77 -7.63
N ASP B 15 -34.87 10.23 -8.21
CA ASP B 15 -35.13 8.78 -8.29
C ASP B 15 -34.02 8.01 -9.02
N GLU B 16 -33.29 8.70 -9.90
CA GLU B 16 -32.08 8.22 -10.55
C GLU B 16 -30.92 7.98 -9.56
N SER B 17 -30.91 8.66 -8.41
CA SER B 17 -29.92 8.43 -7.33
C SER B 17 -30.10 7.08 -6.65
N LEU B 18 -31.26 6.43 -6.79
CA LEU B 18 -31.52 5.08 -6.25
C LEU B 18 -31.00 3.96 -7.17
N ARG B 19 -30.66 4.27 -8.43
CA ARG B 19 -30.17 3.29 -9.43
C ARG B 19 -28.84 2.65 -9.02
N LYS B 20 -28.02 3.36 -8.22
CA LYS B 20 -26.83 2.81 -7.55
C LYS B 20 -27.13 1.65 -6.61
N TYR B 21 -28.30 1.65 -5.95
CA TYR B 21 -28.73 0.59 -5.04
C TYR B 21 -29.21 -0.65 -5.81
N LYS B 22 -29.86 -0.47 -6.97
CA LYS B 22 -30.10 -1.57 -7.93
C LYS B 22 -28.79 -2.21 -8.41
N GLU B 23 -27.72 -1.44 -8.60
CA GLU B 23 -26.43 -1.97 -9.09
C GLU B 23 -25.86 -3.07 -8.16
N ALA B 24 -26.10 -2.98 -6.85
CA ALA B 24 -25.71 -4.02 -5.89
C ALA B 24 -26.41 -5.37 -6.12
N LEU B 25 -27.59 -5.39 -6.76
CA LEU B 25 -28.32 -6.61 -7.14
C LEU B 25 -27.58 -7.42 -8.23
N LEU B 26 -26.67 -6.77 -8.97
CA LEU B 26 -25.83 -7.37 -10.02
C LEU B 26 -24.33 -7.13 -9.77
N GLY B 27 -23.94 -6.96 -8.50
CA GLY B 27 -22.53 -6.92 -8.08
C GLY B 27 -21.83 -8.28 -8.15
N ARG B 28 -22.58 -9.38 -8.07
CA ARG B 28 -22.06 -10.76 -8.06
C ARG B 28 -21.78 -11.32 -9.47
N VAL B 29 -21.14 -10.51 -10.32
CA VAL B 29 -20.77 -10.82 -11.70
C VAL B 29 -19.28 -11.21 -11.85
N ALA B 30 -18.65 -11.60 -10.74
CA ALA B 30 -17.26 -12.02 -10.64
C ALA B 30 -17.13 -13.53 -10.36
N VAL B 31 -18.05 -14.34 -10.93
CA VAL B 31 -18.04 -15.81 -10.83
C VAL B 31 -16.77 -16.39 -11.44
N SER B 32 -15.88 -16.86 -10.56
CA SER B 32 -14.55 -17.40 -10.88
C SER B 32 -14.27 -18.62 -10.01
N ALA B 33 -14.87 -19.74 -10.39
CA ALA B 33 -14.72 -21.05 -9.73
C ALA B 33 -13.88 -22.05 -10.54
N ASP B 34 -13.26 -21.59 -11.64
CA ASP B 34 -12.32 -22.35 -12.48
C ASP B 34 -11.01 -22.72 -11.75
N PRO B 35 -10.26 -23.73 -12.23
CA PRO B 35 -8.96 -24.09 -11.68
C PRO B 35 -7.85 -23.08 -12.02
N ASN B 36 -8.11 -22.14 -12.93
CA ASN B 36 -7.16 -21.10 -13.33
C ASN B 36 -6.96 -20.00 -12.26
N VAL B 37 -7.78 -19.98 -11.21
CA VAL B 37 -7.65 -19.07 -10.05
C VAL B 37 -7.34 -19.84 -8.75
N PRO B 38 -6.65 -19.22 -7.77
CA PRO B 38 -6.33 -19.83 -6.46
C PRO B 38 -7.57 -19.98 -5.57
N ASN B 39 -7.41 -20.48 -4.33
CA ASN B 39 -8.54 -20.73 -3.40
C ASN B 39 -8.69 -19.64 -2.31
N VAL B 40 -7.60 -19.02 -1.89
CA VAL B 40 -7.50 -17.97 -0.86
C VAL B 40 -6.35 -17.03 -1.25
N VAL B 41 -6.61 -15.73 -1.33
CA VAL B 41 -5.60 -14.71 -1.64
C VAL B 41 -5.90 -13.44 -0.84
N VAL B 42 -4.85 -12.89 -0.24
CA VAL B 42 -4.86 -11.55 0.36
C VAL B 42 -5.21 -10.48 -0.68
N THR B 43 -6.33 -9.78 -0.52
CA THR B 43 -6.73 -8.66 -1.39
C THR B 43 -5.93 -7.40 -1.05
N GLY B 44 -5.63 -7.23 0.24
CA GLY B 44 -4.74 -6.20 0.72
C GLY B 44 -4.45 -6.30 2.22
N LEU B 45 -3.32 -5.77 2.63
CA LEU B 45 -3.04 -5.47 4.04
C LEU B 45 -3.57 -4.07 4.34
N THR B 46 -4.08 -3.87 5.55
CA THR B 46 -4.58 -2.60 6.05
C THR B 46 -3.89 -2.29 7.37
N LEU B 47 -3.49 -1.04 7.54
CA LEU B 47 -2.84 -0.56 8.76
C LEU B 47 -3.85 0.28 9.54
N VAL B 48 -4.16 -0.19 10.75
CA VAL B 48 -5.06 0.48 11.70
C VAL B 48 -4.23 1.20 12.75
N CYS B 49 -4.58 2.44 13.01
CA CYS B 49 -3.87 3.31 13.93
C CYS B 49 -4.71 4.54 14.28
N SER B 50 -5.40 4.49 15.43
CA SER B 50 -6.17 5.63 15.96
C SER B 50 -5.33 6.88 16.24
N SER B 51 -4.01 6.73 16.40
CA SER B 51 -3.06 7.84 16.49
C SER B 51 -2.68 8.49 15.14
N ALA B 52 -3.16 7.98 14.00
CA ALA B 52 -2.91 8.52 12.66
C ALA B 52 -4.02 9.49 12.19
N PRO B 53 -3.76 10.36 11.18
CA PRO B 53 -4.76 11.26 10.62
C PRO B 53 -5.78 10.55 9.70
N GLY B 54 -5.44 9.34 9.22
CA GLY B 54 -6.32 8.48 8.43
C GLY B 54 -5.80 7.04 8.36
N PRO B 55 -6.63 6.07 7.92
CA PRO B 55 -6.21 4.69 7.72
C PRO B 55 -5.26 4.55 6.51
N LEU B 56 -4.53 3.44 6.47
CA LEU B 56 -3.59 3.10 5.40
C LEU B 56 -3.86 1.68 4.87
N GLU B 57 -3.46 1.38 3.64
CA GLU B 57 -3.62 0.06 3.04
C GLU B 57 -2.65 -0.22 1.89
N LEU B 58 -2.48 -1.50 1.54
CA LEU B 58 -1.73 -1.94 0.36
C LEU B 58 -2.44 -3.08 -0.35
N ASP B 59 -2.60 -2.93 -1.67
CA ASP B 59 -3.15 -3.95 -2.56
C ASP B 59 -2.23 -5.20 -2.62
N LEU B 60 -2.78 -6.38 -2.91
CA LEU B 60 -2.01 -7.64 -2.89
C LEU B 60 -2.35 -8.61 -4.05
N THR B 61 -2.83 -8.06 -5.17
CA THR B 61 -3.29 -8.81 -6.35
C THR B 61 -2.55 -8.39 -7.63
N GLY B 62 -1.29 -7.97 -7.49
CA GLY B 62 -0.41 -7.50 -8.57
C GLY B 62 1.07 -7.85 -8.34
N ASP B 63 2.00 -7.17 -9.02
CA ASP B 63 3.45 -7.40 -8.94
C ASP B 63 4.02 -7.19 -7.52
N LEU B 64 4.29 -8.29 -6.81
CA LEU B 64 4.88 -8.26 -5.46
C LEU B 64 6.34 -7.77 -5.45
N GLU B 65 7.01 -7.73 -6.60
CA GLU B 65 8.35 -7.15 -6.77
C GLU B 65 8.43 -5.67 -6.41
N SER B 66 7.34 -4.92 -6.60
CA SER B 66 7.27 -3.50 -6.25
C SER B 66 7.35 -3.28 -4.74
N PHE B 67 6.64 -4.11 -3.96
CA PHE B 67 6.62 -4.01 -2.50
C PHE B 67 8.01 -4.21 -1.87
N LYS B 68 8.91 -4.95 -2.53
CA LYS B 68 10.31 -5.15 -2.09
C LYS B 68 11.12 -3.85 -1.94
N LYS B 69 10.68 -2.76 -2.59
CA LYS B 69 11.31 -1.42 -2.55
C LYS B 69 10.41 -0.41 -1.85
N GLN B 70 9.12 -0.41 -2.17
CA GLN B 70 8.12 0.48 -1.58
C GLN B 70 8.02 0.29 -0.05
N SER B 71 7.55 1.29 0.69
CA SER B 71 7.40 1.19 2.14
C SER B 71 6.12 1.82 2.68
N PHE B 72 5.88 1.69 3.98
CA PHE B 72 4.85 2.42 4.72
C PHE B 72 5.40 3.58 5.56
N VAL B 73 4.50 4.30 6.25
CA VAL B 73 4.82 5.42 7.14
C VAL B 73 4.22 5.21 8.53
N LEU B 74 5.03 5.47 9.55
CA LEU B 74 4.70 5.50 10.98
C LEU B 74 5.53 6.57 11.69
N LYS B 75 5.31 6.79 12.99
CA LYS B 75 6.10 7.70 13.84
C LYS B 75 7.02 6.95 14.80
N GLU B 76 8.19 7.52 15.10
CA GLU B 76 9.12 6.97 16.09
C GLU B 76 8.47 6.81 17.48
N GLY B 77 8.50 5.59 18.04
CA GLY B 77 7.87 5.27 19.33
C GLY B 77 6.34 5.26 19.37
N VAL B 78 5.66 5.23 18.21
CA VAL B 78 4.19 5.20 18.17
C VAL B 78 3.65 3.77 18.26
N GLU B 79 2.40 3.62 18.70
CA GLU B 79 1.70 2.33 18.64
C GLU B 79 0.87 2.21 17.36
N TYR B 80 0.79 0.99 16.83
CA TYR B 80 0.10 0.66 15.57
C TYR B 80 -0.48 -0.75 15.58
N ARG B 81 -1.20 -1.12 14.52
CA ARG B 81 -1.94 -2.38 14.40
C ARG B 81 -1.91 -2.90 12.96
N ILE B 82 -1.76 -4.21 12.80
CA ILE B 82 -1.67 -4.86 11.49
C ILE B 82 -2.95 -5.65 11.21
N LYS B 83 -3.67 -5.29 10.14
CA LYS B 83 -4.87 -5.99 9.69
C LYS B 83 -4.61 -6.63 8.33
N ILE B 84 -4.93 -7.90 8.14
CA ILE B 84 -4.72 -8.57 6.85
C ILE B 84 -6.04 -9.02 6.25
N SER B 85 -6.41 -8.50 5.08
CA SER B 85 -7.69 -8.78 4.43
C SER B 85 -7.51 -9.78 3.28
N PHE B 86 -8.31 -10.84 3.26
CA PHE B 86 -8.17 -11.93 2.29
C PHE B 86 -9.54 -12.41 1.82
N ARG B 87 -9.68 -12.55 0.50
CA ARG B 87 -10.93 -12.96 -0.15
C ARG B 87 -10.86 -14.43 -0.55
N VAL B 88 -11.84 -15.21 -0.09
CA VAL B 88 -11.93 -16.64 -0.41
C VAL B 88 -12.49 -16.79 -1.82
N ASN B 89 -11.86 -17.63 -2.64
CA ASN B 89 -12.31 -17.86 -4.02
C ASN B 89 -13.42 -18.91 -4.07
N ARG B 90 -13.17 -20.12 -3.53
CA ARG B 90 -14.08 -21.29 -3.65
C ARG B 90 -13.59 -22.57 -2.94
N GLU B 91 -12.99 -22.50 -1.75
CA GLU B 91 -12.59 -23.71 -1.01
C GLU B 91 -12.54 -23.51 0.52
N ILE B 92 -12.70 -24.60 1.28
CA ILE B 92 -12.54 -24.58 2.75
C ILE B 92 -11.05 -24.73 3.11
N VAL B 93 -10.60 -23.94 4.08
CA VAL B 93 -9.24 -23.99 4.65
C VAL B 93 -9.33 -24.04 6.18
N SER B 94 -8.47 -24.85 6.80
CA SER B 94 -8.41 -25.03 8.25
C SER B 94 -6.98 -24.93 8.79
N GLY B 95 -6.84 -24.46 10.03
CA GLY B 95 -5.53 -24.15 10.62
C GLY B 95 -4.73 -23.07 9.90
N MET B 96 -5.41 -22.15 9.20
CA MET B 96 -4.78 -20.98 8.58
C MET B 96 -4.04 -20.15 9.63
N LYS B 97 -2.81 -19.76 9.31
CA LYS B 97 -1.94 -18.97 10.18
C LYS B 97 -1.24 -17.89 9.37
N TYR B 98 -1.18 -16.71 9.96
CA TYR B 98 -0.48 -15.55 9.42
C TYR B 98 0.76 -15.27 10.26
N ILE B 99 1.90 -15.08 9.61
CA ILE B 99 3.18 -14.81 10.25
C ILE B 99 3.77 -13.55 9.63
N GLN B 100 4.32 -12.67 10.47
CA GLN B 100 4.93 -11.42 10.05
C GLN B 100 6.25 -11.23 10.82
N HIS B 101 7.33 -11.06 10.08
CA HIS B 101 8.67 -10.86 10.64
C HIS B 101 9.07 -9.39 10.55
N THR B 102 9.91 -8.91 11.48
CA THR B 102 10.41 -7.52 11.45
C THR B 102 11.94 -7.52 11.44
N TYR B 103 12.51 -6.76 10.50
CA TYR B 103 13.95 -6.63 10.30
C TYR B 103 14.34 -5.15 10.35
N ARG B 104 15.26 -4.78 11.23
CA ARG B 104 15.80 -3.42 11.37
C ARG B 104 17.08 -3.28 10.54
N LYS B 105 17.20 -2.28 9.65
CA LYS B 105 18.41 -2.03 8.81
C LYS B 105 19.07 -3.29 8.20
N GLY B 106 18.28 -4.30 7.85
CA GLY B 106 18.76 -5.59 7.32
C GLY B 106 19.15 -6.64 8.38
N VAL B 107 18.62 -6.54 9.60
CA VAL B 107 18.91 -7.38 10.77
C VAL B 107 17.61 -7.87 11.38
N LYS B 108 17.41 -9.19 11.40
CA LYS B 108 16.27 -9.83 12.07
C LYS B 108 16.28 -9.55 13.58
N ILE B 109 15.13 -9.14 14.12
CA ILE B 109 14.99 -8.83 15.57
C ILE B 109 13.94 -9.73 16.24
N ASP B 110 12.79 -9.93 15.60
CA ASP B 110 11.76 -10.88 16.04
C ASP B 110 10.68 -11.10 14.96
N LYS B 111 9.72 -11.98 15.24
CA LYS B 111 8.51 -12.19 14.42
C LYS B 111 7.27 -12.50 15.26
N THR B 112 6.10 -12.26 14.69
CA THR B 112 4.79 -12.48 15.31
C THR B 112 4.01 -13.46 14.45
N ASP B 113 3.32 -14.40 15.11
CA ASP B 113 2.59 -15.50 14.47
C ASP B 113 1.26 -15.72 15.18
N TYR B 114 0.17 -15.65 14.41
CA TYR B 114 -1.19 -15.70 14.95
C TYR B 114 -2.11 -16.54 14.04
N MET B 115 -2.81 -17.50 14.63
CA MET B 115 -3.76 -18.36 13.92
C MET B 115 -5.05 -17.60 13.62
N VAL B 116 -5.39 -17.43 12.34
CA VAL B 116 -6.64 -16.80 11.92
C VAL B 116 -7.84 -17.74 12.06
N GLY B 117 -7.63 -19.06 12.02
CA GLY B 117 -8.65 -20.08 12.27
C GLY B 117 -8.97 -20.95 11.05
N SER B 118 -10.27 -21.17 10.80
CA SER B 118 -10.78 -21.87 9.62
C SER B 118 -11.90 -21.07 8.93
N TYR B 119 -11.97 -21.16 7.60
CA TYR B 119 -12.88 -20.39 6.76
C TYR B 119 -13.35 -21.20 5.54
N GLY B 120 -14.56 -20.90 5.04
CA GLY B 120 -15.18 -21.64 3.93
C GLY B 120 -15.46 -20.77 2.70
N PRO B 121 -15.93 -21.38 1.60
CA PRO B 121 -16.19 -20.68 0.35
C PRO B 121 -17.29 -19.62 0.49
N ARG B 122 -16.88 -18.35 0.49
CA ARG B 122 -17.74 -17.16 0.59
C ARG B 122 -17.33 -16.12 -0.44
N ALA B 123 -18.31 -15.43 -1.00
CA ALA B 123 -18.08 -14.27 -1.88
C ALA B 123 -17.40 -13.10 -1.13
N GLU B 124 -17.61 -13.01 0.19
CA GLU B 124 -17.00 -12.00 1.05
C GLU B 124 -15.49 -12.22 1.30
N GLU B 125 -14.86 -11.23 1.94
CA GLU B 125 -13.49 -11.33 2.44
C GLU B 125 -13.49 -11.33 3.97
N TYR B 126 -12.59 -12.14 4.53
CA TYR B 126 -12.33 -12.17 5.97
C TYR B 126 -11.03 -11.42 6.28
N GLU B 127 -10.82 -11.09 7.55
CA GLU B 127 -9.59 -10.43 7.97
C GLU B 127 -9.21 -10.80 9.40
N PHE B 128 -7.96 -10.51 9.78
CA PHE B 128 -7.46 -10.70 11.14
C PHE B 128 -6.70 -9.45 11.59
N LEU B 129 -6.87 -9.03 12.84
CA LEU B 129 -6.28 -7.82 13.41
C LEU B 129 -5.42 -8.20 14.64
N THR B 130 -4.16 -7.79 14.68
CA THR B 130 -3.25 -8.04 15.81
C THR B 130 -3.57 -7.17 17.04
N PRO B 131 -2.98 -7.49 18.22
CA PRO B 131 -2.99 -6.59 19.38
C PRO B 131 -2.13 -5.33 19.16
N VAL B 132 -2.10 -4.45 20.16
CA VAL B 132 -1.22 -3.26 20.18
C VAL B 132 0.26 -3.65 19.98
N GLU B 133 0.98 -2.92 19.11
CA GLU B 133 2.42 -3.09 18.89
C GLU B 133 3.14 -1.73 18.90
N GLU B 134 4.21 -1.62 19.69
CA GLU B 134 5.05 -0.43 19.77
C GLU B 134 6.09 -0.36 18.63
N ALA B 135 6.49 0.85 18.22
CA ALA B 135 7.57 1.07 17.26
C ALA B 135 8.89 1.46 17.97
N PRO B 136 10.06 1.27 17.34
CA PRO B 136 11.36 1.72 17.86
C PRO B 136 11.50 3.26 17.84
N LYS B 137 12.51 3.81 18.54
CA LYS B 137 12.73 5.26 18.69
C LYS B 137 14.16 5.71 18.39
N GLY B 138 14.31 7.00 18.07
CA GLY B 138 15.58 7.65 17.74
C GLY B 138 15.80 7.77 16.23
N MET B 139 16.53 8.78 15.78
CA MET B 139 16.71 9.04 14.35
C MET B 139 17.46 7.91 13.62
N LEU B 140 18.36 7.19 14.31
CA LEU B 140 19.04 6.01 13.78
C LEU B 140 18.05 4.83 13.55
N ALA B 141 16.91 4.85 14.25
CA ALA B 141 15.80 3.91 14.10
C ALA B 141 14.62 4.50 13.29
N ARG B 142 14.85 5.64 12.61
CA ARG B 142 13.94 6.25 11.62
C ARG B 142 14.33 5.90 10.17
N GLY B 143 15.10 4.82 10.00
CA GLY B 143 15.33 4.18 8.71
C GLY B 143 14.14 3.33 8.24
N SER B 144 14.39 2.51 7.23
CA SER B 144 13.41 1.56 6.67
C SER B 144 13.62 0.16 7.25
N TYR B 145 12.53 -0.42 7.75
CA TYR B 145 12.45 -1.79 8.24
C TYR B 145 11.98 -2.69 7.12
N SER B 146 12.57 -3.88 6.97
CA SER B 146 12.02 -4.92 6.10
C SER B 146 10.99 -5.74 6.88
N ILE B 147 9.85 -6.03 6.25
CA ILE B 147 8.83 -6.93 6.78
C ILE B 147 8.57 -8.02 5.75
N LYS B 148 8.45 -9.25 6.24
CA LYS B 148 8.06 -10.43 5.47
C LYS B 148 6.76 -10.95 6.06
N SER B 149 5.75 -11.16 5.23
CA SER B 149 4.44 -11.67 5.67
C SER B 149 4.00 -12.85 4.81
N ARG B 150 3.60 -13.94 5.48
CA ARG B 150 3.35 -15.24 4.86
C ARG B 150 2.08 -15.88 5.40
N PHE B 151 1.25 -16.39 4.49
CA PHE B 151 0.04 -17.15 4.80
C PHE B 151 0.22 -18.64 4.48
N THR B 152 -0.04 -19.49 5.48
CA THR B 152 0.04 -20.95 5.39
C THR B 152 -1.12 -21.58 6.16
N ASP B 153 -1.30 -22.90 6.06
CA ASP B 153 -2.38 -23.66 6.71
C ASP B 153 -1.86 -24.95 7.36
N ASP B 154 -2.72 -25.71 8.05
CA ASP B 154 -2.30 -26.98 8.67
C ASP B 154 -1.88 -28.06 7.64
N ASP B 155 -2.24 -27.88 6.37
CA ASP B 155 -1.82 -28.72 5.24
C ASP B 155 -0.43 -28.34 4.66
N LYS B 156 0.28 -27.39 5.31
CA LYS B 156 1.58 -26.82 4.86
C LYS B 156 1.50 -26.03 3.53
N THR B 157 0.31 -25.78 2.99
CA THR B 157 0.13 -25.10 1.70
C THR B 157 0.26 -23.58 1.84
N ASP B 158 1.32 -23.00 1.27
CA ASP B 158 1.47 -21.55 1.12
C ASP B 158 0.41 -20.99 0.16
N HIS B 159 -0.49 -20.13 0.65
CA HIS B 159 -1.51 -19.46 -0.16
C HIS B 159 -0.92 -18.26 -0.91
N LEU B 160 -0.23 -17.39 -0.17
CA LEU B 160 0.56 -16.29 -0.70
C LEU B 160 1.58 -15.86 0.36
N SER B 161 2.66 -15.24 -0.10
CA SER B 161 3.61 -14.53 0.75
C SER B 161 4.21 -13.35 0.00
N TRP B 162 4.44 -12.26 0.71
CA TRP B 162 5.03 -11.03 0.17
C TRP B 162 5.94 -10.35 1.19
N GLU B 163 6.60 -9.28 0.76
CA GLU B 163 7.57 -8.56 1.60
C GLU B 163 7.44 -7.07 1.27
N TRP B 164 7.46 -6.23 2.30
CA TRP B 164 7.19 -4.79 2.21
C TRP B 164 8.06 -4.06 3.22
N ASN B 165 8.45 -2.82 2.94
CA ASN B 165 9.25 -2.04 3.89
C ASN B 165 8.36 -1.13 4.74
N LEU B 166 8.90 -0.59 5.83
CA LEU B 166 8.21 0.31 6.75
C LEU B 166 9.17 1.39 7.22
N THR B 167 8.87 2.63 6.84
CA THR B 167 9.67 3.80 7.21
C THR B 167 9.03 4.47 8.42
N ILE B 168 9.89 4.83 9.36
CA ILE B 168 9.50 5.49 10.59
C ILE B 168 10.01 6.94 10.53
N LYS B 169 9.11 7.92 10.66
CA LYS B 169 9.41 9.37 10.61
C LYS B 169 9.18 10.04 11.97
N LYS B 170 9.43 11.36 12.06
CA LYS B 170 9.28 12.12 13.32
C LYS B 170 7.86 12.67 13.52
N ASP B 171 7.25 13.18 12.45
CA ASP B 171 5.90 13.76 12.45
C ASP B 171 5.03 13.09 11.39
N TRP B 172 3.85 12.62 11.80
CA TRP B 172 2.93 11.82 10.96
C TRP B 172 1.45 12.23 11.14
N LYS B 173 1.22 13.32 11.86
CA LYS B 173 -0.12 13.86 12.21
C LYS B 173 -0.09 15.32 12.69
N ASP B 174 1.05 15.75 13.24
CA ASP B 174 1.24 17.07 13.85
C ASP B 174 1.45 18.23 12.84
N GLY A 1 15.07 11.06 -14.57
CA GLY A 1 13.95 10.12 -14.62
C GLY A 1 12.62 10.85 -14.37
N LEU A 2 11.56 10.44 -15.07
CA LEU A 2 10.21 10.98 -14.92
C LEU A 2 9.39 10.14 -13.93
N TYR A 3 8.44 10.76 -13.22
CA TYR A 3 7.51 10.03 -12.33
C TYR A 3 6.67 9.00 -13.09
N SER A 4 6.37 9.25 -14.37
CA SER A 4 5.76 8.29 -15.31
C SER A 4 6.60 7.02 -15.56
N SER A 5 7.94 7.09 -15.38
CA SER A 5 8.85 5.94 -15.54
C SER A 5 8.71 4.88 -14.43
N LEU A 6 8.18 5.25 -13.26
CA LEU A 6 7.94 4.34 -12.14
C LEU A 6 6.84 3.29 -12.42
N PRO A 7 6.89 2.10 -11.78
CA PRO A 7 5.87 1.06 -11.93
C PRO A 7 4.50 1.47 -11.34
N PRO A 8 3.40 0.79 -11.73
CA PRO A 8 2.05 1.12 -11.27
C PRO A 8 1.88 0.91 -9.76
N ALA A 9 2.50 -0.13 -9.21
CA ALA A 9 2.57 -0.38 -7.78
C ALA A 9 3.18 0.82 -7.03
N LYS A 10 4.31 1.38 -7.50
CA LYS A 10 4.94 2.55 -6.86
C LYS A 10 3.99 3.73 -6.75
N ARG A 11 3.24 4.08 -7.80
CA ARG A 11 2.36 5.27 -7.76
C ARG A 11 1.23 5.12 -6.74
N GLU A 12 0.63 3.94 -6.68
CA GLU A 12 -0.31 3.53 -5.63
C GLU A 12 0.34 3.57 -4.23
N GLU A 13 1.57 3.07 -4.08
CA GLU A 13 2.29 3.04 -2.81
C GLU A 13 2.65 4.44 -2.29
N VAL A 14 3.09 5.36 -3.17
CA VAL A 14 3.31 6.78 -2.82
C VAL A 14 2.05 7.40 -2.23
N GLU A 15 0.87 7.05 -2.71
CA GLU A 15 -0.40 7.62 -2.22
C GLU A 15 -0.91 6.91 -0.96
N LYS A 16 -0.87 5.58 -0.93
CA LYS A 16 -1.30 4.77 0.23
C LYS A 16 -0.44 4.98 1.47
N LEU A 17 0.88 5.16 1.31
CA LEU A 17 1.75 5.51 2.44
C LEU A 17 1.61 6.99 2.86
N LEU A 18 1.29 7.90 1.93
CA LEU A 18 1.02 9.31 2.25
C LEU A 18 -0.29 9.52 3.02
N ASN A 19 -1.29 8.65 2.89
CA ASN A 19 -2.50 8.68 3.73
C ASN A 19 -2.21 8.52 5.24
N GLY A 20 -1.05 7.97 5.60
CA GLY A 20 -0.60 7.91 6.99
C GLY A 20 0.27 9.07 7.41
N SER A 21 1.10 9.64 6.52
CA SER A 21 1.79 10.91 6.78
C SER A 21 0.80 12.04 7.03
N ALA A 22 1.28 13.22 7.47
CA ALA A 22 0.44 14.36 7.82
C ALA A 22 -0.60 14.65 6.73
N GLY A 23 -1.87 14.85 7.12
CA GLY A 23 -2.99 15.07 6.20
C GLY A 23 -2.82 16.31 5.30
N ASP A 24 -1.84 17.15 5.61
CA ASP A 24 -1.43 18.34 4.87
C ASP A 24 0.03 18.28 4.34
N THR A 25 0.71 17.12 4.34
CA THR A 25 2.05 16.95 3.72
C THR A 25 2.07 17.45 2.28
N TRP A 26 1.04 17.11 1.51
CA TRP A 26 0.86 17.57 0.13
C TRP A 26 0.76 19.10 0.02
N ARG A 27 0.20 19.76 1.05
CA ARG A 27 -0.01 21.21 1.13
C ARG A 27 1.32 21.97 1.19
N HIS A 28 2.27 21.43 1.95
CA HIS A 28 3.65 21.91 1.97
C HIS A 28 4.32 21.70 0.60
N LEU A 29 4.15 20.52 -0.02
CA LEU A 29 4.72 20.20 -1.34
C LEU A 29 4.24 21.19 -2.42
N ALA A 30 2.94 21.50 -2.46
CA ALA A 30 2.34 22.47 -3.38
C ALA A 30 2.97 23.87 -3.23
N GLY A 31 3.10 24.36 -2.00
CA GLY A 31 3.74 25.65 -1.70
C GLY A 31 5.17 25.75 -2.25
N GLU A 32 5.98 24.70 -2.10
CA GLU A 32 7.37 24.67 -2.57
C GLU A 32 7.52 24.38 -4.08
N LEU A 33 6.52 23.74 -4.72
CA LEU A 33 6.38 23.64 -6.18
C LEU A 33 5.99 24.97 -6.86
N GLY A 34 5.58 25.99 -6.09
CA GLY A 34 5.07 27.26 -6.61
C GLY A 34 3.63 27.17 -7.13
N TYR A 35 2.85 26.16 -6.74
CA TYR A 35 1.42 26.07 -7.04
C TYR A 35 0.65 27.24 -6.42
N GLN A 36 -0.38 27.73 -7.11
CA GLN A 36 -1.23 28.84 -6.64
C GLN A 36 -2.02 28.50 -5.36
N PRO A 37 -2.36 29.49 -4.52
CA PRO A 37 -3.10 29.27 -3.27
C PRO A 37 -4.55 28.80 -3.51
N GLU A 38 -5.18 29.19 -4.61
CA GLU A 38 -6.54 28.75 -4.98
C GLU A 38 -6.63 27.25 -5.30
N HIS A 39 -5.55 26.65 -5.84
CA HIS A 39 -5.47 25.20 -6.04
C HIS A 39 -5.45 24.46 -4.71
N ILE A 40 -4.70 24.98 -3.72
CA ILE A 40 -4.67 24.45 -2.36
C ILE A 40 -6.08 24.45 -1.74
N ASP A 41 -6.84 25.55 -1.85
CA ASP A 41 -8.23 25.60 -1.34
C ASP A 41 -9.19 24.61 -2.03
N SER A 42 -8.98 24.31 -3.32
CA SER A 42 -9.74 23.24 -4.01
C SER A 42 -9.39 21.84 -3.49
N PHE A 43 -8.13 21.61 -3.09
CA PHE A 43 -7.65 20.33 -2.57
C PHE A 43 -7.92 20.12 -1.06
N THR A 44 -7.85 21.15 -0.21
CA THR A 44 -8.20 21.02 1.23
C THR A 44 -9.66 20.63 1.48
N HIS A 45 -10.54 20.81 0.49
CA HIS A 45 -11.95 20.41 0.55
C HIS A 45 -12.20 18.95 0.07
N GLU A 46 -11.16 18.21 -0.35
CA GLU A 46 -11.24 16.81 -0.81
C GLU A 46 -10.72 15.82 0.25
N ALA A 47 -11.17 14.56 0.21
CA ALA A 47 -10.78 13.50 1.14
C ALA A 47 -9.39 12.89 0.88
N CYS A 48 -8.99 12.76 -0.39
CA CYS A 48 -7.71 12.20 -0.83
C CYS A 48 -6.97 13.13 -1.84
N PRO A 49 -6.76 14.42 -1.52
CA PRO A 49 -6.21 15.40 -2.46
C PRO A 49 -4.79 15.08 -2.93
N VAL A 50 -4.01 14.39 -2.09
CA VAL A 50 -2.67 13.91 -2.41
C VAL A 50 -2.61 13.09 -3.71
N ARG A 51 -3.64 12.28 -3.98
CA ARG A 51 -3.79 11.52 -5.23
C ARG A 51 -4.01 12.43 -6.44
N ALA A 52 -4.94 13.38 -6.31
CA ALA A 52 -5.22 14.36 -7.35
C ALA A 52 -4.03 15.28 -7.64
N LEU A 53 -3.24 15.65 -6.63
CA LEU A 53 -2.02 16.45 -6.79
C LEU A 53 -1.00 15.73 -7.69
N LEU A 54 -0.69 14.46 -7.40
CA LEU A 54 0.24 13.67 -8.24
C LEU A 54 -0.29 13.49 -9.68
N ALA A 55 -1.59 13.28 -9.86
CA ALA A 55 -2.21 13.19 -11.19
C ALA A 55 -2.12 14.51 -11.98
N SER A 56 -2.46 15.65 -11.34
CA SER A 56 -2.34 16.98 -11.93
C SER A 56 -0.89 17.38 -12.18
N TRP A 57 0.05 16.98 -11.32
CA TRP A 57 1.48 17.22 -11.53
C TRP A 57 2.02 16.43 -12.71
N ALA A 58 1.67 15.14 -12.83
CA ALA A 58 2.03 14.27 -13.95
C ALA A 58 1.47 14.71 -15.32
N THR A 59 0.58 15.71 -15.38
CA THR A 59 0.08 16.32 -16.63
C THR A 59 1.17 17.09 -17.41
N GLN A 60 2.31 17.40 -16.77
CA GLN A 60 3.40 18.22 -17.33
C GLN A 60 4.77 17.55 -17.15
N ASP A 61 5.72 17.88 -18.04
CA ASP A 61 7.09 17.36 -18.02
C ASP A 61 7.89 17.79 -16.77
N SER A 62 7.42 18.80 -16.03
CA SER A 62 8.01 19.18 -14.73
C SER A 62 7.89 18.08 -13.67
N ALA A 63 7.06 17.06 -13.88
CA ALA A 63 6.93 15.86 -13.04
C ALA A 63 8.15 14.91 -13.05
N THR A 64 9.37 15.44 -13.17
CA THR A 64 10.60 14.65 -13.04
C THR A 64 10.80 14.25 -11.59
N LEU A 65 11.31 13.04 -11.36
CA LEU A 65 11.66 12.59 -10.02
C LEU A 65 12.72 13.51 -9.40
N ASP A 66 13.70 13.92 -10.21
CA ASP A 66 14.77 14.84 -9.82
C ASP A 66 14.24 16.18 -9.25
N ALA A 67 13.15 16.71 -9.82
CA ALA A 67 12.43 17.87 -9.30
C ALA A 67 11.57 17.56 -8.05
N LEU A 68 10.92 16.39 -8.00
CA LEU A 68 10.10 15.95 -6.86
C LEU A 68 10.96 15.85 -5.58
N LEU A 69 12.12 15.21 -5.69
CA LEU A 69 13.11 15.08 -4.61
C LEU A 69 13.57 16.45 -4.10
N ALA A 70 13.92 17.36 -5.01
CA ALA A 70 14.34 18.72 -4.67
C ALA A 70 13.29 19.47 -3.85
N ALA A 71 12.00 19.34 -4.19
CA ALA A 71 10.90 19.92 -3.44
C ALA A 71 10.66 19.26 -2.07
N LEU A 72 10.72 17.91 -1.98
CA LEU A 72 10.65 17.17 -0.72
C LEU A 72 11.77 17.56 0.28
N ARG A 73 12.96 17.95 -0.21
CA ARG A 73 14.06 18.46 0.62
C ARG A 73 13.70 19.77 1.32
N ARG A 74 13.00 20.68 0.62
CA ARG A 74 12.57 22.00 1.15
C ARG A 74 11.59 21.88 2.31
N ILE A 75 10.72 20.87 2.27
CA ILE A 75 9.70 20.57 3.29
C ILE A 75 10.18 19.57 4.37
N GLN A 76 11.50 19.33 4.45
CA GLN A 76 12.14 18.43 5.42
C GLN A 76 11.54 17.00 5.43
N ARG A 77 11.29 16.43 4.23
CA ARG A 77 10.76 15.06 4.02
C ARG A 77 11.82 14.09 3.47
N ALA A 78 13.11 14.37 3.70
CA ALA A 78 14.23 13.50 3.28
C ALA A 78 14.11 12.04 3.79
N ASP A 79 13.40 11.81 4.90
CA ASP A 79 13.00 10.49 5.38
C ASP A 79 12.16 9.70 4.36
N LEU A 80 10.99 10.21 3.97
CA LEU A 80 10.09 9.62 2.99
C LEU A 80 10.74 9.53 1.59
N VAL A 81 11.57 10.52 1.24
CA VAL A 81 12.38 10.50 0.03
C VAL A 81 13.20 9.21 -0.06
N GLU A 82 13.98 8.87 0.97
CA GLU A 82 14.84 7.68 0.95
C GLU A 82 14.06 6.38 0.70
N SER A 83 12.88 6.23 1.29
CA SER A 83 12.02 5.06 1.11
C SER A 83 11.49 4.93 -0.33
N LEU A 84 11.02 6.03 -0.93
CA LEU A 84 10.47 6.02 -2.29
C LEU A 84 11.58 5.96 -3.35
N CYS A 85 12.71 6.62 -3.10
CA CYS A 85 13.95 6.55 -3.87
C CYS A 85 14.55 5.13 -3.91
N SER A 86 14.23 4.27 -2.93
CA SER A 86 14.69 2.87 -2.88
C SER A 86 14.34 2.07 -4.15
N GLU A 87 13.16 2.30 -4.75
CA GLU A 87 12.78 1.74 -6.07
C GLU A 87 13.10 2.70 -7.22
N SER A 88 12.93 4.00 -7.00
CA SER A 88 13.17 5.02 -8.05
C SER A 88 14.64 5.15 -8.49
N THR A 89 15.56 4.68 -7.65
CA THR A 89 17.03 4.70 -7.83
C THR A 89 17.61 3.36 -7.36
N ALA A 90 17.42 2.33 -8.17
CA ALA A 90 18.01 1.00 -7.98
C ALA A 90 19.29 0.82 -8.82
N THR A 91 20.09 -0.20 -8.47
CA THR A 91 21.38 -0.53 -9.10
C THR A 91 21.56 -2.06 -9.12
N SER A 92 21.11 -2.68 -10.22
CA SER A 92 21.13 -4.14 -10.44
C SER A 92 21.85 -4.51 -11.76
N PRO A 93 23.16 -4.16 -11.90
CA PRO A 93 23.91 -4.43 -13.13
C PRO A 93 24.06 -5.94 -13.38
N VAL A 94 23.79 -6.37 -14.61
CA VAL A 94 23.88 -7.78 -15.07
C VAL A 94 25.31 -8.31 -14.98
N ALA B 1 -26.21 23.82 -34.26
CA ALA B 1 -26.98 23.27 -33.14
C ALA B 1 -27.13 24.28 -31.98
N GLN B 2 -27.96 23.95 -30.98
CA GLN B 2 -28.19 24.77 -29.79
C GLN B 2 -27.20 24.44 -28.66
N LYS B 3 -27.17 25.25 -27.59
CA LYS B 3 -26.34 25.05 -26.39
C LYS B 3 -26.96 25.71 -25.15
N SER B 4 -26.81 25.05 -23.99
CA SER B 4 -27.34 25.46 -22.68
C SER B 4 -26.41 25.00 -21.54
N ILE B 5 -26.72 25.37 -20.29
CA ILE B 5 -25.98 24.98 -19.07
C ILE B 5 -26.25 23.50 -18.69
N GLN B 6 -25.97 22.58 -19.61
CA GLN B 6 -26.14 21.12 -19.45
C GLN B 6 -24.78 20.38 -19.40
N GLU B 7 -23.69 21.02 -19.84
CA GLU B 7 -22.31 20.50 -19.75
C GLU B 7 -21.81 20.28 -18.30
N ILE B 8 -22.51 20.86 -17.32
CA ILE B 8 -22.21 20.77 -15.88
C ILE B 8 -23.38 20.19 -15.07
N GLN B 9 -24.63 20.34 -15.55
CA GLN B 9 -25.86 19.84 -14.90
C GLN B 9 -26.14 18.35 -15.22
N GLU B 10 -25.14 17.59 -15.70
CA GLU B 10 -25.21 16.15 -15.98
C GLU B 10 -24.04 15.35 -15.37
N LEU B 11 -23.23 15.94 -14.49
CA LEU B 11 -22.10 15.26 -13.83
C LEU B 11 -22.54 13.98 -13.08
N ASP B 12 -23.71 14.01 -12.45
CA ASP B 12 -24.32 12.83 -11.81
C ASP B 12 -24.61 11.68 -12.80
N LYS B 13 -24.94 11.98 -14.06
CA LYS B 13 -25.20 10.96 -15.09
C LYS B 13 -23.92 10.26 -15.55
N ASP B 14 -22.83 11.02 -15.67
CA ASP B 14 -21.49 10.48 -15.97
C ASP B 14 -20.92 9.64 -14.81
N ASP B 15 -21.17 10.02 -13.56
CA ASP B 15 -20.71 9.26 -12.39
C ASP B 15 -21.60 8.05 -12.06
N GLU B 16 -22.93 8.17 -12.14
CA GLU B 16 -23.88 7.07 -11.86
C GLU B 16 -23.67 5.84 -12.76
N SER B 17 -23.03 6.00 -13.92
CA SER B 17 -22.57 4.89 -14.76
C SER B 17 -21.64 3.89 -14.02
N LEU B 18 -20.97 4.32 -12.94
CA LEU B 18 -20.16 3.44 -12.07
C LEU B 18 -20.97 2.30 -11.41
N ARG B 19 -22.30 2.44 -11.30
CA ARG B 19 -23.20 1.41 -10.74
C ARG B 19 -23.08 0.06 -11.46
N LYS B 20 -22.74 0.07 -12.76
CA LYS B 20 -22.44 -1.12 -13.58
C LYS B 20 -21.19 -1.88 -13.09
N TYR B 21 -20.17 -1.18 -12.61
CA TYR B 21 -18.99 -1.81 -11.98
C TYR B 21 -19.34 -2.51 -10.65
N LYS B 22 -20.27 -1.97 -9.85
CA LYS B 22 -20.78 -2.63 -8.64
C LYS B 22 -21.53 -3.94 -8.94
N GLU B 23 -22.22 -4.03 -10.08
CA GLU B 23 -22.92 -5.25 -10.49
C GLU B 23 -21.94 -6.37 -10.90
N ALA B 24 -20.82 -6.01 -11.54
CA ALA B 24 -19.74 -6.93 -11.92
C ALA B 24 -19.02 -7.58 -10.72
N LEU B 25 -19.16 -7.03 -9.50
CA LEU B 25 -18.59 -7.60 -8.27
C LEU B 25 -19.17 -8.99 -7.93
N LEU B 26 -20.41 -9.30 -8.36
CA LEU B 26 -21.02 -10.63 -8.24
C LEU B 26 -20.80 -11.52 -9.48
N GLY B 27 -20.40 -10.93 -10.62
CA GLY B 27 -20.14 -11.63 -11.87
C GLY B 27 -18.69 -12.10 -12.05
N ARG B 28 -17.85 -12.03 -10.99
CA ARG B 28 -16.41 -12.30 -11.03
C ARG B 28 -15.88 -12.96 -9.73
N VAL B 29 -16.48 -14.09 -9.35
CA VAL B 29 -16.16 -14.84 -8.11
C VAL B 29 -15.97 -16.36 -8.32
N ALA B 30 -15.71 -16.79 -9.57
CA ALA B 30 -15.57 -18.21 -9.94
C ALA B 30 -14.36 -18.50 -10.87
N VAL B 31 -13.40 -17.57 -10.98
CA VAL B 31 -12.19 -17.73 -11.81
C VAL B 31 -11.22 -18.77 -11.21
N SER B 32 -11.19 -18.91 -9.90
CA SER B 32 -10.22 -19.71 -9.12
C SER B 32 -10.53 -21.23 -9.06
N ALA B 33 -11.24 -21.78 -10.04
CA ALA B 33 -11.76 -23.15 -10.01
C ALA B 33 -10.74 -24.25 -10.42
N ASP B 34 -9.80 -23.93 -11.31
CA ASP B 34 -8.72 -24.83 -11.78
C ASP B 34 -7.59 -25.03 -10.73
N PRO B 35 -6.72 -26.06 -10.86
CA PRO B 35 -5.57 -26.26 -9.97
C PRO B 35 -4.38 -25.31 -10.24
N ASN B 36 -4.44 -24.48 -11.29
CA ASN B 36 -3.37 -23.54 -11.66
C ASN B 36 -3.24 -22.35 -10.66
N VAL B 37 -4.29 -22.08 -9.88
CA VAL B 37 -4.30 -21.03 -8.83
C VAL B 37 -3.98 -21.60 -7.43
N PRO B 38 -3.47 -20.76 -6.50
CA PRO B 38 -3.25 -21.13 -5.09
C PRO B 38 -4.56 -21.24 -4.28
N ASN B 39 -4.45 -21.81 -3.07
CA ASN B 39 -5.55 -21.91 -2.10
C ASN B 39 -5.77 -20.62 -1.30
N VAL B 40 -4.76 -20.26 -0.49
CA VAL B 40 -4.74 -19.05 0.36
C VAL B 40 -3.78 -18.05 -0.24
N VAL B 41 -4.25 -16.82 -0.39
CA VAL B 41 -3.43 -15.66 -0.78
C VAL B 41 -3.92 -14.46 0.00
N VAL B 42 -2.99 -13.79 0.69
CA VAL B 42 -3.23 -12.45 1.22
C VAL B 42 -3.59 -11.49 0.09
N THR B 43 -4.83 -11.00 0.08
CA THR B 43 -5.28 -9.99 -0.90
C THR B 43 -4.64 -8.63 -0.63
N GLY B 44 -4.32 -8.36 0.64
CA GLY B 44 -3.62 -7.17 1.10
C GLY B 44 -3.37 -7.16 2.60
N LEU B 45 -2.70 -6.10 3.05
CA LEU B 45 -2.52 -5.75 4.45
C LEU B 45 -3.09 -4.34 4.66
N THR B 46 -3.88 -4.13 5.70
CA THR B 46 -4.45 -2.82 6.08
C THR B 46 -3.96 -2.45 7.47
N LEU B 47 -3.10 -1.44 7.59
CA LEU B 47 -2.75 -0.87 8.90
C LEU B 47 -3.93 0.00 9.39
N VAL B 48 -4.42 -0.32 10.58
CA VAL B 48 -5.46 0.45 11.29
C VAL B 48 -4.78 1.26 12.40
N CYS B 49 -5.17 2.53 12.48
CA CYS B 49 -4.60 3.50 13.40
C CYS B 49 -5.56 4.67 13.60
N SER B 50 -6.41 4.59 14.62
CA SER B 50 -7.31 5.68 15.04
C SER B 50 -6.57 6.98 15.40
N SER B 51 -5.29 6.88 15.77
CA SER B 51 -4.37 8.00 16.00
C SER B 51 -3.80 8.63 14.71
N ALA B 52 -4.21 8.21 13.51
CA ALA B 52 -3.70 8.69 12.21
C ALA B 52 -4.78 9.47 11.42
N PRO B 53 -4.40 10.29 10.41
CA PRO B 53 -5.34 11.03 9.57
C PRO B 53 -6.10 10.14 8.55
N GLY B 54 -5.58 8.95 8.26
CA GLY B 54 -6.22 7.95 7.39
C GLY B 54 -5.57 6.56 7.50
N PRO B 55 -6.24 5.52 6.97
CA PRO B 55 -5.71 4.15 6.95
C PRO B 55 -4.54 4.01 5.97
N LEU B 56 -3.74 2.97 6.14
CA LEU B 56 -2.59 2.65 5.28
C LEU B 56 -2.66 1.19 4.83
N GLU B 57 -3.19 0.93 3.64
CA GLU B 57 -3.24 -0.42 3.07
C GLU B 57 -2.14 -0.68 2.02
N LEU B 58 -1.93 -1.96 1.68
CA LEU B 58 -1.06 -2.46 0.61
C LEU B 58 -1.75 -3.65 -0.08
N ASP B 59 -1.83 -3.58 -1.40
CA ASP B 59 -2.33 -4.65 -2.28
C ASP B 59 -1.31 -5.82 -2.35
N LEU B 60 -1.72 -7.08 -2.55
CA LEU B 60 -0.78 -8.24 -2.50
C LEU B 60 -1.06 -9.32 -3.57
N THR B 61 -1.50 -8.91 -4.76
CA THR B 61 -1.91 -9.78 -5.89
C THR B 61 -1.25 -9.41 -7.23
N GLY B 62 -0.07 -8.79 -7.19
CA GLY B 62 0.68 -8.30 -8.37
C GLY B 62 2.20 -8.44 -8.27
N ASP B 63 2.96 -7.49 -8.81
CA ASP B 63 4.43 -7.44 -8.79
C ASP B 63 5.01 -7.19 -7.38
N LEU B 64 5.14 -8.27 -6.58
CA LEU B 64 5.75 -8.23 -5.25
C LEU B 64 7.20 -7.69 -5.24
N GLU B 65 7.92 -7.74 -6.37
CA GLU B 65 9.25 -7.13 -6.55
C GLU B 65 9.32 -5.64 -6.16
N SER B 66 8.24 -4.89 -6.38
CA SER B 66 8.19 -3.45 -6.02
C SER B 66 8.10 -3.26 -4.49
N PHE B 67 7.38 -4.15 -3.80
CA PHE B 67 7.18 -4.13 -2.34
C PHE B 67 8.50 -4.33 -1.57
N LYS B 68 9.47 -5.02 -2.18
CA LYS B 68 10.83 -5.22 -1.65
C LYS B 68 11.62 -3.92 -1.45
N LYS B 69 11.16 -2.80 -2.02
CA LYS B 69 11.77 -1.46 -1.93
C LYS B 69 10.82 -0.43 -1.29
N GLN B 70 9.54 -0.44 -1.70
CA GLN B 70 8.49 0.44 -1.15
C GLN B 70 8.35 0.29 0.37
N SER B 71 7.88 1.34 1.04
CA SER B 71 7.70 1.34 2.49
C SER B 71 6.29 1.78 2.96
N PHE B 72 6.15 2.01 4.27
CA PHE B 72 5.00 2.60 4.91
C PHE B 72 5.40 3.84 5.74
N VAL B 73 4.43 4.56 6.31
CA VAL B 73 4.65 5.73 7.19
C VAL B 73 4.01 5.49 8.55
N LEU B 74 4.74 5.88 9.60
CA LEU B 74 4.34 5.88 11.00
C LEU B 74 5.05 7.03 11.74
N LYS B 75 4.74 7.21 13.03
CA LYS B 75 5.35 8.20 13.91
C LYS B 75 6.30 7.57 14.94
N GLU B 76 7.35 8.29 15.31
CA GLU B 76 8.25 7.93 16.43
C GLU B 76 7.47 7.62 17.73
N GLY B 77 7.64 6.41 18.27
CA GLY B 77 7.02 5.99 19.53
C GLY B 77 5.49 5.85 19.49
N VAL B 78 4.87 5.80 18.30
CA VAL B 78 3.41 5.68 18.15
C VAL B 78 2.91 4.24 18.29
N GLU B 79 1.61 4.08 18.53
CA GLU B 79 0.92 2.79 18.55
C GLU B 79 0.02 2.64 17.31
N TYR B 80 0.03 1.44 16.74
CA TYR B 80 -0.73 1.08 15.53
C TYR B 80 -1.17 -0.39 15.59
N ARG B 81 -2.03 -0.80 14.65
CA ARG B 81 -2.52 -2.17 14.49
C ARG B 81 -2.35 -2.64 13.05
N ILE B 82 -2.12 -3.94 12.90
CA ILE B 82 -1.96 -4.60 11.60
C ILE B 82 -3.23 -5.42 11.34
N LYS B 83 -3.72 -5.38 10.10
CA LYS B 83 -4.86 -6.17 9.65
C LYS B 83 -4.46 -6.96 8.42
N ILE B 84 -4.43 -8.28 8.53
CA ILE B 84 -4.09 -9.18 7.43
C ILE B 84 -5.39 -9.64 6.78
N SER B 85 -5.50 -9.56 5.45
CA SER B 85 -6.67 -10.00 4.67
C SER B 85 -6.26 -11.08 3.68
N PHE B 86 -6.94 -12.24 3.69
CA PHE B 86 -6.64 -13.38 2.79
C PHE B 86 -7.91 -14.09 2.30
N ARG B 87 -7.96 -14.33 0.98
CA ARG B 87 -9.00 -15.16 0.33
C ARG B 87 -8.66 -16.64 0.40
N VAL B 88 -9.69 -17.48 0.26
CA VAL B 88 -9.59 -18.95 0.37
C VAL B 88 -10.52 -19.61 -0.67
N ASN B 89 -10.03 -19.92 -1.88
CA ASN B 89 -10.91 -20.39 -2.96
C ASN B 89 -10.48 -21.77 -3.51
N ARG B 90 -10.28 -22.73 -2.59
CA ARG B 90 -9.81 -24.10 -2.90
C ARG B 90 -10.27 -25.16 -1.88
N GLU B 91 -9.73 -25.16 -0.65
CA GLU B 91 -10.06 -26.14 0.40
C GLU B 91 -9.84 -25.60 1.83
N ILE B 92 -10.30 -26.35 2.84
CA ILE B 92 -10.11 -26.01 4.26
C ILE B 92 -8.64 -26.24 4.66
N VAL B 93 -8.03 -25.25 5.29
CA VAL B 93 -6.66 -25.31 5.84
C VAL B 93 -6.68 -25.07 7.34
N SER B 94 -5.89 -25.85 8.08
CA SER B 94 -5.88 -25.90 9.54
C SER B 94 -4.47 -25.97 10.10
N GLY B 95 -4.14 -25.01 10.98
CA GLY B 95 -2.78 -24.79 11.49
C GLY B 95 -2.06 -23.62 10.81
N MET B 96 -2.80 -22.72 10.16
CA MET B 96 -2.23 -21.53 9.52
C MET B 96 -1.50 -20.64 10.53
N LYS B 97 -0.29 -20.21 10.16
CA LYS B 97 0.59 -19.37 10.99
C LYS B 97 1.18 -18.24 10.14
N TYR B 98 1.03 -17.01 10.62
CA TYR B 98 1.62 -15.80 10.05
C TYR B 98 2.91 -15.48 10.81
N ILE B 99 4.04 -15.40 10.11
CA ILE B 99 5.35 -15.05 10.67
C ILE B 99 5.67 -13.59 10.29
N GLN B 100 6.19 -12.82 11.24
CA GLN B 100 6.59 -11.42 11.04
C GLN B 100 7.95 -11.14 11.68
N HIS B 101 8.96 -10.88 10.85
CA HIS B 101 10.31 -10.48 11.29
C HIS B 101 10.47 -8.96 11.21
N THR B 102 11.45 -8.42 11.95
CA THR B 102 11.76 -6.98 11.96
C THR B 102 13.27 -6.79 11.81
N TYR B 103 13.67 -5.96 10.84
CA TYR B 103 15.05 -5.64 10.50
C TYR B 103 15.26 -4.13 10.58
N ARG B 104 16.35 -3.70 11.22
CA ARG B 104 16.74 -2.29 11.44
C ARG B 104 18.08 -2.06 10.76
N LYS B 105 18.14 -1.11 9.81
CA LYS B 105 19.36 -0.79 9.03
C LYS B 105 20.00 -2.04 8.36
N GLY B 106 19.17 -3.01 7.96
CA GLY B 106 19.60 -4.28 7.35
C GLY B 106 20.01 -5.39 8.34
N VAL B 107 19.60 -5.30 9.60
CA VAL B 107 19.96 -6.23 10.69
C VAL B 107 18.69 -6.69 11.42
N LYS B 108 18.36 -7.99 11.34
CA LYS B 108 17.27 -8.60 12.14
C LYS B 108 17.51 -8.39 13.64
N ILE B 109 16.49 -7.87 14.35
CA ILE B 109 16.53 -7.70 15.81
C ILE B 109 15.71 -8.77 16.53
N ASP B 110 14.55 -9.13 16.00
CA ASP B 110 13.68 -10.19 16.50
C ASP B 110 12.63 -10.57 15.44
N LYS B 111 11.82 -11.59 15.73
CA LYS B 111 10.61 -11.93 14.98
C LYS B 111 9.53 -12.49 15.91
N THR B 112 8.29 -12.38 15.48
CA THR B 112 7.13 -12.90 16.21
C THR B 112 6.19 -13.58 15.23
N ASP B 113 5.54 -14.64 15.65
CA ASP B 113 4.52 -15.35 14.87
C ASP B 113 3.17 -15.28 15.58
N TYR B 114 2.12 -15.08 14.79
CA TYR B 114 0.75 -14.90 15.24
C TYR B 114 -0.11 -15.98 14.58
N MET B 115 -0.65 -16.89 15.40
CA MET B 115 -1.55 -17.93 14.93
C MET B 115 -2.90 -17.35 14.51
N VAL B 116 -3.34 -17.68 13.30
CA VAL B 116 -4.66 -17.29 12.79
C VAL B 116 -5.69 -18.41 12.99
N GLY B 117 -5.30 -19.69 12.90
CA GLY B 117 -6.15 -20.85 13.22
C GLY B 117 -6.44 -21.76 12.01
N SER B 118 -7.72 -21.98 11.73
CA SER B 118 -8.21 -22.74 10.56
C SER B 118 -9.37 -22.01 9.85
N TYR B 119 -9.43 -22.16 8.53
CA TYR B 119 -10.37 -21.43 7.65
C TYR B 119 -10.76 -22.29 6.44
N GLY B 120 -12.02 -22.15 5.99
CA GLY B 120 -12.60 -22.91 4.88
C GLY B 120 -12.61 -22.14 3.55
N PRO B 121 -12.98 -22.81 2.43
CA PRO B 121 -12.92 -22.27 1.07
C PRO B 121 -14.02 -21.25 0.75
N ARG B 122 -14.12 -20.19 1.57
CA ARG B 122 -15.02 -19.06 1.42
C ARG B 122 -14.64 -18.19 0.22
N ALA B 123 -15.59 -17.89 -0.67
CA ALA B 123 -15.40 -17.01 -1.82
C ALA B 123 -14.91 -15.58 -1.47
N GLU B 124 -15.09 -15.16 -0.21
CA GLU B 124 -14.63 -13.90 0.36
C GLU B 124 -13.21 -14.02 0.98
N GLU B 125 -12.81 -13.01 1.77
CA GLU B 125 -11.54 -12.92 2.49
C GLU B 125 -11.77 -12.79 4.00
N TYR B 126 -10.96 -13.48 4.80
CA TYR B 126 -10.95 -13.36 6.26
C TYR B 126 -9.96 -12.26 6.69
N GLU B 127 -10.32 -11.52 7.74
CA GLU B 127 -9.50 -10.45 8.31
C GLU B 127 -8.97 -10.86 9.69
N PHE B 128 -7.70 -10.57 9.98
CA PHE B 128 -7.06 -10.90 11.25
C PHE B 128 -6.46 -9.65 11.91
N LEU B 129 -6.91 -9.38 13.15
CA LEU B 129 -6.52 -8.24 13.98
C LEU B 129 -5.48 -8.68 15.03
N THR B 130 -4.28 -8.13 14.94
CA THR B 130 -3.20 -8.30 15.94
C THR B 130 -3.31 -7.30 17.11
N PRO B 131 -2.63 -7.56 18.25
CA PRO B 131 -2.60 -6.64 19.39
C PRO B 131 -1.90 -5.31 19.06
N VAL B 132 -1.96 -4.37 20.01
CA VAL B 132 -1.23 -3.09 19.95
C VAL B 132 0.27 -3.33 19.76
N GLU B 133 0.87 -2.60 18.81
CA GLU B 133 2.32 -2.61 18.53
C GLU B 133 2.87 -1.19 18.60
N GLU B 134 3.93 -1.01 19.39
CA GLU B 134 4.67 0.25 19.49
C GLU B 134 5.68 0.41 18.32
N ALA B 135 6.10 1.65 18.06
CA ALA B 135 7.10 2.00 17.06
C ALA B 135 8.40 2.52 17.73
N PRO B 136 9.56 2.47 17.06
CA PRO B 136 10.84 2.97 17.58
C PRO B 136 10.89 4.51 17.60
N LYS B 137 11.95 5.09 18.20
CA LYS B 137 12.08 6.53 18.46
C LYS B 137 13.53 7.06 18.34
N GLY B 138 13.67 8.36 18.11
CA GLY B 138 14.93 9.05 17.82
C GLY B 138 15.20 9.10 16.31
N MET B 139 15.84 10.17 15.81
CA MET B 139 16.06 10.35 14.38
C MET B 139 16.94 9.26 13.73
N LEU B 140 17.84 8.66 14.52
CA LEU B 140 18.64 7.48 14.11
C LEU B 140 17.75 6.24 13.81
N ALA B 141 16.55 6.20 14.40
CA ALA B 141 15.52 5.18 14.20
C ALA B 141 14.33 5.68 13.36
N ARG B 142 14.46 6.85 12.70
CA ARG B 142 13.58 7.34 11.62
C ARG B 142 13.99 6.84 10.23
N GLY B 143 14.90 5.88 10.16
CA GLY B 143 15.19 5.12 8.94
C GLY B 143 14.06 4.16 8.54
N SER B 144 14.32 3.32 7.55
CA SER B 144 13.42 2.28 7.05
C SER B 144 13.71 0.92 7.70
N TYR B 145 12.65 0.25 8.15
CA TYR B 145 12.68 -1.09 8.73
C TYR B 145 12.15 -2.11 7.73
N SER B 146 12.94 -3.10 7.35
CA SER B 146 12.48 -4.23 6.54
C SER B 146 11.64 -5.16 7.41
N ILE B 147 10.43 -5.51 6.96
CA ILE B 147 9.61 -6.56 7.55
C ILE B 147 9.49 -7.71 6.56
N LYS B 148 9.71 -8.94 7.04
CA LYS B 148 9.45 -10.18 6.30
C LYS B 148 8.17 -10.81 6.83
N SER B 149 7.21 -11.05 5.94
CA SER B 149 5.93 -11.70 6.22
C SER B 149 5.88 -13.07 5.54
N ARG B 150 5.46 -14.11 6.26
CA ARG B 150 5.35 -15.47 5.71
C ARG B 150 4.04 -16.13 6.16
N PHE B 151 3.36 -16.82 5.25
CA PHE B 151 2.20 -17.66 5.56
C PHE B 151 2.49 -19.12 5.23
N THR B 152 2.31 -19.97 6.24
CA THR B 152 2.44 -21.41 6.16
C THR B 152 1.30 -22.10 6.93
N ASP B 153 1.23 -23.42 6.85
CA ASP B 153 0.21 -24.28 7.46
C ASP B 153 0.87 -25.40 8.29
N ASP B 154 0.11 -26.19 9.05
CA ASP B 154 0.67 -27.30 9.85
C ASP B 154 1.40 -28.36 8.97
N ASP B 155 0.99 -28.47 7.69
CA ASP B 155 1.61 -29.32 6.67
C ASP B 155 2.88 -28.70 6.01
N LYS B 156 3.42 -27.60 6.55
CA LYS B 156 4.55 -26.80 6.02
C LYS B 156 4.26 -26.12 4.66
N THR B 157 3.00 -26.09 4.23
CA THR B 157 2.55 -25.55 2.94
C THR B 157 2.71 -24.02 2.86
N ASP B 158 3.79 -23.53 2.23
CA ASP B 158 3.99 -22.11 1.94
C ASP B 158 2.89 -21.57 0.99
N HIS B 159 1.99 -20.75 1.53
CA HIS B 159 0.88 -20.15 0.77
C HIS B 159 1.32 -18.92 -0.01
N LEU B 160 1.92 -17.96 0.70
CA LEU B 160 2.58 -16.78 0.14
C LEU B 160 3.59 -16.25 1.18
N SER B 161 4.62 -15.56 0.70
CA SER B 161 5.49 -14.73 1.54
C SER B 161 5.93 -13.50 0.76
N TRP B 162 6.06 -12.39 1.49
CA TRP B 162 6.46 -11.10 0.93
C TRP B 162 7.24 -10.30 1.97
N GLU B 163 7.82 -9.18 1.55
CA GLU B 163 8.51 -8.26 2.45
C GLU B 163 8.26 -6.82 2.01
N TRP B 164 8.22 -5.93 2.99
CA TRP B 164 7.82 -4.53 2.87
C TRP B 164 8.61 -3.69 3.86
N ASN B 165 9.01 -2.48 3.47
CA ASN B 165 9.72 -1.59 4.37
C ASN B 165 8.72 -0.74 5.20
N LEU B 166 9.22 -0.08 6.25
CA LEU B 166 8.43 0.78 7.14
C LEU B 166 9.29 1.95 7.59
N THR B 167 8.98 3.15 7.09
CA THR B 167 9.68 4.39 7.43
C THR B 167 8.97 5.08 8.58
N ILE B 168 9.74 5.45 9.59
CA ILE B 168 9.24 6.16 10.78
C ILE B 168 9.57 7.64 10.62
N LYS B 169 8.60 8.54 10.81
CA LYS B 169 8.75 10.00 10.72
C LYS B 169 8.47 10.65 12.09
N LYS B 170 8.93 11.88 12.30
CA LYS B 170 8.70 12.63 13.56
C LYS B 170 7.22 12.91 13.83
N ASP B 171 6.46 13.12 12.77
CA ASP B 171 5.03 13.42 12.76
C ASP B 171 4.34 12.70 11.61
N TRP B 172 3.01 12.61 11.69
CA TRP B 172 2.18 11.94 10.69
C TRP B 172 0.72 12.45 10.70
N LYS B 173 0.42 13.56 11.38
CA LYS B 173 -0.96 14.07 11.59
C LYS B 173 -1.06 15.59 11.87
N ASP B 174 -0.08 16.34 11.38
CA ASP B 174 0.08 17.79 11.63
C ASP B 174 -1.01 18.70 11.02
N GLY A 1 14.73 10.85 -15.57
CA GLY A 1 14.13 10.40 -14.32
C GLY A 1 12.65 10.76 -14.17
N LEU A 2 11.81 10.57 -15.19
CA LEU A 2 10.40 10.93 -15.10
C LEU A 2 9.63 10.02 -14.13
N TYR A 3 8.61 10.56 -13.46
CA TYR A 3 7.73 9.80 -12.55
C TYR A 3 6.96 8.68 -13.28
N SER A 4 6.70 8.84 -14.59
CA SER A 4 6.20 7.81 -15.50
C SER A 4 7.14 6.60 -15.66
N SER A 5 8.44 6.76 -15.42
CA SER A 5 9.45 5.68 -15.49
C SER A 5 9.31 4.64 -14.36
N LEU A 6 8.70 5.01 -13.23
CA LEU A 6 8.45 4.10 -12.10
C LEU A 6 7.36 3.04 -12.39
N PRO A 7 7.40 1.87 -11.72
CA PRO A 7 6.40 0.82 -11.88
C PRO A 7 5.02 1.20 -11.32
N PRO A 8 3.94 0.50 -11.72
CA PRO A 8 2.57 0.82 -11.30
C PRO A 8 2.36 0.65 -9.79
N ALA A 9 3.00 -0.36 -9.19
CA ALA A 9 3.01 -0.55 -7.75
C ALA A 9 3.62 0.66 -7.02
N LYS A 10 4.78 1.18 -7.47
CA LYS A 10 5.39 2.37 -6.86
C LYS A 10 4.43 3.56 -6.82
N ARG A 11 3.72 3.84 -7.91
CA ARG A 11 2.80 4.98 -7.96
C ARG A 11 1.66 4.84 -6.93
N GLU A 12 1.07 3.65 -6.79
CA GLU A 12 0.11 3.37 -5.73
C GLU A 12 0.72 3.48 -4.34
N GLU A 13 1.92 2.94 -4.12
CA GLU A 13 2.57 2.98 -2.80
C GLU A 13 2.95 4.41 -2.38
N VAL A 14 3.46 5.24 -3.28
CA VAL A 14 3.69 6.68 -3.04
C VAL A 14 2.42 7.38 -2.58
N GLU A 15 1.27 7.02 -3.13
CA GLU A 15 -0.02 7.62 -2.77
C GLU A 15 -0.61 7.05 -1.46
N LYS A 16 -0.62 5.72 -1.30
CA LYS A 16 -1.16 5.03 -0.12
C LYS A 16 -0.34 5.29 1.14
N LEU A 17 0.99 5.33 1.04
CA LEU A 17 1.83 5.71 2.18
C LEU A 17 1.66 7.20 2.53
N LEU A 18 1.60 8.10 1.54
CA LEU A 18 1.34 9.54 1.74
C LEU A 18 0.02 9.84 2.47
N ASN A 19 -1.03 9.05 2.25
CA ASN A 19 -2.31 9.22 2.96
C ASN A 19 -2.20 8.96 4.48
N GLY A 20 -1.17 8.23 4.92
CA GLY A 20 -0.79 8.08 6.33
C GLY A 20 0.21 9.15 6.80
N SER A 21 1.08 9.65 5.92
CA SER A 21 2.20 10.59 6.18
C SER A 21 1.82 12.04 6.56
N ALA A 22 0.60 12.29 7.06
CA ALA A 22 -0.04 13.58 7.37
C ALA A 22 -1.00 14.01 6.25
N GLY A 23 -2.22 14.39 6.62
CA GLY A 23 -3.25 14.94 5.71
C GLY A 23 -2.96 16.37 5.21
N ASP A 24 -1.77 16.89 5.49
CA ASP A 24 -1.29 18.22 5.12
C ASP A 24 0.14 18.25 4.53
N THR A 25 0.84 17.11 4.41
CA THR A 25 2.15 17.07 3.70
C THR A 25 2.04 17.57 2.26
N TRP A 26 0.94 17.26 1.59
CA TRP A 26 0.64 17.73 0.24
C TRP A 26 0.56 19.26 0.13
N ARG A 27 0.11 19.94 1.20
CA ARG A 27 0.00 21.41 1.30
C ARG A 27 1.37 22.08 1.24
N HIS A 28 2.38 21.46 1.86
CA HIS A 28 3.77 21.91 1.79
C HIS A 28 4.38 21.63 0.39
N LEU A 29 4.12 20.45 -0.19
CA LEU A 29 4.56 20.14 -1.57
C LEU A 29 4.02 21.15 -2.59
N ALA A 30 2.73 21.50 -2.51
CA ALA A 30 2.11 22.48 -3.39
C ALA A 30 2.86 23.83 -3.38
N GLY A 31 3.16 24.37 -2.20
CA GLY A 31 3.92 25.61 -2.04
C GLY A 31 5.31 25.57 -2.71
N GLU A 32 6.03 24.45 -2.59
CA GLU A 32 7.36 24.28 -3.22
C GLU A 32 7.32 23.97 -4.72
N LEU A 33 6.24 23.34 -5.21
CA LEU A 33 5.97 23.14 -6.65
C LEU A 33 5.51 24.43 -7.37
N GLY A 34 5.22 25.50 -6.63
CA GLY A 34 4.67 26.75 -7.18
C GLY A 34 3.18 26.68 -7.51
N TYR A 35 2.44 25.73 -6.92
CA TYR A 35 0.98 25.67 -7.01
C TYR A 35 0.33 26.92 -6.36
N GLN A 36 -0.69 27.45 -7.03
CA GLN A 36 -1.44 28.64 -6.60
C GLN A 36 -2.21 28.41 -5.28
N PRO A 37 -2.44 29.46 -4.47
CA PRO A 37 -3.11 29.34 -3.17
C PRO A 37 -4.58 28.90 -3.29
N GLU A 38 -5.25 29.27 -4.39
CA GLU A 38 -6.64 28.86 -4.66
C GLU A 38 -6.81 27.36 -4.95
N HIS A 39 -5.78 26.69 -5.52
CA HIS A 39 -5.78 25.23 -5.65
C HIS A 39 -5.74 24.56 -4.27
N ILE A 40 -4.92 25.08 -3.34
CA ILE A 40 -4.84 24.58 -1.96
C ILE A 40 -6.22 24.69 -1.28
N ASP A 41 -6.92 25.81 -1.40
CA ASP A 41 -8.28 25.98 -0.86
C ASP A 41 -9.33 25.03 -1.47
N SER A 42 -9.19 24.66 -2.74
CA SER A 42 -10.02 23.60 -3.35
C SER A 42 -9.69 22.22 -2.76
N PHE A 43 -8.41 21.93 -2.52
CA PHE A 43 -7.95 20.64 -2.01
C PHE A 43 -8.18 20.43 -0.50
N THR A 44 -8.11 21.46 0.35
CA THR A 44 -8.45 21.35 1.79
C THR A 44 -9.90 20.97 2.07
N HIS A 45 -10.78 21.02 1.07
CA HIS A 45 -12.21 20.68 1.16
C HIS A 45 -12.62 19.57 0.17
N GLU A 46 -11.65 18.94 -0.51
CA GLU A 46 -11.84 17.78 -1.40
C GLU A 46 -11.71 16.44 -0.64
N ALA A 47 -12.34 15.38 -1.14
CA ALA A 47 -12.29 14.03 -0.56
C ALA A 47 -10.99 13.26 -0.87
N CYS A 48 -10.42 13.44 -2.07
CA CYS A 48 -9.17 12.80 -2.52
C CYS A 48 -8.14 13.83 -3.08
N PRO A 49 -7.75 14.85 -2.29
CA PRO A 49 -6.88 15.93 -2.77
C PRO A 49 -5.48 15.46 -3.14
N VAL A 50 -4.89 14.56 -2.34
CA VAL A 50 -3.56 13.98 -2.59
C VAL A 50 -3.52 13.31 -3.97
N ARG A 51 -4.56 12.53 -4.29
CA ARG A 51 -4.71 11.82 -5.57
C ARG A 51 -4.83 12.77 -6.76
N ALA A 52 -5.66 13.80 -6.63
CA ALA A 52 -5.80 14.85 -7.63
C ALA A 52 -4.52 15.69 -7.80
N LEU A 53 -3.79 16.02 -6.73
CA LEU A 53 -2.54 16.78 -6.78
C LEU A 53 -1.46 16.01 -7.56
N LEU A 54 -1.18 14.76 -7.18
CA LEU A 54 -0.22 13.90 -7.89
C LEU A 54 -0.64 13.60 -9.34
N ALA A 55 -1.93 13.40 -9.61
CA ALA A 55 -2.43 13.20 -10.98
C ALA A 55 -2.29 14.45 -11.86
N SER A 56 -2.69 15.63 -11.35
CA SER A 56 -2.53 16.91 -12.05
C SER A 56 -1.05 17.30 -12.21
N TRP A 57 -0.17 16.96 -11.26
CA TRP A 57 1.26 17.14 -11.42
C TRP A 57 1.84 16.19 -12.48
N ALA A 58 1.43 14.93 -12.52
CA ALA A 58 1.81 13.96 -13.56
C ALA A 58 1.34 14.32 -14.99
N THR A 59 0.40 15.27 -15.14
CA THR A 59 -0.07 15.75 -16.46
C THR A 59 1.00 16.56 -17.23
N GLN A 60 2.06 17.03 -16.55
CA GLN A 60 3.11 17.89 -17.10
C GLN A 60 4.50 17.25 -16.96
N ASP A 61 5.42 17.62 -17.87
CA ASP A 61 6.80 17.15 -17.88
C ASP A 61 7.60 17.57 -16.62
N SER A 62 7.10 18.52 -15.83
CA SER A 62 7.63 18.89 -14.52
C SER A 62 7.61 17.75 -13.49
N ALA A 63 6.83 16.68 -13.74
CA ALA A 63 6.81 15.44 -12.97
C ALA A 63 8.09 14.58 -13.12
N THR A 64 9.25 15.17 -12.87
CA THR A 64 10.54 14.47 -12.80
C THR A 64 10.87 14.14 -11.34
N LEU A 65 11.47 12.98 -11.08
CA LEU A 65 11.97 12.62 -9.76
C LEU A 65 13.02 13.62 -9.28
N ASP A 66 13.92 14.06 -10.16
CA ASP A 66 14.92 15.08 -9.85
C ASP A 66 14.32 16.37 -9.24
N ALA A 67 13.18 16.82 -9.76
CA ALA A 67 12.41 17.94 -9.21
C ALA A 67 11.58 17.56 -7.96
N LEU A 68 11.00 16.36 -7.91
CA LEU A 68 10.22 15.85 -6.77
C LEU A 68 11.08 15.74 -5.50
N LEU A 69 12.26 15.13 -5.63
CA LEU A 69 13.25 14.96 -4.55
C LEU A 69 13.71 16.30 -4.00
N ALA A 70 13.98 17.27 -4.88
CA ALA A 70 14.34 18.64 -4.50
C ALA A 70 13.21 19.31 -3.68
N ALA A 71 11.96 19.24 -4.16
CA ALA A 71 10.80 19.78 -3.44
C ALA A 71 10.58 19.11 -2.08
N LEU A 72 10.69 17.77 -2.00
CA LEU A 72 10.64 17.02 -0.74
C LEU A 72 11.74 17.45 0.26
N ARG A 73 12.96 17.73 -0.23
CA ARG A 73 14.06 18.20 0.64
C ARG A 73 13.78 19.56 1.27
N ARG A 74 13.14 20.48 0.53
CA ARG A 74 12.72 21.81 1.02
C ARG A 74 11.66 21.76 2.13
N ILE A 75 10.82 20.72 2.14
CA ILE A 75 9.74 20.52 3.14
C ILE A 75 10.14 19.56 4.28
N GLN A 76 11.43 19.32 4.48
CA GLN A 76 11.98 18.41 5.50
C GLN A 76 11.37 17.00 5.42
N ARG A 77 11.36 16.40 4.23
CA ARG A 77 10.88 15.02 3.96
C ARG A 77 11.99 14.09 3.40
N ALA A 78 13.25 14.36 3.78
CA ALA A 78 14.41 13.52 3.42
C ALA A 78 14.26 12.03 3.82
N ASP A 79 13.49 11.75 4.87
CA ASP A 79 13.04 10.40 5.26
C ASP A 79 12.23 9.72 4.14
N LEU A 80 11.07 10.27 3.77
CA LEU A 80 10.22 9.79 2.67
C LEU A 80 10.97 9.68 1.35
N VAL A 81 11.83 10.65 1.05
CA VAL A 81 12.74 10.62 -0.12
C VAL A 81 13.51 9.32 -0.19
N GLU A 82 14.25 8.95 0.86
CA GLU A 82 15.04 7.71 0.87
C GLU A 82 14.17 6.47 0.66
N SER A 83 12.98 6.39 1.29
CA SER A 83 12.02 5.29 1.13
C SER A 83 11.58 5.05 -0.31
N LEU A 84 11.27 6.13 -1.03
CA LEU A 84 10.76 6.07 -2.40
C LEU A 84 11.91 5.94 -3.42
N CYS A 85 13.05 6.56 -3.12
CA CYS A 85 14.30 6.43 -3.87
C CYS A 85 14.86 4.99 -3.86
N SER A 86 14.51 4.15 -2.87
CA SER A 86 14.89 2.73 -2.83
C SER A 86 14.57 1.97 -4.12
N GLU A 87 13.38 2.17 -4.71
CA GLU A 87 13.03 1.58 -6.03
C GLU A 87 13.43 2.52 -7.18
N SER A 88 13.31 3.83 -7.00
CA SER A 88 13.63 4.81 -8.04
C SER A 88 15.12 4.85 -8.44
N THR A 89 16.00 4.32 -7.58
CA THR A 89 17.46 4.27 -7.74
C THR A 89 17.96 2.89 -7.29
N ALA A 90 17.83 1.90 -8.18
CA ALA A 90 18.44 0.57 -8.03
C ALA A 90 19.99 0.61 -8.21
N THR A 91 20.66 -0.50 -7.90
CA THR A 91 22.13 -0.65 -7.98
C THR A 91 22.56 -2.02 -8.53
N SER A 92 21.89 -3.11 -8.16
CA SER A 92 22.10 -4.46 -8.71
C SER A 92 21.75 -4.58 -10.21
N PRO A 93 22.32 -5.57 -10.92
CA PRO A 93 22.08 -5.78 -12.36
C PRO A 93 20.68 -6.36 -12.69
N VAL A 94 20.04 -7.01 -11.70
CA VAL A 94 18.72 -7.67 -11.81
C VAL A 94 17.88 -7.45 -10.55
N ALA B 1 -24.26 22.89 -26.60
CA ALA B 1 -24.00 24.31 -26.34
C ALA B 1 -22.89 24.50 -25.26
N GLN B 2 -22.59 25.76 -24.93
CA GLN B 2 -21.79 26.16 -23.76
C GLN B 2 -22.44 25.77 -22.40
N LYS B 3 -21.81 26.16 -21.28
CA LYS B 3 -22.14 25.73 -19.89
C LYS B 3 -22.10 24.19 -19.71
N SER B 4 -22.57 23.70 -18.57
CA SER B 4 -22.60 22.27 -18.22
C SER B 4 -23.93 21.91 -17.54
N ILE B 5 -24.33 20.64 -17.63
CA ILE B 5 -25.57 20.11 -17.03
C ILE B 5 -25.25 19.02 -15.98
N GLN B 6 -24.07 18.40 -16.07
CA GLN B 6 -23.54 17.48 -15.04
C GLN B 6 -23.35 18.13 -13.65
N GLU B 7 -23.38 19.47 -13.56
CA GLU B 7 -23.36 20.21 -12.28
C GLU B 7 -24.55 19.91 -11.35
N ILE B 8 -25.64 19.33 -11.88
CA ILE B 8 -26.81 18.87 -11.12
C ILE B 8 -27.04 17.37 -11.29
N GLN B 9 -26.73 16.79 -12.46
CA GLN B 9 -26.88 15.35 -12.73
C GLN B 9 -25.72 14.49 -12.20
N GLU B 10 -24.95 15.00 -11.23
CA GLU B 10 -23.84 14.30 -10.55
C GLU B 10 -24.28 13.15 -9.64
N LEU B 11 -25.54 13.13 -9.18
CA LEU B 11 -26.11 12.03 -8.40
C LEU B 11 -26.04 10.69 -9.16
N ASP B 12 -26.15 10.73 -10.49
CA ASP B 12 -26.02 9.54 -11.34
C ASP B 12 -24.62 8.89 -11.23
N LYS B 13 -23.55 9.66 -10.99
CA LYS B 13 -22.19 9.12 -10.76
C LYS B 13 -22.06 8.38 -9.42
N ASP B 14 -22.85 8.76 -8.41
CA ASP B 14 -22.84 8.11 -7.10
C ASP B 14 -23.59 6.76 -7.09
N ASP B 15 -24.50 6.53 -8.04
CA ASP B 15 -25.16 5.23 -8.25
C ASP B 15 -24.60 4.40 -9.43
N GLU B 16 -24.01 5.02 -10.45
CA GLU B 16 -23.32 4.30 -11.54
C GLU B 16 -22.08 3.53 -11.05
N SER B 17 -21.43 3.98 -9.97
CA SER B 17 -20.33 3.24 -9.33
C SER B 17 -20.75 1.87 -8.78
N LEU B 18 -22.02 1.69 -8.38
CA LEU B 18 -22.54 0.39 -7.91
C LEU B 18 -22.83 -0.60 -9.06
N ARG B 19 -23.02 -0.10 -10.28
CA ARG B 19 -23.31 -0.91 -11.48
C ARG B 19 -22.18 -1.88 -11.84
N LYS B 20 -20.93 -1.56 -11.46
CA LYS B 20 -19.77 -2.48 -11.49
C LYS B 20 -19.96 -3.70 -10.58
N TYR B 21 -20.47 -3.50 -9.37
CA TYR B 21 -20.70 -4.56 -8.38
C TYR B 21 -21.75 -5.59 -8.84
N LYS B 22 -22.77 -5.15 -9.59
CA LYS B 22 -23.74 -6.03 -10.27
C LYS B 22 -23.12 -6.89 -11.38
N GLU B 23 -22.08 -6.39 -12.05
CA GLU B 23 -21.35 -7.17 -13.08
C GLU B 23 -20.50 -8.28 -12.44
N ALA B 24 -19.87 -8.03 -11.29
CA ALA B 24 -19.11 -9.02 -10.52
C ALA B 24 -19.93 -10.26 -10.11
N LEU B 25 -21.26 -10.11 -9.92
CA LEU B 25 -22.20 -11.21 -9.66
C LEU B 25 -22.24 -12.27 -10.78
N LEU B 26 -21.87 -11.89 -12.01
CA LEU B 26 -21.90 -12.73 -13.22
C LEU B 26 -20.49 -12.96 -13.80
N GLY B 27 -19.44 -12.51 -13.10
CA GLY B 27 -18.03 -12.60 -13.52
C GLY B 27 -17.27 -13.81 -12.98
N ARG B 28 -17.92 -14.68 -12.20
CA ARG B 28 -17.33 -15.90 -11.60
C ARG B 28 -16.97 -16.99 -12.63
N VAL B 29 -17.51 -16.92 -13.85
CA VAL B 29 -17.23 -17.86 -14.96
C VAL B 29 -15.73 -17.94 -15.31
N ALA B 30 -14.98 -16.85 -15.11
CA ALA B 30 -13.56 -16.74 -15.40
C ALA B 30 -12.80 -16.10 -14.22
N VAL B 31 -12.22 -16.95 -13.36
CA VAL B 31 -11.49 -16.57 -12.13
C VAL B 31 -10.21 -17.40 -11.90
N SER B 32 -9.71 -18.07 -12.95
CA SER B 32 -8.57 -19.01 -12.91
C SER B 32 -8.73 -20.12 -11.85
N ALA B 33 -9.82 -20.89 -11.95
CA ALA B 33 -10.12 -22.02 -11.06
C ALA B 33 -9.24 -23.28 -11.30
N ASP B 34 -8.34 -23.25 -12.29
CA ASP B 34 -7.34 -24.30 -12.56
C ASP B 34 -6.43 -24.64 -11.35
N PRO B 35 -5.87 -25.86 -11.26
CA PRO B 35 -5.04 -26.28 -10.11
C PRO B 35 -3.67 -25.59 -10.03
N ASN B 36 -3.31 -24.76 -11.01
CA ASN B 36 -2.06 -24.00 -11.03
C ASN B 36 -2.02 -22.87 -9.98
N VAL B 37 -3.18 -22.38 -9.50
CA VAL B 37 -3.27 -21.35 -8.45
C VAL B 37 -3.06 -21.93 -7.03
N PRO B 38 -2.55 -21.14 -6.07
CA PRO B 38 -2.42 -21.52 -4.66
C PRO B 38 -3.77 -21.64 -3.91
N ASN B 39 -3.74 -22.28 -2.73
CA ASN B 39 -4.91 -22.39 -1.84
C ASN B 39 -5.23 -21.08 -1.09
N VAL B 40 -4.19 -20.52 -0.46
CA VAL B 40 -4.28 -19.34 0.41
C VAL B 40 -3.25 -18.32 -0.03
N VAL B 41 -3.72 -17.08 -0.19
CA VAL B 41 -2.90 -15.91 -0.52
C VAL B 41 -3.46 -14.72 0.21
N VAL B 42 -2.57 -14.01 0.90
CA VAL B 42 -2.83 -12.67 1.45
C VAL B 42 -3.21 -11.71 0.32
N THR B 43 -4.44 -11.22 0.30
CA THR B 43 -4.92 -10.25 -0.69
C THR B 43 -4.24 -8.88 -0.50
N GLY B 44 -3.93 -8.56 0.75
CA GLY B 44 -3.22 -7.35 1.17
C GLY B 44 -2.97 -7.30 2.68
N LEU B 45 -2.27 -6.26 3.12
CA LEU B 45 -2.06 -5.91 4.52
C LEU B 45 -2.51 -4.46 4.73
N THR B 46 -3.49 -4.26 5.60
CA THR B 46 -4.04 -2.95 5.98
C THR B 46 -3.52 -2.58 7.37
N LEU B 47 -2.60 -1.62 7.47
CA LEU B 47 -2.22 -1.08 8.78
C LEU B 47 -3.33 -0.14 9.31
N VAL B 48 -3.78 -0.41 10.54
CA VAL B 48 -4.77 0.38 11.26
C VAL B 48 -4.07 1.20 12.33
N CYS B 49 -4.29 2.51 12.33
CA CYS B 49 -3.64 3.45 13.24
C CYS B 49 -4.62 4.58 13.63
N SER B 50 -5.23 4.48 14.81
CA SER B 50 -6.13 5.52 15.35
C SER B 50 -5.45 6.88 15.58
N SER B 51 -4.12 6.89 15.76
CA SER B 51 -3.26 8.08 15.85
C SER B 51 -2.84 8.66 14.47
N ALA B 52 -3.28 8.07 13.36
CA ALA B 52 -2.99 8.53 11.98
C ALA B 52 -4.15 9.36 11.38
N PRO B 53 -3.89 10.18 10.33
CA PRO B 53 -4.90 10.97 9.62
C PRO B 53 -5.84 10.13 8.73
N GLY B 54 -5.36 9.01 8.20
CA GLY B 54 -6.09 8.11 7.30
C GLY B 54 -5.52 6.68 7.36
N PRO B 55 -6.27 5.67 6.89
CA PRO B 55 -5.84 4.27 6.88
C PRO B 55 -4.73 4.03 5.84
N LEU B 56 -4.00 2.93 6.02
CA LEU B 56 -2.83 2.56 5.23
C LEU B 56 -3.00 1.11 4.73
N GLU B 57 -2.74 0.81 3.46
CA GLU B 57 -2.81 -0.56 2.92
C GLU B 57 -1.81 -0.86 1.80
N LEU B 58 -1.32 -2.10 1.77
CA LEU B 58 -0.40 -2.64 0.77
C LEU B 58 -1.06 -3.85 0.09
N ASP B 59 -1.14 -3.80 -1.23
CA ASP B 59 -1.62 -4.91 -2.08
C ASP B 59 -0.62 -6.08 -2.02
N LEU B 60 -1.04 -7.33 -2.25
CA LEU B 60 -0.16 -8.51 -2.13
C LEU B 60 -0.41 -9.60 -3.21
N THR B 61 -0.92 -9.19 -4.38
CA THR B 61 -1.32 -10.07 -5.50
C THR B 61 -0.70 -9.65 -6.84
N GLY B 62 0.43 -8.94 -6.80
CA GLY B 62 1.15 -8.40 -7.97
C GLY B 62 2.67 -8.44 -7.82
N ASP B 63 3.37 -7.37 -8.20
CA ASP B 63 4.83 -7.23 -8.22
C ASP B 63 5.47 -7.28 -6.80
N LEU B 64 5.69 -8.49 -6.27
CA LEU B 64 6.30 -8.70 -4.95
C LEU B 64 7.66 -8.01 -4.78
N GLU B 65 8.49 -7.98 -5.83
CA GLU B 65 9.79 -7.28 -5.88
C GLU B 65 9.69 -5.79 -5.57
N SER B 66 8.57 -5.15 -5.92
CA SER B 66 8.32 -3.73 -5.62
C SER B 66 8.09 -3.50 -4.12
N PHE B 67 7.36 -4.41 -3.45
CA PHE B 67 7.14 -4.31 -2.00
C PHE B 67 8.45 -4.41 -1.20
N LYS B 68 9.46 -5.16 -1.71
CA LYS B 68 10.82 -5.26 -1.11
C LYS B 68 11.60 -3.93 -1.05
N LYS B 69 11.05 -2.86 -1.64
CA LYS B 69 11.68 -1.55 -1.85
C LYS B 69 10.83 -0.42 -1.27
N GLN B 70 9.53 -0.43 -1.58
CA GLN B 70 8.54 0.48 -1.01
C GLN B 70 8.38 0.26 0.50
N SER B 71 7.77 1.23 1.19
CA SER B 71 7.54 1.14 2.63
C SER B 71 6.22 1.79 3.06
N PHE B 72 6.06 1.96 4.37
CA PHE B 72 5.08 2.85 4.97
C PHE B 72 5.73 3.95 5.79
N VAL B 73 4.96 4.98 6.13
CA VAL B 73 5.39 6.08 7.03
C VAL B 73 4.64 5.97 8.35
N LEU B 74 5.40 6.15 9.43
CA LEU B 74 4.94 6.16 10.83
C LEU B 74 5.51 7.39 11.56
N LYS B 75 5.12 7.58 12.81
CA LYS B 75 5.66 8.61 13.71
C LYS B 75 6.68 8.03 14.70
N GLU B 76 7.67 8.85 15.08
CA GLU B 76 8.65 8.58 16.14
C GLU B 76 8.00 8.03 17.43
N GLY B 77 8.33 6.78 17.79
CA GLY B 77 7.84 6.12 19.01
C GLY B 77 6.32 5.98 19.11
N VAL B 78 5.60 5.98 17.99
CA VAL B 78 4.13 5.86 17.96
C VAL B 78 3.69 4.40 18.07
N GLU B 79 2.44 4.19 18.47
CA GLU B 79 1.78 2.88 18.42
C GLU B 79 1.02 2.68 17.10
N TYR B 80 1.06 1.46 16.58
CA TYR B 80 0.42 1.06 15.32
C TYR B 80 -0.10 -0.38 15.41
N ARG B 81 -0.86 -0.79 14.38
CA ARG B 81 -1.48 -2.12 14.28
C ARG B 81 -1.38 -2.64 12.84
N ILE B 82 -1.25 -3.95 12.72
CA ILE B 82 -0.99 -4.65 11.46
C ILE B 82 -2.13 -5.64 11.23
N LYS B 83 -2.93 -5.43 10.17
CA LYS B 83 -4.03 -6.32 9.80
C LYS B 83 -3.74 -6.99 8.46
N ILE B 84 -3.66 -8.32 8.45
CA ILE B 84 -3.43 -9.09 7.23
C ILE B 84 -4.75 -9.72 6.81
N SER B 85 -5.06 -9.67 5.51
CA SER B 85 -6.28 -10.24 4.93
C SER B 85 -5.92 -11.29 3.89
N PHE B 86 -6.56 -12.46 3.89
CA PHE B 86 -6.24 -13.58 2.99
C PHE B 86 -7.48 -14.36 2.54
N ARG B 87 -7.50 -14.73 1.26
CA ARG B 87 -8.56 -15.57 0.66
C ARG B 87 -8.22 -17.06 0.82
N VAL B 88 -9.23 -17.92 0.88
CA VAL B 88 -9.10 -19.38 1.04
C VAL B 88 -10.06 -20.06 0.05
N ASN B 89 -9.62 -20.40 -1.17
CA ASN B 89 -10.54 -20.89 -2.23
C ASN B 89 -10.18 -22.30 -2.74
N ARG B 90 -9.69 -23.17 -1.86
CA ARG B 90 -9.29 -24.57 -2.18
C ARG B 90 -9.81 -25.56 -1.14
N GLU B 91 -9.24 -25.57 0.06
CA GLU B 91 -9.54 -26.55 1.12
C GLU B 91 -9.36 -25.94 2.53
N ILE B 92 -9.83 -26.66 3.57
CA ILE B 92 -9.64 -26.26 4.97
C ILE B 92 -8.16 -26.39 5.36
N VAL B 93 -7.63 -25.39 6.06
CA VAL B 93 -6.25 -25.33 6.55
C VAL B 93 -6.21 -24.88 8.00
N SER B 94 -5.42 -25.59 8.81
CA SER B 94 -5.36 -25.47 10.28
C SER B 94 -3.92 -25.32 10.79
N GLY B 95 -3.77 -24.79 12.00
CA GLY B 95 -2.47 -24.41 12.57
C GLY B 95 -1.76 -23.29 11.78
N MET B 96 -2.50 -22.51 10.98
CA MET B 96 -1.97 -21.37 10.22
C MET B 96 -1.31 -20.35 11.17
N LYS B 97 -0.11 -19.90 10.83
CA LYS B 97 0.70 -18.96 11.61
C LYS B 97 1.33 -17.90 10.70
N TYR B 98 1.15 -16.64 11.06
CA TYR B 98 1.77 -15.49 10.42
C TYR B 98 3.05 -15.12 11.19
N ILE B 99 4.20 -15.16 10.50
CA ILE B 99 5.51 -14.81 11.06
C ILE B 99 5.87 -13.39 10.59
N GLN B 100 6.42 -12.57 11.47
CA GLN B 100 6.84 -11.19 11.20
C GLN B 100 8.21 -10.93 11.84
N HIS B 101 9.21 -10.58 11.04
CA HIS B 101 10.56 -10.24 11.51
C HIS B 101 10.81 -8.73 11.37
N THR B 102 11.80 -8.19 12.10
CA THR B 102 12.17 -6.76 12.02
C THR B 102 13.69 -6.62 11.90
N TYR B 103 14.13 -5.85 10.91
CA TYR B 103 15.54 -5.60 10.57
C TYR B 103 15.80 -4.09 10.52
N ARG B 104 16.79 -3.61 11.27
CA ARG B 104 17.21 -2.19 11.34
C ARG B 104 18.50 -2.02 10.55
N LYS B 105 18.50 -1.17 9.50
CA LYS B 105 19.66 -0.91 8.63
C LYS B 105 20.38 -2.20 8.13
N GLY B 106 19.61 -3.26 7.89
CA GLY B 106 20.13 -4.58 7.45
C GLY B 106 20.56 -5.52 8.59
N VAL B 107 20.08 -5.29 9.82
CA VAL B 107 20.43 -6.06 11.03
C VAL B 107 19.15 -6.51 11.74
N LYS B 108 18.86 -7.81 11.73
CA LYS B 108 17.74 -8.39 12.49
C LYS B 108 17.87 -8.10 14.00
N ILE B 109 16.79 -7.62 14.62
CA ILE B 109 16.76 -7.34 16.08
C ILE B 109 15.88 -8.34 16.83
N ASP B 110 14.73 -8.71 16.27
CA ASP B 110 13.80 -9.69 16.82
C ASP B 110 12.77 -10.12 15.76
N LYS B 111 11.89 -11.06 16.12
CA LYS B 111 10.73 -11.49 15.33
C LYS B 111 9.61 -11.99 16.23
N THR B 112 8.37 -11.79 15.79
CA THR B 112 7.16 -12.20 16.50
C THR B 112 6.26 -12.95 15.53
N ASP B 113 5.60 -13.99 16.04
CA ASP B 113 4.69 -14.82 15.28
C ASP B 113 3.32 -14.82 15.96
N TYR B 114 2.29 -14.63 15.14
CA TYR B 114 0.90 -14.48 15.56
C TYR B 114 0.10 -15.57 14.87
N MET B 115 -0.32 -16.57 15.64
CA MET B 115 -1.19 -17.62 15.14
C MET B 115 -2.54 -17.03 14.71
N VAL B 116 -3.05 -17.45 13.55
CA VAL B 116 -4.37 -17.02 13.07
C VAL B 116 -5.42 -18.11 13.36
N GLY B 117 -5.04 -19.39 13.34
CA GLY B 117 -5.89 -20.52 13.72
C GLY B 117 -6.19 -21.48 12.57
N SER B 118 -7.47 -21.76 12.31
CA SER B 118 -7.93 -22.60 11.19
C SER B 118 -9.11 -21.97 10.45
N TYR B 119 -9.14 -22.17 9.12
CA TYR B 119 -10.07 -21.52 8.20
C TYR B 119 -10.43 -22.45 7.03
N GLY B 120 -11.69 -22.37 6.58
CA GLY B 120 -12.22 -23.21 5.50
C GLY B 120 -12.26 -22.51 4.14
N PRO B 121 -12.59 -23.25 3.05
CA PRO B 121 -12.54 -22.76 1.67
C PRO B 121 -13.67 -21.78 1.28
N ARG B 122 -13.88 -20.75 2.11
CA ARG B 122 -14.84 -19.67 1.88
C ARG B 122 -14.51 -18.88 0.61
N ALA B 123 -15.51 -18.57 -0.20
CA ALA B 123 -15.35 -17.70 -1.39
C ALA B 123 -14.90 -16.25 -1.06
N GLU B 124 -14.94 -15.85 0.22
CA GLU B 124 -14.47 -14.55 0.71
C GLU B 124 -13.06 -14.64 1.33
N GLU B 125 -12.60 -13.57 1.97
CA GLU B 125 -11.33 -13.52 2.69
C GLU B 125 -11.52 -13.25 4.19
N TYR B 126 -10.61 -13.79 4.99
CA TYR B 126 -10.54 -13.57 6.43
C TYR B 126 -9.48 -12.51 6.74
N GLU B 127 -9.54 -11.96 7.95
CA GLU B 127 -8.60 -10.95 8.43
C GLU B 127 -8.14 -11.25 9.86
N PHE B 128 -6.93 -10.82 10.19
CA PHE B 128 -6.34 -10.95 11.52
C PHE B 128 -5.62 -9.67 11.92
N LEU B 129 -5.93 -9.15 13.11
CA LEU B 129 -5.35 -7.94 13.67
C LEU B 129 -4.38 -8.27 14.83
N THR B 130 -3.17 -7.70 14.81
CA THR B 130 -2.20 -7.81 15.91
C THR B 130 -2.56 -6.97 17.15
N PRO B 131 -1.87 -7.18 18.30
CA PRO B 131 -1.93 -6.28 19.45
C PRO B 131 -1.27 -4.90 19.18
N VAL B 132 -1.04 -4.12 20.25
CA VAL B 132 -0.29 -2.86 20.18
C VAL B 132 1.20 -3.13 19.88
N GLU B 133 1.74 -2.55 18.80
CA GLU B 133 3.19 -2.51 18.53
C GLU B 133 3.72 -1.06 18.66
N GLU B 134 4.85 -0.89 19.33
CA GLU B 134 5.60 0.38 19.40
C GLU B 134 6.65 0.49 18.28
N ALA B 135 6.95 1.71 17.86
CA ALA B 135 8.01 2.00 16.88
C ALA B 135 9.30 2.52 17.56
N PRO B 136 10.47 2.47 16.89
CA PRO B 136 11.72 3.07 17.39
C PRO B 136 11.71 4.62 17.35
N LYS B 137 12.79 5.24 17.85
CA LYS B 137 12.90 6.70 18.05
C LYS B 137 14.32 7.24 17.82
N GLY B 138 14.42 8.49 17.40
CA GLY B 138 15.67 9.22 17.09
C GLY B 138 15.99 9.23 15.59
N MET B 139 16.71 10.24 15.09
CA MET B 139 16.96 10.40 13.64
C MET B 139 17.78 9.26 13.03
N LEU B 140 18.72 8.68 13.79
CA LEU B 140 19.47 7.47 13.40
C LEU B 140 18.57 6.23 13.20
N ALA B 141 17.34 6.29 13.72
CA ALA B 141 16.31 5.27 13.63
C ALA B 141 15.09 5.71 12.77
N ARG B 142 15.16 6.89 12.11
CA ARG B 142 14.22 7.35 11.07
C ARG B 142 14.47 6.75 9.68
N GLY B 143 15.43 5.83 9.57
CA GLY B 143 15.62 5.03 8.36
C GLY B 143 14.49 4.04 8.09
N SER B 144 14.68 3.20 7.07
CA SER B 144 13.73 2.16 6.65
C SER B 144 14.15 0.80 7.23
N TYR B 145 13.19 0.12 7.86
CA TYR B 145 13.34 -1.21 8.45
C TYR B 145 12.85 -2.26 7.46
N SER B 146 13.60 -3.34 7.24
CA SER B 146 13.09 -4.49 6.48
C SER B 146 12.20 -5.34 7.40
N ILE B 147 10.99 -5.68 6.93
CA ILE B 147 10.11 -6.66 7.56
C ILE B 147 9.95 -7.85 6.62
N LYS B 148 10.17 -9.04 7.17
CA LYS B 148 9.91 -10.32 6.49
C LYS B 148 8.58 -10.88 7.00
N SER B 149 7.68 -11.26 6.10
CA SER B 149 6.38 -11.84 6.41
C SER B 149 6.29 -13.24 5.82
N ARG B 150 5.88 -14.22 6.62
CA ARG B 150 5.75 -15.62 6.17
C ARG B 150 4.44 -16.21 6.64
N PHE B 151 3.81 -17.04 5.80
CA PHE B 151 2.60 -17.78 6.15
C PHE B 151 2.84 -19.28 6.01
N THR B 152 2.76 -19.99 7.13
CA THR B 152 2.97 -21.44 7.24
C THR B 152 1.93 -22.09 8.16
N ASP B 153 1.92 -23.42 8.22
CA ASP B 153 0.92 -24.22 8.96
C ASP B 153 1.59 -25.16 9.97
N ASP B 154 0.80 -25.86 10.78
CA ASP B 154 1.27 -26.96 11.65
C ASP B 154 2.05 -28.05 10.89
N ASP B 155 1.69 -28.32 9.63
CA ASP B 155 2.35 -29.26 8.71
C ASP B 155 3.55 -28.65 7.95
N LYS B 156 4.04 -27.45 8.33
CA LYS B 156 5.10 -26.68 7.64
C LYS B 156 4.75 -26.29 6.18
N THR B 157 3.46 -26.30 5.82
CA THR B 157 2.94 -25.90 4.50
C THR B 157 3.04 -24.39 4.30
N ASP B 158 4.08 -23.91 3.63
CA ASP B 158 4.19 -22.51 3.20
C ASP B 158 3.12 -22.17 2.14
N HIS B 159 2.28 -21.16 2.41
CA HIS B 159 1.26 -20.69 1.46
C HIS B 159 1.76 -19.54 0.59
N LEU B 160 2.33 -18.52 1.23
CA LEU B 160 2.99 -17.38 0.61
C LEU B 160 3.97 -16.78 1.61
N SER B 161 5.00 -16.11 1.11
CA SER B 161 5.84 -15.21 1.90
C SER B 161 6.22 -13.99 1.07
N TRP B 162 6.30 -12.84 1.72
CA TRP B 162 6.66 -11.56 1.11
C TRP B 162 7.45 -10.73 2.11
N GLU B 163 7.96 -9.58 1.68
CA GLU B 163 8.71 -8.68 2.54
C GLU B 163 8.37 -7.24 2.15
N TRP B 164 8.50 -6.32 3.10
CA TRP B 164 8.16 -4.91 2.93
C TRP B 164 9.00 -4.05 3.86
N ASN B 165 9.34 -2.84 3.43
CA ASN B 165 10.08 -1.93 4.29
C ASN B 165 9.11 -1.09 5.14
N LEU B 166 9.62 -0.44 6.20
CA LEU B 166 8.84 0.45 7.06
C LEU B 166 9.71 1.64 7.47
N THR B 167 9.33 2.82 7.04
CA THR B 167 10.02 4.08 7.36
C THR B 167 9.35 4.76 8.53
N ILE B 168 10.16 5.27 9.45
CA ILE B 168 9.70 6.04 10.60
C ILE B 168 10.07 7.52 10.35
N LYS B 169 9.12 8.44 10.49
CA LYS B 169 9.27 9.89 10.30
C LYS B 169 8.95 10.60 11.63
N LYS B 170 9.51 11.78 11.86
CA LYS B 170 9.25 12.57 13.08
C LYS B 170 7.78 12.93 13.33
N ASP B 171 6.96 12.98 12.28
CA ASP B 171 5.57 13.39 12.29
C ASP B 171 4.75 12.66 11.22
N TRP B 172 3.42 12.69 11.34
CA TRP B 172 2.49 12.14 10.35
C TRP B 172 1.05 12.68 10.46
N LYS B 173 0.84 13.84 11.09
CA LYS B 173 -0.49 14.41 11.36
C LYS B 173 -0.49 15.91 11.68
N ASP B 174 0.57 16.65 11.34
CA ASP B 174 0.80 18.04 11.81
C ASP B 174 1.54 18.96 10.81
N GLY A 1 14.43 10.22 -15.80
CA GLY A 1 14.03 10.35 -14.38
C GLY A 1 12.64 10.96 -14.16
N LEU A 2 11.64 10.57 -14.96
CA LEU A 2 10.28 11.09 -14.88
C LEU A 2 9.43 10.29 -13.90
N TYR A 3 8.53 10.94 -13.16
CA TYR A 3 7.59 10.26 -12.26
C TYR A 3 6.66 9.28 -13.00
N SER A 4 6.37 9.54 -14.29
CA SER A 4 5.65 8.62 -15.19
C SER A 4 6.45 7.36 -15.58
N SER A 5 7.78 7.39 -15.44
CA SER A 5 8.67 6.22 -15.68
C SER A 5 8.50 5.11 -14.62
N LEU A 6 7.99 5.46 -13.43
CA LEU A 6 7.77 4.52 -12.32
C LEU A 6 6.63 3.50 -12.58
N PRO A 7 6.69 2.32 -11.93
CA PRO A 7 5.64 1.30 -12.03
C PRO A 7 4.29 1.75 -11.40
N PRO A 8 3.17 1.06 -11.71
CA PRO A 8 1.85 1.42 -11.19
C PRO A 8 1.76 1.24 -9.66
N ALA A 9 2.38 0.18 -9.13
CA ALA A 9 2.49 -0.08 -7.71
C ALA A 9 3.19 1.07 -6.97
N LYS A 10 4.26 1.64 -7.54
CA LYS A 10 4.97 2.81 -6.97
C LYS A 10 4.03 3.98 -6.73
N ARG A 11 3.25 4.40 -7.73
CA ARG A 11 2.40 5.60 -7.61
C ARG A 11 1.31 5.43 -6.55
N GLU A 12 0.69 4.25 -6.51
CA GLU A 12 -0.24 3.83 -5.46
C GLU A 12 0.44 3.84 -4.07
N GLU A 13 1.65 3.31 -3.97
CA GLU A 13 2.41 3.25 -2.72
C GLU A 13 2.76 4.64 -2.18
N VAL A 14 3.18 5.57 -3.04
CA VAL A 14 3.39 6.97 -2.67
C VAL A 14 2.11 7.58 -2.06
N GLU A 15 0.93 7.29 -2.60
CA GLU A 15 -0.35 7.82 -2.08
C GLU A 15 -0.83 7.13 -0.79
N LYS A 16 -0.73 5.80 -0.72
CA LYS A 16 -1.11 4.99 0.45
C LYS A 16 -0.24 5.28 1.66
N LEU A 17 1.08 5.44 1.49
CA LEU A 17 1.99 5.80 2.58
C LEU A 17 1.88 7.29 2.99
N LEU A 18 1.45 8.18 2.08
CA LEU A 18 1.21 9.61 2.36
C LEU A 18 -0.01 9.84 3.28
N ASN A 19 -1.05 9.02 3.16
CA ASN A 19 -2.18 9.04 4.11
C ASN A 19 -1.77 8.67 5.56
N GLY A 20 -0.66 7.96 5.72
CA GLY A 20 -0.02 7.68 7.02
C GLY A 20 1.02 8.71 7.46
N SER A 21 1.22 9.82 6.73
CA SER A 21 2.27 10.82 7.00
C SER A 21 1.80 12.11 7.67
N ALA A 22 0.56 12.51 7.41
CA ALA A 22 -0.16 13.67 7.98
C ALA A 22 -1.54 13.87 7.31
N GLY A 23 -1.68 13.44 6.05
CA GLY A 23 -2.85 13.69 5.20
C GLY A 23 -2.82 15.06 4.50
N ASP A 24 -1.95 15.97 4.94
CA ASP A 24 -1.73 17.32 4.38
C ASP A 24 -0.27 17.58 3.96
N THR A 25 0.60 16.55 3.94
CA THR A 25 2.00 16.67 3.43
C THR A 25 2.05 17.25 2.00
N TRP A 26 1.06 16.91 1.17
CA TRP A 26 0.89 17.46 -0.18
C TRP A 26 0.79 18.99 -0.20
N ARG A 27 0.21 19.58 0.85
CA ARG A 27 -0.02 21.02 1.01
C ARG A 27 1.30 21.78 1.12
N HIS A 28 2.27 21.19 1.81
CA HIS A 28 3.63 21.68 1.91
C HIS A 28 4.37 21.54 0.56
N LEU A 29 4.23 20.40 -0.13
CA LEU A 29 4.78 20.20 -1.48
C LEU A 29 4.27 21.25 -2.48
N ALA A 30 2.97 21.55 -2.50
CA ALA A 30 2.37 22.54 -3.38
C ALA A 30 3.04 23.93 -3.23
N GLY A 31 3.20 24.41 -2.00
CA GLY A 31 3.89 25.68 -1.72
C GLY A 31 5.33 25.73 -2.26
N GLU A 32 6.07 24.64 -2.19
CA GLU A 32 7.46 24.54 -2.69
C GLU A 32 7.57 24.31 -4.21
N LEU A 33 6.56 23.67 -4.83
CA LEU A 33 6.39 23.57 -6.29
C LEU A 33 5.96 24.89 -6.95
N GLY A 34 5.59 25.90 -6.17
CA GLY A 34 5.04 27.17 -6.67
C GLY A 34 3.58 27.06 -7.13
N TYR A 35 2.84 26.03 -6.71
CA TYR A 35 1.39 25.90 -6.95
C TYR A 35 0.62 27.09 -6.35
N GLN A 36 -0.39 27.57 -7.09
CA GLN A 36 -1.23 28.70 -6.66
C GLN A 36 -2.05 28.39 -5.38
N PRO A 37 -2.37 29.42 -4.57
CA PRO A 37 -3.09 29.22 -3.31
C PRO A 37 -4.54 28.73 -3.52
N GLU A 38 -5.18 29.11 -4.64
CA GLU A 38 -6.54 28.68 -4.98
C GLU A 38 -6.63 27.16 -5.26
N HIS A 39 -5.58 26.56 -5.86
CA HIS A 39 -5.52 25.11 -6.04
C HIS A 39 -5.52 24.38 -4.69
N ILE A 40 -4.77 24.89 -3.71
CA ILE A 40 -4.75 24.36 -2.35
C ILE A 40 -6.16 24.39 -1.73
N ASP A 41 -6.87 25.51 -1.82
CA ASP A 41 -8.27 25.62 -1.33
C ASP A 41 -9.27 24.68 -2.05
N SER A 42 -9.08 24.42 -3.35
CA SER A 42 -9.86 23.41 -4.09
C SER A 42 -9.57 21.98 -3.61
N PHE A 43 -8.32 21.68 -3.27
CA PHE A 43 -7.89 20.37 -2.78
C PHE A 43 -8.23 20.12 -1.30
N THR A 44 -8.16 21.10 -0.40
CA THR A 44 -8.56 20.93 1.01
C THR A 44 -10.05 20.56 1.20
N HIS A 45 -10.89 20.78 0.18
CA HIS A 45 -12.32 20.38 0.18
C HIS A 45 -12.56 18.92 -0.28
N GLU A 46 -11.50 18.15 -0.60
CA GLU A 46 -11.56 16.76 -1.07
C GLU A 46 -11.05 15.77 0.02
N ALA A 47 -11.49 14.51 -0.05
CA ALA A 47 -11.10 13.43 0.88
C ALA A 47 -9.67 12.87 0.64
N CYS A 48 -9.26 12.77 -0.63
CA CYS A 48 -7.97 12.20 -1.07
C CYS A 48 -7.18 13.13 -2.04
N PRO A 49 -6.99 14.42 -1.73
CA PRO A 49 -6.41 15.42 -2.64
C PRO A 49 -4.96 15.14 -3.04
N VAL A 50 -4.19 14.49 -2.17
CA VAL A 50 -2.83 14.02 -2.45
C VAL A 50 -2.72 13.19 -3.72
N ARG A 51 -3.75 12.38 -4.02
CA ARG A 51 -3.83 11.53 -5.22
C ARG A 51 -4.06 12.38 -6.48
N ALA A 52 -4.97 13.34 -6.38
CA ALA A 52 -5.23 14.30 -7.45
C ALA A 52 -4.01 15.19 -7.75
N LEU A 53 -3.25 15.61 -6.73
CA LEU A 53 -2.04 16.40 -6.95
C LEU A 53 -1.02 15.65 -7.80
N LEU A 54 -0.72 14.38 -7.49
CA LEU A 54 0.20 13.56 -8.31
C LEU A 54 -0.29 13.40 -9.76
N ALA A 55 -1.60 13.17 -9.97
CA ALA A 55 -2.20 13.09 -11.30
C ALA A 55 -2.10 14.44 -12.06
N SER A 56 -2.45 15.55 -11.42
CA SER A 56 -2.38 16.92 -11.97
C SER A 56 -0.94 17.42 -12.16
N TRP A 57 0.03 16.88 -11.41
CA TRP A 57 1.44 17.19 -11.60
C TRP A 57 2.01 16.45 -12.83
N ALA A 58 1.66 15.17 -12.99
CA ALA A 58 2.05 14.35 -14.14
C ALA A 58 1.54 14.83 -15.52
N THR A 59 0.66 15.83 -15.58
CA THR A 59 0.20 16.47 -16.84
C THR A 59 1.27 17.31 -17.54
N GLN A 60 2.39 17.59 -16.87
CA GLN A 60 3.50 18.43 -17.35
C GLN A 60 4.86 17.72 -17.17
N ASP A 61 5.82 18.03 -18.06
CA ASP A 61 7.19 17.50 -18.02
C ASP A 61 7.97 17.89 -16.75
N SER A 62 7.52 18.92 -16.02
CA SER A 62 8.03 19.30 -14.71
C SER A 62 7.90 18.20 -13.64
N ALA A 63 7.09 17.16 -13.88
CA ALA A 63 6.93 15.98 -13.02
C ALA A 63 8.17 15.05 -13.00
N THR A 64 9.39 15.57 -13.05
CA THR A 64 10.61 14.77 -12.91
C THR A 64 10.82 14.38 -11.44
N LEU A 65 11.30 13.17 -11.19
CA LEU A 65 11.75 12.75 -9.86
C LEU A 65 12.84 13.68 -9.33
N ASP A 66 13.81 14.06 -10.16
CA ASP A 66 14.86 15.01 -9.78
C ASP A 66 14.30 16.33 -9.20
N ALA A 67 13.19 16.85 -9.74
CA ALA A 67 12.47 17.99 -9.20
C ALA A 67 11.59 17.66 -7.97
N LEU A 68 10.94 16.49 -7.93
CA LEU A 68 10.10 16.04 -6.81
C LEU A 68 10.94 15.87 -5.52
N LEU A 69 12.08 15.19 -5.65
CA LEU A 69 13.05 14.94 -4.57
C LEU A 69 13.62 16.25 -4.01
N ALA A 70 13.90 17.23 -4.88
CA ALA A 70 14.33 18.57 -4.48
C ALA A 70 13.26 19.29 -3.64
N ALA A 71 11.99 19.23 -4.04
CA ALA A 71 10.89 19.82 -3.29
C ALA A 71 10.64 19.14 -1.93
N LEU A 72 10.69 17.80 -1.87
CA LEU A 72 10.63 17.03 -0.61
C LEU A 72 11.74 17.44 0.38
N ARG A 73 12.94 17.80 -0.10
CA ARG A 73 14.03 18.32 0.75
C ARG A 73 13.67 19.64 1.44
N ARG A 74 12.95 20.54 0.76
CA ARG A 74 12.55 21.86 1.30
C ARG A 74 11.55 21.75 2.47
N ILE A 75 10.70 20.73 2.43
CA ILE A 75 9.67 20.43 3.45
C ILE A 75 10.14 19.44 4.53
N GLN A 76 11.46 19.22 4.65
CA GLN A 76 12.07 18.30 5.62
C GLN A 76 11.53 16.85 5.54
N ARG A 77 11.37 16.32 4.31
CA ARG A 77 10.94 14.93 4.04
C ARG A 77 12.05 14.04 3.45
N ALA A 78 13.33 14.40 3.68
CA ALA A 78 14.49 13.59 3.28
C ALA A 78 14.43 12.12 3.77
N ASP A 79 13.81 11.89 4.93
CA ASP A 79 13.46 10.56 5.46
C ASP A 79 12.56 9.75 4.51
N LEU A 80 11.39 10.28 4.15
CA LEU A 80 10.46 9.66 3.21
C LEU A 80 11.06 9.53 1.79
N VAL A 81 11.83 10.54 1.36
CA VAL A 81 12.56 10.53 0.09
C VAL A 81 13.40 9.27 -0.06
N GLU A 82 14.23 8.94 0.93
CA GLU A 82 15.07 7.74 0.87
C GLU A 82 14.24 6.47 0.63
N SER A 83 13.15 6.30 1.37
CA SER A 83 12.23 5.14 1.27
C SER A 83 11.62 4.96 -0.11
N LEU A 84 11.21 6.07 -0.74
CA LEU A 84 10.61 6.08 -2.07
C LEU A 84 11.66 5.97 -3.18
N CYS A 85 12.82 6.60 -2.98
CA CYS A 85 14.00 6.55 -3.84
C CYS A 85 14.62 5.14 -3.89
N SER A 86 14.40 4.28 -2.89
CA SER A 86 14.87 2.88 -2.86
C SER A 86 14.56 2.10 -4.16
N GLU A 87 13.37 2.26 -4.72
CA GLU A 87 12.99 1.65 -6.02
C GLU A 87 13.23 2.60 -7.19
N SER A 88 13.00 3.91 -6.97
CA SER A 88 13.17 4.95 -7.98
C SER A 88 14.61 5.06 -8.52
N THR A 89 15.58 4.63 -7.69
CA THR A 89 17.02 4.64 -7.93
C THR A 89 17.62 3.33 -7.42
N ALA A 90 17.56 2.29 -8.24
CA ALA A 90 18.28 1.03 -8.01
C ALA A 90 19.81 1.24 -8.04
N THR A 91 20.55 0.25 -7.51
CA THR A 91 22.03 0.27 -7.39
C THR A 91 22.67 -1.12 -7.53
N SER A 92 21.95 -2.20 -7.21
CA SER A 92 22.45 -3.59 -7.18
C SER A 92 23.82 -3.74 -6.49
N PRO A 93 23.90 -3.49 -5.15
CA PRO A 93 25.13 -3.56 -4.37
C PRO A 93 25.66 -5.01 -4.22
N VAL A 94 26.39 -5.48 -5.24
CA VAL A 94 27.00 -6.81 -5.41
C VAL A 94 26.12 -7.99 -4.97
N ALA B 1 -4.36 31.37 -17.14
CA ALA B 1 -5.30 32.43 -16.74
C ALA B 1 -6.32 31.96 -15.66
N GLN B 2 -5.88 31.12 -14.72
CA GLN B 2 -6.68 30.41 -13.70
C GLN B 2 -7.59 29.31 -14.31
N LYS B 3 -8.02 28.35 -13.48
CA LYS B 3 -8.94 27.24 -13.85
C LYS B 3 -9.53 26.53 -12.62
N SER B 4 -10.40 25.54 -12.85
CA SER B 4 -11.09 24.73 -11.83
C SER B 4 -10.90 23.24 -12.06
N ILE B 5 -10.37 22.54 -11.04
CA ILE B 5 -10.09 21.09 -11.07
C ILE B 5 -11.30 20.28 -10.56
N GLN B 6 -12.17 20.91 -9.75
CA GLN B 6 -13.44 20.33 -9.29
C GLN B 6 -14.41 19.89 -10.41
N GLU B 7 -14.21 20.38 -11.64
CA GLU B 7 -14.93 19.94 -12.85
C GLU B 7 -14.70 18.46 -13.20
N ILE B 8 -13.56 17.86 -12.81
CA ILE B 8 -13.27 16.42 -12.95
C ILE B 8 -13.33 15.66 -11.62
N GLN B 9 -13.11 16.35 -10.49
CA GLN B 9 -13.19 15.76 -9.15
C GLN B 9 -14.62 15.49 -8.65
N GLU B 10 -15.65 15.65 -9.49
CA GLU B 10 -17.06 15.49 -9.13
C GLU B 10 -17.47 14.02 -8.89
N LEU B 11 -16.66 13.04 -9.32
CA LEU B 11 -16.91 11.62 -9.05
C LEU B 11 -17.01 11.32 -7.54
N ASP B 12 -16.26 12.04 -6.71
CA ASP B 12 -16.33 11.94 -5.23
C ASP B 12 -17.71 12.28 -4.64
N LYS B 13 -18.53 13.10 -5.30
CA LYS B 13 -19.92 13.39 -4.87
C LYS B 13 -20.87 12.19 -5.03
N ASP B 14 -20.51 11.23 -5.87
CA ASP B 14 -21.36 10.08 -6.23
C ASP B 14 -20.52 8.81 -6.51
N ASP B 15 -19.50 8.57 -5.68
CA ASP B 15 -18.65 7.37 -5.76
C ASP B 15 -19.47 6.07 -5.69
N GLU B 16 -20.66 6.10 -5.09
CA GLU B 16 -21.60 4.97 -5.12
C GLU B 16 -21.98 4.49 -6.53
N SER B 17 -21.90 5.35 -7.56
CA SER B 17 -22.08 4.94 -8.97
C SER B 17 -20.93 4.06 -9.51
N LEU B 18 -19.72 4.13 -8.93
CA LEU B 18 -18.59 3.27 -9.33
C LEU B 18 -18.73 1.82 -8.81
N ARG B 19 -19.54 1.60 -7.76
CA ARG B 19 -19.77 0.27 -7.16
C ARG B 19 -20.29 -0.75 -8.18
N LYS B 20 -21.01 -0.28 -9.20
CA LYS B 20 -21.48 -1.04 -10.37
C LYS B 20 -20.34 -1.64 -11.20
N TYR B 21 -19.23 -0.89 -11.39
CA TYR B 21 -18.01 -1.38 -12.03
C TYR B 21 -17.29 -2.45 -11.17
N LYS B 22 -17.32 -2.32 -9.84
CA LYS B 22 -16.82 -3.39 -8.94
C LYS B 22 -17.59 -4.70 -9.13
N GLU B 23 -18.90 -4.63 -9.33
CA GLU B 23 -19.74 -5.82 -9.55
C GLU B 23 -19.39 -6.59 -10.84
N ALA B 24 -18.96 -5.89 -11.90
CA ALA B 24 -18.50 -6.52 -13.14
C ALA B 24 -17.26 -7.42 -12.96
N LEU B 25 -16.43 -7.19 -11.92
CA LEU B 25 -15.28 -8.02 -11.56
C LEU B 25 -15.68 -9.46 -11.16
N LEU B 26 -16.90 -9.65 -10.66
CA LEU B 26 -17.45 -10.96 -10.22
C LEU B 26 -18.65 -11.42 -11.07
N GLY B 27 -18.87 -10.80 -12.23
CA GLY B 27 -19.95 -11.11 -13.18
C GLY B 27 -19.55 -12.06 -14.33
N ARG B 28 -18.41 -12.77 -14.20
CA ARG B 28 -17.86 -13.69 -15.23
C ARG B 28 -18.82 -14.82 -15.61
N VAL B 29 -19.29 -15.57 -14.62
CA VAL B 29 -20.22 -16.72 -14.72
C VAL B 29 -19.86 -17.68 -15.87
N ALA B 30 -18.58 -18.08 -15.97
CA ALA B 30 -18.09 -19.00 -17.01
C ALA B 30 -16.82 -19.77 -16.62
N VAL B 31 -15.73 -19.06 -16.27
CA VAL B 31 -14.40 -19.63 -15.99
C VAL B 31 -13.70 -18.84 -14.87
N SER B 32 -13.98 -19.26 -13.63
CA SER B 32 -13.50 -18.62 -12.38
C SER B 32 -13.11 -19.66 -11.32
N ALA B 33 -12.97 -20.93 -11.72
CA ALA B 33 -12.84 -22.12 -10.86
C ALA B 33 -11.82 -23.16 -11.40
N ASP B 34 -11.18 -22.84 -12.52
CA ASP B 34 -10.12 -23.61 -13.19
C ASP B 34 -8.86 -23.78 -12.32
N PRO B 35 -8.03 -24.83 -12.56
CA PRO B 35 -6.80 -25.06 -11.78
C PRO B 35 -5.68 -24.02 -12.08
N ASN B 36 -5.86 -23.15 -13.08
CA ASN B 36 -4.91 -22.10 -13.43
C ASN B 36 -4.89 -20.93 -12.42
N VAL B 37 -5.94 -20.77 -11.58
CA VAL B 37 -5.97 -19.78 -10.48
C VAL B 37 -5.57 -20.41 -9.14
N PRO B 38 -5.00 -19.63 -8.20
CA PRO B 38 -4.68 -20.09 -6.84
C PRO B 38 -5.94 -20.38 -6.00
N ASN B 39 -5.76 -20.84 -4.76
CA ASN B 39 -6.87 -21.14 -3.84
C ASN B 39 -7.01 -20.14 -2.67
N VAL B 40 -5.94 -19.45 -2.29
CA VAL B 40 -5.85 -18.44 -1.22
C VAL B 40 -4.81 -17.42 -1.64
N VAL B 41 -5.17 -16.14 -1.61
CA VAL B 41 -4.27 -15.00 -1.93
C VAL B 41 -4.62 -13.83 -1.02
N VAL B 42 -3.59 -13.27 -0.39
CA VAL B 42 -3.64 -11.98 0.31
C VAL B 42 -4.06 -10.86 -0.65
N THR B 43 -5.18 -10.20 -0.36
CA THR B 43 -5.65 -9.03 -1.13
C THR B 43 -4.83 -7.79 -0.79
N GLY B 44 -4.37 -7.70 0.46
CA GLY B 44 -3.48 -6.68 0.96
C GLY B 44 -3.20 -6.78 2.47
N LEU B 45 -2.25 -5.97 2.93
CA LEU B 45 -1.95 -5.75 4.34
C LEU B 45 -2.42 -4.35 4.72
N THR B 46 -3.26 -4.25 5.74
CA THR B 46 -3.87 -3.00 6.23
C THR B 46 -3.36 -2.70 7.63
N LEU B 47 -2.41 -1.78 7.78
CA LEU B 47 -2.00 -1.30 9.09
C LEU B 47 -3.05 -0.33 9.67
N VAL B 48 -3.54 -0.67 10.86
CA VAL B 48 -4.47 0.18 11.64
C VAL B 48 -3.70 0.75 12.82
N CYS B 49 -3.86 2.05 13.06
CA CYS B 49 -3.19 2.76 14.15
C CYS B 49 -3.91 4.07 14.45
N SER B 50 -4.64 4.11 15.56
CA SER B 50 -5.33 5.32 16.05
C SER B 50 -4.37 6.48 16.40
N SER B 51 -3.09 6.18 16.65
CA SER B 51 -2.01 7.17 16.78
C SER B 51 -1.63 7.87 15.46
N ALA B 52 -2.02 7.34 14.30
CA ALA B 52 -1.73 7.90 12.97
C ALA B 52 -2.76 8.95 12.51
N PRO B 53 -2.42 9.79 11.51
CA PRO B 53 -3.35 10.75 10.90
C PRO B 53 -4.47 10.10 10.06
N GLY B 54 -4.26 8.87 9.59
CA GLY B 54 -5.20 8.11 8.77
C GLY B 54 -4.79 6.63 8.65
N PRO B 55 -5.67 5.76 8.12
CA PRO B 55 -5.38 4.34 7.92
C PRO B 55 -4.36 4.13 6.77
N LEU B 56 -3.75 2.95 6.75
CA LEU B 56 -2.67 2.57 5.82
C LEU B 56 -2.97 1.19 5.24
N GLU B 57 -2.82 0.99 3.91
CA GLU B 57 -3.00 -0.32 3.26
C GLU B 57 -2.10 -0.53 2.03
N LEU B 58 -1.68 -1.78 1.80
CA LEU B 58 -0.80 -2.23 0.72
C LEU B 58 -1.44 -3.43 0.03
N ASP B 59 -1.89 -3.26 -1.22
CA ASP B 59 -2.40 -4.35 -2.07
C ASP B 59 -1.36 -5.47 -2.28
N LEU B 60 -1.79 -6.69 -2.65
CA LEU B 60 -0.91 -7.86 -2.75
C LEU B 60 -1.23 -8.76 -3.96
N THR B 61 -1.63 -8.14 -5.07
CA THR B 61 -2.11 -8.80 -6.30
C THR B 61 -1.37 -8.33 -7.58
N GLY B 62 -0.18 -7.72 -7.41
CA GLY B 62 0.67 -7.16 -8.46
C GLY B 62 2.15 -7.54 -8.30
N ASP B 63 3.05 -6.70 -8.83
CA ASP B 63 4.50 -6.92 -8.85
C ASP B 63 5.13 -6.70 -7.47
N LEU B 64 5.43 -7.79 -6.74
CA LEU B 64 6.11 -7.76 -5.44
C LEU B 64 7.53 -7.14 -5.49
N GLU B 65 8.11 -6.99 -6.69
CA GLU B 65 9.42 -6.36 -6.93
C GLU B 65 9.51 -4.91 -6.39
N SER B 66 8.42 -4.15 -6.47
CA SER B 66 8.35 -2.79 -5.88
C SER B 66 8.28 -2.85 -4.35
N PHE B 67 7.56 -3.82 -3.79
CA PHE B 67 7.39 -4.01 -2.34
C PHE B 67 8.73 -4.22 -1.62
N LYS B 68 9.71 -4.83 -2.30
CA LYS B 68 11.09 -5.04 -1.78
C LYS B 68 11.80 -3.74 -1.35
N LYS B 69 11.26 -2.58 -1.76
CA LYS B 69 11.78 -1.22 -1.55
C LYS B 69 10.71 -0.33 -0.90
N GLN B 70 9.48 -0.36 -1.40
CA GLN B 70 8.35 0.39 -0.88
C GLN B 70 8.01 0.01 0.56
N SER B 71 7.53 1.02 1.30
CA SER B 71 7.37 0.94 2.73
C SER B 71 6.14 1.68 3.24
N PHE B 72 6.02 1.78 4.56
CA PHE B 72 5.08 2.64 5.24
C PHE B 72 5.74 3.65 6.16
N VAL B 73 5.02 4.73 6.45
CA VAL B 73 5.45 5.79 7.36
C VAL B 73 4.84 5.54 8.73
N LEU B 74 5.72 5.48 9.72
CA LEU B 74 5.45 5.33 11.15
C LEU B 74 6.03 6.52 11.92
N LYS B 75 5.84 6.56 13.24
CA LYS B 75 6.43 7.56 14.15
C LYS B 75 7.42 6.88 15.11
N GLU B 76 8.51 7.56 15.44
CA GLU B 76 9.47 7.10 16.46
C GLU B 76 8.79 6.81 17.79
N GLY B 77 8.97 5.59 18.32
CA GLY B 77 8.42 5.19 19.62
C GLY B 77 6.89 5.08 19.67
N VAL B 78 6.22 5.03 18.51
CA VAL B 78 4.76 4.90 18.43
C VAL B 78 4.30 3.45 18.54
N GLU B 79 3.04 3.25 18.92
CA GLU B 79 2.37 1.96 18.89
C GLU B 79 1.41 1.88 17.69
N TYR B 80 1.42 0.73 17.02
CA TYR B 80 0.61 0.45 15.83
C TYR B 80 0.19 -1.02 15.77
N ARG B 81 -0.83 -1.32 14.97
CA ARG B 81 -1.35 -2.66 14.69
C ARG B 81 -1.11 -3.04 13.23
N ILE B 82 -1.13 -4.33 12.97
CA ILE B 82 -1.05 -4.91 11.63
C ILE B 82 -2.34 -5.73 11.42
N LYS B 83 -2.90 -5.69 10.22
CA LYS B 83 -4.07 -6.47 9.84
C LYS B 83 -3.83 -7.08 8.47
N ILE B 84 -4.08 -8.38 8.32
CA ILE B 84 -3.82 -9.11 7.07
C ILE B 84 -5.14 -9.52 6.45
N SER B 85 -5.39 -9.15 5.19
CA SER B 85 -6.64 -9.41 4.48
C SER B 85 -6.39 -10.34 3.30
N PHE B 86 -7.16 -11.43 3.21
CA PHE B 86 -6.97 -12.48 2.22
C PHE B 86 -8.29 -13.09 1.77
N ARG B 87 -8.46 -13.19 0.45
CA ARG B 87 -9.65 -13.75 -0.19
C ARG B 87 -9.41 -15.22 -0.51
N VAL B 88 -10.36 -16.07 -0.13
CA VAL B 88 -10.36 -17.48 -0.51
C VAL B 88 -10.92 -17.57 -1.93
N ASN B 89 -10.19 -18.25 -2.82
CA ASN B 89 -10.62 -18.42 -4.21
C ASN B 89 -11.72 -19.48 -4.32
N ARG B 90 -11.48 -20.71 -3.80
CA ARG B 90 -12.36 -21.89 -3.85
C ARG B 90 -11.77 -23.21 -3.27
N GLU B 91 -11.15 -23.19 -2.08
CA GLU B 91 -10.70 -24.43 -1.41
C GLU B 91 -10.70 -24.29 0.13
N ILE B 92 -10.77 -25.42 0.85
CA ILE B 92 -10.63 -25.48 2.31
C ILE B 92 -9.14 -25.44 2.69
N VAL B 93 -8.80 -24.66 3.72
CA VAL B 93 -7.43 -24.43 4.21
C VAL B 93 -7.41 -24.44 5.74
N SER B 94 -6.63 -25.35 6.32
CA SER B 94 -6.59 -25.62 7.76
C SER B 94 -5.18 -25.49 8.35
N GLY B 95 -5.11 -25.11 9.63
CA GLY B 95 -3.87 -24.73 10.30
C GLY B 95 -3.10 -23.61 9.59
N MET B 96 -3.79 -22.70 8.91
CA MET B 96 -3.20 -21.51 8.30
C MET B 96 -2.44 -20.69 9.37
N LYS B 97 -1.25 -20.20 9.01
CA LYS B 97 -0.34 -19.45 9.87
C LYS B 97 0.29 -18.31 9.08
N TYR B 98 0.28 -17.12 9.69
CA TYR B 98 0.90 -15.91 9.16
C TYR B 98 2.24 -15.69 9.86
N ILE B 99 3.32 -15.79 9.09
CA ILE B 99 4.68 -15.47 9.51
C ILE B 99 4.91 -13.97 9.31
N GLN B 100 5.57 -13.33 10.28
CA GLN B 100 6.02 -11.93 10.21
C GLN B 100 7.40 -11.81 10.89
N HIS B 101 8.38 -11.26 10.22
CA HIS B 101 9.72 -11.06 10.79
C HIS B 101 10.15 -9.61 10.67
N THR B 102 11.21 -9.21 11.39
CA THR B 102 11.68 -7.82 11.41
C THR B 102 13.19 -7.79 11.24
N TYR B 103 13.65 -6.87 10.38
CA TYR B 103 15.04 -6.71 9.97
C TYR B 103 15.40 -5.23 10.06
N ARG B 104 16.51 -4.92 10.75
CA ARG B 104 17.04 -3.55 10.92
C ARG B 104 18.25 -3.38 10.02
N LYS B 105 18.30 -2.32 9.22
CA LYS B 105 19.42 -2.01 8.30
C LYS B 105 19.78 -3.19 7.35
N GLY B 106 18.77 -3.97 6.94
CA GLY B 106 18.92 -5.14 6.08
C GLY B 106 19.48 -6.39 6.78
N VAL B 107 19.32 -6.48 8.12
CA VAL B 107 19.85 -7.58 8.97
C VAL B 107 18.75 -8.10 9.89
N LYS B 108 18.59 -9.42 9.97
CA LYS B 108 17.63 -10.10 10.85
C LYS B 108 17.81 -9.67 12.32
N ILE B 109 16.75 -9.19 12.97
CA ILE B 109 16.77 -8.86 14.41
C ILE B 109 15.85 -9.75 15.24
N ASP B 110 14.71 -10.17 14.67
CA ASP B 110 13.70 -10.98 15.34
C ASP B 110 12.74 -11.58 14.31
N LYS B 111 12.02 -12.63 14.73
CA LYS B 111 11.09 -13.39 13.90
C LYS B 111 9.94 -13.96 14.72
N THR B 112 8.73 -13.77 14.23
CA THR B 112 7.47 -14.16 14.87
C THR B 112 6.55 -14.87 13.86
N ASP B 113 5.60 -15.63 14.38
CA ASP B 113 4.67 -16.44 13.58
C ASP B 113 3.45 -16.80 14.42
N TYR B 114 2.25 -16.50 13.89
CA TYR B 114 0.99 -16.59 14.61
C TYR B 114 -0.04 -17.35 13.76
N MET B 115 -0.73 -18.33 14.35
CA MET B 115 -1.77 -19.08 13.66
C MET B 115 -3.02 -18.22 13.47
N VAL B 116 -3.50 -18.11 12.22
CA VAL B 116 -4.75 -17.42 11.90
C VAL B 116 -5.96 -18.32 12.19
N GLY B 117 -5.89 -19.61 11.83
CA GLY B 117 -6.95 -20.60 12.08
C GLY B 117 -7.19 -21.56 10.90
N SER B 118 -8.44 -21.96 10.70
CA SER B 118 -8.91 -22.78 9.57
C SER B 118 -10.19 -22.18 8.95
N TYR B 119 -10.22 -22.13 7.61
CA TYR B 119 -11.28 -21.47 6.83
C TYR B 119 -11.66 -22.30 5.60
N GLY B 120 -12.80 -21.97 4.99
CA GLY B 120 -13.37 -22.70 3.85
C GLY B 120 -13.59 -21.81 2.61
N PRO B 121 -14.04 -22.40 1.49
CA PRO B 121 -14.34 -21.69 0.25
C PRO B 121 -15.49 -20.69 0.47
N ARG B 122 -15.14 -19.41 0.50
CA ARG B 122 -16.06 -18.28 0.72
C ARG B 122 -15.86 -17.26 -0.41
N ALA B 123 -16.94 -16.65 -0.89
CA ALA B 123 -16.88 -15.54 -1.85
C ALA B 123 -16.29 -14.25 -1.26
N GLU B 124 -16.18 -14.16 0.07
CA GLU B 124 -15.64 -13.02 0.82
C GLU B 124 -14.14 -13.20 1.15
N GLU B 125 -13.59 -12.26 1.92
CA GLU B 125 -12.22 -12.32 2.46
C GLU B 125 -12.24 -12.35 3.99
N TYR B 126 -11.29 -13.08 4.56
CA TYR B 126 -11.05 -13.13 6.00
C TYR B 126 -9.96 -12.11 6.35
N GLU B 127 -9.98 -11.65 7.60
CA GLU B 127 -8.99 -10.72 8.15
C GLU B 127 -8.35 -11.30 9.42
N PHE B 128 -7.09 -10.92 9.67
CA PHE B 128 -6.35 -11.31 10.86
C PHE B 128 -5.88 -10.10 11.65
N LEU B 129 -6.16 -10.10 12.95
CA LEU B 129 -5.88 -9.03 13.89
C LEU B 129 -4.63 -9.38 14.74
N THR B 130 -3.50 -8.71 14.49
CA THR B 130 -2.24 -8.95 15.22
C THR B 130 -2.16 -8.09 16.50
N PRO B 131 -1.33 -8.44 17.50
CA PRO B 131 -1.11 -7.58 18.67
C PRO B 131 -0.41 -6.27 18.30
N VAL B 132 -0.68 -5.21 19.06
CA VAL B 132 0.03 -3.91 18.96
C VAL B 132 1.52 -4.10 19.27
N GLU B 133 2.39 -3.40 18.54
CA GLU B 133 3.83 -3.35 18.78
C GLU B 133 4.36 -1.91 18.78
N GLU B 134 5.41 -1.66 19.56
CA GLU B 134 6.15 -0.39 19.58
C GLU B 134 7.11 -0.24 18.37
N ALA B 135 7.54 0.99 18.10
CA ALA B 135 8.49 1.35 17.07
C ALA B 135 9.84 1.83 17.68
N PRO B 136 10.95 1.77 16.92
CA PRO B 136 12.27 2.25 17.36
C PRO B 136 12.33 3.80 17.41
N LYS B 137 13.43 4.35 17.93
CA LYS B 137 13.63 5.80 18.16
C LYS B 137 15.09 6.23 17.88
N GLY B 138 15.26 7.50 17.49
CA GLY B 138 16.54 8.16 17.21
C GLY B 138 16.68 8.45 15.72
N MET B 139 17.19 9.62 15.34
CA MET B 139 17.19 10.10 13.95
C MET B 139 17.87 9.14 12.96
N LEU B 140 18.87 8.37 13.43
CA LEU B 140 19.56 7.31 12.67
C LEU B 140 18.73 6.01 12.50
N ALA B 141 17.91 5.67 13.49
CA ALA B 141 16.98 4.53 13.47
C ALA B 141 15.69 4.83 12.67
N ARG B 142 15.58 6.01 12.03
CA ARG B 142 14.49 6.35 11.10
C ARG B 142 14.55 5.66 9.74
N GLY B 143 15.61 4.87 9.50
CA GLY B 143 15.77 4.04 8.30
C GLY B 143 14.63 3.03 8.07
N SER B 144 14.66 2.37 6.91
CA SER B 144 13.64 1.41 6.47
C SER B 144 13.97 -0.01 6.97
N TYR B 145 13.09 -0.57 7.79
CA TYR B 145 13.18 -1.93 8.33
C TYR B 145 12.57 -2.91 7.34
N SER B 146 13.26 -3.99 6.97
CA SER B 146 12.64 -5.06 6.16
C SER B 146 11.70 -5.90 7.01
N ILE B 147 10.63 -6.42 6.41
CA ILE B 147 9.71 -7.39 6.99
C ILE B 147 9.49 -8.52 6.00
N LYS B 148 9.71 -9.75 6.48
CA LYS B 148 9.45 -11.00 5.77
C LYS B 148 8.06 -11.49 6.16
N SER B 149 7.19 -11.69 5.16
CA SER B 149 5.84 -12.24 5.34
C SER B 149 5.71 -13.55 4.57
N ARG B 150 5.14 -14.58 5.20
CA ARG B 150 4.92 -15.89 4.56
C ARG B 150 3.58 -16.46 5.05
N PHE B 151 2.80 -17.04 4.14
CA PHE B 151 1.51 -17.64 4.46
C PHE B 151 1.55 -19.14 4.20
N THR B 152 1.54 -19.93 5.28
CA THR B 152 1.67 -21.40 5.24
C THR B 152 0.56 -22.09 6.04
N ASP B 153 0.47 -23.41 5.92
CA ASP B 153 -0.56 -24.25 6.56
C ASP B 153 0.08 -25.31 7.47
N ASP B 154 -0.75 -26.09 8.18
CA ASP B 154 -0.30 -27.24 8.98
C ASP B 154 0.52 -28.28 8.17
N ASP B 155 0.20 -28.45 6.89
CA ASP B 155 0.91 -29.29 5.92
C ASP B 155 2.18 -28.64 5.33
N LYS B 156 2.62 -27.48 5.86
CA LYS B 156 3.72 -26.63 5.37
C LYS B 156 3.49 -26.01 3.97
N THR B 157 2.30 -26.18 3.40
CA THR B 157 1.87 -25.61 2.10
C THR B 157 1.91 -24.08 2.11
N ASP B 158 2.92 -23.49 1.48
CA ASP B 158 2.96 -22.05 1.21
C ASP B 158 1.94 -21.65 0.11
N HIS B 159 1.06 -20.70 0.41
CA HIS B 159 0.10 -20.14 -0.56
C HIS B 159 0.67 -18.92 -1.29
N LEU B 160 1.27 -18.00 -0.53
CA LEU B 160 2.01 -16.86 -1.05
C LEU B 160 2.98 -16.36 0.03
N SER B 161 4.11 -15.79 -0.40
CA SER B 161 5.03 -15.08 0.48
C SER B 161 5.56 -13.83 -0.22
N TRP B 162 5.76 -12.77 0.56
CA TRP B 162 6.23 -11.48 0.09
C TRP B 162 7.04 -10.78 1.18
N GLU B 163 7.75 -9.72 0.81
CA GLU B 163 8.54 -8.93 1.75
C GLU B 163 8.42 -7.45 1.40
N TRP B 164 8.36 -6.62 2.43
CA TRP B 164 8.07 -5.19 2.37
C TRP B 164 8.90 -4.44 3.39
N ASN B 165 8.99 -3.12 3.28
CA ASN B 165 9.83 -2.31 4.16
C ASN B 165 8.97 -1.41 5.08
N LEU B 166 9.57 -0.82 6.10
CA LEU B 166 8.88 0.01 7.10
C LEU B 166 9.76 1.18 7.55
N THR B 167 9.39 2.39 7.15
CA THR B 167 10.11 3.62 7.45
C THR B 167 9.56 4.29 8.70
N ILE B 168 10.44 4.47 9.69
CA ILE B 168 10.09 5.05 10.98
C ILE B 168 10.39 6.56 10.94
N LYS B 169 9.46 7.39 10.45
CA LYS B 169 9.64 8.85 10.45
C LYS B 169 9.65 9.41 11.88
N LYS B 170 10.21 10.61 12.07
CA LYS B 170 10.28 11.31 13.37
C LYS B 170 8.90 11.62 13.94
N ASP B 171 8.02 12.13 13.07
CA ASP B 171 6.63 12.44 13.36
C ASP B 171 5.74 12.13 12.14
N TRP B 172 4.45 11.93 12.42
CA TRP B 172 3.40 11.75 11.39
C TRP B 172 2.12 12.52 11.71
N LYS B 173 2.08 13.24 12.84
CA LYS B 173 0.89 13.87 13.43
C LYS B 173 1.32 14.80 14.57
N ASP B 174 1.25 16.11 14.34
CA ASP B 174 1.59 17.19 15.30
C ASP B 174 0.60 18.37 15.17
N GLY A 1 15.00 9.96 -13.21
CA GLY A 1 14.08 9.86 -14.35
C GLY A 1 12.80 10.69 -14.18
N LEU A 2 11.81 10.44 -15.05
CA LEU A 2 10.43 10.96 -14.92
C LEU A 2 9.59 10.10 -13.97
N TYR A 3 8.69 10.72 -13.20
CA TYR A 3 7.71 10.02 -12.35
C TYR A 3 6.77 9.12 -13.17
N SER A 4 6.43 9.51 -14.41
CA SER A 4 5.71 8.68 -15.39
C SER A 4 6.45 7.41 -15.84
N SER A 5 7.77 7.31 -15.60
CA SER A 5 8.57 6.09 -15.86
C SER A 5 8.28 4.96 -14.83
N LEU A 6 7.81 5.31 -13.63
CA LEU A 6 7.48 4.34 -12.56
C LEU A 6 6.22 3.52 -12.88
N PRO A 7 6.12 2.28 -12.37
CA PRO A 7 4.95 1.41 -12.57
C PRO A 7 3.70 1.93 -11.84
N PRO A 8 2.48 1.48 -12.21
CA PRO A 8 1.22 1.96 -11.62
C PRO A 8 1.10 1.64 -10.12
N ALA A 9 1.58 0.47 -9.69
CA ALA A 9 1.58 0.06 -8.28
C ALA A 9 2.44 0.99 -7.40
N LYS A 10 3.57 1.49 -7.93
CA LYS A 10 4.44 2.49 -7.26
C LYS A 10 3.73 3.83 -7.05
N ARG A 11 3.01 4.33 -8.05
CA ARG A 11 2.32 5.63 -7.93
C ARG A 11 1.24 5.60 -6.85
N GLU A 12 0.47 4.51 -6.83
CA GLU A 12 -0.44 4.16 -5.73
C GLU A 12 0.29 4.07 -4.37
N GLU A 13 1.46 3.43 -4.31
CA GLU A 13 2.27 3.35 -3.08
C GLU A 13 2.53 4.74 -2.48
N VAL A 14 3.07 5.68 -3.28
CA VAL A 14 3.37 7.04 -2.83
C VAL A 14 2.16 7.71 -2.17
N GLU A 15 0.95 7.43 -2.67
CA GLU A 15 -0.29 8.03 -2.18
C GLU A 15 -0.83 7.33 -0.92
N LYS A 16 -0.80 5.99 -0.89
CA LYS A 16 -1.24 5.15 0.25
C LYS A 16 -0.35 5.34 1.48
N LEU A 17 0.98 5.38 1.31
CA LEU A 17 1.92 5.66 2.41
C LEU A 17 1.84 7.12 2.90
N LEU A 18 1.48 8.08 2.02
CA LEU A 18 1.28 9.49 2.40
C LEU A 18 0.05 9.71 3.30
N ASN A 19 -0.98 8.87 3.21
CA ASN A 19 -2.16 8.93 4.11
C ASN A 19 -1.73 8.79 5.60
N GLY A 20 -0.74 7.94 5.87
CA GLY A 20 -0.15 7.74 7.20
C GLY A 20 0.97 8.72 7.54
N SER A 21 1.26 9.72 6.70
CA SER A 21 2.44 10.61 6.83
C SER A 21 2.12 11.97 7.49
N ALA A 22 0.87 12.46 7.38
CA ALA A 22 0.29 13.55 8.18
C ALA A 22 -1.17 13.85 7.76
N GLY A 23 -1.40 14.05 6.46
CA GLY A 23 -2.68 14.50 5.88
C GLY A 23 -2.60 15.87 5.18
N ASP A 24 -1.62 16.70 5.56
CA ASP A 24 -1.34 18.02 5.00
C ASP A 24 0.06 18.13 4.35
N THR A 25 0.83 17.03 4.24
CA THR A 25 2.14 16.98 3.56
C THR A 25 2.06 17.55 2.12
N TRP A 26 1.02 17.15 1.38
CA TRP A 26 0.78 17.59 0.00
C TRP A 26 0.69 19.12 -0.12
N ARG A 27 0.17 19.79 0.91
CA ARG A 27 -0.01 21.25 1.01
C ARG A 27 1.34 21.98 1.02
N HIS A 28 2.33 21.39 1.69
CA HIS A 28 3.71 21.88 1.72
C HIS A 28 4.39 21.63 0.37
N LEU A 29 4.21 20.45 -0.24
CA LEU A 29 4.70 20.16 -1.60
C LEU A 29 4.14 21.13 -2.64
N ALA A 30 2.85 21.46 -2.60
CA ALA A 30 2.21 22.41 -3.53
C ALA A 30 2.93 23.78 -3.54
N GLY A 31 3.21 24.35 -2.37
CA GLY A 31 3.94 25.62 -2.24
C GLY A 31 5.34 25.58 -2.89
N GLU A 32 6.08 24.47 -2.73
CA GLU A 32 7.41 24.26 -3.33
C GLU A 32 7.37 23.95 -4.84
N LEU A 33 6.32 23.29 -5.32
CA LEU A 33 6.02 23.05 -6.75
C LEU A 33 5.57 24.32 -7.50
N GLY A 34 5.29 25.43 -6.78
CA GLY A 34 4.78 26.68 -7.36
C GLY A 34 3.28 26.66 -7.68
N TYR A 35 2.51 25.71 -7.11
CA TYR A 35 1.04 25.67 -7.23
C TYR A 35 0.39 26.93 -6.63
N GLN A 36 -0.70 27.40 -7.27
CA GLN A 36 -1.46 28.57 -6.81
C GLN A 36 -2.19 28.35 -5.48
N PRO A 37 -2.42 29.40 -4.66
CA PRO A 37 -3.08 29.28 -3.36
C PRO A 37 -4.56 28.87 -3.47
N GLU A 38 -5.26 29.31 -4.52
CA GLU A 38 -6.65 28.92 -4.78
C GLU A 38 -6.81 27.42 -5.10
N HIS A 39 -5.81 26.80 -5.74
CA HIS A 39 -5.80 25.34 -5.95
C HIS A 39 -5.68 24.60 -4.60
N ILE A 40 -4.88 25.10 -3.66
CA ILE A 40 -4.74 24.52 -2.31
C ILE A 40 -6.10 24.51 -1.58
N ASP A 41 -6.84 25.63 -1.59
CA ASP A 41 -8.17 25.71 -0.97
C ASP A 41 -9.20 24.72 -1.57
N SER A 42 -9.14 24.48 -2.90
CA SER A 42 -9.99 23.47 -3.55
C SER A 42 -9.51 22.03 -3.33
N PHE A 43 -8.20 21.78 -3.22
CA PHE A 43 -7.65 20.46 -2.90
C PHE A 43 -7.93 20.03 -1.45
N THR A 44 -7.74 20.90 -0.44
CA THR A 44 -8.01 20.54 0.97
C THR A 44 -9.47 20.15 1.25
N HIS A 45 -10.39 20.55 0.36
CA HIS A 45 -11.81 20.16 0.36
C HIS A 45 -12.08 18.68 -0.04
N GLU A 46 -11.11 17.99 -0.64
CA GLU A 46 -11.18 16.55 -0.98
C GLU A 46 -10.68 15.67 0.20
N ALA A 47 -11.10 14.39 0.25
CA ALA A 47 -10.68 13.43 1.28
C ALA A 47 -9.26 12.86 1.04
N CYS A 48 -8.88 12.64 -0.23
CA CYS A 48 -7.59 12.09 -0.67
C CYS A 48 -6.93 12.98 -1.78
N PRO A 49 -6.70 14.29 -1.52
CA PRO A 49 -6.16 15.21 -2.52
C PRO A 49 -4.74 14.87 -2.96
N VAL A 50 -3.95 14.21 -2.10
CA VAL A 50 -2.61 13.71 -2.40
C VAL A 50 -2.55 12.89 -3.71
N ARG A 51 -3.54 12.00 -3.92
CA ARG A 51 -3.68 11.16 -5.12
C ARG A 51 -4.01 12.02 -6.35
N ALA A 52 -4.94 12.96 -6.21
CA ALA A 52 -5.29 13.90 -7.28
C ALA A 52 -4.12 14.85 -7.63
N LEU A 53 -3.29 15.26 -6.65
CA LEU A 53 -2.13 16.12 -6.86
C LEU A 53 -1.09 15.41 -7.74
N LEU A 54 -0.69 14.18 -7.41
CA LEU A 54 0.26 13.42 -8.24
C LEU A 54 -0.30 13.15 -9.65
N ALA A 55 -1.60 12.87 -9.79
CA ALA A 55 -2.26 12.74 -11.09
C ALA A 55 -2.20 14.04 -11.92
N SER A 56 -2.56 15.18 -11.34
CA SER A 56 -2.50 16.51 -11.98
C SER A 56 -1.07 17.02 -12.19
N TRP A 57 -0.09 16.59 -11.39
CA TRP A 57 1.32 16.91 -11.58
C TRP A 57 1.94 16.09 -12.71
N ALA A 58 1.60 14.80 -12.83
CA ALA A 58 2.04 13.91 -13.91
C ALA A 58 1.59 14.33 -15.32
N THR A 59 0.67 15.29 -15.46
CA THR A 59 0.25 15.84 -16.79
C THR A 59 1.32 16.71 -17.46
N GLN A 60 2.38 17.10 -16.74
CA GLN A 60 3.46 17.98 -17.20
C GLN A 60 4.84 17.35 -16.97
N ASP A 61 5.81 17.70 -17.84
CA ASP A 61 7.19 17.20 -17.81
C ASP A 61 7.95 17.60 -16.52
N SER A 62 7.46 18.59 -15.77
CA SER A 62 7.94 18.93 -14.42
C SER A 62 7.82 17.80 -13.40
N ALA A 63 7.00 16.76 -13.67
CA ALA A 63 6.91 15.54 -12.85
C ALA A 63 8.17 14.65 -12.96
N THR A 64 9.37 15.19 -12.71
CA THR A 64 10.60 14.40 -12.62
C THR A 64 10.81 13.91 -11.19
N LEU A 65 11.46 12.75 -11.00
CA LEU A 65 11.92 12.31 -9.68
C LEU A 65 12.90 13.32 -9.08
N ASP A 66 13.81 13.85 -9.88
CA ASP A 66 14.80 14.85 -9.44
C ASP A 66 14.12 16.10 -8.81
N ALA A 67 13.01 16.56 -9.40
CA ALA A 67 12.20 17.66 -8.87
C ALA A 67 11.38 17.26 -7.62
N LEU A 68 10.78 16.06 -7.61
CA LEU A 68 10.00 15.53 -6.48
C LEU A 68 10.88 15.37 -5.22
N LEU A 69 12.03 14.70 -5.36
CA LEU A 69 12.99 14.45 -4.28
C LEU A 69 13.57 15.79 -3.74
N ALA A 70 13.85 16.75 -4.62
CA ALA A 70 14.25 18.11 -4.24
C ALA A 70 13.14 18.83 -3.44
N ALA A 71 11.89 18.82 -3.91
CA ALA A 71 10.76 19.45 -3.22
C ALA A 71 10.49 18.84 -1.83
N LEU A 72 10.60 17.52 -1.69
CA LEU A 72 10.56 16.84 -0.38
C LEU A 72 11.67 17.32 0.58
N ARG A 73 12.91 17.53 0.09
CA ARG A 73 14.02 18.05 0.91
C ARG A 73 13.70 19.43 1.51
N ARG A 74 13.06 20.31 0.74
CA ARG A 74 12.65 21.68 1.16
C ARG A 74 11.61 21.68 2.29
N ILE A 75 10.78 20.65 2.38
CA ILE A 75 9.73 20.51 3.40
C ILE A 75 10.16 19.59 4.57
N GLN A 76 11.47 19.40 4.77
CA GLN A 76 12.07 18.59 5.83
C GLN A 76 11.65 17.10 5.79
N ARG A 77 11.58 16.52 4.56
CA ARG A 77 11.18 15.11 4.29
C ARG A 77 12.27 14.28 3.60
N ALA A 78 13.54 14.59 3.85
CA ALA A 78 14.68 13.82 3.38
C ALA A 78 14.66 12.32 3.78
N ASP A 79 13.92 11.97 4.85
CA ASP A 79 13.61 10.56 5.20
C ASP A 79 12.67 9.88 4.19
N LEU A 80 11.55 10.51 3.82
CA LEU A 80 10.61 9.98 2.82
C LEU A 80 11.21 9.92 1.40
N VAL A 81 12.14 10.83 1.10
CA VAL A 81 12.98 10.82 -0.12
C VAL A 81 13.71 9.49 -0.24
N GLU A 82 14.40 9.04 0.81
CA GLU A 82 15.13 7.76 0.83
C GLU A 82 14.20 6.56 0.56
N SER A 83 13.00 6.50 1.17
CA SER A 83 12.03 5.42 0.94
C SER A 83 11.74 5.23 -0.55
N LEU A 84 11.32 6.31 -1.21
CA LEU A 84 10.87 6.29 -2.62
C LEU A 84 12.06 6.19 -3.60
N CYS A 85 13.21 6.76 -3.26
CA CYS A 85 14.46 6.63 -4.03
C CYS A 85 14.98 5.18 -4.04
N SER A 86 14.92 4.47 -2.90
CA SER A 86 15.22 3.03 -2.80
C SER A 86 14.29 2.13 -3.61
N GLU A 87 13.15 2.65 -4.08
CA GLU A 87 12.21 1.96 -4.96
C GLU A 87 12.38 2.34 -6.46
N SER A 88 12.94 3.51 -6.76
CA SER A 88 13.19 4.01 -8.13
C SER A 88 14.64 3.73 -8.58
N THR A 89 15.13 2.52 -8.28
CA THR A 89 16.51 2.10 -8.56
C THR A 89 16.61 0.56 -8.72
N ALA A 90 17.67 0.09 -9.39
CA ALA A 90 17.98 -1.32 -9.60
C ALA A 90 18.57 -1.96 -8.33
N THR A 91 17.71 -2.62 -7.54
CA THR A 91 18.04 -3.34 -6.30
C THR A 91 17.51 -4.78 -6.33
N SER A 92 17.96 -5.60 -5.38
CA SER A 92 17.57 -7.01 -5.19
C SER A 92 17.17 -7.30 -3.73
N PRO A 93 16.46 -8.42 -3.46
CA PRO A 93 16.02 -8.81 -2.12
C PRO A 93 17.18 -9.39 -1.26
N VAL A 94 18.16 -8.55 -0.92
CA VAL A 94 19.26 -8.84 0.02
C VAL A 94 18.73 -9.02 1.45
N ALA B 1 -23.16 -35.54 -32.97
CA ALA B 1 -22.37 -36.71 -33.38
C ALA B 1 -21.61 -37.37 -32.21
N GLN B 2 -20.66 -38.27 -32.52
CA GLN B 2 -19.77 -38.97 -31.58
C GLN B 2 -18.74 -39.88 -32.29
N LYS B 3 -19.04 -40.37 -33.50
CA LYS B 3 -18.23 -41.34 -34.28
C LYS B 3 -17.87 -40.75 -35.64
N SER B 4 -16.92 -39.81 -35.64
CA SER B 4 -16.50 -39.02 -36.80
C SER B 4 -15.00 -39.18 -37.09
N ILE B 5 -14.52 -38.61 -38.22
CA ILE B 5 -13.13 -38.71 -38.69
C ILE B 5 -12.51 -37.30 -38.86
N GLN B 6 -13.26 -36.22 -38.58
CA GLN B 6 -12.71 -34.85 -38.57
C GLN B 6 -11.78 -34.63 -37.34
N GLU B 7 -12.11 -35.21 -36.18
CA GLU B 7 -11.37 -35.04 -34.92
C GLU B 7 -9.95 -35.65 -34.90
N ILE B 8 -9.58 -36.41 -35.96
CA ILE B 8 -8.24 -37.02 -36.14
C ILE B 8 -7.49 -36.44 -37.35
N GLN B 9 -8.20 -35.91 -38.35
CA GLN B 9 -7.64 -35.36 -39.59
C GLN B 9 -7.55 -33.82 -39.59
N GLU B 10 -7.92 -33.17 -38.47
CA GLU B 10 -7.98 -31.72 -38.29
C GLU B 10 -7.16 -31.23 -37.07
N LEU B 11 -6.30 -32.10 -36.50
CA LEU B 11 -5.35 -31.75 -35.43
C LEU B 11 -4.49 -30.52 -35.77
N ASP B 12 -4.08 -30.37 -37.04
CA ASP B 12 -3.30 -29.23 -37.52
C ASP B 12 -4.02 -27.88 -37.35
N LYS B 13 -5.36 -27.88 -37.48
CA LYS B 13 -6.22 -26.70 -37.30
C LYS B 13 -6.39 -26.34 -35.83
N ASP B 14 -6.35 -27.30 -34.91
CA ASP B 14 -6.31 -27.05 -33.46
C ASP B 14 -4.90 -26.70 -32.94
N ASP B 15 -3.83 -27.05 -33.65
CA ASP B 15 -2.44 -26.69 -33.30
C ASP B 15 -2.20 -25.19 -33.55
N GLU B 16 -2.12 -24.72 -34.81
CA GLU B 16 -1.72 -23.34 -35.10
C GLU B 16 -2.71 -22.28 -34.57
N SER B 17 -3.99 -22.66 -34.41
CA SER B 17 -5.06 -21.85 -33.80
C SER B 17 -4.78 -21.41 -32.35
N LEU B 18 -3.82 -22.04 -31.64
CA LEU B 18 -3.36 -21.59 -30.30
C LEU B 18 -2.98 -20.09 -30.27
N ARG B 19 -2.57 -19.52 -31.42
CA ARG B 19 -2.30 -18.08 -31.61
C ARG B 19 -3.42 -17.14 -31.13
N LYS B 20 -4.70 -17.53 -31.31
CA LYS B 20 -5.88 -16.77 -30.82
C LYS B 20 -6.03 -16.85 -29.30
N TYR B 21 -5.68 -17.99 -28.71
CA TYR B 21 -5.61 -18.18 -27.26
C TYR B 21 -4.54 -17.29 -26.61
N LYS B 22 -3.40 -17.07 -27.31
CA LYS B 22 -2.35 -16.11 -26.92
C LYS B 22 -2.82 -14.65 -26.95
N GLU B 23 -3.70 -14.28 -27.88
CA GLU B 23 -4.30 -12.93 -27.91
C GLU B 23 -5.26 -12.69 -26.74
N ALA B 24 -6.03 -13.70 -26.34
CA ALA B 24 -6.93 -13.65 -25.18
C ALA B 24 -6.22 -13.35 -23.85
N LEU B 25 -4.92 -13.64 -23.72
CA LEU B 25 -4.11 -13.35 -22.53
C LEU B 25 -4.18 -11.86 -22.07
N LEU B 26 -4.44 -10.94 -23.01
CA LEU B 26 -4.57 -9.48 -22.78
C LEU B 26 -5.91 -8.90 -23.31
N GLY B 27 -6.80 -9.73 -23.84
CA GLY B 27 -8.10 -9.33 -24.41
C GLY B 27 -9.34 -10.02 -23.80
N ARG B 28 -9.14 -11.13 -23.08
CA ARG B 28 -10.17 -11.97 -22.42
C ARG B 28 -9.50 -12.90 -21.37
N VAL B 29 -9.29 -12.37 -20.17
CA VAL B 29 -8.79 -13.11 -18.99
C VAL B 29 -9.65 -14.32 -18.57
N ALA B 30 -10.89 -14.42 -19.08
CA ALA B 30 -11.86 -15.50 -18.81
C ALA B 30 -12.11 -15.76 -17.31
N VAL B 31 -12.13 -14.69 -16.50
CA VAL B 31 -12.46 -14.73 -15.06
C VAL B 31 -13.98 -14.84 -14.87
N SER B 32 -14.49 -16.07 -14.97
CA SER B 32 -15.91 -16.43 -14.88
C SER B 32 -16.11 -17.76 -14.13
N ALA B 33 -15.56 -17.83 -12.92
CA ALA B 33 -15.47 -19.02 -12.06
C ALA B 33 -14.68 -20.22 -12.66
N ASP B 34 -13.91 -19.99 -13.72
CA ASP B 34 -13.04 -20.99 -14.38
C ASP B 34 -11.88 -21.47 -13.47
N PRO B 35 -11.30 -22.64 -13.68
CA PRO B 35 -10.21 -23.21 -12.89
C PRO B 35 -8.87 -22.47 -13.04
N ASN B 36 -8.77 -21.49 -13.96
CA ASN B 36 -7.59 -20.63 -14.14
C ASN B 36 -7.32 -19.69 -12.95
N VAL B 37 -8.36 -19.36 -12.15
CA VAL B 37 -8.23 -18.51 -10.95
C VAL B 37 -7.71 -19.31 -9.73
N PRO B 38 -6.97 -18.67 -8.79
CA PRO B 38 -6.55 -19.28 -7.52
C PRO B 38 -7.72 -19.54 -6.55
N ASN B 39 -7.46 -20.18 -5.40
CA ASN B 39 -8.50 -20.49 -4.39
C ASN B 39 -8.56 -19.51 -3.20
N VAL B 40 -7.45 -18.85 -2.86
CA VAL B 40 -7.28 -17.88 -1.76
C VAL B 40 -6.25 -16.85 -2.21
N VAL B 41 -6.58 -15.56 -2.08
CA VAL B 41 -5.69 -14.43 -2.42
C VAL B 41 -5.91 -13.31 -1.41
N VAL B 42 -4.81 -12.80 -0.85
CA VAL B 42 -4.79 -11.54 -0.09
C VAL B 42 -5.18 -10.38 -1.00
N THR B 43 -6.28 -9.70 -0.68
CA THR B 43 -6.73 -8.49 -1.38
C THR B 43 -5.77 -7.32 -1.11
N GLY B 44 -5.21 -7.28 0.09
CA GLY B 44 -4.19 -6.34 0.52
C GLY B 44 -3.79 -6.51 1.99
N LEU B 45 -2.75 -5.78 2.39
CA LEU B 45 -2.29 -5.62 3.77
C LEU B 45 -2.62 -4.20 4.23
N THR B 46 -3.38 -4.07 5.32
CA THR B 46 -3.81 -2.80 5.94
C THR B 46 -3.08 -2.63 7.26
N LEU B 47 -2.15 -1.66 7.36
CA LEU B 47 -1.54 -1.31 8.65
C LEU B 47 -2.51 -0.43 9.45
N VAL B 48 -2.89 -0.91 10.63
CA VAL B 48 -3.75 -0.19 11.60
C VAL B 48 -2.85 0.41 12.68
N CYS B 49 -3.02 1.70 12.94
CA CYS B 49 -2.19 2.47 13.86
C CYS B 49 -3.05 3.53 14.59
N SER B 50 -3.49 3.26 15.83
CA SER B 50 -4.23 4.23 16.65
C SER B 50 -3.45 5.52 16.96
N SER B 51 -2.11 5.45 16.95
CA SER B 51 -1.20 6.60 17.13
C SER B 51 -0.92 7.41 15.85
N ALA B 52 -1.54 7.04 14.71
CA ALA B 52 -1.36 7.68 13.40
C ALA B 52 -2.54 8.61 13.04
N PRO B 53 -2.37 9.54 12.07
CA PRO B 53 -3.41 10.47 11.64
C PRO B 53 -4.48 9.82 10.74
N GLY B 54 -4.12 8.75 10.02
CA GLY B 54 -4.99 8.01 9.11
C GLY B 54 -4.49 6.59 8.86
N PRO B 55 -5.36 5.65 8.42
CA PRO B 55 -4.99 4.26 8.16
C PRO B 55 -4.13 4.15 6.89
N LEU B 56 -3.43 3.02 6.74
CA LEU B 56 -2.53 2.73 5.63
C LEU B 56 -2.88 1.36 5.02
N GLU B 57 -2.76 1.20 3.70
CA GLU B 57 -3.01 -0.09 3.03
C GLU B 57 -2.16 -0.31 1.77
N LEU B 58 -1.98 -1.58 1.39
CA LEU B 58 -1.25 -2.05 0.20
C LEU B 58 -2.05 -3.18 -0.47
N ASP B 59 -2.69 -2.86 -1.59
CA ASP B 59 -3.26 -3.79 -2.59
C ASP B 59 -2.30 -4.97 -2.92
N LEU B 60 -2.82 -6.15 -3.29
CA LEU B 60 -2.00 -7.37 -3.53
C LEU B 60 -2.52 -8.25 -4.69
N THR B 61 -3.06 -7.62 -5.75
CA THR B 61 -3.75 -8.30 -6.87
C THR B 61 -3.18 -7.90 -8.26
N GLY B 62 -1.88 -7.63 -8.32
CA GLY B 62 -1.16 -7.16 -9.52
C GLY B 62 0.30 -7.62 -9.58
N ASP B 63 1.14 -6.87 -10.28
CA ASP B 63 2.58 -7.13 -10.46
C ASP B 63 3.36 -7.14 -9.14
N LEU B 64 3.49 -8.30 -8.48
CA LEU B 64 4.29 -8.45 -7.25
C LEU B 64 5.76 -8.06 -7.43
N GLU B 65 6.28 -8.02 -8.67
CA GLU B 65 7.62 -7.53 -9.02
C GLU B 65 7.90 -6.09 -8.53
N SER B 66 6.94 -5.17 -8.61
CA SER B 66 7.07 -3.82 -8.05
C SER B 66 6.87 -3.80 -6.53
N PHE B 67 6.00 -4.66 -5.98
CA PHE B 67 5.79 -4.80 -4.54
C PHE B 67 7.06 -5.17 -3.76
N LYS B 68 7.97 -5.93 -4.37
CA LYS B 68 9.32 -6.28 -3.85
C LYS B 68 10.13 -5.05 -3.40
N LYS B 69 9.92 -3.90 -4.04
CA LYS B 69 10.53 -2.60 -3.72
C LYS B 69 9.64 -1.78 -2.79
N GLN B 70 8.34 -1.68 -3.09
CA GLN B 70 7.35 -0.89 -2.32
C GLN B 70 7.47 -1.10 -0.80
N SER B 71 7.34 -0.01 -0.03
CA SER B 71 7.49 -0.04 1.42
C SER B 71 6.31 0.59 2.16
N PHE B 72 6.49 0.92 3.44
CA PHE B 72 5.61 1.77 4.24
C PHE B 72 6.41 2.78 5.07
N VAL B 73 5.72 3.80 5.59
CA VAL B 73 6.25 4.80 6.53
C VAL B 73 5.65 4.54 7.91
N LEU B 74 6.52 4.56 8.92
CA LEU B 74 6.22 4.44 10.36
C LEU B 74 7.09 5.43 11.17
N LYS B 75 6.99 5.42 12.50
CA LYS B 75 7.83 6.22 13.40
C LYS B 75 8.85 5.33 14.13
N GLU B 76 10.08 5.82 14.23
CA GLU B 76 11.15 5.21 15.02
C GLU B 76 10.73 4.96 16.48
N GLY B 77 10.80 3.71 16.93
CA GLY B 77 10.39 3.28 18.27
C GLY B 77 8.87 3.28 18.54
N VAL B 78 8.01 3.32 17.51
CA VAL B 78 6.54 3.32 17.67
C VAL B 78 5.95 1.90 17.70
N GLU B 79 4.73 1.77 18.20
CA GLU B 79 3.94 0.53 18.06
C GLU B 79 2.92 0.64 16.90
N TYR B 80 2.69 -0.48 16.22
CA TYR B 80 1.79 -0.61 15.08
C TYR B 80 1.14 -2.00 15.04
N ARG B 81 0.20 -2.20 14.10
CA ARG B 81 -0.52 -3.46 13.84
C ARG B 81 -0.58 -3.76 12.35
N ILE B 82 -0.54 -5.04 12.00
CA ILE B 82 -0.57 -5.55 10.63
C ILE B 82 -1.88 -6.34 10.44
N LYS B 83 -2.77 -5.88 9.54
CA LYS B 83 -4.01 -6.59 9.17
C LYS B 83 -3.89 -7.13 7.75
N ILE B 84 -4.29 -8.38 7.55
CA ILE B 84 -4.15 -9.15 6.32
C ILE B 84 -5.56 -9.50 5.85
N SER B 85 -6.03 -8.83 4.79
CA SER B 85 -7.34 -9.06 4.18
C SER B 85 -7.22 -10.06 3.03
N PHE B 86 -8.08 -11.08 2.96
CA PHE B 86 -8.05 -12.11 1.91
C PHE B 86 -9.44 -12.65 1.56
N ARG B 87 -9.69 -12.82 0.27
CA ARG B 87 -10.96 -13.32 -0.26
C ARG B 87 -10.81 -14.78 -0.71
N VAL B 88 -11.73 -15.61 -0.24
CA VAL B 88 -11.86 -17.00 -0.71
C VAL B 88 -12.51 -16.96 -2.09
N ASN B 89 -11.90 -17.68 -3.05
CA ASN B 89 -12.42 -17.76 -4.41
C ASN B 89 -13.53 -18.82 -4.51
N ARG B 90 -13.22 -20.09 -4.14
CA ARG B 90 -14.09 -21.28 -4.31
C ARG B 90 -13.54 -22.62 -3.77
N GLU B 91 -12.77 -22.63 -2.67
CA GLU B 91 -12.29 -23.89 -2.05
C GLU B 91 -12.19 -23.81 -0.52
N ILE B 92 -12.15 -24.97 0.17
CA ILE B 92 -11.87 -25.07 1.61
C ILE B 92 -10.37 -25.26 1.87
N VAL B 93 -9.90 -24.77 3.02
CA VAL B 93 -8.50 -24.78 3.45
C VAL B 93 -8.44 -24.95 4.97
N SER B 94 -7.61 -25.89 5.44
CA SER B 94 -7.58 -26.37 6.82
C SER B 94 -6.17 -26.47 7.40
N GLY B 95 -5.77 -25.43 8.14
CA GLY B 95 -4.42 -25.28 8.70
C GLY B 95 -3.66 -24.09 8.09
N MET B 96 -4.36 -23.04 7.65
CA MET B 96 -3.73 -21.86 7.07
C MET B 96 -2.82 -21.17 8.09
N LYS B 97 -1.61 -20.81 7.64
CA LYS B 97 -0.58 -20.09 8.41
C LYS B 97 -0.01 -18.96 7.58
N TYR B 98 0.16 -17.81 8.25
CA TYR B 98 0.81 -16.62 7.74
C TYR B 98 2.15 -16.49 8.47
N ILE B 99 3.22 -16.40 7.68
CA ILE B 99 4.60 -16.25 8.14
C ILE B 99 5.10 -14.90 7.61
N GLN B 100 5.79 -14.14 8.47
CA GLN B 100 6.39 -12.84 8.17
C GLN B 100 7.82 -12.81 8.71
N HIS B 101 8.80 -12.54 7.85
CA HIS B 101 10.23 -12.42 8.22
C HIS B 101 10.65 -10.95 8.25
N THR B 102 11.67 -10.61 9.05
CA THR B 102 12.19 -9.24 9.14
C THR B 102 13.72 -9.23 8.96
N TYR B 103 14.19 -8.35 8.08
CA TYR B 103 15.60 -8.18 7.70
C TYR B 103 16.00 -6.71 7.89
N ARG B 104 17.08 -6.48 8.64
CA ARG B 104 17.64 -5.16 8.94
C ARG B 104 18.94 -4.98 8.18
N LYS B 105 19.05 -3.93 7.36
CA LYS B 105 20.23 -3.61 6.52
C LYS B 105 20.71 -4.81 5.67
N GLY B 106 19.77 -5.64 5.21
CA GLY B 106 20.04 -6.86 4.43
C GLY B 106 20.49 -8.07 5.26
N VAL B 107 20.04 -8.19 6.52
CA VAL B 107 20.38 -9.27 7.48
C VAL B 107 19.12 -9.70 8.24
N LYS B 108 18.67 -10.94 8.08
CA LYS B 108 17.53 -11.52 8.82
C LYS B 108 17.87 -11.56 10.32
N ILE B 109 16.99 -10.98 11.15
CA ILE B 109 17.15 -10.99 12.62
C ILE B 109 16.22 -12.03 13.29
N ASP B 110 14.99 -12.15 12.81
CA ASP B 110 13.99 -13.12 13.27
C ASP B 110 12.82 -13.18 12.27
N LYS B 111 11.84 -14.06 12.54
CA LYS B 111 10.57 -14.14 11.83
C LYS B 111 9.45 -14.57 12.79
N THR B 112 8.24 -14.08 12.53
CA THR B 112 7.01 -14.43 13.24
C THR B 112 6.13 -15.32 12.37
N ASP B 113 5.43 -16.25 13.01
CA ASP B 113 4.51 -17.18 12.37
C ASP B 113 3.27 -17.38 13.24
N TYR B 114 2.08 -17.19 12.63
CA TYR B 114 0.80 -17.27 13.31
C TYR B 114 -0.21 -18.02 12.44
N MET B 115 -0.90 -18.97 13.06
CA MET B 115 -2.05 -19.67 12.48
C MET B 115 -3.25 -18.71 12.40
N VAL B 116 -3.86 -18.63 11.21
CA VAL B 116 -5.11 -17.89 11.01
C VAL B 116 -6.33 -18.78 11.30
N GLY B 117 -6.28 -20.07 10.90
CA GLY B 117 -7.32 -21.08 11.19
C GLY B 117 -7.64 -21.98 10.00
N SER B 118 -8.93 -22.28 9.82
CA SER B 118 -9.51 -22.99 8.68
C SER B 118 -10.78 -22.28 8.19
N TYR B 119 -10.93 -22.15 6.86
CA TYR B 119 -12.01 -21.40 6.22
C TYR B 119 -12.52 -22.12 4.97
N GLY B 120 -13.82 -21.98 4.69
CA GLY B 120 -14.51 -22.68 3.60
C GLY B 120 -14.85 -21.80 2.39
N PRO B 121 -15.39 -22.39 1.30
CA PRO B 121 -15.79 -21.71 0.08
C PRO B 121 -16.99 -20.78 0.33
N ARG B 122 -16.70 -19.51 0.63
CA ARG B 122 -17.69 -18.44 0.87
C ARG B 122 -17.45 -17.28 -0.10
N ALA B 123 -18.52 -16.59 -0.48
CA ALA B 123 -18.47 -15.38 -1.31
C ALA B 123 -17.86 -14.17 -0.57
N GLU B 124 -17.85 -14.19 0.76
CA GLU B 124 -17.23 -13.19 1.63
C GLU B 124 -15.68 -13.21 1.57
N GLU B 125 -15.06 -12.29 2.30
CA GLU B 125 -13.63 -12.29 2.63
C GLU B 125 -13.44 -12.43 4.15
N TYR B 126 -12.37 -13.12 4.54
CA TYR B 126 -11.90 -13.20 5.92
C TYR B 126 -10.66 -12.32 6.08
N GLU B 127 -10.30 -12.03 7.31
CA GLU B 127 -9.08 -11.29 7.61
C GLU B 127 -8.52 -11.66 8.98
N PHE B 128 -7.21 -11.48 9.12
CA PHE B 128 -6.46 -11.74 10.33
C PHE B 128 -5.54 -10.57 10.59
N LEU B 129 -5.45 -10.15 11.85
CA LEU B 129 -4.55 -9.10 12.29
C LEU B 129 -3.63 -9.60 13.41
N THR B 130 -2.38 -9.15 13.35
CA THR B 130 -1.34 -9.44 14.34
C THR B 130 -1.62 -8.65 15.63
N PRO B 131 -1.02 -9.04 16.78
CA PRO B 131 -1.02 -8.23 17.98
C PRO B 131 -0.14 -6.97 17.83
N VAL B 132 -0.11 -6.13 18.87
CA VAL B 132 0.79 -4.96 18.98
C VAL B 132 2.25 -5.39 18.77
N GLU B 133 2.99 -4.67 17.93
CA GLU B 133 4.39 -4.92 17.62
C GLU B 133 5.20 -3.61 17.66
N GLU B 134 6.33 -3.62 18.38
CA GLU B 134 7.25 -2.47 18.46
C GLU B 134 8.12 -2.35 17.19
N ALA B 135 8.57 -1.13 16.90
CA ALA B 135 9.49 -0.81 15.81
C ALA B 135 10.90 -0.45 16.36
N PRO B 136 11.97 -0.59 15.56
CA PRO B 136 13.32 -0.18 15.94
C PRO B 136 13.42 1.35 16.05
N LYS B 137 14.41 1.82 16.82
CA LYS B 137 14.57 3.25 17.22
C LYS B 137 15.97 3.80 16.87
N GLY B 138 16.09 5.12 16.82
CA GLY B 138 17.31 5.85 16.45
C GLY B 138 17.30 6.33 15.00
N MET B 139 17.87 7.50 14.74
CA MET B 139 17.81 8.16 13.41
C MET B 139 18.56 7.38 12.31
N LEU B 140 19.55 6.56 12.68
CA LEU B 140 20.27 5.63 11.78
C LEU B 140 19.44 4.38 11.42
N ALA B 141 18.58 3.91 12.32
CA ALA B 141 17.67 2.78 12.11
C ALA B 141 16.48 3.15 11.20
N ARG B 142 16.42 4.37 10.67
CA ARG B 142 15.41 4.83 9.69
C ARG B 142 15.46 4.14 8.31
N GLY B 143 16.49 3.34 8.03
CA GLY B 143 16.62 2.56 6.79
C GLY B 143 15.40 1.65 6.50
N SER B 144 15.25 1.23 5.25
CA SER B 144 14.24 0.25 4.83
C SER B 144 14.63 -1.18 5.24
N TYR B 145 13.77 -1.80 6.06
CA TYR B 145 13.82 -3.22 6.40
C TYR B 145 13.21 -4.02 5.25
N SER B 146 13.75 -5.20 4.93
CA SER B 146 13.11 -6.14 4.01
C SER B 146 12.18 -7.07 4.80
N ILE B 147 10.99 -7.34 4.25
CA ILE B 147 9.98 -8.24 4.80
C ILE B 147 9.50 -9.20 3.71
N LYS B 148 9.32 -10.46 4.10
CA LYS B 148 8.81 -11.56 3.29
C LYS B 148 7.59 -12.14 3.99
N SER B 149 6.45 -12.15 3.31
CA SER B 149 5.16 -12.63 3.82
C SER B 149 4.55 -13.70 2.90
N ARG B 150 4.33 -14.90 3.46
CA ARG B 150 3.91 -16.08 2.71
C ARG B 150 2.73 -16.76 3.39
N PHE B 151 1.70 -17.05 2.60
CA PHE B 151 0.51 -17.78 3.02
C PHE B 151 0.61 -19.23 2.54
N THR B 152 0.56 -20.15 3.50
CA THR B 152 0.58 -21.61 3.26
C THR B 152 -0.50 -22.30 4.09
N ASP B 153 -0.65 -23.61 3.90
CA ASP B 153 -1.63 -24.48 4.56
C ASP B 153 -0.90 -25.67 5.22
N ASP B 154 -1.60 -26.50 6.00
CA ASP B 154 -1.00 -27.72 6.60
C ASP B 154 -0.45 -28.71 5.55
N ASP B 155 -1.01 -28.70 4.32
CA ASP B 155 -0.52 -29.44 3.16
C ASP B 155 0.67 -28.77 2.43
N LYS B 156 1.22 -27.69 3.01
CA LYS B 156 2.37 -26.91 2.49
C LYS B 156 2.07 -26.14 1.18
N THR B 157 0.78 -26.01 0.84
CA THR B 157 0.24 -25.36 -0.36
C THR B 157 0.36 -23.83 -0.29
N ASP B 158 1.33 -23.26 -1.00
CA ASP B 158 1.48 -21.81 -1.19
C ASP B 158 0.36 -21.24 -2.10
N HIS B 159 -0.64 -20.56 -1.51
CA HIS B 159 -1.74 -19.93 -2.26
C HIS B 159 -1.30 -18.61 -2.93
N LEU B 160 -0.56 -17.79 -2.17
CA LEU B 160 0.08 -16.56 -2.62
C LEU B 160 1.21 -16.22 -1.63
N SER B 161 2.31 -15.67 -2.12
CA SER B 161 3.38 -15.07 -1.32
C SER B 161 3.90 -13.82 -2.01
N TRP B 162 4.34 -12.86 -1.20
CA TRP B 162 4.93 -11.63 -1.67
C TRP B 162 5.99 -11.13 -0.68
N GLU B 163 6.65 -10.05 -1.04
CA GLU B 163 7.66 -9.39 -0.25
C GLU B 163 7.56 -7.88 -0.50
N TRP B 164 7.96 -7.12 0.51
CA TRP B 164 7.78 -5.67 0.64
C TRP B 164 8.77 -5.15 1.67
N ASN B 165 8.92 -3.84 1.78
CA ASN B 165 9.87 -3.24 2.73
C ASN B 165 9.13 -2.40 3.79
N LEU B 166 9.83 -1.99 4.84
CA LEU B 166 9.30 -1.09 5.87
C LEU B 166 10.34 -0.01 6.17
N THR B 167 10.04 1.23 5.80
CA THR B 167 10.90 2.39 6.07
C THR B 167 10.44 3.07 7.35
N ILE B 168 11.32 3.08 8.34
CA ILE B 168 11.08 3.74 9.62
C ILE B 168 11.40 5.24 9.44
N LYS B 169 10.40 6.12 9.51
CA LYS B 169 10.57 7.58 9.39
C LYS B 169 10.73 8.21 10.80
N LYS B 170 11.19 9.47 10.88
CA LYS B 170 11.30 10.22 12.16
C LYS B 170 9.94 10.78 12.63
N ASP B 171 9.12 11.26 11.69
CA ASP B 171 7.80 11.86 11.91
C ASP B 171 6.77 11.29 10.93
N TRP B 172 5.50 11.36 11.31
CA TRP B 172 4.37 10.83 10.53
C TRP B 172 3.00 11.43 10.94
N LYS B 173 3.02 12.52 11.72
CA LYS B 173 1.85 13.09 12.43
C LYS B 173 2.08 14.52 12.95
N ASP B 174 3.31 14.82 13.40
CA ASP B 174 3.78 16.12 13.87
C ASP B 174 3.83 17.21 12.78
N GLY A 1 15.17 10.65 -14.25
CA GLY A 1 13.92 9.90 -14.42
C GLY A 1 12.65 10.79 -14.35
N LEU A 2 11.61 10.40 -15.07
CA LEU A 2 10.25 10.97 -14.94
C LEU A 2 9.43 10.18 -13.92
N TYR A 3 8.51 10.84 -13.22
CA TYR A 3 7.57 10.16 -12.30
C TYR A 3 6.71 9.10 -13.02
N SER A 4 6.36 9.36 -14.29
CA SER A 4 5.71 8.41 -15.20
C SER A 4 6.53 7.12 -15.46
N SER A 5 7.85 7.16 -15.29
CA SER A 5 8.75 5.99 -15.47
C SER A 5 8.57 4.93 -14.37
N LEU A 6 8.07 5.32 -13.18
CA LEU A 6 7.82 4.38 -12.07
C LEU A 6 6.65 3.41 -12.35
N PRO A 7 6.67 2.20 -11.76
CA PRO A 7 5.60 1.20 -11.93
C PRO A 7 4.27 1.64 -11.29
N PRO A 8 3.14 1.03 -11.68
CA PRO A 8 1.81 1.42 -11.18
C PRO A 8 1.67 1.20 -9.67
N ALA A 9 2.25 0.11 -9.15
CA ALA A 9 2.32 -0.16 -7.71
C ALA A 9 3.04 0.97 -6.94
N LYS A 10 4.18 1.50 -7.47
CA LYS A 10 4.89 2.63 -6.81
C LYS A 10 3.99 3.83 -6.64
N ARG A 11 3.25 4.26 -7.67
CA ARG A 11 2.40 5.44 -7.59
C ARG A 11 1.28 5.28 -6.55
N GLU A 12 0.67 4.10 -6.50
CA GLU A 12 -0.30 3.73 -5.47
C GLU A 12 0.31 3.73 -4.06
N GLU A 13 1.53 3.21 -3.90
CA GLU A 13 2.21 3.14 -2.59
C GLU A 13 2.68 4.52 -2.09
N VAL A 14 3.15 5.39 -2.99
CA VAL A 14 3.43 6.81 -2.67
C VAL A 14 2.20 7.51 -2.10
N GLU A 15 1.00 7.23 -2.61
CA GLU A 15 -0.24 7.81 -2.08
C GLU A 15 -0.67 7.17 -0.75
N LYS A 16 -0.63 5.83 -0.66
CA LYS A 16 -1.04 5.08 0.54
C LYS A 16 -0.17 5.36 1.77
N LEU A 17 1.15 5.51 1.61
CA LEU A 17 2.02 5.92 2.73
C LEU A 17 1.91 7.43 3.05
N LEU A 18 1.57 8.27 2.07
CA LEU A 18 1.34 9.71 2.28
C LEU A 18 0.09 9.99 3.12
N ASN A 19 -0.97 9.17 3.01
CA ASN A 19 -2.12 9.25 3.94
C ASN A 19 -1.75 9.00 5.41
N GLY A 20 -0.60 8.37 5.67
CA GLY A 20 -0.03 8.26 7.00
C GLY A 20 0.83 9.47 7.41
N SER A 21 1.64 10.01 6.50
CA SER A 21 2.54 11.15 6.76
C SER A 21 1.81 12.49 6.77
N ALA A 22 1.01 12.76 7.81
CA ALA A 22 0.11 13.91 7.97
C ALA A 22 -1.02 13.98 6.90
N GLY A 23 -2.13 14.64 7.24
CA GLY A 23 -3.24 14.87 6.30
C GLY A 23 -3.01 16.03 5.33
N ASP A 24 -1.85 16.70 5.43
CA ASP A 24 -1.53 17.96 4.76
C ASP A 24 -0.10 18.05 4.20
N THR A 25 0.66 16.94 4.12
CA THR A 25 2.00 16.94 3.45
C THR A 25 1.94 17.39 1.99
N TRP A 26 0.88 17.01 1.28
CA TRP A 26 0.60 17.48 -0.08
C TRP A 26 0.50 19.01 -0.16
N ARG A 27 0.01 19.66 0.91
CA ARG A 27 -0.17 21.11 1.03
C ARG A 27 1.18 21.84 1.06
N HIS A 28 2.13 21.25 1.81
CA HIS A 28 3.52 21.71 1.85
C HIS A 28 4.22 21.51 0.50
N LEU A 29 4.03 20.35 -0.14
CA LEU A 29 4.59 20.06 -1.48
C LEU A 29 4.13 21.10 -2.52
N ALA A 30 2.83 21.37 -2.60
CA ALA A 30 2.26 22.34 -3.56
C ALA A 30 2.88 23.74 -3.44
N GLY A 31 3.04 24.23 -2.21
CA GLY A 31 3.70 25.52 -1.94
C GLY A 31 5.15 25.59 -2.49
N GLU A 32 5.90 24.50 -2.40
CA GLU A 32 7.28 24.42 -2.91
C GLU A 32 7.36 24.11 -4.42
N LEU A 33 6.36 23.42 -4.99
CA LEU A 33 6.18 23.26 -6.44
C LEU A 33 5.76 24.58 -7.14
N GLY A 34 5.37 25.60 -6.38
CA GLY A 34 4.91 26.89 -6.91
C GLY A 34 3.42 26.94 -7.30
N TYR A 35 2.62 25.97 -6.86
CA TYR A 35 1.16 25.98 -7.06
C TYR A 35 0.51 27.18 -6.32
N GLN A 36 -0.48 27.80 -6.94
CA GLN A 36 -1.19 28.95 -6.39
C GLN A 36 -2.05 28.60 -5.15
N PRO A 37 -2.21 29.52 -4.19
CA PRO A 37 -2.93 29.27 -2.94
C PRO A 37 -4.42 28.94 -3.13
N GLU A 38 -5.05 29.45 -4.18
CA GLU A 38 -6.45 29.14 -4.54
C GLU A 38 -6.67 27.66 -4.93
N HIS A 39 -5.65 27.02 -5.54
CA HIS A 39 -5.73 25.60 -5.92
C HIS A 39 -5.66 24.69 -4.68
N ILE A 40 -4.92 25.14 -3.66
CA ILE A 40 -4.82 24.47 -2.36
C ILE A 40 -6.17 24.43 -1.64
N ASP A 41 -6.96 25.51 -1.69
CA ASP A 41 -8.32 25.56 -1.12
C ASP A 41 -9.31 24.58 -1.80
N SER A 42 -9.12 24.27 -3.08
CA SER A 42 -9.87 23.21 -3.77
C SER A 42 -9.49 21.80 -3.27
N PHE A 43 -8.24 21.62 -2.86
CA PHE A 43 -7.71 20.34 -2.38
C PHE A 43 -7.93 20.10 -0.87
N THR A 44 -7.90 21.13 -0.01
CA THR A 44 -8.24 20.97 1.44
C THR A 44 -9.69 20.51 1.66
N HIS A 45 -10.56 20.75 0.69
CA HIS A 45 -11.98 20.34 0.71
C HIS A 45 -12.20 18.91 0.13
N GLU A 46 -11.15 18.17 -0.24
CA GLU A 46 -11.21 16.81 -0.81
C GLU A 46 -10.65 15.75 0.19
N ALA A 47 -11.13 14.52 0.10
CA ALA A 47 -10.73 13.40 0.97
C ALA A 47 -9.34 12.80 0.64
N CYS A 48 -8.98 12.71 -0.65
CA CYS A 48 -7.71 12.15 -1.13
C CYS A 48 -6.98 13.13 -2.09
N PRO A 49 -6.72 14.39 -1.70
CA PRO A 49 -6.21 15.43 -2.59
C PRO A 49 -4.79 15.13 -3.12
N VAL A 50 -3.98 14.44 -2.32
CA VAL A 50 -2.64 13.98 -2.67
C VAL A 50 -2.60 13.20 -3.99
N ARG A 51 -3.63 12.39 -4.26
CA ARG A 51 -3.79 11.64 -5.52
C ARG A 51 -4.06 12.56 -6.71
N ALA A 52 -5.00 13.49 -6.55
CA ALA A 52 -5.30 14.49 -7.57
C ALA A 52 -4.09 15.40 -7.86
N LEU A 53 -3.29 15.75 -6.84
CA LEU A 53 -2.08 16.54 -6.98
C LEU A 53 -1.03 15.84 -7.87
N LEU A 54 -0.74 14.56 -7.60
CA LEU A 54 0.20 13.77 -8.42
C LEU A 54 -0.29 13.63 -9.87
N ALA A 55 -1.59 13.41 -10.08
CA ALA A 55 -2.20 13.37 -11.42
C ALA A 55 -2.08 14.73 -12.16
N SER A 56 -2.41 15.83 -11.49
CA SER A 56 -2.27 17.19 -12.03
C SER A 56 -0.82 17.64 -12.23
N TRP A 57 0.14 17.08 -11.47
CA TRP A 57 1.56 17.32 -11.68
C TRP A 57 2.08 16.57 -12.90
N ALA A 58 1.69 15.30 -13.10
CA ALA A 58 2.05 14.46 -14.22
C ALA A 58 1.58 14.96 -15.62
N THR A 59 0.75 16.00 -15.69
CA THR A 59 0.33 16.65 -16.97
C THR A 59 1.46 17.44 -17.65
N GLN A 60 2.58 17.68 -16.96
CA GLN A 60 3.72 18.47 -17.44
C GLN A 60 5.06 17.73 -17.24
N ASP A 61 6.04 18.03 -18.10
CA ASP A 61 7.38 17.43 -18.03
C ASP A 61 8.17 17.84 -16.76
N SER A 62 7.72 18.88 -16.03
CA SER A 62 8.25 19.25 -14.71
C SER A 62 8.10 18.14 -13.66
N ALA A 63 7.24 17.15 -13.92
CA ALA A 63 7.07 15.95 -13.10
C ALA A 63 8.26 14.96 -13.12
N THR A 64 9.50 15.46 -13.17
CA THR A 64 10.68 14.62 -13.02
C THR A 64 10.83 14.17 -11.56
N LEU A 65 11.31 12.93 -11.36
CA LEU A 65 11.53 12.41 -10.01
C LEU A 65 12.54 13.30 -9.27
N ASP A 66 13.61 13.71 -9.96
CA ASP A 66 14.64 14.61 -9.42
C ASP A 66 14.09 15.95 -8.89
N ALA A 67 13.13 16.55 -9.61
CA ALA A 67 12.42 17.75 -9.16
C ALA A 67 11.49 17.49 -7.95
N LEU A 68 10.85 16.31 -7.89
CA LEU A 68 10.02 15.91 -6.75
C LEU A 68 10.87 15.75 -5.47
N LEU A 69 12.01 15.06 -5.58
CA LEU A 69 12.98 14.89 -4.50
C LEU A 69 13.48 16.25 -3.99
N ALA A 70 13.83 17.17 -4.89
CA ALA A 70 14.27 18.53 -4.54
C ALA A 70 13.21 19.29 -3.71
N ALA A 71 11.94 19.23 -4.12
CA ALA A 71 10.83 19.85 -3.38
C ALA A 71 10.59 19.19 -2.00
N LEU A 72 10.67 17.86 -1.92
CA LEU A 72 10.57 17.11 -0.65
C LEU A 72 11.67 17.53 0.36
N ARG A 73 12.89 17.85 -0.10
CA ARG A 73 13.97 18.34 0.79
C ARG A 73 13.62 19.67 1.44
N ARG A 74 12.95 20.57 0.72
CA ARG A 74 12.54 21.91 1.23
C ARG A 74 11.53 21.84 2.37
N ILE A 75 10.68 20.82 2.36
CA ILE A 75 9.61 20.58 3.36
C ILE A 75 10.06 19.60 4.48
N GLN A 76 11.36 19.38 4.61
CA GLN A 76 11.98 18.47 5.60
C GLN A 76 11.43 17.03 5.54
N ARG A 77 11.28 16.51 4.31
CA ARG A 77 10.84 15.12 4.01
C ARG A 77 11.95 14.24 3.44
N ALA A 78 13.23 14.63 3.61
CA ALA A 78 14.40 13.85 3.20
C ALA A 78 14.43 12.40 3.77
N ASP A 79 13.80 12.21 4.93
CA ASP A 79 13.47 10.90 5.49
C ASP A 79 12.59 10.04 4.54
N LEU A 80 11.36 10.47 4.27
CA LEU A 80 10.42 9.74 3.39
C LEU A 80 10.92 9.65 1.95
N VAL A 81 11.74 10.62 1.51
CA VAL A 81 12.44 10.56 0.21
C VAL A 81 13.32 9.32 0.12
N GLU A 82 14.22 9.11 1.09
CA GLU A 82 15.16 7.98 1.03
C GLU A 82 14.41 6.62 0.92
N SER A 83 13.35 6.46 1.68
CA SER A 83 12.50 5.26 1.66
C SER A 83 11.66 5.03 0.40
N LEU A 84 11.31 6.09 -0.34
CA LEU A 84 10.65 6.01 -1.66
C LEU A 84 11.65 6.05 -2.83
N CYS A 85 12.93 6.33 -2.53
CA CYS A 85 14.04 6.28 -3.48
C CYS A 85 14.70 4.90 -3.52
N SER A 86 14.51 4.07 -2.48
CA SER A 86 14.98 2.67 -2.42
C SER A 86 14.57 1.80 -3.64
N GLU A 87 13.42 2.10 -4.23
CA GLU A 87 12.84 1.43 -5.40
C GLU A 87 13.06 2.22 -6.69
N SER A 88 12.98 3.56 -6.60
CA SER A 88 13.21 4.49 -7.72
C SER A 88 14.65 4.47 -8.20
N THR A 89 15.58 4.17 -7.30
CA THR A 89 17.03 4.05 -7.50
C THR A 89 17.47 2.68 -6.99
N ALA A 90 17.19 1.66 -7.81
CA ALA A 90 17.79 0.33 -7.70
C ALA A 90 19.34 0.38 -7.85
N THR A 91 20.00 -0.78 -7.75
CA THR A 91 21.47 -0.93 -7.78
C THR A 91 22.13 -0.32 -6.53
N SER A 92 22.25 -1.14 -5.49
CA SER A 92 22.95 -0.80 -4.23
C SER A 92 24.42 -0.35 -4.44
N PRO A 93 25.00 0.42 -3.50
CA PRO A 93 26.38 0.91 -3.60
C PRO A 93 27.41 -0.22 -3.41
N VAL A 94 27.86 -0.81 -4.51
CA VAL A 94 28.84 -1.93 -4.58
C VAL A 94 29.81 -1.76 -5.79
N ALA B 1 -19.49 37.78 2.65
CA ALA B 1 -20.34 36.62 2.94
C ALA B 1 -21.67 36.69 2.16
N GLN B 2 -21.78 35.92 1.06
CA GLN B 2 -22.95 35.86 0.17
C GLN B 2 -23.21 34.42 -0.32
N LYS B 3 -24.36 34.20 -0.98
CA LYS B 3 -24.72 32.91 -1.62
C LYS B 3 -23.80 32.54 -2.82
N SER B 4 -23.75 31.26 -3.17
CA SER B 4 -22.87 30.70 -4.21
C SER B 4 -23.53 29.53 -4.94
N ILE B 5 -23.23 29.33 -6.23
CA ILE B 5 -23.74 28.19 -7.03
C ILE B 5 -23.08 26.86 -6.61
N GLN B 6 -21.92 26.90 -5.94
CA GLN B 6 -21.27 25.70 -5.37
C GLN B 6 -22.15 24.97 -4.32
N GLU B 7 -23.22 25.56 -3.79
CA GLU B 7 -24.15 24.85 -2.87
C GLU B 7 -24.89 23.65 -3.52
N ILE B 8 -24.94 23.58 -4.86
CA ILE B 8 -25.51 22.45 -5.63
C ILE B 8 -24.44 21.71 -6.44
N GLN B 9 -23.29 22.35 -6.71
CA GLN B 9 -22.20 21.80 -7.53
C GLN B 9 -20.95 21.43 -6.70
N GLU B 10 -21.08 21.37 -5.37
CA GLU B 10 -20.05 20.90 -4.42
C GLU B 10 -19.51 19.49 -4.73
N LEU B 11 -20.25 18.66 -5.46
CA LEU B 11 -19.75 17.39 -5.98
C LEU B 11 -18.46 17.56 -6.79
N ASP B 12 -18.24 18.70 -7.46
CA ASP B 12 -16.98 18.97 -8.19
C ASP B 12 -15.76 19.13 -7.25
N LYS B 13 -15.96 19.51 -5.99
CA LYS B 13 -14.90 19.54 -4.95
C LYS B 13 -14.52 18.13 -4.46
N ASP B 14 -15.38 17.13 -4.68
CA ASP B 14 -15.22 15.75 -4.20
C ASP B 14 -15.57 14.69 -5.29
N ASP B 15 -15.29 14.98 -6.57
CA ASP B 15 -15.62 14.04 -7.67
C ASP B 15 -14.96 12.66 -7.48
N GLU B 16 -13.85 12.59 -6.74
CA GLU B 16 -13.21 11.32 -6.38
C GLU B 16 -14.13 10.36 -5.59
N SER B 17 -15.15 10.88 -4.89
CA SER B 17 -16.17 10.07 -4.20
C SER B 17 -17.14 9.37 -5.16
N LEU B 18 -17.38 9.92 -6.37
CA LEU B 18 -18.23 9.27 -7.38
C LEU B 18 -17.56 8.03 -8.00
N ARG B 19 -16.23 7.94 -7.94
CA ARG B 19 -15.45 6.79 -8.47
C ARG B 19 -15.94 5.45 -7.89
N LYS B 20 -16.44 5.45 -6.66
CA LYS B 20 -17.05 4.27 -6.01
C LYS B 20 -18.30 3.74 -6.75
N TYR B 21 -19.09 4.62 -7.36
CA TYR B 21 -20.20 4.21 -8.24
C TYR B 21 -19.72 3.60 -9.57
N LYS B 22 -18.59 4.07 -10.14
CA LYS B 22 -17.97 3.42 -11.32
C LYS B 22 -17.42 2.00 -11.04
N GLU B 23 -17.02 1.71 -9.81
CA GLU B 23 -16.59 0.34 -9.43
C GLU B 23 -17.75 -0.67 -9.55
N ALA B 24 -18.96 -0.28 -9.20
CA ALA B 24 -20.17 -1.11 -9.34
C ALA B 24 -20.52 -1.43 -10.81
N LEU B 25 -20.09 -0.59 -11.76
CA LEU B 25 -20.25 -0.83 -13.21
C LEU B 25 -19.53 -2.11 -13.67
N LEU B 26 -18.45 -2.48 -12.97
CA LEU B 26 -17.60 -3.65 -13.28
C LEU B 26 -17.62 -4.71 -12.14
N GLY B 27 -18.61 -4.62 -11.23
CA GLY B 27 -18.74 -5.53 -10.08
C GLY B 27 -19.29 -6.94 -10.41
N ARG B 28 -19.74 -7.17 -11.64
CA ARG B 28 -20.39 -8.44 -12.08
C ARG B 28 -19.85 -8.97 -13.42
N VAL B 29 -18.60 -8.64 -13.74
CA VAL B 29 -17.90 -9.02 -15.00
C VAL B 29 -16.52 -9.68 -14.75
N ALA B 30 -16.27 -10.14 -13.51
CA ALA B 30 -15.03 -10.76 -13.05
C ALA B 30 -15.19 -12.28 -12.82
N VAL B 31 -16.03 -12.94 -13.66
CA VAL B 31 -16.32 -14.38 -13.63
C VAL B 31 -15.04 -15.20 -13.92
N SER B 32 -14.43 -15.74 -12.86
CA SER B 32 -13.13 -16.41 -12.88
C SER B 32 -13.10 -17.63 -11.92
N ALA B 33 -14.11 -18.49 -12.03
CA ALA B 33 -14.27 -19.70 -11.20
C ALA B 33 -13.44 -20.92 -11.69
N ASP B 34 -12.64 -20.74 -12.73
CA ASP B 34 -11.66 -21.73 -13.26
C ASP B 34 -10.65 -22.21 -12.23
N PRO B 35 -10.03 -23.43 -12.39
CA PRO B 35 -9.07 -23.95 -11.45
C PRO B 35 -7.70 -23.24 -11.45
N ASN B 36 -7.49 -22.26 -12.33
CA ASN B 36 -6.26 -21.50 -12.45
C ASN B 36 -6.08 -20.44 -11.31
N VAL B 37 -7.16 -20.08 -10.63
CA VAL B 37 -7.09 -19.18 -9.43
C VAL B 37 -6.93 -19.93 -8.10
N PRO B 38 -6.29 -19.34 -7.10
CA PRO B 38 -6.14 -19.92 -5.76
C PRO B 38 -7.45 -19.96 -4.95
N ASN B 39 -7.43 -20.63 -3.78
CA ASN B 39 -8.61 -20.77 -2.90
C ASN B 39 -8.86 -19.56 -1.98
N VAL B 40 -7.78 -18.96 -1.48
CA VAL B 40 -7.77 -17.86 -0.50
C VAL B 40 -6.64 -16.92 -0.86
N VAL B 41 -6.97 -15.63 -0.87
CA VAL B 41 -6.02 -14.54 -1.13
C VAL B 41 -6.34 -13.38 -0.21
N VAL B 42 -5.31 -12.90 0.46
CA VAL B 42 -5.33 -11.60 1.13
C VAL B 42 -5.62 -10.48 0.10
N THR B 43 -6.78 -9.84 0.22
CA THR B 43 -7.18 -8.72 -0.65
C THR B 43 -6.33 -7.47 -0.40
N GLY B 44 -5.87 -7.33 0.85
CA GLY B 44 -5.02 -6.25 1.31
C GLY B 44 -4.68 -6.37 2.81
N LEU B 45 -3.92 -5.39 3.30
CA LEU B 45 -3.61 -5.17 4.70
C LEU B 45 -3.90 -3.69 5.03
N THR B 46 -4.80 -3.44 5.99
CA THR B 46 -5.23 -2.12 6.45
C THR B 46 -4.66 -1.86 7.83
N LEU B 47 -3.57 -1.09 7.92
CA LEU B 47 -3.10 -0.62 9.22
C LEU B 47 -4.07 0.43 9.79
N VAL B 48 -4.60 0.16 10.98
CA VAL B 48 -5.46 1.08 11.76
C VAL B 48 -4.64 1.70 12.88
N CYS B 49 -4.81 3.01 13.07
CA CYS B 49 -4.06 3.79 14.05
C CYS B 49 -4.78 5.12 14.36
N SER B 50 -5.52 5.17 15.47
CA SER B 50 -6.14 6.43 15.95
C SER B 50 -5.11 7.54 16.26
N SER B 51 -3.85 7.17 16.50
CA SER B 51 -2.70 8.08 16.65
C SER B 51 -2.19 8.66 15.32
N ALA B 52 -2.84 8.36 14.19
CA ALA B 52 -2.48 8.78 12.83
C ALA B 52 -3.60 9.64 12.16
N PRO B 53 -3.28 10.45 11.13
CA PRO B 53 -4.22 11.36 10.48
C PRO B 53 -5.21 10.64 9.52
N GLY B 54 -4.80 9.50 8.97
CA GLY B 54 -5.57 8.70 8.01
C GLY B 54 -5.10 7.24 7.99
N PRO B 55 -5.90 6.32 7.44
CA PRO B 55 -5.58 4.90 7.42
C PRO B 55 -4.41 4.62 6.47
N LEU B 56 -3.67 3.56 6.77
CA LEU B 56 -2.50 3.11 6.02
C LEU B 56 -2.77 1.70 5.47
N GLU B 57 -3.50 1.63 4.36
CA GLU B 57 -3.80 0.36 3.68
C GLU B 57 -2.81 0.03 2.54
N LEU B 58 -2.76 -1.23 2.13
CA LEU B 58 -2.02 -1.76 0.98
C LEU B 58 -2.84 -2.89 0.33
N ASP B 59 -3.11 -2.80 -0.97
CA ASP B 59 -3.69 -3.91 -1.74
C ASP B 59 -2.71 -5.09 -1.87
N LEU B 60 -3.22 -6.29 -2.20
CA LEU B 60 -2.40 -7.52 -2.27
C LEU B 60 -2.79 -8.44 -3.46
N THR B 61 -3.07 -7.83 -4.61
CA THR B 61 -3.59 -8.52 -5.83
C THR B 61 -2.74 -8.24 -7.08
N GLY B 62 -1.45 -7.98 -6.92
CA GLY B 62 -0.49 -7.63 -7.98
C GLY B 62 0.97 -8.04 -7.67
N ASP B 63 1.94 -7.43 -8.36
CA ASP B 63 3.38 -7.70 -8.23
C ASP B 63 3.95 -7.46 -6.82
N LEU B 64 3.98 -8.52 -6.01
CA LEU B 64 4.57 -8.54 -4.66
C LEU B 64 6.07 -8.17 -4.65
N GLU B 65 6.77 -8.30 -5.78
CA GLU B 65 8.14 -7.79 -5.96
C GLU B 65 8.27 -6.27 -5.80
N SER B 66 7.20 -5.50 -6.02
CA SER B 66 7.21 -4.06 -5.76
C SER B 66 7.09 -3.77 -4.26
N PHE B 67 6.24 -4.53 -3.55
CA PHE B 67 5.99 -4.36 -2.11
C PHE B 67 7.27 -4.52 -1.28
N LYS B 68 8.12 -5.51 -1.61
CA LYS B 68 9.39 -5.76 -0.89
C LYS B 68 10.38 -4.58 -0.96
N LYS B 69 10.19 -3.67 -1.92
CA LYS B 69 11.02 -2.46 -2.08
C LYS B 69 10.32 -1.24 -1.46
N GLN B 70 9.02 -1.08 -1.73
CA GLN B 70 8.19 0.00 -1.18
C GLN B 70 8.07 -0.08 0.34
N SER B 71 7.91 1.06 1.00
CA SER B 71 7.76 1.13 2.45
C SER B 71 6.43 1.77 2.89
N PHE B 72 6.26 1.89 4.21
CA PHE B 72 5.13 2.56 4.85
C PHE B 72 5.58 3.76 5.70
N VAL B 73 4.65 4.42 6.39
CA VAL B 73 4.95 5.53 7.31
C VAL B 73 4.37 5.25 8.68
N LEU B 74 5.25 5.29 9.67
CA LEU B 74 4.97 5.19 11.10
C LEU B 74 5.70 6.33 11.83
N LYS B 75 5.45 6.49 13.13
CA LYS B 75 6.09 7.50 13.99
C LYS B 75 6.99 6.83 15.03
N GLU B 76 8.10 7.46 15.40
CA GLU B 76 8.98 7.02 16.51
C GLU B 76 8.20 6.69 17.79
N GLY B 77 8.36 5.48 18.30
CA GLY B 77 7.72 5.04 19.55
C GLY B 77 6.18 5.01 19.54
N VAL B 78 5.52 5.13 18.38
CA VAL B 78 4.05 5.16 18.29
C VAL B 78 3.43 3.77 18.43
N GLU B 79 2.14 3.74 18.76
CA GLU B 79 1.32 2.54 18.80
C GLU B 79 0.44 2.45 17.53
N TYR B 80 0.37 1.26 16.94
CA TYR B 80 -0.44 0.97 15.75
C TYR B 80 -1.05 -0.44 15.81
N ARG B 81 -1.88 -0.75 14.81
CA ARG B 81 -2.63 -2.00 14.69
C ARG B 81 -2.59 -2.52 13.25
N ILE B 82 -2.65 -3.84 13.08
CA ILE B 82 -2.50 -4.50 11.78
C ILE B 82 -3.76 -5.31 11.48
N LYS B 83 -4.51 -4.88 10.46
CA LYS B 83 -5.72 -5.57 10.01
C LYS B 83 -5.47 -6.25 8.66
N ILE B 84 -5.47 -7.58 8.67
CA ILE B 84 -5.41 -8.39 7.45
C ILE B 84 -6.83 -8.63 6.93
N SER B 85 -7.00 -8.67 5.62
CA SER B 85 -8.28 -8.94 4.96
C SER B 85 -8.11 -10.00 3.87
N PHE B 86 -8.94 -11.05 3.85
CA PHE B 86 -8.83 -12.14 2.86
C PHE B 86 -10.19 -12.69 2.40
N ARG B 87 -10.31 -12.97 1.09
CA ARG B 87 -11.47 -13.64 0.47
C ARG B 87 -11.27 -15.14 0.48
N VAL B 88 -12.36 -15.90 0.53
CA VAL B 88 -12.39 -17.37 0.57
C VAL B 88 -13.48 -17.90 -0.39
N ASN B 89 -13.15 -18.19 -1.64
CA ASN B 89 -14.16 -18.49 -2.65
C ASN B 89 -13.97 -19.86 -3.34
N ARG B 90 -13.59 -20.87 -2.56
CA ARG B 90 -13.31 -22.26 -3.01
C ARG B 90 -13.86 -23.31 -2.05
N GLU B 91 -13.26 -23.45 -0.88
CA GLU B 91 -13.53 -24.50 0.12
C GLU B 91 -13.27 -24.02 1.55
N ILE B 92 -13.71 -24.78 2.57
CA ILE B 92 -13.41 -24.48 3.99
C ILE B 92 -11.93 -24.80 4.29
N VAL B 93 -11.28 -23.95 5.06
CA VAL B 93 -9.89 -24.11 5.54
C VAL B 93 -9.79 -23.80 7.04
N SER B 94 -9.02 -24.60 7.77
CA SER B 94 -8.99 -24.61 9.23
C SER B 94 -7.57 -24.82 9.78
N GLY B 95 -7.24 -24.08 10.85
CA GLY B 95 -5.86 -23.97 11.34
C GLY B 95 -5.04 -22.94 10.56
N MET B 96 -5.71 -21.97 9.92
CA MET B 96 -5.04 -20.85 9.24
C MET B 96 -4.18 -20.04 10.23
N LYS B 97 -2.95 -19.72 9.81
CA LYS B 97 -1.92 -19.03 10.62
C LYS B 97 -1.24 -17.96 9.76
N TYR B 98 -1.20 -16.74 10.30
CA TYR B 98 -0.52 -15.59 9.72
C TYR B 98 0.82 -15.38 10.44
N ILE B 99 1.92 -15.55 9.72
CA ILE B 99 3.29 -15.36 10.22
C ILE B 99 3.78 -13.95 9.86
N GLN B 100 4.41 -13.25 10.78
CA GLN B 100 4.94 -11.89 10.59
C GLN B 100 6.35 -11.80 11.19
N HIS B 101 7.34 -11.49 10.35
CA HIS B 101 8.74 -11.32 10.75
C HIS B 101 9.13 -9.83 10.74
N THR B 102 10.19 -9.47 11.46
CA THR B 102 10.71 -8.08 11.51
C THR B 102 12.23 -8.07 11.30
N TYR B 103 12.67 -7.23 10.37
CA TYR B 103 14.07 -7.05 9.98
C TYR B 103 14.44 -5.56 10.10
N ARG B 104 15.59 -5.27 10.72
CA ARG B 104 16.13 -3.91 10.93
C ARG B 104 17.42 -3.76 10.13
N LYS B 105 17.49 -2.78 9.22
CA LYS B 105 18.66 -2.55 8.32
C LYS B 105 19.14 -3.83 7.59
N GLY B 106 18.21 -4.75 7.27
CA GLY B 106 18.51 -6.02 6.60
C GLY B 106 18.88 -7.19 7.54
N VAL B 107 18.56 -7.08 8.84
CA VAL B 107 18.90 -8.08 9.89
C VAL B 107 17.64 -8.48 10.65
N LYS B 108 17.22 -9.75 10.52
CA LYS B 108 16.05 -10.30 11.24
C LYS B 108 16.30 -10.30 12.75
N ILE B 109 15.44 -9.64 13.52
CA ILE B 109 15.52 -9.60 15.00
C ILE B 109 14.59 -10.61 15.66
N ASP B 110 13.36 -10.77 15.17
CA ASP B 110 12.40 -11.74 15.67
C ASP B 110 11.23 -11.93 14.68
N LYS B 111 10.31 -12.84 15.01
CA LYS B 111 9.01 -13.03 14.34
C LYS B 111 7.93 -13.43 15.33
N THR B 112 6.67 -13.20 14.95
CA THR B 112 5.48 -13.54 15.72
C THR B 112 4.41 -14.09 14.77
N ASP B 113 3.69 -15.11 15.20
CA ASP B 113 2.62 -15.72 14.43
C ASP B 113 1.28 -15.56 15.17
N TYR B 114 0.28 -15.07 14.45
CA TYR B 114 -1.06 -14.78 14.97
C TYR B 114 -2.05 -15.75 14.33
N MET B 115 -2.68 -16.58 15.15
CA MET B 115 -3.69 -17.54 14.71
C MET B 115 -4.99 -16.81 14.33
N VAL B 116 -5.47 -17.04 13.11
CA VAL B 116 -6.74 -16.48 12.64
C VAL B 116 -7.92 -17.45 12.88
N GLY B 117 -7.71 -18.76 12.73
CA GLY B 117 -8.70 -19.81 13.06
C GLY B 117 -9.13 -20.67 11.86
N SER B 118 -10.43 -20.74 11.61
CA SER B 118 -11.02 -21.45 10.48
C SER B 118 -12.14 -20.63 9.81
N TYR B 119 -12.25 -20.77 8.48
CA TYR B 119 -13.13 -19.94 7.62
C TYR B 119 -13.66 -20.75 6.43
N GLY B 120 -14.89 -20.47 6.04
CA GLY B 120 -15.60 -21.17 4.95
C GLY B 120 -15.69 -20.37 3.64
N PRO B 121 -16.16 -20.99 2.55
CA PRO B 121 -16.14 -20.41 1.20
C PRO B 121 -17.18 -19.30 0.94
N ARG B 122 -17.23 -18.31 1.83
CA ARG B 122 -18.02 -17.07 1.74
C ARG B 122 -17.69 -16.27 0.48
N ALA B 123 -18.72 -15.81 -0.23
CA ALA B 123 -18.56 -14.90 -1.38
C ALA B 123 -17.92 -13.53 -1.02
N GLU B 124 -17.81 -13.22 0.28
CA GLU B 124 -17.20 -12.00 0.82
C GLU B 124 -15.78 -12.28 1.38
N GLU B 125 -15.22 -11.31 2.09
CA GLU B 125 -13.90 -11.40 2.74
C GLU B 125 -14.00 -11.21 4.26
N TYR B 126 -13.18 -11.95 4.99
CA TYR B 126 -13.04 -11.81 6.44
C TYR B 126 -11.90 -10.84 6.79
N GLU B 127 -11.87 -10.39 8.04
CA GLU B 127 -10.88 -9.44 8.56
C GLU B 127 -10.36 -9.91 9.93
N PHE B 128 -9.06 -9.76 10.15
CA PHE B 128 -8.37 -10.14 11.38
C PHE B 128 -7.54 -8.97 11.91
N LEU B 129 -7.78 -8.60 13.16
CA LEU B 129 -7.10 -7.49 13.85
C LEU B 129 -6.15 -8.02 14.94
N THR B 130 -4.92 -7.51 14.98
CA THR B 130 -3.91 -7.80 16.03
C THR B 130 -4.07 -6.93 17.29
N PRO B 131 -3.38 -7.26 18.40
CA PRO B 131 -3.23 -6.38 19.56
C PRO B 131 -2.41 -5.11 19.24
N VAL B 132 -2.21 -4.26 20.27
CA VAL B 132 -1.30 -3.09 20.20
C VAL B 132 0.13 -3.52 19.85
N GLU B 133 0.75 -2.80 18.93
CA GLU B 133 2.17 -2.97 18.55
C GLU B 133 2.90 -1.61 18.62
N GLU B 134 4.02 -1.57 19.34
CA GLU B 134 4.91 -0.42 19.45
C GLU B 134 5.89 -0.32 18.27
N ALA B 135 6.50 0.85 18.09
CA ALA B 135 7.50 1.13 17.05
C ALA B 135 8.87 1.55 17.68
N PRO B 136 9.99 1.40 16.97
CA PRO B 136 11.32 1.80 17.45
C PRO B 136 11.49 3.34 17.44
N LYS B 137 12.64 3.83 17.94
CA LYS B 137 12.95 5.27 18.07
C LYS B 137 14.44 5.59 18.02
N GLY B 138 14.77 6.85 17.69
CA GLY B 138 16.09 7.39 17.41
C GLY B 138 16.36 7.47 15.90
N MET B 139 17.07 8.50 15.44
CA MET B 139 17.25 8.74 14.00
C MET B 139 17.94 7.56 13.26
N LEU B 140 18.83 6.83 13.95
CA LEU B 140 19.47 5.61 13.43
C LEU B 140 18.46 4.47 13.20
N ALA B 141 17.38 4.44 14.00
CA ALA B 141 16.24 3.52 13.88
C ALA B 141 15.02 4.14 13.16
N ARG B 142 15.21 5.31 12.52
CA ARG B 142 14.27 5.90 11.59
C ARG B 142 14.49 5.45 10.12
N GLY B 143 15.30 4.41 9.93
CA GLY B 143 15.44 3.69 8.65
C GLY B 143 14.20 2.86 8.28
N SER B 144 14.35 2.05 7.24
CA SER B 144 13.31 1.14 6.73
C SER B 144 13.47 -0.27 7.35
N TYR B 145 12.37 -0.80 7.88
CA TYR B 145 12.29 -2.17 8.41
C TYR B 145 11.61 -3.08 7.39
N SER B 146 12.25 -4.19 7.01
CA SER B 146 11.59 -5.23 6.22
C SER B 146 10.63 -6.04 7.11
N ILE B 147 9.46 -6.38 6.59
CA ILE B 147 8.52 -7.32 7.18
C ILE B 147 8.21 -8.42 6.15
N LYS B 148 8.26 -9.67 6.61
CA LYS B 148 7.85 -10.85 5.83
C LYS B 148 6.51 -11.34 6.39
N SER B 149 5.52 -11.46 5.51
CA SER B 149 4.16 -11.92 5.82
C SER B 149 3.92 -13.26 5.12
N ARG B 150 3.42 -14.25 5.85
CA ARG B 150 3.13 -15.59 5.29
C ARG B 150 1.77 -16.11 5.76
N PHE B 151 1.02 -16.73 4.86
CA PHE B 151 -0.26 -17.37 5.19
C PHE B 151 -0.20 -18.87 4.89
N THR B 152 -0.40 -19.68 5.93
CA THR B 152 -0.43 -21.14 5.84
C THR B 152 -1.66 -21.71 6.61
N ASP B 153 -1.82 -23.02 6.59
CA ASP B 153 -2.96 -23.77 7.11
C ASP B 153 -2.48 -25.01 7.88
N ASP B 154 -3.32 -25.70 8.67
CA ASP B 154 -2.90 -26.92 9.39
C ASP B 154 -2.44 -28.04 8.44
N ASP B 155 -2.93 -28.05 7.19
CA ASP B 155 -2.50 -28.99 6.13
C ASP B 155 -1.18 -28.58 5.45
N LYS B 156 -0.51 -27.53 5.95
CA LYS B 156 0.76 -26.93 5.46
C LYS B 156 0.60 -26.14 4.14
N THR B 157 -0.64 -25.88 3.73
CA THR B 157 -1.00 -25.21 2.47
C THR B 157 -0.70 -23.70 2.52
N ASP B 158 0.41 -23.27 1.92
CA ASP B 158 0.71 -21.84 1.70
C ASP B 158 -0.32 -21.21 0.74
N HIS B 159 -1.08 -20.23 1.22
CA HIS B 159 -2.09 -19.51 0.41
C HIS B 159 -1.43 -18.41 -0.42
N LEU B 160 -0.68 -17.53 0.25
CA LEU B 160 0.15 -16.48 -0.32
C LEU B 160 1.21 -16.07 0.71
N SER B 161 2.29 -15.46 0.24
CA SER B 161 3.28 -14.79 1.10
C SER B 161 3.88 -13.60 0.36
N TRP B 162 4.10 -12.53 1.09
CA TRP B 162 4.66 -11.28 0.58
C TRP B 162 5.60 -10.62 1.59
N GLU B 163 6.26 -9.55 1.20
CA GLU B 163 7.08 -8.76 2.09
C GLU B 163 6.94 -7.28 1.75
N TRP B 164 7.12 -6.42 2.74
CA TRP B 164 6.88 -4.97 2.64
C TRP B 164 7.79 -4.23 3.64
N ASN B 165 8.24 -3.03 3.27
CA ASN B 165 9.09 -2.23 4.15
C ASN B 165 8.25 -1.26 5.00
N LEU B 166 8.88 -0.65 6.00
CA LEU B 166 8.25 0.24 6.99
C LEU B 166 9.22 1.34 7.37
N THR B 167 8.96 2.58 6.91
CA THR B 167 9.71 3.76 7.37
C THR B 167 9.16 4.23 8.70
N ILE B 168 10.05 4.41 9.66
CA ILE B 168 9.74 5.05 10.94
C ILE B 168 10.19 6.51 10.83
N LYS B 169 9.28 7.49 10.83
CA LYS B 169 9.60 8.94 10.78
C LYS B 169 9.46 9.57 12.16
N LYS B 170 10.01 10.77 12.37
CA LYS B 170 9.88 11.50 13.65
C LYS B 170 8.44 11.98 13.91
N ASP B 171 7.72 12.33 12.85
CA ASP B 171 6.34 12.82 12.89
C ASP B 171 5.52 12.23 11.72
N TRP B 172 4.19 12.27 11.88
CA TRP B 172 3.24 11.79 10.87
C TRP B 172 1.86 12.46 10.99
N LYS B 173 1.76 13.62 11.65
CA LYS B 173 0.47 14.27 11.95
C LYS B 173 0.51 15.76 12.31
N ASP B 174 1.64 16.23 12.86
CA ASP B 174 1.84 17.59 13.38
C ASP B 174 0.65 18.14 14.24
N GLY A 1 14.85 10.99 -14.79
CA GLY A 1 13.79 10.06 -14.37
C GLY A 1 12.42 10.73 -14.24
N LEU A 2 11.50 10.52 -15.16
CA LEU A 2 10.12 11.03 -15.02
C LEU A 2 9.31 10.20 -14.00
N TYR A 3 8.39 10.83 -13.27
CA TYR A 3 7.47 10.14 -12.35
C TYR A 3 6.57 9.11 -13.08
N SER A 4 6.29 9.33 -14.37
CA SER A 4 5.63 8.37 -15.27
C SER A 4 6.47 7.12 -15.61
N SER A 5 7.79 7.15 -15.36
CA SER A 5 8.69 5.99 -15.54
C SER A 5 8.55 4.95 -14.40
N LEU A 6 8.04 5.35 -13.22
CA LEU A 6 7.81 4.45 -12.09
C LEU A 6 6.67 3.43 -12.34
N PRO A 7 6.70 2.26 -11.67
CA PRO A 7 5.67 1.23 -11.79
C PRO A 7 4.31 1.66 -11.18
N PRO A 8 3.21 0.99 -11.54
CA PRO A 8 1.86 1.35 -11.07
C PRO A 8 1.71 1.16 -9.55
N ALA A 9 2.33 0.11 -9.00
CA ALA A 9 2.36 -0.15 -7.57
C ALA A 9 3.00 1.01 -6.80
N LYS A 10 4.12 1.58 -7.30
CA LYS A 10 4.79 2.74 -6.67
C LYS A 10 3.86 3.95 -6.56
N ARG A 11 3.12 4.27 -7.62
CA ARG A 11 2.29 5.48 -7.64
C ARG A 11 1.18 5.44 -6.58
N GLU A 12 0.54 4.28 -6.46
CA GLU A 12 -0.37 3.98 -5.35
C GLU A 12 0.34 4.08 -4.00
N GLU A 13 1.54 3.49 -3.87
CA GLU A 13 2.31 3.50 -2.63
C GLU A 13 2.63 4.92 -2.14
N VAL A 14 3.10 5.82 -3.02
CA VAL A 14 3.32 7.24 -2.71
C VAL A 14 2.09 7.90 -2.07
N GLU A 15 0.88 7.53 -2.49
CA GLU A 15 -0.37 8.10 -1.97
C GLU A 15 -0.85 7.41 -0.67
N LYS A 16 -0.78 6.08 -0.63
CA LYS A 16 -1.18 5.25 0.53
C LYS A 16 -0.29 5.48 1.74
N LEU A 17 1.04 5.56 1.55
CA LEU A 17 1.97 5.89 2.64
C LEU A 17 1.91 7.36 3.05
N LEU A 18 1.54 8.28 2.14
CA LEU A 18 1.30 9.69 2.47
C LEU A 18 0.08 9.89 3.38
N ASN A 19 -0.95 9.04 3.26
CA ASN A 19 -2.09 9.04 4.20
C ASN A 19 -1.70 8.62 5.64
N GLY A 20 -0.57 7.91 5.79
CA GLY A 20 0.05 7.65 7.09
C GLY A 20 0.98 8.78 7.57
N SER A 21 1.37 9.71 6.70
CA SER A 21 2.41 10.74 6.94
C SER A 21 1.80 12.16 6.99
N ALA A 22 1.34 12.58 8.17
CA ALA A 22 0.65 13.84 8.49
C ALA A 22 -0.70 14.08 7.81
N GLY A 23 -0.85 13.72 6.53
CA GLY A 23 -2.05 13.87 5.71
C GLY A 23 -2.06 15.16 4.88
N ASP A 24 -1.42 16.22 5.37
CA ASP A 24 -1.25 17.52 4.69
C ASP A 24 0.17 17.74 4.13
N THR A 25 1.02 16.71 4.08
CA THR A 25 2.36 16.77 3.46
C THR A 25 2.31 17.27 2.00
N TRP A 26 1.27 16.87 1.24
CA TRP A 26 1.04 17.34 -0.14
C TRP A 26 0.85 18.86 -0.23
N ARG A 27 0.31 19.47 0.83
CA ARG A 27 -0.01 20.89 0.94
C ARG A 27 1.27 21.74 1.02
N HIS A 28 2.29 21.21 1.70
CA HIS A 28 3.64 21.78 1.73
C HIS A 28 4.36 21.60 0.38
N LEU A 29 4.21 20.44 -0.29
CA LEU A 29 4.74 20.21 -1.64
C LEU A 29 4.19 21.23 -2.65
N ALA A 30 2.88 21.48 -2.68
CA ALA A 30 2.27 22.45 -3.58
C ALA A 30 2.91 23.85 -3.46
N GLY A 31 3.10 24.35 -2.23
CA GLY A 31 3.76 25.62 -1.97
C GLY A 31 5.20 25.70 -2.51
N GLU A 32 5.98 24.63 -2.38
CA GLU A 32 7.36 24.55 -2.90
C GLU A 32 7.47 24.30 -4.42
N LEU A 33 6.46 23.63 -5.02
CA LEU A 33 6.31 23.47 -6.48
C LEU A 33 5.88 24.78 -7.18
N GLY A 34 5.50 25.82 -6.44
CA GLY A 34 4.99 27.08 -6.97
C GLY A 34 3.52 27.04 -7.42
N TYR A 35 2.75 26.03 -6.97
CA TYR A 35 1.30 25.96 -7.22
C TYR A 35 0.56 27.16 -6.60
N GLN A 36 -0.51 27.60 -7.26
CA GLN A 36 -1.34 28.71 -6.78
C GLN A 36 -2.07 28.39 -5.45
N PRO A 37 -2.40 29.42 -4.65
CA PRO A 37 -3.11 29.24 -3.37
C PRO A 37 -4.54 28.73 -3.54
N GLU A 38 -5.23 29.11 -4.62
CA GLU A 38 -6.57 28.62 -4.96
C GLU A 38 -6.62 27.11 -5.20
N HIS A 39 -5.54 26.53 -5.76
CA HIS A 39 -5.42 25.09 -5.98
C HIS A 39 -5.39 24.33 -4.64
N ILE A 40 -4.65 24.86 -3.67
CA ILE A 40 -4.58 24.30 -2.31
C ILE A 40 -5.98 24.29 -1.68
N ASP A 41 -6.73 25.40 -1.74
CA ASP A 41 -8.11 25.47 -1.21
C ASP A 41 -9.10 24.53 -1.93
N SER A 42 -8.93 24.31 -3.24
CA SER A 42 -9.71 23.30 -3.99
C SER A 42 -9.40 21.87 -3.53
N PHE A 43 -8.15 21.59 -3.15
CA PHE A 43 -7.70 20.27 -2.68
C PHE A 43 -8.02 20.02 -1.19
N THR A 44 -7.92 21.00 -0.28
CA THR A 44 -8.29 20.81 1.14
C THR A 44 -9.78 20.44 1.34
N HIS A 45 -10.63 20.70 0.36
CA HIS A 45 -12.05 20.30 0.35
C HIS A 45 -12.30 18.85 -0.11
N GLU A 46 -11.26 18.08 -0.46
CA GLU A 46 -11.33 16.68 -0.91
C GLU A 46 -10.78 15.70 0.17
N ALA A 47 -11.23 14.43 0.13
CA ALA A 47 -10.83 13.38 1.07
C ALA A 47 -9.42 12.79 0.79
N CYS A 48 -9.05 12.64 -0.49
CA CYS A 48 -7.77 12.09 -0.95
C CYS A 48 -7.05 13.01 -1.98
N PRO A 49 -6.84 14.31 -1.67
CA PRO A 49 -6.30 15.29 -2.61
C PRO A 49 -4.89 15.00 -3.08
N VAL A 50 -4.08 14.35 -2.24
CA VAL A 50 -2.73 13.86 -2.58
C VAL A 50 -2.69 13.08 -3.90
N ARG A 51 -3.67 12.21 -4.14
CA ARG A 51 -3.80 11.43 -5.38
C ARG A 51 -4.10 12.30 -6.59
N ALA A 52 -5.04 13.24 -6.46
CA ALA A 52 -5.35 14.22 -7.50
C ALA A 52 -4.18 15.18 -7.80
N LEU A 53 -3.38 15.55 -6.78
CA LEU A 53 -2.18 16.36 -6.95
C LEU A 53 -1.15 15.64 -7.85
N LEU A 54 -0.83 14.38 -7.56
CA LEU A 54 0.10 13.60 -8.39
C LEU A 54 -0.42 13.41 -9.83
N ALA A 55 -1.71 13.19 -10.01
CA ALA A 55 -2.33 13.09 -11.33
C ALA A 55 -2.24 14.41 -12.14
N SER A 56 -2.58 15.54 -11.51
CA SER A 56 -2.42 16.88 -12.12
C SER A 56 -0.95 17.25 -12.35
N TRP A 57 -0.03 16.87 -11.46
CA TRP A 57 1.39 17.12 -11.63
C TRP A 57 1.96 16.34 -12.81
N ALA A 58 1.64 15.05 -12.93
CA ALA A 58 2.02 14.19 -14.06
C ALA A 58 1.46 14.64 -15.44
N THR A 59 0.56 15.64 -15.50
CA THR A 59 0.07 16.23 -16.77
C THR A 59 1.16 17.01 -17.54
N GLN A 60 2.28 17.33 -16.88
CA GLN A 60 3.38 18.16 -17.43
C GLN A 60 4.76 17.49 -17.23
N ASP A 61 5.72 17.84 -18.09
CA ASP A 61 7.11 17.36 -18.02
C ASP A 61 7.86 17.81 -16.75
N SER A 62 7.33 18.80 -16.01
CA SER A 62 7.86 19.22 -14.70
C SER A 62 7.76 18.11 -13.63
N ALA A 63 6.96 17.06 -13.86
CA ALA A 63 6.85 15.86 -13.02
C ALA A 63 8.08 14.94 -13.02
N THR A 64 9.30 15.48 -13.11
CA THR A 64 10.53 14.70 -12.97
C THR A 64 10.74 14.31 -11.50
N LEU A 65 11.26 13.11 -11.25
CA LEU A 65 11.66 12.70 -9.92
C LEU A 65 12.69 13.65 -9.34
N ASP A 66 13.67 14.09 -10.14
CA ASP A 66 14.69 15.04 -9.73
C ASP A 66 14.11 16.35 -9.15
N ALA A 67 12.99 16.84 -9.70
CA ALA A 67 12.22 17.96 -9.16
C ALA A 67 11.38 17.60 -7.92
N LEU A 68 10.77 16.40 -7.87
CA LEU A 68 9.98 15.95 -6.72
C LEU A 68 10.86 15.80 -5.45
N LEU A 69 12.02 15.15 -5.61
CA LEU A 69 13.00 14.94 -4.54
C LEU A 69 13.52 16.27 -3.97
N ALA A 70 13.78 17.25 -4.84
CA ALA A 70 14.19 18.59 -4.43
C ALA A 70 13.12 19.26 -3.55
N ALA A 71 11.85 19.22 -3.98
CA ALA A 71 10.74 19.77 -3.22
C ALA A 71 10.50 19.05 -1.87
N LEU A 72 10.60 17.72 -1.84
CA LEU A 72 10.58 16.93 -0.59
C LEU A 72 11.70 17.36 0.38
N ARG A 73 12.90 17.67 -0.12
CA ARG A 73 14.02 18.17 0.71
C ARG A 73 13.71 19.51 1.39
N ARG A 74 13.03 20.42 0.68
CA ARG A 74 12.62 21.74 1.21
C ARG A 74 11.60 21.66 2.36
N ILE A 75 10.78 20.61 2.39
CA ILE A 75 9.73 20.38 3.40
C ILE A 75 10.17 19.39 4.50
N GLN A 76 11.49 19.17 4.66
CA GLN A 76 12.10 18.26 5.64
C GLN A 76 11.57 16.81 5.56
N ARG A 77 11.46 16.28 4.33
CA ARG A 77 11.02 14.90 4.02
C ARG A 77 12.14 14.02 3.43
N ALA A 78 13.40 14.32 3.74
CA ALA A 78 14.58 13.53 3.37
C ALA A 78 14.48 12.03 3.73
N ASP A 79 13.77 11.72 4.82
CA ASP A 79 13.40 10.36 5.23
C ASP A 79 12.46 9.66 4.23
N LEU A 80 11.33 10.30 3.85
CA LEU A 80 10.39 9.77 2.84
C LEU A 80 11.05 9.63 1.47
N VAL A 81 11.92 10.59 1.12
CA VAL A 81 12.73 10.56 -0.11
C VAL A 81 13.50 9.25 -0.25
N GLU A 82 14.30 8.88 0.76
CA GLU A 82 15.09 7.65 0.69
C GLU A 82 14.21 6.40 0.48
N SER A 83 13.06 6.32 1.16
CA SER A 83 12.09 5.22 1.03
C SER A 83 11.55 5.03 -0.39
N LEU A 84 11.17 6.12 -1.05
CA LEU A 84 10.59 6.09 -2.40
C LEU A 84 11.68 5.98 -3.46
N CYS A 85 12.83 6.61 -3.23
CA CYS A 85 14.03 6.49 -4.05
C CYS A 85 14.58 5.05 -4.12
N SER A 86 14.29 4.19 -3.12
CA SER A 86 14.65 2.76 -3.14
C SER A 86 14.20 2.01 -4.40
N GLU A 87 13.02 2.32 -4.96
CA GLU A 87 12.58 1.79 -6.26
C GLU A 87 12.88 2.76 -7.42
N SER A 88 12.91 4.07 -7.15
CA SER A 88 13.18 5.11 -8.15
C SER A 88 14.66 5.27 -8.53
N THR A 89 15.39 4.15 -8.58
CA THR A 89 16.82 4.02 -8.91
C THR A 89 17.05 2.83 -9.83
N ALA A 90 16.80 3.03 -11.13
CA ALA A 90 17.19 2.07 -12.16
C ALA A 90 18.72 1.83 -12.14
N THR A 91 19.13 0.57 -12.35
CA THR A 91 20.54 0.13 -12.33
C THR A 91 20.79 -0.89 -13.43
N SER A 92 20.25 -2.10 -13.29
CA SER A 92 20.45 -3.25 -14.20
C SER A 92 19.54 -4.44 -13.83
N PRO A 93 19.28 -5.37 -14.77
CA PRO A 93 18.55 -6.60 -14.48
C PRO A 93 19.35 -7.55 -13.58
N VAL A 94 18.68 -8.18 -12.60
CA VAL A 94 19.26 -9.13 -11.62
C VAL A 94 18.33 -10.32 -11.41
N ALA B 1 -39.06 17.97 -31.14
CA ALA B 1 -37.98 17.02 -31.41
C ALA B 1 -36.89 17.06 -30.32
N GLN B 2 -36.39 15.87 -29.96
CA GLN B 2 -35.49 15.60 -28.82
C GLN B 2 -36.07 16.01 -27.44
N LYS B 3 -35.43 15.55 -26.35
CA LYS B 3 -35.80 15.84 -24.95
C LYS B 3 -34.56 16.12 -24.10
N SER B 4 -34.75 16.44 -22.82
CA SER B 4 -33.67 16.65 -21.86
C SER B 4 -32.79 15.40 -21.66
N ILE B 5 -31.66 15.58 -21.00
CA ILE B 5 -30.69 14.51 -20.68
C ILE B 5 -30.92 13.86 -19.29
N GLN B 6 -31.93 14.31 -18.53
CA GLN B 6 -32.23 13.77 -17.21
C GLN B 6 -32.84 12.35 -17.24
N GLU B 7 -33.43 11.93 -18.37
CA GLU B 7 -34.03 10.60 -18.54
C GLU B 7 -33.01 9.44 -18.57
N ILE B 8 -31.71 9.77 -18.67
CA ILE B 8 -30.59 8.82 -18.65
C ILE B 8 -29.61 9.14 -17.50
N GLN B 9 -29.42 10.42 -17.19
CA GLN B 9 -28.52 10.89 -16.11
C GLN B 9 -29.18 10.85 -14.71
N GLU B 10 -30.19 10.00 -14.52
CA GLU B 10 -30.82 9.72 -13.23
C GLU B 10 -30.12 8.63 -12.41
N LEU B 11 -29.32 7.76 -13.03
CA LEU B 11 -28.62 6.68 -12.33
C LEU B 11 -27.64 7.22 -11.27
N ASP B 12 -27.10 8.43 -11.47
CA ASP B 12 -26.28 9.16 -10.49
C ASP B 12 -27.04 9.63 -9.24
N LYS B 13 -28.39 9.63 -9.25
CA LYS B 13 -29.23 9.94 -8.07
C LYS B 13 -29.48 8.74 -7.17
N ASP B 14 -29.24 7.52 -7.68
CA ASP B 14 -29.48 6.26 -6.97
C ASP B 14 -28.36 5.24 -7.26
N ASP B 15 -27.13 5.72 -7.47
CA ASP B 15 -25.97 4.86 -7.73
C ASP B 15 -25.60 3.97 -6.52
N GLU B 16 -26.02 4.34 -5.31
CA GLU B 16 -25.99 3.43 -4.16
C GLU B 16 -26.92 2.20 -4.30
N SER B 17 -27.98 2.28 -5.11
CA SER B 17 -28.85 1.12 -5.41
C SER B 17 -28.20 0.09 -6.35
N LEU B 18 -27.17 0.46 -7.12
CA LEU B 18 -26.40 -0.50 -7.92
C LEU B 18 -25.35 -1.27 -7.08
N ARG B 19 -24.94 -0.72 -5.92
CA ARG B 19 -23.95 -1.34 -5.02
C ARG B 19 -24.37 -2.72 -4.51
N LYS B 20 -25.68 -2.96 -4.31
CA LYS B 20 -26.25 -4.26 -3.95
C LYS B 20 -26.03 -5.34 -5.02
N TYR B 21 -26.09 -4.97 -6.31
CA TYR B 21 -25.79 -5.87 -7.42
C TYR B 21 -24.31 -6.30 -7.40
N LYS B 22 -23.38 -5.40 -7.02
CA LYS B 22 -21.95 -5.75 -6.87
C LYS B 22 -21.70 -6.79 -5.79
N GLU B 23 -22.48 -6.77 -4.71
CA GLU B 23 -22.42 -7.81 -3.67
C GLU B 23 -22.85 -9.20 -4.19
N ALA B 24 -23.89 -9.24 -5.04
CA ALA B 24 -24.38 -10.45 -5.70
C ALA B 24 -23.42 -11.05 -6.76
N LEU B 25 -22.35 -10.33 -7.15
CA LEU B 25 -21.25 -10.85 -7.98
C LEU B 25 -20.29 -11.78 -7.22
N LEU B 26 -20.59 -12.13 -5.96
CA LEU B 26 -19.85 -13.08 -5.11
C LEU B 26 -18.43 -12.60 -4.76
N GLY B 27 -18.24 -11.28 -4.68
CA GLY B 27 -16.91 -10.65 -4.54
C GLY B 27 -16.04 -10.77 -5.80
N ARG B 28 -16.67 -10.97 -6.97
CA ARG B 28 -16.04 -11.17 -8.29
C ARG B 28 -14.95 -12.25 -8.28
N VAL B 29 -15.36 -13.50 -8.05
CA VAL B 29 -14.51 -14.72 -8.03
C VAL B 29 -13.65 -14.92 -9.29
N ALA B 30 -13.97 -14.26 -10.42
CA ALA B 30 -13.24 -14.31 -11.68
C ALA B 30 -13.01 -15.74 -12.26
N VAL B 31 -13.91 -16.68 -11.90
CA VAL B 31 -13.89 -18.11 -12.29
C VAL B 31 -12.54 -18.78 -11.95
N SER B 32 -12.25 -18.84 -10.65
CA SER B 32 -10.98 -19.32 -10.06
C SER B 32 -11.17 -20.68 -9.35
N ALA B 33 -11.66 -21.68 -10.09
CA ALA B 33 -11.90 -23.05 -9.61
C ALA B 33 -10.91 -24.09 -10.19
N ASP B 34 -10.18 -23.75 -11.25
CA ASP B 34 -9.14 -24.59 -11.86
C ASP B 34 -7.91 -24.80 -10.94
N PRO B 35 -7.06 -25.83 -11.16
CA PRO B 35 -5.83 -26.03 -10.39
C PRO B 35 -4.72 -25.00 -10.70
N ASN B 36 -4.91 -24.15 -11.73
CA ASN B 36 -3.97 -23.09 -12.12
C ASN B 36 -3.89 -21.94 -11.09
N VAL B 37 -4.90 -21.78 -10.23
CA VAL B 37 -4.93 -20.75 -9.17
C VAL B 37 -4.47 -21.32 -7.80
N PRO B 38 -3.94 -20.48 -6.89
CA PRO B 38 -3.55 -20.88 -5.53
C PRO B 38 -4.76 -21.21 -4.64
N ASN B 39 -4.52 -21.64 -3.39
CA ASN B 39 -5.59 -21.96 -2.42
C ASN B 39 -5.81 -20.88 -1.34
N VAL B 40 -4.78 -20.09 -1.02
CA VAL B 40 -4.75 -19.01 -0.01
C VAL B 40 -3.78 -17.96 -0.50
N VAL B 41 -4.22 -16.69 -0.52
CA VAL B 41 -3.39 -15.53 -0.91
C VAL B 41 -3.78 -14.33 -0.05
N VAL B 42 -2.78 -13.69 0.54
CA VAL B 42 -2.93 -12.37 1.18
C VAL B 42 -3.41 -11.33 0.16
N THR B 43 -4.57 -10.73 0.39
CA THR B 43 -5.07 -9.63 -0.45
C THR B 43 -4.24 -8.37 -0.22
N GLY B 44 -3.79 -8.16 1.03
CA GLY B 44 -2.94 -7.07 1.44
C GLY B 44 -2.59 -7.11 2.93
N LEU B 45 -1.62 -6.27 3.31
CA LEU B 45 -1.29 -5.97 4.71
C LEU B 45 -1.77 -4.55 5.01
N THR B 46 -2.59 -4.41 6.05
CA THR B 46 -3.13 -3.12 6.52
C THR B 46 -2.55 -2.83 7.91
N LEU B 47 -1.98 -1.64 8.11
CA LEU B 47 -1.46 -1.22 9.42
C LEU B 47 -2.50 -0.25 10.01
N VAL B 48 -3.27 -0.74 10.98
CA VAL B 48 -4.19 0.10 11.74
C VAL B 48 -3.41 0.78 12.88
N CYS B 49 -3.59 2.08 13.02
CA CYS B 49 -3.02 2.85 14.11
C CYS B 49 -3.91 4.04 14.49
N SER B 50 -4.49 4.00 15.68
CA SER B 50 -5.27 5.13 16.24
C SER B 50 -4.42 6.39 16.53
N SER B 51 -3.09 6.24 16.68
CA SER B 51 -2.16 7.37 16.82
C SER B 51 -1.79 8.04 15.49
N ALA B 52 -1.95 7.33 14.36
CA ALA B 52 -1.70 7.84 13.01
C ALA B 52 -2.83 8.79 12.53
N PRO B 53 -2.56 9.64 11.51
CA PRO B 53 -3.56 10.51 10.89
C PRO B 53 -4.57 9.74 10.00
N GLY B 54 -4.15 8.62 9.41
CA GLY B 54 -4.96 7.80 8.52
C GLY B 54 -4.47 6.34 8.48
N PRO B 55 -5.32 5.39 8.04
CA PRO B 55 -4.95 3.99 7.91
C PRO B 55 -3.97 3.78 6.77
N LEU B 56 -3.21 2.68 6.83
CA LEU B 56 -2.16 2.33 5.88
C LEU B 56 -2.49 0.94 5.28
N GLU B 57 -2.34 0.74 3.97
CA GLU B 57 -2.55 -0.58 3.34
C GLU B 57 -1.69 -0.83 2.09
N LEU B 58 -1.15 -2.04 1.98
CA LEU B 58 -0.31 -2.50 0.87
C LEU B 58 -0.98 -3.71 0.20
N ASP B 59 -1.25 -3.58 -1.09
CA ASP B 59 -1.76 -4.66 -1.96
C ASP B 59 -0.75 -5.81 -2.06
N LEU B 60 -1.19 -7.04 -2.33
CA LEU B 60 -0.30 -8.24 -2.34
C LEU B 60 -0.65 -9.27 -3.44
N THR B 61 -1.10 -8.78 -4.60
CA THR B 61 -1.61 -9.60 -5.73
C THR B 61 -0.91 -9.28 -7.07
N GLY B 62 0.30 -8.74 -7.01
CA GLY B 62 1.10 -8.29 -8.15
C GLY B 62 2.62 -8.42 -7.92
N ASP B 63 3.42 -7.56 -8.56
CA ASP B 63 4.89 -7.58 -8.53
C ASP B 63 5.45 -7.35 -7.11
N LEU B 64 5.77 -8.44 -6.41
CA LEU B 64 6.37 -8.39 -5.07
C LEU B 64 7.72 -7.65 -5.03
N GLU B 65 8.40 -7.53 -6.18
CA GLU B 65 9.60 -6.70 -6.33
C GLU B 65 9.37 -5.21 -6.04
N SER B 66 8.16 -4.67 -6.27
CA SER B 66 7.86 -3.30 -5.90
C SER B 66 7.73 -3.15 -4.38
N PHE B 67 7.01 -4.08 -3.73
CA PHE B 67 6.78 -4.05 -2.28
C PHE B 67 8.08 -4.10 -1.47
N LYS B 68 9.08 -4.91 -1.87
CA LYS B 68 10.39 -5.03 -1.20
C LYS B 68 11.21 -3.73 -1.18
N LYS B 69 10.88 -2.77 -2.04
CA LYS B 69 11.58 -1.48 -2.21
C LYS B 69 10.80 -0.36 -1.53
N GLN B 70 9.48 -0.35 -1.70
CA GLN B 70 8.53 0.55 -1.05
C GLN B 70 8.46 0.31 0.47
N SER B 71 7.86 1.24 1.21
CA SER B 71 7.71 1.12 2.68
C SER B 71 6.52 1.91 3.23
N PHE B 72 6.27 1.84 4.55
CA PHE B 72 5.30 2.72 5.20
C PHE B 72 5.92 3.78 6.09
N VAL B 73 5.24 4.93 6.21
CA VAL B 73 5.63 6.00 7.14
C VAL B 73 4.97 5.77 8.50
N LEU B 74 5.83 5.68 9.50
CA LEU B 74 5.53 5.52 10.94
C LEU B 74 6.06 6.74 11.72
N LYS B 75 5.89 6.76 13.05
CA LYS B 75 6.49 7.77 13.94
C LYS B 75 7.52 7.13 14.89
N GLU B 76 8.64 7.80 15.11
CA GLU B 76 9.65 7.42 16.11
C GLU B 76 9.02 7.24 17.51
N GLY B 77 9.18 6.05 18.09
CA GLY B 77 8.64 5.73 19.43
C GLY B 77 7.10 5.67 19.51
N VAL B 78 6.40 5.37 18.40
CA VAL B 78 4.93 5.24 18.37
C VAL B 78 4.47 3.79 18.52
N GLU B 79 3.25 3.59 18.99
CA GLU B 79 2.59 2.28 19.02
C GLU B 79 1.57 2.15 17.88
N TYR B 80 1.60 1.01 17.18
CA TYR B 80 0.74 0.69 16.04
C TYR B 80 0.33 -0.79 16.06
N ARG B 81 -0.47 -1.21 15.07
CA ARG B 81 -1.01 -2.57 14.91
C ARG B 81 -0.85 -3.07 13.47
N ILE B 82 -0.77 -4.38 13.29
CA ILE B 82 -0.56 -5.02 11.99
C ILE B 82 -1.71 -6.00 11.72
N LYS B 83 -2.42 -5.75 10.62
CA LYS B 83 -3.56 -6.54 10.16
C LYS B 83 -3.21 -7.20 8.83
N ILE B 84 -3.40 -8.51 8.77
CA ILE B 84 -3.09 -9.33 7.60
C ILE B 84 -4.41 -9.81 7.01
N SER B 85 -4.75 -9.35 5.80
CA SER B 85 -5.99 -9.71 5.09
C SER B 85 -5.69 -10.77 4.03
N PHE B 86 -6.41 -11.89 4.04
CA PHE B 86 -6.17 -13.02 3.13
C PHE B 86 -7.47 -13.74 2.72
N ARG B 87 -7.63 -13.94 1.41
CA ARG B 87 -8.79 -14.60 0.83
C ARG B 87 -8.46 -16.06 0.50
N VAL B 88 -9.37 -16.95 0.87
CA VAL B 88 -9.31 -18.37 0.52
C VAL B 88 -9.86 -18.55 -0.90
N ASN B 89 -9.30 -19.49 -1.64
CA ASN B 89 -9.76 -19.86 -2.98
C ASN B 89 -10.70 -21.07 -2.93
N ARG B 90 -10.20 -22.25 -2.48
CA ARG B 90 -10.94 -23.52 -2.48
C ARG B 90 -10.24 -24.71 -1.78
N GLU B 91 -9.60 -24.52 -0.62
CA GLU B 91 -9.00 -25.62 0.16
C GLU B 91 -9.04 -25.37 1.68
N ILE B 92 -8.93 -26.43 2.49
CA ILE B 92 -8.77 -26.34 3.96
C ILE B 92 -7.28 -26.32 4.31
N VAL B 93 -6.92 -25.46 5.25
CA VAL B 93 -5.56 -25.26 5.79
C VAL B 93 -5.61 -25.23 7.32
N SER B 94 -4.74 -25.99 7.98
CA SER B 94 -4.78 -26.23 9.43
C SER B 94 -3.40 -26.17 10.08
N GLY B 95 -3.21 -25.19 10.98
CA GLY B 95 -1.92 -24.85 11.56
C GLY B 95 -1.19 -23.73 10.80
N MET B 96 -1.93 -22.83 10.13
CA MET B 96 -1.37 -21.71 9.39
C MET B 96 -0.58 -20.78 10.32
N LYS B 97 0.59 -20.33 9.84
CA LYS B 97 1.53 -19.52 10.62
C LYS B 97 2.17 -18.44 9.75
N TYR B 98 2.09 -17.20 10.23
CA TYR B 98 2.62 -16.01 9.57
C TYR B 98 3.94 -15.62 10.24
N ILE B 99 5.04 -15.69 9.47
CA ILE B 99 6.39 -15.37 9.96
C ILE B 99 6.71 -13.92 9.57
N GLN B 100 7.29 -13.14 10.48
CA GLN B 100 7.67 -11.74 10.27
C GLN B 100 9.08 -11.46 10.82
N HIS B 101 10.02 -11.10 9.95
CA HIS B 101 11.39 -10.75 10.32
C HIS B 101 11.60 -9.23 10.32
N THR B 102 12.64 -8.75 11.01
CA THR B 102 13.00 -7.32 11.03
C THR B 102 14.50 -7.17 10.82
N TYR B 103 14.87 -6.28 9.88
CA TYR B 103 16.24 -5.97 9.47
C TYR B 103 16.47 -4.47 9.59
N ARG B 104 17.56 -4.07 10.27
CA ARG B 104 17.98 -2.68 10.49
C ARG B 104 19.25 -2.42 9.71
N LYS B 105 19.26 -1.41 8.82
CA LYS B 105 20.41 -1.06 7.95
C LYS B 105 20.99 -2.27 7.18
N GLY B 106 20.14 -3.22 6.79
CA GLY B 106 20.52 -4.44 6.08
C GLY B 106 21.01 -5.61 6.97
N VAL B 107 20.65 -5.59 8.26
CA VAL B 107 21.08 -6.58 9.28
C VAL B 107 19.88 -7.07 10.08
N LYS B 108 19.54 -8.36 9.96
CA LYS B 108 18.54 -9.04 10.80
C LYS B 108 18.86 -8.89 12.28
N ILE B 109 17.88 -8.45 13.08
CA ILE B 109 18.00 -8.34 14.55
C ILE B 109 17.19 -9.42 15.26
N ASP B 110 15.99 -9.73 14.75
CA ASP B 110 15.10 -10.76 15.27
C ASP B 110 13.96 -11.05 14.28
N LYS B 111 13.15 -12.05 14.61
CA LYS B 111 11.87 -12.36 13.95
C LYS B 111 10.85 -12.89 14.95
N THR B 112 9.58 -12.79 14.59
CA THR B 112 8.44 -13.27 15.39
C THR B 112 7.43 -13.93 14.46
N ASP B 113 6.80 -14.99 14.92
CA ASP B 113 5.76 -15.71 14.17
C ASP B 113 4.44 -15.67 14.92
N TYR B 114 3.39 -15.24 14.22
CA TYR B 114 2.04 -15.10 14.74
C TYR B 114 1.17 -16.21 14.15
N MET B 115 0.64 -17.06 15.04
CA MET B 115 -0.35 -18.08 14.66
C MET B 115 -1.66 -17.40 14.22
N VAL B 116 -2.20 -17.85 13.10
CA VAL B 116 -3.51 -17.40 12.59
C VAL B 116 -4.61 -18.44 12.81
N GLY B 117 -4.28 -19.75 12.84
CA GLY B 117 -5.22 -20.83 13.15
C GLY B 117 -5.47 -21.79 11.98
N SER B 118 -6.72 -22.19 11.79
CA SER B 118 -7.19 -23.01 10.66
C SER B 118 -8.42 -22.39 9.97
N TYR B 119 -8.52 -22.58 8.65
CA TYR B 119 -9.53 -21.96 7.78
C TYR B 119 -9.91 -22.91 6.64
N GLY B 120 -11.15 -22.78 6.14
CA GLY B 120 -11.72 -23.64 5.09
C GLY B 120 -12.16 -22.86 3.84
N PRO B 121 -12.58 -23.58 2.78
CA PRO B 121 -12.96 -22.99 1.50
C PRO B 121 -14.22 -22.11 1.64
N ARG B 122 -14.00 -20.79 1.58
CA ARG B 122 -15.00 -19.74 1.77
C ARG B 122 -14.82 -18.67 0.69
N ALA B 123 -15.92 -18.18 0.12
CA ALA B 123 -15.92 -17.08 -0.86
C ALA B 123 -15.45 -15.73 -0.27
N GLU B 124 -15.46 -15.60 1.05
CA GLU B 124 -15.02 -14.42 1.81
C GLU B 124 -13.52 -14.48 2.16
N GLU B 125 -13.03 -13.46 2.86
CA GLU B 125 -11.65 -13.36 3.31
C GLU B 125 -11.56 -13.25 4.83
N TYR B 126 -10.56 -13.90 5.41
CA TYR B 126 -10.27 -13.86 6.82
C TYR B 126 -9.11 -12.89 7.08
N GLU B 127 -9.01 -12.42 8.31
CA GLU B 127 -7.96 -11.50 8.71
C GLU B 127 -7.48 -11.81 10.13
N PHE B 128 -6.26 -11.34 10.43
CA PHE B 128 -5.64 -11.49 11.74
C PHE B 128 -5.00 -10.17 12.17
N LEU B 129 -5.23 -9.78 13.43
CA LEU B 129 -4.74 -8.55 14.04
C LEU B 129 -3.76 -8.88 15.17
N THR B 130 -2.57 -8.29 15.15
CA THR B 130 -1.54 -8.47 16.21
C THR B 130 -1.82 -7.63 17.47
N PRO B 131 -1.11 -7.88 18.59
CA PRO B 131 -1.09 -7.00 19.75
C PRO B 131 -0.40 -5.65 19.46
N VAL B 132 -0.37 -4.77 20.47
CA VAL B 132 0.37 -3.50 20.45
C VAL B 132 1.85 -3.74 20.13
N GLU B 133 2.43 -2.94 19.24
CA GLU B 133 3.86 -3.00 18.90
C GLU B 133 4.47 -1.59 18.86
N GLU B 134 5.55 -1.38 19.62
CA GLU B 134 6.30 -0.11 19.63
C GLU B 134 7.23 0.04 18.41
N ALA B 135 7.65 1.27 18.12
CA ALA B 135 8.59 1.62 17.05
C ALA B 135 9.92 2.13 17.64
N PRO B 136 11.05 2.05 16.90
CA PRO B 136 12.35 2.58 17.34
C PRO B 136 12.36 4.12 17.40
N LYS B 137 13.41 4.70 18.00
CA LYS B 137 13.53 6.16 18.21
C LYS B 137 14.96 6.66 17.99
N GLY B 138 15.09 7.92 17.55
CA GLY B 138 16.34 8.59 17.19
C GLY B 138 16.45 8.78 15.67
N MET B 139 17.05 9.90 15.22
CA MET B 139 17.09 10.24 13.78
C MET B 139 17.84 9.20 12.92
N LEU B 140 18.83 8.52 13.51
CA LEU B 140 19.53 7.39 12.87
C LEU B 140 18.64 6.15 12.71
N ALA B 141 17.88 5.82 13.75
CA ALA B 141 16.92 4.72 13.76
C ALA B 141 15.60 5.05 13.03
N ARG B 142 15.47 6.26 12.47
CA ARG B 142 14.35 6.68 11.62
C ARG B 142 14.36 6.06 10.21
N GLY B 143 15.51 5.47 9.82
CA GLY B 143 15.72 4.84 8.51
C GLY B 143 14.72 3.72 8.16
N SER B 144 14.77 3.25 6.91
CA SER B 144 13.94 2.14 6.43
C SER B 144 14.48 0.78 6.92
N TYR B 145 13.59 -0.01 7.54
CA TYR B 145 13.85 -1.38 7.99
C TYR B 145 13.29 -2.36 6.97
N SER B 146 14.01 -3.42 6.64
CA SER B 146 13.49 -4.49 5.78
C SER B 146 12.68 -5.48 6.63
N ILE B 147 11.54 -5.92 6.12
CA ILE B 147 10.69 -6.96 6.72
C ILE B 147 10.43 -8.05 5.69
N LYS B 148 10.58 -9.29 6.14
CA LYS B 148 10.25 -10.51 5.39
C LYS B 148 8.99 -11.11 5.98
N SER B 149 8.02 -11.42 5.14
CA SER B 149 6.71 -11.96 5.52
C SER B 149 6.45 -13.27 4.77
N ARG B 150 6.25 -14.35 5.53
CA ARG B 150 6.11 -15.70 4.98
C ARG B 150 4.84 -16.35 5.51
N PHE B 151 4.06 -16.96 4.62
CA PHE B 151 2.86 -17.71 4.99
C PHE B 151 3.03 -19.20 4.69
N THR B 152 3.03 -19.98 5.76
CA THR B 152 3.17 -21.44 5.72
C THR B 152 2.08 -22.12 6.56
N ASP B 153 2.07 -23.44 6.57
CA ASP B 153 1.11 -24.30 7.27
C ASP B 153 1.85 -25.35 8.10
N ASP B 154 1.15 -26.10 8.97
CA ASP B 154 1.78 -27.17 9.76
C ASP B 154 2.43 -28.27 8.88
N ASP B 155 1.92 -28.44 7.66
CA ASP B 155 2.47 -29.33 6.62
C ASP B 155 3.69 -28.75 5.87
N LYS B 156 4.22 -27.59 6.31
CA LYS B 156 5.34 -26.85 5.71
C LYS B 156 5.04 -26.26 4.32
N THR B 157 3.75 -26.19 3.95
CA THR B 157 3.23 -25.70 2.66
C THR B 157 3.26 -24.17 2.58
N ASP B 158 4.24 -23.60 1.88
CA ASP B 158 4.29 -22.15 1.60
C ASP B 158 3.23 -21.73 0.57
N HIS B 159 2.22 -20.96 1.01
CA HIS B 159 1.14 -20.47 0.15
C HIS B 159 1.57 -19.25 -0.67
N LEU B 160 2.19 -18.28 -0.01
CA LEU B 160 2.83 -17.08 -0.57
C LEU B 160 3.87 -16.58 0.43
N SER B 161 4.89 -15.89 -0.07
CA SER B 161 5.79 -15.08 0.76
C SER B 161 6.22 -13.84 -0.02
N TRP B 162 6.37 -12.74 0.71
CA TRP B 162 6.78 -11.44 0.16
C TRP B 162 7.75 -10.75 1.12
N GLU B 163 8.22 -9.58 0.72
CA GLU B 163 9.04 -8.70 1.55
C GLU B 163 8.66 -7.25 1.26
N TRP B 164 8.84 -6.39 2.26
CA TRP B 164 8.46 -4.98 2.28
C TRP B 164 9.34 -4.22 3.27
N ASN B 165 9.38 -2.90 3.20
CA ASN B 165 10.18 -2.09 4.13
C ASN B 165 9.30 -1.21 5.03
N LEU B 166 9.88 -0.59 6.05
CA LEU B 166 9.19 0.26 7.02
C LEU B 166 10.04 1.46 7.42
N THR B 167 9.57 2.67 7.11
CA THR B 167 10.28 3.94 7.36
C THR B 167 9.69 4.66 8.57
N ILE B 168 10.44 4.63 9.66
CA ILE B 168 10.07 5.22 10.94
C ILE B 168 10.35 6.75 10.94
N LYS B 169 9.51 7.56 10.29
CA LYS B 169 9.70 9.03 10.27
C LYS B 169 9.74 9.63 11.69
N LYS B 170 10.39 10.79 11.83
CA LYS B 170 10.41 11.56 13.09
C LYS B 170 9.02 11.86 13.65
N ASP B 171 8.08 12.26 12.79
CA ASP B 171 6.69 12.53 13.13
C ASP B 171 5.73 12.22 11.98
N TRP B 172 4.44 12.11 12.31
CA TRP B 172 3.37 11.82 11.34
C TRP B 172 2.02 12.46 11.69
N LYS B 173 1.94 13.27 12.75
CA LYS B 173 0.69 13.85 13.28
C LYS B 173 1.01 14.92 14.34
N ASP B 174 1.16 16.17 13.89
CA ASP B 174 1.44 17.33 14.77
C ASP B 174 0.18 17.83 15.52
#